data_8EOK
#
_entry.id   8EOK
#
_cell.length_a   1.00
_cell.length_b   1.00
_cell.length_c   1.00
_cell.angle_alpha   90.00
_cell.angle_beta   90.00
_cell.angle_gamma   90.00
#
_symmetry.space_group_name_H-M   'P 1'
#
loop_
_entity.id
_entity.type
_entity.pdbx_description
1 polymer 'Complement C3 beta chain'
2 polymer "Complement C3b alpha' chain"
3 polymer 'Complement factor B'
4 polymer Lufaxin
5 polymer 'Factor X light chain'
6 polymer 'Activated factor Xa heavy chain'
7 branched beta-D-mannopyranose-(1-4)-2-acetamido-2-deoxy-beta-D-glucopyranose-(1-4)-2-acetamido-2-deoxy-beta-D-glucopyranose
8 non-polymer 'MAGNESIUM ION'
9 non-polymer 2-acetamido-2-deoxy-beta-D-glucopyranose
#
loop_
_entity_poly.entity_id
_entity_poly.type
_entity_poly.pdbx_seq_one_letter_code
_entity_poly.pdbx_strand_id
1 'polypeptide(L)'
;SPMYSIITPNILRLESEETMVLEAHDAQGDVPVTVTVHDFPGKKLVLSSEKTVLTPATNHMGNVTFTIPANREFKSEKGR
NKFVTVQATFGTQVVEKVVLVSLQSGYLFIQTDKTIYTPGSTVLYRIFTVNHKLLPVGRTVMVNIENPEGIPVKQDSLSS
QNQLGVLPLSWDIPELVNMGQWKIRAYYENSPQQVFSTEFEVKEYVLPSFEVIVEPTEKFYYIYNEKGLEVTITARFLYG
KKVEGTAFVIFGIQDGEQRISLPESLKRIPIEDGSGEVVLSRKVLLDGVQNPRAEDLVGKSLYVSATVILHSGSDMVQAE
RSGIPIVTSPYQIHFTKTPKYFKPGMPFDLMVFVTNPDGSPAYRVPVAVQGEDTVQSLTQGDGVAKLSINTHPSQKPLSI
TVRTKKQELSEAEQATRTMQALPYSTVGNSNNYLHLSVLRTELRPGETLNVNFLLRMDRAHEAKIRYYTYLIMNKGRLLK
AGRQVREPGQDLVVLPLSITTDFIPSFRLVAYYTLIGASGQREVVADSVWVDVKDSCVGSLVVKSGQSEDRQPVPGQQMT
LKIEGDHGARVVLVAVDKGVFVLNKKNKLTQSKIWDVVEKADIGCTPGSGKDYAGVFSDAGLTFTSSSGQQTAQRAELQC
PQPAA
;
G
2 'polypeptide(L)'
;SNLDEDIIAEENIVSRSEFPESWLWNVEDLKEPPKNGISTKLMNIFLKDSITTWEILAVSMSDKKGICVADPFEVTVMQD
FFIDLRLPYSVVRNEQVEIRAVLYNYRQNQELKVRVELLHNPAFCSLATTKRRHQQTVTIPPKSSLSVPYVIVPLKTGLQ
EVEVKAAVYHHFISDGVRKSLKVVPEGIRMNKTVAVRTLDPERLGREGVQKEDIPPADLSDQVPDTESETRILLQGTPVA
QMTEDAVDAERLKHLIVTPSGCGEQNMIGMTPTVIAVHYLDETEQWEKFGLEKRQGALELIKKGYTQQLAFRQPSSAFAA
FVKRAPSTWLTAYVVKVFSLAVNLIAIDSQVLCGAVKWLILEKQKPDGVFQEDAPVIHQEMIGGLRNNNEKDMALTAFVL
ISLQEAKDICEEQVNSLPGSITKAGDFLEANYMNLQRSYTVAIAGYALAQMGRLKGPLLNKFLTTAKDKNRWEDPGKQLY
NVEATSYALLALLQLKDFDFVPPVVRWLNEQRYYGGGYGSTQATFMVFQALAQYQKDAPDHQELNLDVSLQLPSRSSKIT
HRIHWESASLLRSEETKENEGFTVTAEGKGQGTLSVVTMYHAKAKDQLTCNKFDLKVTIKPAPETEKRPQDAKNTMILEI
CTRYRGDQDATMSILDISMMTGFAPDTDDLKQLANGVDRYISKYELDKAFSDRNTLIIYLDKVSHSEDDCLAFKVHQYFN
VELIQPGAVKVYAYYNLEESCTRFYHPEKEDGKLNKLCRDELCRCAEENCFIQKSDDKVTLEERLDKACEPGVDYVYKTR
LVKVQLSNDFDEYIMAIEQTIKSGSDEVQVGQQRTFISPIKCREALKLEEKKHYLMWGLSSDFWGEKPNLSYIIGKDTWV
EHWPEEDECQDEENQKQCQDLGAFTESMVVFGCPN
;
H
3 'polypeptide(L)'
;GSNLSPQLCLMPFILGLLSGGVTTTPWSLARPQGSCSLEGVEIKGGSFRLLQEGQALEYVCPSGFYPYPVQTRTCRSTGS
WSTLKTQDQKTVRKAECRAIHCPRPHDFENGEYWPRSPYYNVSDEISFHCYDGYTLRGSANRTCQVNGRWSGQTAICDNG
AGYCSNPGIPIGTRKVGSQYRLEDSVTYHCSRGLTLRGSQRRTCQEGGSWSGTEPSCQDSFMYDTPQEVAEAFLSSLTET
IEGVDAEDGHGPGEQQKRKIVLDPSGSMNIYLVLDGSDSIGASNFTGAKKCLVNLIEKVASYGVKPRYGLVTYATYPKIW
VKVSEADSSNADWVTKQLNEINYEDHKLKSGTNTKKALQAVYSMMSWPDDVPPEGWNRTRHVIILMTDGLHNMGGDPITV
IDEIRDLLYIGKDRKNPREDYLDVYVFGVGPLVNQVNINALASKKDNEQHVFKVKDMENLEDVFYQMIDESQSLSLCGMV
WEHRKGTDYHKQPWQAKISVIRPSKGHESCMGAVVSEYFVLTAAHCFTVDDKEHSIKVSVGGEKRDLEIEVVLFHPNYNI
NGKKEAGIPEFYDYDVALIKLKNKLKYGQTIRPICLPCTEGTTRALRLPPTTTCQQQKEELLPAQDIKALFVSEEEKKLT
RKEVYIKNGDKKGSCERDAQYAPGYDKVKDISEVVTPRFLCTGGVSPYADPNTCRGDSGGPLIVHKRSRFIQVGVISWGV
VDVCKNQKRQKQVPAHARDFHINLFQVLPWLKEKLQDEDLGFL
;
D
4 'polypeptide(L)'
;DGDEYFIGKYKEKDETLFFASYGLKRDPCQIVLGYKCSNNQTHFVLNFKTNKKSCISAIKLTSYPKINQNSDLTRNLYCQ
TGGIGTDNCKLVFKKRKRQIAANIEIYGIPAKKCSFKDRYIGADPLHVDSYGLSYQFDQEHGWNLERNNIFKDTRFSTEV
FYHKNGLFNTQITYLAEEDSFSEAREITAKDIKKKFSIILPNEEYKRISFLDVYWFQETMRKKPKYPYIHYNGECSNENK
TCELVFDTDELMTYALVKVFTNPESDGSRLKEEDLGRGHHHHHH
;
A
5 'polypeptide(L)'
;EEMKKGHLERECMEETCSYEEAREVFEDSDKTNEFWNKYKDGDQCETSPCQNQGKCKDGLGEYTCTCLEGFEGKNCELFT
RKLCSLDNGDCDQFCHEEQNSVVCSCARGYTLADNGKACIPTGPYPCGKQTLER
;
L
6 'polypeptide(L)'
;IVGGQECKDGECPWQALLINEENEGFCGGTILSEFYILTAAHCLYQAKRFKVRVGDRNTEQEEGGEAVHEVEVVIKHNRF
TKETYDFDIAVLRLKTPITFRMNVAPACLPERDWAESTLMTQKTGIVSGFGRTHEKGRQSTRLKMLEVPYVDRNSCKLSS
SFIITQNMFCAGYDTKQEDACQGDSGGPHVTRFKDTYFVTGIVSWGEGCARKGKYGIYTKVTAFLKWIDRSMKTRGLPKA
KSHAPEVITSSPLK
;
C
#
# COMPACT_ATOMS: atom_id res chain seq x y z
N SER A 1 51.21 -8.23 43.92
CA SER A 1 51.11 -7.63 45.25
C SER A 1 51.52 -6.15 45.36
N PRO A 2 52.58 -5.70 44.64
CA PRO A 2 52.96 -4.28 44.75
C PRO A 2 51.89 -3.34 44.24
N MET A 3 51.46 -3.52 42.99
CA MET A 3 50.53 -2.61 42.35
C MET A 3 49.56 -3.37 41.46
N TYR A 4 48.45 -2.71 41.14
CA TYR A 4 47.48 -3.24 40.18
C TYR A 4 46.95 -2.05 39.39
N SER A 5 46.91 -2.17 38.06
CA SER A 5 46.58 -1.04 37.19
C SER A 5 45.49 -1.43 36.20
N ILE A 6 44.60 -0.48 35.92
CA ILE A 6 43.49 -0.65 34.99
C ILE A 6 43.58 0.41 33.92
N ILE A 7 43.46 0.00 32.65
CA ILE A 7 43.42 0.91 31.52
C ILE A 7 42.06 0.75 30.85
N THR A 8 41.38 1.87 30.64
CA THR A 8 40.00 1.89 30.17
C THR A 8 39.82 3.00 29.14
N PRO A 9 38.93 2.81 28.16
CA PRO A 9 38.56 3.94 27.30
C PRO A 9 37.90 5.05 28.10
N ASN A 10 38.08 6.28 27.63
CA ASN A 10 37.56 7.44 28.35
C ASN A 10 36.04 7.46 28.36
N ILE A 11 35.42 7.30 27.19
CA ILE A 11 33.97 7.32 27.04
C ILE A 11 33.54 5.99 26.45
N LEU A 12 32.54 5.36 27.07
CA LEU A 12 31.99 4.10 26.58
C LEU A 12 30.60 4.35 26.02
N ARG A 13 30.34 3.78 24.84
CA ARG A 13 29.08 3.96 24.14
C ARG A 13 28.17 2.77 24.40
N LEU A 14 26.92 3.05 24.75
CA LEU A 14 25.97 2.00 25.07
C LEU A 14 25.66 1.14 23.84
N GLU A 15 25.28 -0.11 24.11
CA GLU A 15 24.96 -1.08 23.06
C GLU A 15 26.17 -1.33 22.15
N SER A 16 27.25 -1.79 22.77
CA SER A 16 28.49 -2.09 22.06
C SER A 16 29.35 -2.98 22.94
N GLU A 17 30.57 -3.25 22.48
CA GLU A 17 31.53 -4.09 23.17
C GLU A 17 32.76 -3.28 23.52
N GLU A 18 33.17 -3.33 24.79
CA GLU A 18 34.30 -2.56 25.28
C GLU A 18 35.28 -3.48 25.98
N THR A 19 36.47 -2.94 26.26
CA THR A 19 37.59 -3.70 26.79
C THR A 19 38.24 -2.95 27.94
N MET A 20 38.88 -3.72 28.82
CA MET A 20 39.80 -3.18 29.81
C MET A 20 41.09 -3.96 29.78
N VAL A 21 42.19 -3.26 30.04
CA VAL A 21 43.52 -3.86 30.15
C VAL A 21 43.90 -3.88 31.61
N LEU A 22 44.05 -5.08 32.17
CA LEU A 22 44.39 -5.26 33.58
C LEU A 22 45.85 -5.69 33.68
N GLU A 23 46.62 -5.00 34.51
CA GLU A 23 48.04 -5.29 34.65
C GLU A 23 48.40 -5.35 36.12
N ALA A 24 48.76 -6.53 36.61
CA ALA A 24 49.22 -6.73 37.98
C ALA A 24 50.73 -6.56 37.98
N HIS A 25 51.20 -5.48 38.59
CA HIS A 25 52.60 -5.11 38.50
C HIS A 25 53.24 -4.98 39.88
N ASP A 30 48.91 -15.57 39.29
CA ASP A 30 48.12 -16.67 39.84
C ASP A 30 46.98 -16.14 40.70
N VAL A 31 46.36 -15.06 40.25
CA VAL A 31 45.29 -14.43 41.03
C VAL A 31 44.01 -14.36 40.20
N PRO A 32 42.89 -14.84 40.73
CA PRO A 32 41.60 -14.52 40.11
C PRO A 32 41.22 -13.07 40.36
N VAL A 33 40.67 -12.44 39.33
CA VAL A 33 40.15 -11.08 39.41
C VAL A 33 38.74 -11.06 38.86
N THR A 34 37.93 -10.13 39.35
CA THR A 34 36.60 -9.93 38.80
C THR A 34 36.32 -8.45 38.62
N VAL A 35 35.55 -8.14 37.59
CA VAL A 35 35.16 -6.77 37.27
C VAL A 35 33.63 -6.70 37.28
N THR A 36 33.10 -5.54 37.66
CA THR A 36 31.66 -5.35 37.76
C THR A 36 31.32 -3.91 37.42
N VAL A 37 30.09 -3.70 36.93
CA VAL A 37 29.60 -2.39 36.54
C VAL A 37 28.35 -2.07 37.34
N HIS A 38 28.35 -0.93 38.01
CA HIS A 38 27.20 -0.45 38.78
C HIS A 38 26.79 0.93 38.30
N ASP A 39 25.52 1.25 38.53
CA ASP A 39 25.00 2.55 38.12
C ASP A 39 25.31 3.61 39.19
N PHE A 40 24.92 4.85 38.89
CA PHE A 40 25.17 5.95 39.80
C PHE A 40 23.87 6.65 40.19
N GLY A 42 21.35 6.13 42.08
CA GLY A 42 22.23 5.73 43.15
C GLY A 42 22.91 4.40 42.89
N LYS A 43 22.13 3.32 42.95
CA LYS A 43 22.65 1.97 42.73
C LYS A 43 21.53 1.15 42.09
N LYS A 44 21.55 1.08 40.75
CA LYS A 44 20.52 0.37 40.00
C LYS A 44 20.92 -1.08 39.85
N LEU A 45 20.73 -1.83 40.94
CA LEU A 45 20.97 -3.29 40.99
C LEU A 45 22.38 -3.55 40.49
N VAL A 46 22.57 -4.32 39.40
CA VAL A 46 23.88 -4.57 38.83
C VAL A 46 23.71 -4.68 37.32
N LEU A 47 24.71 -4.19 36.58
CA LEU A 47 24.65 -4.21 35.12
C LEU A 47 25.30 -5.46 34.54
N SER A 48 26.58 -5.68 34.84
CA SER A 48 27.28 -6.85 34.34
C SER A 48 28.51 -7.09 35.19
N SER A 49 29.07 -8.30 35.05
CA SER A 49 30.26 -8.69 35.77
C SER A 49 30.97 -9.79 35.00
N GLU A 50 32.29 -9.82 35.15
CA GLU A 50 33.13 -10.82 34.48
C GLU A 50 34.20 -11.33 35.44
N LYS A 51 34.65 -12.56 35.19
CA LYS A 51 35.65 -13.23 36.00
C LYS A 51 36.80 -13.67 35.11
N THR A 52 38.03 -13.52 35.61
CA THR A 52 39.21 -13.91 34.85
C THR A 52 40.29 -14.32 35.83
N VAL A 53 41.32 -15.00 35.32
CA VAL A 53 42.48 -15.37 36.12
C VAL A 53 43.73 -14.86 35.42
N LEU A 54 44.74 -14.51 36.22
CA LEU A 54 46.01 -14.05 35.70
C LEU A 54 47.05 -15.17 35.82
N THR A 55 47.81 -15.38 34.76
CA THR A 55 48.80 -16.46 34.70
C THR A 55 50.20 -15.87 34.56
N PRO A 56 51.15 -16.30 35.39
CA PRO A 56 52.52 -15.77 35.26
C PRO A 56 53.15 -16.04 33.91
N ALA A 57 52.80 -17.14 33.26
CA ALA A 57 53.33 -17.43 31.93
C ALA A 57 52.82 -16.45 30.87
N THR A 58 51.73 -15.74 31.15
CA THR A 58 51.15 -14.78 30.22
C THR A 58 51.44 -13.33 30.60
N ASN A 59 52.45 -13.11 31.44
CA ASN A 59 52.92 -11.79 31.84
C ASN A 59 51.87 -10.99 32.62
N HIS A 60 50.83 -11.64 33.13
CA HIS A 60 49.79 -11.00 33.95
C HIS A 60 49.09 -9.88 33.18
N MET A 61 48.51 -10.24 32.03
CA MET A 61 47.74 -9.31 31.22
C MET A 61 46.30 -9.80 31.11
N GLY A 62 45.35 -8.93 31.47
CA GLY A 62 43.95 -9.26 31.35
C GLY A 62 43.25 -8.43 30.30
N ASN A 63 42.87 -9.07 29.19
CA ASN A 63 42.18 -8.40 28.10
C ASN A 63 40.68 -8.63 28.24
N VAL A 64 40.09 -7.98 29.25
CA VAL A 64 38.73 -8.31 29.65
C VAL A 64 37.74 -7.55 28.77
N THR A 65 36.92 -8.28 28.03
CA THR A 65 35.95 -7.70 27.12
C THR A 65 34.54 -7.97 27.61
N PHE A 66 33.64 -7.01 27.43
CA PHE A 66 32.25 -7.25 27.74
C PHE A 66 31.37 -6.32 26.92
N THR A 67 30.10 -6.69 26.81
CA THR A 67 29.10 -5.91 26.08
C THR A 67 28.29 -5.10 27.06
N ILE A 68 28.18 -3.80 26.80
CA ILE A 68 27.39 -2.91 27.65
C ILE A 68 25.96 -2.84 27.10
N PRO A 69 24.95 -3.16 27.91
CA PRO A 69 23.54 -3.06 27.49
C PRO A 69 23.15 -1.63 27.12
N ASN A 71 19.49 -1.67 27.84
CA ASN A 71 18.55 -1.09 28.79
C ASN A 71 17.70 -0.01 28.12
N ARG A 72 16.63 0.42 28.81
CA ARG A 72 15.74 1.44 28.28
C ARG A 72 15.52 2.62 29.21
N GLU A 73 15.93 2.53 30.48
CA GLU A 73 15.76 3.65 31.39
C GLU A 73 16.65 4.83 31.04
N PHE A 74 17.72 4.60 30.28
CA PHE A 74 18.68 5.65 29.94
C PHE A 74 18.04 6.57 28.90
N LYS A 75 17.30 7.55 29.42
CA LYS A 75 16.64 8.52 28.56
C LYS A 75 17.58 9.68 28.20
N ARG A 80 20.44 15.36 32.32
CA ARG A 80 21.47 15.58 31.31
C ARG A 80 22.36 14.35 31.16
N ASN A 81 23.66 14.60 30.95
CA ASN A 81 24.61 13.50 30.83
C ASN A 81 24.69 12.72 32.14
N LYS A 82 25.08 11.44 32.02
CA LYS A 82 25.08 10.56 33.16
C LYS A 82 26.35 9.72 33.19
N PHE A 83 26.64 9.17 34.36
CA PHE A 83 27.87 8.44 34.63
C PHE A 83 27.55 6.99 34.99
N VAL A 84 28.62 6.23 35.21
CA VAL A 84 28.52 4.82 35.60
C VAL A 84 29.83 4.45 36.27
N THR A 85 29.76 3.58 37.27
CA THR A 85 30.93 3.21 38.06
C THR A 85 31.37 1.80 37.66
N VAL A 86 32.67 1.63 37.46
CA VAL A 86 33.25 0.33 37.16
C VAL A 86 34.22 -0.01 38.29
N GLN A 87 34.07 -1.20 38.85
CA GLN A 87 34.89 -1.63 39.96
C GLN A 87 35.52 -2.98 39.63
N ALA A 88 36.62 -3.28 40.30
CA ALA A 88 37.33 -4.52 40.05
C ALA A 88 38.05 -4.94 41.33
N THR A 89 37.84 -6.18 41.74
CA THR A 89 38.54 -6.75 42.87
C THR A 89 39.53 -7.81 42.37
N PHE A 90 40.79 -7.61 42.72
CA PHE A 90 41.87 -8.49 42.29
C PHE A 90 42.20 -9.53 43.36
N GLY A 91 41.21 -10.31 43.75
CA GLY A 91 41.38 -11.27 44.84
C GLY A 91 41.19 -10.72 46.23
N THR A 92 41.89 -9.64 46.56
CA THR A 92 41.80 -9.04 47.90
C THR A 92 41.54 -7.54 47.91
N GLN A 93 41.99 -6.78 46.92
CA GLN A 93 41.91 -5.34 46.94
C GLN A 93 41.02 -4.85 45.79
N VAL A 94 40.31 -3.75 46.04
CA VAL A 94 39.30 -3.24 45.12
C VAL A 94 39.77 -1.89 44.58
N VAL A 95 39.57 -1.68 43.27
CA VAL A 95 39.83 -0.40 42.63
C VAL A 95 38.63 -0.05 41.75
N GLU A 96 38.21 1.21 41.81
CA GLU A 96 36.99 1.64 41.12
C GLU A 96 37.22 3.00 40.46
N LYS A 97 36.38 3.29 39.46
CA LYS A 97 36.47 4.55 38.75
C LYS A 97 35.12 4.87 38.11
N VAL A 98 34.81 6.16 38.02
CA VAL A 98 33.55 6.64 37.47
C VAL A 98 33.82 7.22 36.08
N VAL A 99 33.01 6.80 35.10
CA VAL A 99 33.17 7.24 33.72
C VAL A 99 31.82 7.75 33.20
N LEU A 100 31.87 8.44 32.07
CA LEU A 100 30.71 9.06 31.45
C LEU A 100 30.10 8.14 30.41
N VAL A 101 28.79 8.32 30.16
CA VAL A 101 28.08 7.54 29.14
C VAL A 101 27.46 8.51 28.15
N SER A 102 27.63 8.24 26.87
CA SER A 102 27.09 9.05 25.78
C SER A 102 25.97 8.31 25.08
N LEU A 103 25.40 8.95 24.06
CA LEU A 103 24.24 8.40 23.35
C LEU A 103 24.48 8.17 21.85
N GLN A 104 25.38 8.91 21.21
CA GLN A 104 25.67 8.73 19.80
C GLN A 104 26.06 7.28 19.51
N SER A 105 25.29 6.59 18.66
CA SER A 105 25.44 5.16 18.50
C SER A 105 25.39 4.74 17.03
N GLY A 106 25.80 5.61 16.12
CA GLY A 106 25.86 5.21 14.71
C GLY A 106 25.88 6.42 13.81
N TYR A 107 25.63 6.15 12.52
CA TYR A 107 25.61 7.18 11.50
C TYR A 107 24.39 6.97 10.62
N LEU A 108 24.21 7.87 9.65
CA LEU A 108 23.11 7.81 8.69
C LEU A 108 23.54 8.53 7.43
N PHE A 109 23.44 7.86 6.29
CA PHE A 109 23.80 8.45 5.01
C PHE A 109 22.58 8.48 4.10
N ILE A 110 22.40 9.58 3.37
CA ILE A 110 21.22 9.80 2.55
C ILE A 110 21.66 10.03 1.12
N GLN A 111 21.04 9.31 0.18
CA GLN A 111 21.35 9.44 -1.24
C GLN A 111 20.08 9.75 -2.01
N THR A 112 20.19 10.68 -2.96
CA THR A 112 19.10 11.03 -3.85
C THR A 112 19.55 10.85 -5.30
N ASP A 113 18.61 10.48 -6.16
CA ASP A 113 18.96 10.15 -7.54
C ASP A 113 19.41 11.38 -8.32
N LYS A 114 18.70 12.49 -8.19
CA LYS A 114 18.97 13.69 -8.96
C LYS A 114 19.34 14.84 -8.02
N THR A 115 19.48 16.03 -8.59
CA THR A 115 19.85 17.22 -7.84
C THR A 115 18.84 18.36 -7.96
N ILE A 116 18.12 18.47 -9.07
CA ILE A 116 17.18 19.56 -9.31
C ILE A 116 15.92 18.99 -9.96
N TYR A 117 14.76 19.39 -9.48
CA TYR A 117 13.48 18.82 -9.89
C TYR A 117 12.55 19.90 -10.43
N THR A 118 11.41 19.46 -10.94
CA THR A 118 10.34 20.31 -11.43
C THR A 118 9.04 19.90 -10.76
N PRO A 119 8.06 20.81 -10.65
CA PRO A 119 6.78 20.43 -10.06
C PRO A 119 6.10 19.34 -10.88
N GLY A 120 5.44 18.42 -10.17
CA GLY A 120 4.79 17.29 -10.80
C GLY A 120 5.63 16.04 -10.92
N SER A 121 6.93 16.11 -10.62
CA SER A 121 7.81 14.96 -10.70
C SER A 121 7.78 14.19 -9.38
N THR A 122 8.70 13.25 -9.22
CA THR A 122 8.79 12.44 -8.00
C THR A 122 10.22 12.42 -7.51
N VAL A 123 10.37 12.28 -6.19
CA VAL A 123 11.67 12.24 -5.53
C VAL A 123 11.87 10.84 -4.96
N LEU A 124 13.01 10.23 -5.27
CA LEU A 124 13.35 8.90 -4.82
C LEU A 124 14.68 8.95 -4.08
N TYR A 125 14.72 8.44 -2.86
CA TYR A 125 15.94 8.48 -2.07
C TYR A 125 16.12 7.21 -1.26
N ARG A 126 17.35 7.05 -0.75
CA ARG A 126 17.77 5.88 0.00
C ARG A 126 18.49 6.32 1.27
N ILE A 127 18.42 5.47 2.29
CA ILE A 127 19.05 5.71 3.57
C ILE A 127 19.89 4.49 3.95
N PHE A 128 21.15 4.72 4.28
CA PHE A 128 22.08 3.69 4.75
C PHE A 128 22.35 3.91 6.24
N THR A 129 22.33 2.83 7.01
CA THR A 129 22.58 2.86 8.45
C THR A 129 23.80 2.02 8.78
N VAL A 130 24.74 2.62 9.52
CA VAL A 130 25.96 1.93 9.95
C VAL A 130 26.28 2.32 11.39
N ASN A 131 27.08 1.48 12.04
CA ASN A 131 27.52 1.69 13.42
C ASN A 131 28.94 2.25 13.44
N HIS A 132 29.54 2.29 14.63
CA HIS A 132 30.85 2.91 14.79
C HIS A 132 31.91 2.22 13.94
N LYS A 133 31.84 0.89 13.84
CA LYS A 133 32.82 0.14 13.06
C LYS A 133 32.51 0.12 11.57
N LEU A 134 31.44 0.81 11.14
CA LEU A 134 31.00 0.83 9.75
C LEU A 134 30.61 -0.57 9.29
N LEU A 135 29.63 -1.14 9.98
CA LEU A 135 29.01 -2.41 9.63
C LEU A 135 27.50 -2.26 9.69
N PRO A 136 26.76 -3.04 8.90
CA PRO A 136 25.30 -2.90 8.89
C PRO A 136 24.69 -3.20 10.24
N VAL A 137 23.64 -2.44 10.59
CA VAL A 137 22.88 -2.63 11.82
C VAL A 137 21.41 -2.42 11.50
N GLY A 138 20.55 -2.72 12.48
CA GLY A 138 19.13 -2.53 12.32
C GLY A 138 18.46 -1.88 13.53
N ARG A 139 17.89 -0.70 13.35
CA ARG A 139 17.24 0.03 14.43
C ARG A 139 16.06 0.81 13.85
N THR A 140 15.56 1.78 14.61
CA THR A 140 14.42 2.59 14.22
C THR A 140 14.87 4.00 13.89
N VAL A 141 14.34 4.56 12.80
CA VAL A 141 14.73 5.88 12.32
C VAL A 141 13.48 6.70 12.03
N MET A 142 13.64 8.02 12.02
CA MET A 142 12.55 8.92 11.67
C MET A 142 13.05 10.00 10.72
N VAL A 143 12.16 10.41 9.81
CA VAL A 143 12.50 11.25 8.67
C VAL A 143 11.48 12.37 8.55
N ASN A 144 11.95 13.60 8.34
CA ASN A 144 11.10 14.76 8.14
C ASN A 144 11.52 15.48 6.87
N ILE A 145 10.54 16.11 6.21
CA ILE A 145 10.78 16.95 5.05
C ILE A 145 10.41 18.38 5.40
N GLU A 146 11.34 19.30 5.17
CA GLU A 146 11.18 20.70 5.56
C GLU A 146 11.20 21.60 4.34
N ASN A 147 10.24 22.52 4.30
CA ASN A 147 10.12 23.50 3.23
C ASN A 147 11.10 24.66 3.48
N PRO A 148 11.23 25.61 2.55
CA PRO A 148 12.25 26.67 2.74
C PRO A 148 12.11 27.45 4.04
N GLU A 149 10.89 27.74 4.48
CA GLU A 149 10.72 28.52 5.70
C GLU A 149 11.20 27.73 6.93
N GLY A 150 10.81 26.47 7.06
CA GLY A 150 11.29 25.65 8.15
C GLY A 150 10.25 24.75 8.77
N ILE A 151 8.98 25.02 8.53
CA ILE A 151 7.90 24.23 9.13
C ILE A 151 7.83 22.88 8.42
N PRO A 152 7.88 21.76 9.15
CA PRO A 152 7.82 20.45 8.50
C PRO A 152 6.52 20.27 7.72
N VAL A 153 6.61 19.56 6.60
CA VAL A 153 5.46 19.26 5.77
C VAL A 153 5.02 17.82 5.92
N LYS A 154 5.95 16.88 6.01
CA LYS A 154 5.62 15.47 6.17
C LYS A 154 6.69 14.80 7.02
N GLN A 155 6.26 14.01 8.00
CA GLN A 155 7.17 13.26 8.85
C GLN A 155 6.72 11.80 8.90
N ASP A 156 7.68 10.92 9.13
CA ASP A 156 7.42 9.49 9.08
C ASP A 156 8.43 8.76 9.96
N SER A 157 8.04 7.56 10.38
CA SER A 157 8.88 6.69 11.20
C SER A 157 9.00 5.33 10.52
N LEU A 158 10.20 4.74 10.60
CA LEU A 158 10.46 3.49 9.90
C LEU A 158 11.40 2.62 10.73
N SER A 159 11.41 1.34 10.41
CA SER A 159 12.33 0.37 10.98
C SER A 159 13.04 -0.36 9.85
N SER A 160 14.32 -0.68 10.09
CA SER A 160 15.14 -1.28 9.05
C SER A 160 15.62 -2.67 9.45
N GLN A 161 14.72 -3.48 10.00
CA GLN A 161 15.05 -4.83 10.42
C GLN A 161 14.94 -5.81 9.26
N ASN A 162 15.89 -6.75 9.20
CA ASN A 162 15.92 -7.80 8.19
C ASN A 162 15.94 -7.21 6.78
N GLN A 163 16.82 -6.22 6.59
CA GLN A 163 17.06 -5.65 5.28
C GLN A 163 18.54 -5.40 5.00
N LEU A 164 19.43 -5.75 5.93
CA LEU A 164 20.87 -5.57 5.81
C LEU A 164 21.25 -4.09 5.80
N GLY A 165 20.26 -3.20 5.89
CA GLY A 165 20.55 -1.81 6.14
C GLY A 165 20.44 -0.85 4.95
N VAL A 166 19.42 -1.04 4.12
CA VAL A 166 19.14 -0.12 3.02
C VAL A 166 17.65 0.18 3.04
N LEU A 167 17.30 1.47 3.07
CA LEU A 167 15.89 1.86 3.10
C LEU A 167 15.56 2.73 1.89
N PRO A 168 14.73 2.26 0.96
CA PRO A 168 14.26 3.12 -0.13
C PRO A 168 12.93 3.78 0.21
N LEU A 169 12.75 5.00 -0.28
CA LEU A 169 11.53 5.74 0.01
C LEU A 169 11.11 6.50 -1.25
N SER A 170 10.10 7.36 -1.11
CA SER A 170 9.57 8.10 -2.25
C SER A 170 8.70 9.24 -1.76
N TRP A 171 8.65 10.30 -2.56
CA TRP A 171 7.75 11.43 -2.33
C TRP A 171 7.31 11.95 -3.68
N ASP A 172 6.18 12.66 -3.69
CA ASP A 172 5.63 13.21 -4.93
C ASP A 172 5.30 14.69 -4.79
N ILE A 173 6.08 15.52 -5.47
CA ILE A 173 5.89 16.97 -5.40
C ILE A 173 4.54 17.33 -5.99
N PRO A 174 3.77 18.24 -5.37
CA PRO A 174 2.50 18.66 -5.96
C PRO A 174 2.68 19.47 -7.25
N GLU A 175 1.57 19.92 -7.82
CA GLU A 175 1.63 20.74 -9.03
C GLU A 175 1.70 22.22 -8.71
N LEU A 176 1.14 22.64 -7.57
CA LEU A 176 1.11 24.04 -7.18
C LEU A 176 1.90 24.16 -5.88
N VAL A 177 3.22 24.34 -6.00
CA VAL A 177 4.13 24.27 -4.87
C VAL A 177 5.08 25.47 -4.92
N ASN A 178 5.69 25.77 -3.77
CA ASN A 178 6.67 26.84 -3.65
C ASN A 178 7.95 26.45 -4.39
N MET A 179 8.93 27.34 -4.37
CA MET A 179 10.19 27.13 -5.07
C MET A 179 11.35 27.26 -4.11
N GLY A 180 12.54 26.87 -4.58
CA GLY A 180 13.75 27.11 -3.81
C GLY A 180 14.45 25.88 -3.25
N GLN A 181 14.80 25.91 -1.97
CA GLN A 181 15.58 24.87 -1.33
C GLN A 181 14.70 24.08 -0.37
N TRP A 182 14.73 22.75 -0.48
CA TRP A 182 14.03 21.89 0.45
C TRP A 182 15.02 20.98 1.15
N LYS A 183 14.66 20.55 2.36
CA LYS A 183 15.58 19.81 3.22
C LYS A 183 14.96 18.50 3.67
N ILE A 184 15.81 17.50 3.87
CA ILE A 184 15.44 16.22 4.45
C ILE A 184 16.27 16.01 5.69
N ARG A 185 15.61 15.74 6.82
CA ARG A 185 16.30 15.56 8.09
C ARG A 185 15.92 14.23 8.72
N ALA A 186 16.92 13.42 9.05
CA ALA A 186 16.68 12.09 9.59
C ALA A 186 17.49 11.89 10.87
N TYR A 187 16.92 11.12 11.79
CA TYR A 187 17.63 10.83 13.03
C TYR A 187 17.08 9.56 13.66
N TYR A 188 17.90 8.96 14.52
CA TYR A 188 17.52 7.77 15.27
C TYR A 188 16.41 8.10 16.27
N GLU A 189 15.64 7.08 16.62
CA GLU A 189 14.57 7.27 17.59
C GLU A 189 15.10 7.37 19.01
N ASN A 190 16.23 6.70 19.30
CA ASN A 190 16.74 6.67 20.67
C ASN A 190 17.30 8.02 21.09
N SER A 191 18.11 8.64 20.23
CA SER A 191 18.85 9.86 20.57
C SER A 191 18.45 10.99 19.62
N PRO A 192 17.45 11.80 19.98
CA PRO A 192 17.02 12.90 19.11
C PRO A 192 17.91 14.14 19.17
N GLN A 193 19.04 14.08 19.87
CA GLN A 193 19.91 15.24 19.95
C GLN A 193 20.73 15.45 18.70
N GLN A 194 21.01 14.39 17.94
CA GLN A 194 21.86 14.45 16.77
C GLN A 194 21.03 14.15 15.53
N VAL A 195 21.20 14.97 14.49
CA VAL A 195 20.42 14.85 13.26
C VAL A 195 21.36 14.86 12.07
N PHE A 196 20.88 14.29 10.96
CA PHE A 196 21.61 14.31 9.70
C PHE A 196 20.71 14.89 8.62
N SER A 197 21.30 15.64 7.69
CA SER A 197 20.51 16.45 6.78
C SER A 197 21.00 16.32 5.35
N THR A 198 20.11 16.64 4.43
CA THR A 198 20.42 16.70 3.00
C THR A 198 19.54 17.76 2.36
N GLU A 199 20.01 18.33 1.25
CA GLU A 199 19.31 19.42 0.58
C GLU A 199 19.04 19.07 -0.88
N PHE A 200 17.96 19.63 -1.42
CA PHE A 200 17.74 19.58 -2.87
C PHE A 200 16.97 20.82 -3.28
N GLU A 201 16.82 20.99 -4.59
CA GLU A 201 16.24 22.20 -5.16
C GLU A 201 14.94 21.86 -5.87
N VAL A 202 14.06 22.86 -5.94
CA VAL A 202 12.81 22.76 -6.69
C VAL A 202 12.69 24.04 -7.52
N LYS A 203 12.76 23.89 -8.84
CA LYS A 203 12.74 25.01 -9.76
C LYS A 203 12.55 24.49 -11.18
N GLU A 204 11.60 25.09 -11.90
CA GLU A 204 11.35 24.70 -13.28
C GLU A 204 12.55 25.05 -14.16
N TYR A 205 12.80 24.21 -15.17
CA TYR A 205 13.96 24.36 -16.03
C TYR A 205 13.73 23.61 -17.33
N VAL A 206 14.71 23.68 -18.23
CA VAL A 206 14.76 22.86 -19.43
C VAL A 206 16.20 22.40 -19.62
N LEU A 207 16.36 21.15 -20.05
CA LEU A 207 17.67 20.52 -20.05
C LEU A 207 18.59 21.16 -21.08
N PRO A 208 19.84 21.49 -20.72
CA PRO A 208 20.77 22.10 -21.69
C PRO A 208 21.33 21.10 -22.68
N SER A 209 22.25 21.54 -23.54
CA SER A 209 22.80 20.68 -24.59
C SER A 209 24.31 20.63 -24.65
N PHE A 210 25.03 21.53 -23.97
CA PHE A 210 26.49 21.48 -23.98
C PHE A 210 27.00 22.16 -22.72
N GLU A 211 28.28 21.97 -22.43
CA GLU A 211 28.89 22.43 -21.19
C GLU A 211 30.00 23.42 -21.47
N VAL A 212 30.23 24.31 -20.50
CA VAL A 212 31.21 25.39 -20.59
C VAL A 212 32.12 25.32 -19.37
N ILE A 213 33.42 25.47 -19.61
CA ILE A 213 34.44 25.43 -18.56
C ILE A 213 35.28 26.69 -18.65
N VAL A 214 35.48 27.35 -17.51
CA VAL A 214 36.29 28.55 -17.41
C VAL A 214 37.49 28.22 -16.52
N GLU A 215 38.70 28.55 -16.98
CA GLU A 215 39.80 28.28 -16.08
C GLU A 215 40.94 29.28 -16.22
N PRO A 216 41.57 29.66 -15.12
CA PRO A 216 42.76 30.51 -15.19
C PRO A 216 44.02 29.66 -15.38
N THR A 217 45.14 30.36 -15.54
CA THR A 217 46.43 29.69 -15.65
C THR A 217 47.12 29.54 -14.31
N GLU A 218 46.90 30.48 -13.39
CA GLU A 218 47.44 30.41 -12.04
C GLU A 218 46.31 30.62 -11.04
N LYS A 219 46.26 29.77 -10.02
CA LYS A 219 45.18 29.87 -9.03
C LYS A 219 45.26 31.18 -8.25
N PHE A 220 46.46 31.60 -7.88
CA PHE A 220 46.65 32.83 -7.14
C PHE A 220 46.72 34.01 -8.11
N TYR A 221 47.07 35.19 -7.59
CA TYR A 221 47.25 36.37 -8.42
C TYR A 221 48.27 37.28 -7.73
N TYR A 222 49.50 37.24 -8.20
CA TYR A 222 50.55 38.10 -7.65
C TYR A 222 50.29 39.54 -8.06
N ILE A 223 50.31 40.45 -7.09
CA ILE A 223 49.87 41.83 -7.31
C ILE A 223 50.90 42.62 -8.10
N TYR A 224 52.07 42.04 -8.34
CA TYR A 224 53.17 42.74 -9.00
C TYR A 224 53.38 42.31 -10.44
N ASN A 225 52.38 41.68 -11.06
CA ASN A 225 52.49 41.25 -12.45
C ASN A 225 51.93 42.33 -13.37
N GLU A 226 52.57 42.51 -14.52
CA GLU A 226 52.15 43.48 -15.51
C GLU A 226 51.18 42.90 -16.54
N LYS A 227 50.99 41.58 -16.55
CA LYS A 227 50.11 40.93 -17.51
C LYS A 227 48.69 40.77 -16.98
N GLY A 228 48.42 41.21 -15.76
CA GLY A 228 47.08 41.05 -15.21
C GLY A 228 46.74 39.58 -14.98
N LEU A 229 45.48 39.23 -15.22
CA LEU A 229 44.99 37.88 -15.04
C LEU A 229 44.45 37.36 -16.36
N GLU A 230 44.83 36.14 -16.73
CA GLU A 230 44.44 35.55 -18.00
C GLU A 230 43.63 34.29 -17.75
N VAL A 231 42.50 34.17 -18.46
CA VAL A 231 41.64 33.00 -18.35
C VAL A 231 41.34 32.48 -19.74
N THR A 232 40.95 31.21 -19.79
CA THR A 232 40.63 30.53 -21.04
C THR A 232 39.28 29.83 -20.92
N ILE A 233 38.60 29.77 -22.06
CA ILE A 233 37.21 29.35 -22.16
C ILE A 233 37.17 28.11 -23.04
N THR A 234 36.51 27.05 -22.58
CA THR A 234 36.41 25.81 -23.34
C THR A 234 34.99 25.27 -23.26
N ALA A 235 34.33 25.16 -24.41
CA ALA A 235 32.95 24.67 -24.46
C ALA A 235 32.90 23.43 -25.33
N ARG A 236 32.03 22.48 -24.94
CA ARG A 236 31.98 21.21 -25.66
C ARG A 236 30.57 20.63 -25.57
N PHE A 237 30.17 19.94 -26.64
CA PHE A 237 28.90 19.25 -26.68
C PHE A 237 28.90 18.07 -25.69
N LEU A 238 27.72 17.50 -25.47
CA LEU A 238 27.60 16.42 -24.51
C LEU A 238 28.12 15.09 -25.05
N TYR A 239 27.96 14.84 -26.35
CA TYR A 239 28.35 13.55 -26.93
C TYR A 239 29.77 13.55 -27.48
N GLY A 240 30.53 14.63 -27.28
CA GLY A 240 31.95 14.62 -27.54
C GLY A 240 32.45 15.53 -28.65
N LYS A 241 31.56 16.05 -29.48
CA LYS A 241 32.01 16.90 -30.59
C LYS A 241 32.18 18.34 -30.14
N LYS A 242 32.91 19.11 -30.93
CA LYS A 242 33.27 20.48 -30.60
C LYS A 242 32.16 21.44 -30.99
N VAL A 243 32.31 22.69 -30.54
CA VAL A 243 31.25 23.70 -30.65
C VAL A 243 31.84 25.00 -31.18
N GLU A 244 30.97 25.83 -31.74
CA GLU A 244 31.32 27.17 -32.22
C GLU A 244 30.29 28.17 -31.71
N GLY A 245 30.70 29.42 -31.54
CA GLY A 245 29.77 30.44 -31.10
C GLY A 245 30.47 31.71 -30.67
N THR A 246 29.79 32.47 -29.81
CA THR A 246 30.30 33.73 -29.30
C THR A 246 30.07 33.82 -27.80
N ALA A 247 31.00 34.47 -27.09
CA ALA A 247 30.95 34.51 -25.64
C ALA A 247 31.11 35.94 -25.14
N PHE A 248 30.42 36.22 -24.03
CA PHE A 248 30.54 37.47 -23.30
C PHE A 248 31.09 37.18 -21.91
N VAL A 249 32.14 37.90 -21.52
CA VAL A 249 32.81 37.67 -20.25
C VAL A 249 32.83 38.97 -19.45
N ILE A 250 32.64 38.83 -18.13
CA ILE A 250 32.69 39.95 -17.19
C ILE A 250 33.43 39.50 -15.94
N PHE A 251 33.98 40.46 -15.21
CA PHE A 251 34.73 40.20 -13.99
C PHE A 251 34.01 40.80 -12.78
N GLY A 252 34.52 40.49 -11.60
CA GLY A 252 33.96 41.08 -10.39
C GLY A 252 34.97 41.05 -9.27
N ILE A 253 34.56 41.60 -8.12
CA ILE A 253 35.37 41.60 -6.91
C ILE A 253 34.50 41.14 -5.75
N GLN A 254 35.00 40.16 -4.99
CA GLN A 254 34.29 39.55 -3.88
C GLN A 254 34.98 39.90 -2.58
N ASP A 255 34.24 40.50 -1.67
CA ASP A 255 34.65 40.73 -0.28
C ASP A 255 33.70 39.96 0.63
N GLY A 256 34.00 39.97 1.92
CA GLY A 256 33.21 39.22 2.88
C GLY A 256 31.75 39.61 2.82
N GLU A 257 30.94 38.73 2.23
CA GLU A 257 29.52 39.01 1.96
C GLU A 257 29.37 40.37 1.26
N GLN A 258 29.98 40.47 0.07
CA GLN A 258 29.84 41.66 -0.74
C GLN A 258 30.37 41.39 -2.14
N ARG A 259 29.69 41.90 -3.16
CA ARG A 259 30.12 41.75 -4.54
C ARG A 259 30.06 43.10 -5.23
N ILE A 260 31.13 43.44 -5.95
CA ILE A 260 31.23 44.68 -6.71
C ILE A 260 31.51 44.33 -8.17
N SER A 261 30.74 44.90 -9.08
CA SER A 261 30.88 44.63 -10.50
C SER A 261 31.61 45.79 -11.17
N LEU A 262 32.59 45.46 -12.01
CA LEU A 262 33.33 46.47 -12.75
C LEU A 262 32.71 46.61 -14.13
N PRO A 263 31.96 47.67 -14.42
CA PRO A 263 31.33 47.79 -15.73
C PRO A 263 32.30 47.96 -16.88
N GLU A 264 33.51 48.47 -16.63
CA GLU A 264 34.45 48.71 -17.72
C GLU A 264 35.03 47.42 -18.28
N SER A 265 34.94 46.32 -17.53
CA SER A 265 35.53 45.05 -17.97
C SER A 265 34.41 44.12 -18.44
N LEU A 266 34.04 44.29 -19.70
CA LEU A 266 33.08 43.40 -20.36
C LEU A 266 33.56 43.18 -21.77
N LYS A 267 33.74 41.92 -22.16
CA LYS A 267 34.38 41.60 -23.42
C LYS A 267 33.56 40.60 -24.22
N ARG A 268 33.65 40.71 -25.54
CA ARG A 268 33.03 39.79 -26.48
C ARG A 268 34.12 39.08 -27.27
N ILE A 269 34.05 37.75 -27.32
CA ILE A 269 35.08 36.97 -28.02
C ILE A 269 34.44 35.87 -28.85
N PRO A 270 34.96 35.58 -30.04
CA PRO A 270 34.44 34.47 -30.84
C PRO A 270 35.09 33.16 -30.41
N ILE A 271 34.27 32.15 -30.11
CA ILE A 271 34.74 30.83 -29.71
C ILE A 271 34.70 29.93 -30.94
N GLU A 272 35.88 29.49 -31.38
CA GLU A 272 36.03 28.57 -32.50
C GLU A 272 36.76 27.33 -32.01
N ASP A 273 36.16 26.16 -32.23
CA ASP A 273 36.71 24.88 -31.80
C ASP A 273 36.82 24.79 -30.28
N GLY A 274 36.06 25.62 -29.58
CA GLY A 274 36.06 25.60 -28.12
C GLY A 274 37.35 26.09 -27.50
N SER A 275 37.70 27.36 -27.73
CA SER A 275 38.91 27.94 -27.15
C SER A 275 38.81 29.45 -27.21
N GLY A 276 38.82 30.10 -26.05
CA GLY A 276 38.83 31.56 -26.01
C GLY A 276 39.78 32.04 -24.94
N GLU A 277 40.31 33.25 -25.14
CA GLU A 277 41.29 33.86 -24.24
C GLU A 277 40.80 35.23 -23.79
N VAL A 278 40.85 35.47 -22.48
CA VAL A 278 40.50 36.77 -21.91
C VAL A 278 41.63 37.23 -21.00
N VAL A 279 41.94 38.52 -21.05
CA VAL A 279 43.03 39.11 -20.29
C VAL A 279 42.53 40.37 -19.59
N LEU A 280 42.86 40.51 -18.31
CA LEU A 280 42.52 41.69 -17.51
C LEU A 280 43.81 42.36 -17.05
N SER A 281 43.87 43.69 -17.19
CA SER A 281 45.07 44.46 -16.91
C SER A 281 44.99 45.12 -15.54
N ARG A 282 46.13 45.66 -15.11
CA ARG A 282 46.21 46.33 -13.81
C ARG A 282 45.37 47.59 -13.77
N LYS A 283 45.35 48.36 -14.87
CA LYS A 283 44.74 49.68 -14.85
C LYS A 283 43.24 49.59 -14.56
N VAL A 284 42.55 48.65 -15.21
CA VAL A 284 41.11 48.53 -15.01
C VAL A 284 40.80 48.12 -13.57
N LEU A 285 41.57 47.18 -13.03
CA LEU A 285 41.36 46.75 -11.65
C LEU A 285 41.59 47.90 -10.67
N LEU A 286 42.65 48.68 -10.89
CA LEU A 286 42.95 49.79 -9.99
C LEU A 286 41.88 50.88 -10.09
N ASP A 287 41.42 51.18 -11.30
CA ASP A 287 40.44 52.26 -11.47
C ASP A 287 39.06 51.84 -10.99
N GLY A 288 38.76 50.54 -11.02
CA GLY A 288 37.44 50.09 -10.57
C GLY A 288 37.19 50.39 -9.10
N VAL A 289 38.23 50.30 -8.29
CA VAL A 289 38.12 50.57 -6.87
C VAL A 289 38.74 51.93 -6.56
N GLN A 290 38.51 52.41 -5.34
CA GLN A 290 39.04 53.70 -4.89
C GLN A 290 40.28 53.54 -4.02
N ASN A 291 41.13 52.55 -4.32
CA ASN A 291 42.29 52.21 -3.51
C ASN A 291 43.55 52.27 -4.36
N PRO A 292 44.18 53.44 -4.48
CA PRO A 292 45.47 53.51 -5.18
C PRO A 292 46.53 52.62 -4.57
N ARG A 293 46.54 52.46 -3.25
CA ARG A 293 47.53 51.59 -2.61
C ARG A 293 47.21 50.13 -2.91
N ALA A 294 48.14 49.45 -3.59
CA ALA A 294 47.93 48.06 -3.96
C ALA A 294 47.89 47.14 -2.74
N GLU A 295 48.72 47.40 -1.74
CA GLU A 295 48.84 46.51 -0.59
C GLU A 295 47.55 46.41 0.22
N ASP A 296 46.62 47.35 0.04
CA ASP A 296 45.33 47.28 0.72
C ASP A 296 44.38 46.26 0.09
N LEU A 297 44.70 45.75 -1.10
CA LEU A 297 43.84 44.81 -1.79
C LEU A 297 44.00 43.38 -1.30
N VAL A 298 45.06 43.09 -0.52
CA VAL A 298 45.29 41.72 -0.07
C VAL A 298 44.19 41.31 0.89
N GLY A 299 43.62 40.12 0.65
CA GLY A 299 42.50 39.64 1.43
C GLY A 299 41.16 39.73 0.74
N LYS A 300 41.12 40.15 -0.52
CA LYS A 300 39.90 40.25 -1.31
C LYS A 300 40.05 39.39 -2.55
N SER A 301 38.95 38.76 -2.96
CA SER A 301 39.01 37.74 -4.00
C SER A 301 38.39 38.25 -5.29
N LEU A 302 38.63 37.50 -6.37
CA LEU A 302 38.10 37.81 -7.69
C LEU A 302 37.22 36.68 -8.18
N TYR A 303 36.35 37.00 -9.13
CA TYR A 303 35.56 35.99 -9.82
C TYR A 303 35.24 36.48 -11.22
N VAL A 304 34.92 35.52 -12.09
CA VAL A 304 34.66 35.79 -13.51
C VAL A 304 33.39 35.05 -13.91
N SER A 305 32.61 35.67 -14.81
CA SER A 305 31.38 35.08 -15.32
C SER A 305 31.38 35.14 -16.84
N ALA A 306 30.87 34.09 -17.47
CA ALA A 306 30.87 33.97 -18.93
C ALA A 306 29.54 33.43 -19.41
N THR A 307 29.17 33.82 -20.63
CA THR A 307 27.96 33.35 -21.30
C THR A 307 28.28 33.03 -22.74
N VAL A 308 27.79 31.88 -23.21
CA VAL A 308 28.09 31.36 -24.54
C VAL A 308 26.80 31.22 -25.32
N ILE A 309 26.80 31.71 -26.57
CA ILE A 309 25.67 31.57 -27.47
C ILE A 309 26.14 30.91 -28.75
N LEU A 310 25.22 30.19 -29.40
CA LEU A 310 25.51 29.45 -30.61
C LEU A 310 25.32 30.33 -31.83
N HIS A 311 25.66 29.81 -33.00
CA HIS A 311 25.49 30.52 -34.25
C HIS A 311 24.10 30.35 -34.83
N SER A 312 23.29 29.45 -34.30
CA SER A 312 21.92 29.26 -34.74
C SER A 312 20.90 29.94 -33.84
N GLY A 313 21.35 30.62 -32.79
CA GLY A 313 20.45 31.30 -31.88
C GLY A 313 19.50 30.35 -31.17
N SER A 314 20.01 29.25 -30.66
CA SER A 314 19.19 28.20 -30.09
C SER A 314 19.36 27.99 -28.59
N ASP A 315 20.54 28.26 -28.03
CA ASP A 315 20.81 27.93 -26.64
C ASP A 315 21.48 29.10 -25.92
N MET A 316 21.60 28.94 -24.61
CA MET A 316 22.18 29.96 -23.73
C MET A 316 22.67 29.26 -22.48
N VAL A 317 23.99 29.26 -22.26
CA VAL A 317 24.60 28.63 -21.10
C VAL A 317 25.44 29.65 -20.36
N GLN A 318 25.42 29.57 -19.02
CA GLN A 318 26.20 30.45 -18.17
C GLN A 318 27.07 29.63 -17.24
N ALA A 319 28.31 30.06 -17.05
CA ALA A 319 29.24 29.37 -16.17
C ALA A 319 30.01 30.40 -15.36
N GLU A 320 30.23 30.10 -14.08
CA GLU A 320 30.86 31.03 -13.16
C GLU A 320 31.93 30.32 -12.35
N ARG A 321 33.09 30.97 -12.21
CA ARG A 321 34.15 30.54 -11.32
C ARG A 321 34.38 31.63 -10.29
N SER A 322 34.38 31.25 -9.02
CA SER A 322 34.50 32.20 -7.92
C SER A 322 35.64 31.81 -7.00
N GLY A 323 36.29 32.82 -6.44
CA GLY A 323 37.31 32.59 -5.43
C GLY A 323 38.73 32.50 -5.96
N ILE A 324 39.15 33.49 -6.74
CA ILE A 324 40.55 33.64 -7.11
C ILE A 324 41.21 34.53 -6.06
N PRO A 325 42.10 34.00 -5.21
CA PRO A 325 42.67 34.83 -4.15
C PRO A 325 43.68 35.81 -4.68
N ILE A 326 43.83 36.92 -3.96
CA ILE A 326 44.85 37.92 -4.21
C ILE A 326 45.86 37.83 -3.08
N VAL A 327 47.09 37.42 -3.41
CA VAL A 327 48.15 37.22 -2.41
C VAL A 327 49.47 37.68 -3.01
N THR A 328 50.47 37.81 -2.13
CA THR A 328 51.83 38.14 -2.54
C THR A 328 52.82 37.00 -2.35
N SER A 329 52.45 35.96 -1.60
CA SER A 329 53.29 34.79 -1.40
C SER A 329 52.60 33.57 -1.96
N PRO A 330 53.22 32.83 -2.87
CA PRO A 330 52.52 31.71 -3.52
C PRO A 330 52.51 30.43 -2.71
N TYR A 331 52.79 30.52 -1.40
CA TYR A 331 52.81 29.34 -0.54
C TYR A 331 52.15 29.70 0.78
N GLN A 332 52.23 28.78 1.74
CA GLN A 332 51.60 28.93 3.04
C GLN A 332 52.14 27.86 3.97
N ILE A 333 52.31 28.21 5.24
CA ILE A 333 52.87 27.31 6.24
C ILE A 333 51.81 27.05 7.30
N HIS A 334 51.89 25.88 7.93
CA HIS A 334 50.91 25.48 8.93
C HIS A 334 51.59 24.65 10.01
N PHE A 335 50.95 24.60 11.18
CA PHE A 335 51.44 23.82 12.32
C PHE A 335 50.28 23.06 12.95
N THR A 336 49.46 22.42 12.12
CA THR A 336 48.26 21.76 12.64
C THR A 336 48.59 20.47 13.36
N LYS A 337 49.67 19.78 12.98
CA LYS A 337 49.96 18.47 13.54
C LYS A 337 51.36 18.39 14.14
N THR A 338 51.72 19.36 14.97
CA THR A 338 53.02 19.38 15.63
C THR A 338 52.83 19.39 17.15
N PRO A 339 53.50 18.50 17.88
CA PRO A 339 53.38 18.51 19.35
C PRO A 339 53.89 19.82 19.92
N LYS A 340 53.24 20.28 20.99
CA LYS A 340 53.51 21.60 21.55
C LYS A 340 54.46 21.59 22.73
N TYR A 341 54.65 20.45 23.39
CA TYR A 341 55.50 20.35 24.57
C TYR A 341 56.81 19.70 24.17
N PHE A 342 57.92 20.42 24.36
CA PHE A 342 59.20 19.97 23.85
C PHE A 342 59.83 18.96 24.81
N LYS A 343 61.07 18.57 24.52
CA LYS A 343 61.71 17.41 25.14
C LYS A 343 63.03 17.87 25.73
N PRO A 344 63.15 18.01 27.05
CA PRO A 344 64.39 18.53 27.65
C PRO A 344 65.52 17.52 27.49
N GLY A 345 66.61 17.95 26.84
CA GLY A 345 67.75 17.10 26.60
C GLY A 345 67.70 16.39 25.27
N MET A 346 66.71 15.55 25.08
CA MET A 346 66.55 14.80 23.85
C MET A 346 66.09 15.71 22.71
N PRO A 347 66.42 15.36 21.46
CA PRO A 347 66.04 16.20 20.33
C PRO A 347 64.53 16.27 20.15
N PHE A 348 64.08 17.40 19.62
CA PHE A 348 62.66 17.67 19.37
C PHE A 348 62.40 17.62 17.87
N ASP A 349 61.36 16.90 17.46
CA ASP A 349 61.04 16.68 16.07
C ASP A 349 59.81 17.47 15.66
N LEU A 350 59.91 18.18 14.54
CA LEU A 350 58.83 18.99 14.01
C LEU A 350 58.39 18.44 12.66
N MET A 351 57.13 18.68 12.32
CA MET A 351 56.58 18.26 11.03
C MET A 351 55.80 19.44 10.45
N VAL A 352 56.36 20.06 9.42
CA VAL A 352 55.76 21.24 8.83
C VAL A 352 54.69 20.84 7.81
N PHE A 353 53.86 21.80 7.43
CA PHE A 353 52.78 21.56 6.47
C PHE A 353 52.72 22.75 5.52
N VAL A 354 52.95 22.51 4.24
CA VAL A 354 52.97 23.55 3.22
C VAL A 354 51.87 23.26 2.21
N THR A 355 51.09 24.30 1.86
CA THR A 355 49.96 24.14 0.94
C THR A 355 49.92 25.30 -0.03
N ASN A 356 49.28 25.06 -1.16
CA ASN A 356 48.97 26.12 -2.10
C ASN A 356 47.89 27.04 -1.51
N PRO A 357 47.77 28.27 -2.01
CA PRO A 357 46.81 29.21 -1.41
C PRO A 357 45.37 28.74 -1.47
N ASP A 358 45.03 27.83 -2.39
CA ASP A 358 43.67 27.31 -2.48
C ASP A 358 43.43 26.11 -1.56
N GLY A 359 44.45 25.64 -0.86
CA GLY A 359 44.33 24.51 0.04
C GLY A 359 44.87 23.20 -0.49
N SER A 360 45.18 23.12 -1.78
CA SER A 360 45.74 21.90 -2.33
C SER A 360 47.16 21.68 -1.80
N PRO A 361 47.49 20.48 -1.33
CA PRO A 361 48.84 20.25 -0.81
C PRO A 361 49.90 20.46 -1.89
N ALA A 362 51.04 21.01 -1.47
CA ALA A 362 52.13 21.32 -2.39
C ALA A 362 52.91 20.04 -2.71
N TYR A 363 54.04 20.18 -3.38
CA TYR A 363 54.81 19.03 -3.83
C TYR A 363 56.21 19.49 -4.21
N ARG A 364 57.22 18.87 -3.60
CA ARG A 364 58.63 19.12 -3.91
C ARG A 364 58.98 20.61 -3.73
N VAL A 365 58.88 21.05 -2.48
CA VAL A 365 59.30 22.39 -2.10
C VAL A 365 60.10 22.30 -0.80
N PRO A 366 61.30 22.88 -0.74
CA PRO A 366 62.14 22.72 0.44
C PRO A 366 61.86 23.74 1.53
N VAL A 367 61.99 23.29 2.77
CA VAL A 367 61.86 24.14 3.95
C VAL A 367 63.17 24.09 4.72
N ALA A 368 63.32 25.03 5.65
CA ALA A 368 64.52 25.13 6.47
C ALA A 368 64.23 26.01 7.67
N VAL A 369 65.27 26.27 8.46
CA VAL A 369 65.18 27.12 9.63
C VAL A 369 66.21 28.24 9.47
N GLN A 370 65.79 29.48 9.70
CA GLN A 370 66.69 30.61 9.56
C GLN A 370 67.81 30.58 10.58
N GLY A 371 67.54 30.08 11.79
CA GLY A 371 68.56 30.09 12.83
C GLY A 371 69.75 29.21 12.50
N GLU A 372 69.49 28.00 12.01
CA GLU A 372 70.53 27.05 11.67
C GLU A 372 70.76 27.03 10.16
N ASP A 373 71.65 26.15 9.72
CA ASP A 373 72.02 26.07 8.32
C ASP A 373 72.06 24.61 7.88
N THR A 374 71.71 24.39 6.61
CA THR A 374 71.80 23.10 5.93
C THR A 374 70.82 22.09 6.51
N VAL A 375 70.10 22.47 7.57
CA VAL A 375 69.07 21.63 8.13
C VAL A 375 67.82 21.81 7.28
N GLN A 376 67.66 20.97 6.27
CA GLN A 376 66.57 21.12 5.31
C GLN A 376 66.17 19.75 4.80
N SER A 377 65.02 19.71 4.13
CA SER A 377 64.49 18.49 3.55
C SER A 377 63.50 18.87 2.47
N LEU A 378 62.85 17.86 1.89
CA LEU A 378 61.81 18.07 0.89
C LEU A 378 60.49 17.53 1.44
N THR A 379 59.45 17.61 0.61
CA THR A 379 58.12 17.12 0.97
C THR A 379 57.65 16.11 -0.07
N GLN A 380 57.04 15.03 0.42
CA GLN A 380 56.45 14.03 -0.47
C GLN A 380 55.08 14.52 -0.96
N GLY A 381 54.28 13.63 -1.53
CA GLY A 381 53.03 14.00 -2.15
C GLY A 381 52.02 14.64 -1.21
N ASP A 382 52.17 14.42 0.10
CA ASP A 382 51.25 15.00 1.08
C ASP A 382 51.66 16.40 1.52
N GLY A 383 52.80 16.91 1.05
CA GLY A 383 53.25 18.23 1.48
C GLY A 383 53.63 18.30 2.93
N VAL A 384 54.32 17.29 3.46
CA VAL A 384 54.75 17.26 4.84
C VAL A 384 56.27 17.04 4.87
N ALA A 385 56.97 17.86 5.64
CA ALA A 385 58.41 17.73 5.79
C ALA A 385 58.77 17.54 7.26
N LYS A 386 59.75 16.67 7.49
CA LYS A 386 60.19 16.27 8.82
C LYS A 386 61.51 16.95 9.15
N LEU A 387 61.60 17.54 10.34
CA LEU A 387 62.81 18.23 10.77
C LEU A 387 63.09 17.88 12.23
N SER A 388 64.33 18.06 12.64
CA SER A 388 64.75 17.82 14.01
C SER A 388 65.59 18.99 14.50
N ILE A 389 65.57 19.22 15.81
CA ILE A 389 66.31 20.31 16.41
C ILE A 389 66.77 19.89 17.80
N ASN A 390 67.95 20.35 18.19
CA ASN A 390 68.49 20.03 19.51
C ASN A 390 67.96 21.01 20.55
N THR A 391 68.08 20.61 21.82
CA THR A 391 67.60 21.42 22.93
C THR A 391 68.78 22.00 23.72
N HIS A 392 68.47 23.00 24.55
CA HIS A 392 69.52 23.79 25.19
C HIS A 392 70.40 22.99 26.14
N PRO A 393 69.87 22.21 27.09
CA PRO A 393 68.50 21.89 27.49
C PRO A 393 68.02 22.64 28.73
N SER A 394 68.26 23.94 28.78
CA SER A 394 67.72 24.76 29.87
C SER A 394 66.20 24.78 29.82
N GLN A 395 65.58 24.87 30.99
CA GLN A 395 64.13 24.79 31.09
C GLN A 395 63.43 26.06 30.64
N LYS A 396 64.15 27.01 30.05
CA LYS A 396 63.51 28.21 29.50
C LYS A 396 62.77 27.83 28.22
N PRO A 397 61.51 28.27 28.07
CA PRO A 397 60.79 27.96 26.82
C PRO A 397 61.48 28.59 25.62
N LEU A 398 61.41 27.89 24.49
CA LEU A 398 62.09 28.29 23.28
C LEU A 398 61.09 28.61 22.18
N SER A 399 61.47 29.52 21.29
CA SER A 399 60.66 29.91 20.14
C SER A 399 61.39 29.49 18.87
N ILE A 400 60.67 28.87 17.95
CA ILE A 400 61.26 28.40 16.70
C ILE A 400 60.56 29.10 15.55
N THR A 401 61.28 29.28 14.45
CA THR A 401 60.74 29.92 13.26
C THR A 401 61.01 29.06 12.04
N VAL A 402 60.09 29.09 11.09
CA VAL A 402 60.18 28.31 9.87
C VAL A 402 60.02 29.26 8.68
N ARG A 403 60.78 28.99 7.62
CA ARG A 403 60.79 29.82 6.43
C ARG A 403 61.07 28.97 5.21
N THR A 404 60.33 29.21 4.13
CA THR A 404 60.54 28.47 2.89
C THR A 404 61.83 28.91 2.22
N LYS A 405 62.57 27.94 1.69
CA LYS A 405 63.85 28.18 1.05
C LYS A 405 63.86 27.61 -0.36
N LYS A 406 62.80 27.91 -1.11
CA LYS A 406 62.74 27.47 -2.51
C LYS A 406 63.69 28.28 -3.37
N GLN A 407 64.30 27.62 -4.34
CA GLN A 407 65.23 28.27 -5.25
C GLN A 407 64.47 29.01 -6.35
N GLU A 408 65.24 29.56 -7.30
CA GLU A 408 64.76 30.27 -8.48
C GLU A 408 63.60 31.22 -8.17
N LEU A 409 63.63 31.83 -6.99
CA LEU A 409 62.61 32.78 -6.59
C LEU A 409 63.25 33.91 -5.80
N SER A 410 62.67 35.10 -5.89
CA SER A 410 63.21 36.25 -5.19
C SER A 410 63.09 36.09 -3.69
N GLU A 411 64.00 36.74 -2.96
CA GLU A 411 64.06 36.59 -1.51
C GLU A 411 62.86 37.23 -0.81
N ALA A 412 62.17 38.15 -1.49
CA ALA A 412 61.08 38.90 -0.86
C ALA A 412 59.74 38.18 -0.94
N GLU A 413 59.69 36.97 -1.49
CA GLU A 413 58.44 36.25 -1.70
C GLU A 413 58.51 34.87 -1.04
N GLN A 414 58.97 34.82 0.20
CA GLN A 414 59.08 33.59 0.96
C GLN A 414 58.21 33.66 2.21
N ALA A 415 57.34 32.67 2.39
CA ALA A 415 56.50 32.62 3.57
C ALA A 415 57.29 32.16 4.79
N THR A 416 56.84 32.59 5.96
CA THR A 416 57.51 32.24 7.20
C THR A 416 56.53 32.42 8.35
N ARG A 417 56.85 31.78 9.49
CA ARG A 417 56.05 31.94 10.69
C ARG A 417 56.84 31.42 11.89
N THR A 418 56.20 31.50 13.07
CA THR A 418 56.86 31.25 14.35
C THR A 418 55.95 30.41 15.24
N MET A 419 56.54 29.65 16.15
CA MET A 419 55.80 28.81 17.07
C MET A 419 56.54 28.72 18.39
N GLN A 420 55.80 28.42 19.45
CA GLN A 420 56.29 28.40 20.82
C GLN A 420 56.08 27.01 21.43
N ALA A 421 56.97 26.63 22.34
CA ALA A 421 56.90 25.34 23.02
C ALA A 421 56.97 25.53 24.53
N LEU A 422 56.54 24.50 25.26
CA LEU A 422 56.50 24.51 26.71
C LEU A 422 57.16 23.25 27.26
N PRO A 423 57.72 23.31 28.46
CA PRO A 423 58.48 22.18 29.00
C PRO A 423 57.58 21.09 29.58
N TYR A 424 58.22 20.06 30.11
CA TYR A 424 57.56 18.88 30.67
C TYR A 424 57.94 18.77 32.13
N SER A 425 56.94 18.55 32.99
CA SER A 425 57.14 18.61 34.44
C SER A 425 57.30 17.19 35.00
N THR A 426 58.54 16.73 35.02
CA THR A 426 58.86 15.45 35.63
C THR A 426 59.30 15.63 37.08
N VAL A 427 59.34 14.53 37.81
CA VAL A 427 59.80 14.51 39.20
C VAL A 427 61.01 13.58 39.28
N GLY A 428 62.12 14.10 39.80
CA GLY A 428 63.33 13.34 39.90
C GLY A 428 64.16 13.26 38.64
N ASN A 429 63.73 13.92 37.56
CA ASN A 429 64.46 13.98 36.30
C ASN A 429 64.69 12.59 35.71
N SER A 430 63.57 11.91 35.43
CA SER A 430 63.61 10.69 34.62
C SER A 430 63.55 11.05 33.14
N ASN A 431 62.48 11.74 32.73
CA ASN A 431 62.40 12.46 31.46
C ASN A 431 62.65 11.51 30.27
N ASN A 432 61.71 10.59 30.11
CA ASN A 432 61.81 9.55 29.09
C ASN A 432 60.71 9.73 28.06
N TYR A 433 61.08 9.64 26.77
CA TYR A 433 60.13 9.92 25.70
C TYR A 433 60.08 8.82 24.65
N LEU A 434 59.31 9.06 23.59
CA LEU A 434 59.14 8.10 22.51
C LEU A 434 58.84 8.86 21.23
N HIS A 435 59.49 8.44 20.14
CA HIS A 435 59.29 9.06 18.83
C HIS A 435 59.98 8.20 17.79
N LEU A 436 59.31 8.01 16.66
CA LEU A 436 59.75 7.08 15.63
C LEU A 436 60.70 7.78 14.68
N SER A 437 61.90 7.20 14.50
CA SER A 437 62.92 7.77 13.61
C SER A 437 62.87 7.13 12.22
N VAL A 438 61.69 7.13 11.60
CA VAL A 438 61.52 6.58 10.27
C VAL A 438 61.02 7.70 9.35
N LEU A 439 61.35 7.58 8.08
CA LEU A 439 60.91 8.56 7.08
C LEU A 439 59.39 8.59 7.01
N ARG A 440 58.80 9.73 7.37
CA ARG A 440 57.35 9.86 7.33
C ARG A 440 56.87 9.95 5.89
N THR A 441 56.54 8.80 5.30
CA THR A 441 56.18 8.69 3.89
C THR A 441 54.74 8.20 3.75
N GLU A 442 54.34 7.92 2.52
CA GLU A 442 53.00 7.44 2.24
C GLU A 442 52.83 5.99 2.70
N LEU A 443 52.41 5.82 3.95
CA LEU A 443 52.16 4.48 4.45
C LEU A 443 50.99 3.84 3.71
N ARG A 444 51.10 2.54 3.45
CA ARG A 444 50.09 1.81 2.72
C ARG A 444 49.73 0.54 3.47
N PRO A 445 48.47 0.10 3.38
CA PRO A 445 48.10 -1.19 3.97
C PRO A 445 48.89 -2.32 3.33
N GLY A 446 49.29 -3.29 4.16
CA GLY A 446 50.12 -4.38 3.71
C GLY A 446 51.62 -4.14 3.81
N GLU A 447 52.04 -2.91 4.06
CA GLU A 447 53.45 -2.60 4.22
C GLU A 447 53.87 -2.92 5.65
N THR A 448 55.07 -2.49 6.03
CA THR A 448 55.59 -2.69 7.37
C THR A 448 56.10 -1.38 7.94
N LEU A 449 56.03 -1.25 9.25
CA LEU A 449 56.50 -0.07 9.96
C LEU A 449 57.52 -0.50 11.01
N ASN A 450 58.47 0.38 11.31
CA ASN A 450 59.54 0.07 12.26
C ASN A 450 59.53 1.15 13.35
N VAL A 451 58.78 0.90 14.42
CA VAL A 451 58.72 1.85 15.53
C VAL A 451 60.04 1.81 16.28
N ASN A 452 60.82 2.89 16.23
CA ASN A 452 62.15 2.92 16.81
C ASN A 452 62.08 3.68 18.14
N PHE A 453 62.29 2.97 19.24
CA PHE A 453 62.23 3.60 20.55
C PHE A 453 63.47 4.44 20.80
N LEU A 454 63.44 5.72 20.47
CA LEU A 454 64.53 6.63 20.79
C LEU A 454 64.41 6.99 22.26
N LEU A 455 65.35 6.51 23.06
CA LEU A 455 65.19 6.47 24.51
C LEU A 455 66.40 7.09 25.20
N ARG A 456 66.14 7.67 26.37
CA ARG A 456 67.19 8.23 27.21
C ARG A 456 66.73 8.11 28.66
N MET A 457 67.17 7.06 29.33
CA MET A 457 66.79 6.82 30.72
C MET A 457 67.59 7.77 31.61
N ASP A 458 67.52 7.56 32.92
CA ASP A 458 68.44 8.22 33.81
C ASP A 458 69.85 7.71 33.56
N ARG A 459 70.82 8.62 33.57
CA ARG A 459 72.18 8.27 33.19
C ARG A 459 72.92 7.49 34.27
N ALA A 460 72.38 7.41 35.48
CA ALA A 460 73.08 6.80 36.60
C ALA A 460 72.84 5.30 36.70
N HIS A 461 71.60 4.88 36.83
CA HIS A 461 71.26 3.48 37.12
C HIS A 461 70.20 2.98 36.12
N GLU A 462 70.45 3.20 34.84
CA GLU A 462 69.53 2.79 33.78
C GLU A 462 69.52 1.28 33.54
N ALA A 463 70.11 0.46 34.40
CA ALA A 463 70.14 -0.99 34.22
C ALA A 463 69.14 -1.70 35.12
N LYS A 464 67.97 -1.11 35.33
CA LYS A 464 66.95 -1.69 36.20
C LYS A 464 65.63 -1.92 35.48
N ILE A 465 65.39 -1.22 34.36
CA ILE A 465 64.14 -1.29 33.63
C ILE A 465 64.18 -2.51 32.72
N ARG A 466 63.09 -3.28 32.71
CA ARG A 466 63.06 -4.56 32.02
C ARG A 466 62.19 -4.56 30.77
N TYR A 467 61.17 -3.71 30.69
CA TYR A 467 60.20 -3.79 29.61
C TYR A 467 59.46 -2.46 29.48
N TYR A 468 58.60 -2.38 28.47
CA TYR A 468 57.71 -1.26 28.28
C TYR A 468 56.33 -1.79 27.91
N THR A 469 55.32 -0.92 27.97
CA THR A 469 53.96 -1.28 27.59
C THR A 469 53.48 -0.31 26.53
N TYR A 470 52.82 -0.81 25.49
CA TYR A 470 52.34 0.03 24.41
C TYR A 470 50.97 -0.42 23.95
N LEU A 471 50.19 0.57 23.48
CA LEU A 471 48.80 0.38 23.08
C LEU A 471 48.56 1.14 21.78
N ILE A 472 47.68 0.60 20.94
CA ILE A 472 47.28 1.23 19.68
C ILE A 472 45.83 1.63 19.79
N MET A 473 45.53 2.90 19.49
CA MET A 473 44.19 3.45 19.55
C MET A 473 43.73 3.83 18.15
N ASN A 474 42.52 3.44 17.81
CA ASN A 474 41.94 3.73 16.50
C ASN A 474 40.42 3.73 16.62
N LYS A 475 39.79 4.72 16.00
CA LYS A 475 38.33 4.85 15.98
C LYS A 475 37.74 4.89 17.39
N GLY A 476 38.48 5.44 18.35
CA GLY A 476 37.99 5.51 19.72
C GLY A 476 37.82 4.17 20.39
N ARG A 477 38.75 3.25 20.15
CA ARG A 477 38.72 1.95 20.81
C ARG A 477 40.13 1.39 20.84
N LEU A 478 40.37 0.47 21.79
CA LEU A 478 41.68 -0.15 21.94
C LEU A 478 41.78 -1.30 20.95
N LEU A 479 42.53 -1.08 19.87
CA LEU A 479 42.67 -2.11 18.85
C LEU A 479 43.60 -3.23 19.32
N LYS A 480 44.71 -2.88 19.97
CA LYS A 480 45.70 -3.88 20.34
C LYS A 480 46.57 -3.36 21.46
N ALA A 481 46.98 -4.27 22.34
CA ALA A 481 47.87 -3.97 23.45
C ALA A 481 49.03 -4.96 23.43
N GLY A 482 50.26 -4.44 23.43
CA GLY A 482 51.44 -5.27 23.32
C GLY A 482 52.31 -5.18 24.56
N ARG A 483 53.50 -5.76 24.44
CA ARG A 483 54.50 -5.75 25.52
C ARG A 483 55.84 -6.12 24.93
N GLN A 484 56.80 -5.22 24.99
CA GLN A 484 58.13 -5.45 24.46
C GLN A 484 59.18 -5.26 25.55
N VAL A 485 60.13 -6.19 25.61
CA VAL A 485 61.12 -6.23 26.68
C VAL A 485 62.49 -5.88 26.11
N ARG A 486 63.46 -5.74 27.01
CA ARG A 486 64.84 -5.47 26.63
C ARG A 486 65.75 -5.91 27.76
N GLU A 487 67.04 -6.01 27.46
CA GLU A 487 68.04 -6.42 28.44
C GLU A 487 68.91 -5.24 28.83
N PRO A 488 69.45 -5.22 30.05
CA PRO A 488 70.15 -4.02 30.54
C PRO A 488 71.35 -3.67 29.68
N GLY A 489 71.57 -2.36 29.51
CA GLY A 489 72.67 -1.86 28.73
C GLY A 489 72.33 -1.44 27.31
N GLN A 490 71.05 -1.40 26.95
CA GLN A 490 70.61 -1.02 25.62
C GLN A 490 69.95 0.35 25.66
N ASP A 491 69.89 1.00 24.49
CA ASP A 491 69.24 2.31 24.39
C ASP A 491 68.38 2.44 23.14
N LEU A 492 68.26 1.40 22.32
CA LEU A 492 67.43 1.44 21.11
C LEU A 492 66.83 0.07 20.90
N VAL A 493 65.51 0.03 20.77
CA VAL A 493 64.78 -1.20 20.41
C VAL A 493 63.81 -0.86 19.28
N VAL A 494 63.35 -1.88 18.58
CA VAL A 494 62.51 -1.70 17.41
C VAL A 494 61.29 -2.61 17.50
N LEU A 495 60.16 -2.08 17.06
CA LEU A 495 58.92 -2.84 16.91
C LEU A 495 58.60 -2.97 15.44
N PRO A 496 58.75 -4.15 14.85
CA PRO A 496 58.35 -4.35 13.45
C PRO A 496 56.86 -4.56 13.30
N LEU A 497 56.09 -3.47 13.26
CA LEU A 497 54.65 -3.58 13.12
C LEU A 497 54.28 -3.94 11.68
N SER A 498 53.24 -4.75 11.54
CA SER A 498 52.70 -5.12 10.24
C SER A 498 51.38 -4.38 10.03
N ILE A 499 51.36 -3.47 9.06
CA ILE A 499 50.19 -2.64 8.83
C ILE A 499 49.13 -3.46 8.11
N THR A 500 47.95 -3.58 8.70
CA THR A 500 46.83 -4.31 8.13
C THR A 500 45.77 -3.32 7.64
N THR A 501 44.68 -3.87 7.11
CA THR A 501 43.65 -3.05 6.51
C THR A 501 42.76 -2.36 7.54
N ASP A 502 42.75 -2.84 8.78
CA ASP A 502 41.87 -2.26 9.80
C ASP A 502 42.40 -0.93 10.33
N PHE A 503 43.66 -0.59 10.08
CA PHE A 503 44.25 0.63 10.62
C PHE A 503 43.74 1.90 9.94
N ILE A 504 43.05 1.79 8.82
CA ILE A 504 42.56 2.97 8.10
C ILE A 504 41.58 3.72 8.99
N PRO A 505 41.61 5.07 9.06
CA PRO A 505 42.49 6.00 8.34
C PRO A 505 43.69 6.55 9.12
N SER A 506 43.74 6.33 10.44
CA SER A 506 44.84 6.82 11.24
C SER A 506 44.85 6.10 12.58
N PHE A 507 45.98 6.18 13.28
CA PHE A 507 46.08 5.53 14.58
C PHE A 507 46.99 6.33 15.48
N ARG A 508 46.91 6.03 16.78
CA ARG A 508 47.68 6.71 17.80
C ARG A 508 48.35 5.67 18.69
N LEU A 509 49.67 5.76 18.83
CA LEU A 509 50.43 4.83 19.63
C LEU A 509 50.80 5.48 20.97
N VAL A 510 50.54 4.78 22.07
CA VAL A 510 50.86 5.31 23.38
C VAL A 510 51.65 4.27 24.17
N ALA A 511 52.75 4.70 24.78
CA ALA A 511 53.62 3.78 25.49
C ALA A 511 54.04 4.37 26.83
N TYR A 512 54.39 3.48 27.76
CA TYR A 512 54.75 3.90 29.10
C TYR A 512 55.57 2.82 29.79
N TYR A 513 56.15 3.21 30.92
CA TYR A 513 56.87 2.29 31.78
C TYR A 513 56.89 2.82 33.20
N THR A 514 57.22 1.93 34.13
CA THR A 514 57.17 2.19 35.56
C THR A 514 58.54 1.97 36.19
N LEU A 515 58.93 2.88 37.08
CA LEU A 515 60.25 2.87 37.68
C LEU A 515 60.14 3.06 39.18
N ILE A 516 60.99 2.32 39.91
CA ILE A 516 61.03 2.31 41.37
C ILE A 516 61.83 3.51 41.84
N GLY A 517 61.23 4.33 42.70
CA GLY A 517 61.91 5.49 43.23
C GLY A 517 62.56 5.24 44.58
N GLN A 521 58.99 6.31 46.81
CA GLN A 521 58.30 7.08 45.78
C GLN A 521 58.05 6.22 44.54
N ARG A 522 57.13 6.69 43.69
CA ARG A 522 56.62 5.93 42.56
C ARG A 522 56.84 6.71 41.27
N GLU A 523 57.36 6.03 40.24
CA GLU A 523 57.62 6.67 38.96
C GLU A 523 56.84 6.00 37.85
N VAL A 524 56.15 6.80 37.04
CA VAL A 524 55.52 6.34 35.80
C VAL A 524 55.80 7.38 34.73
N VAL A 525 56.26 6.93 33.56
CA VAL A 525 56.60 7.81 32.45
C VAL A 525 55.92 7.31 31.19
N ALA A 526 55.48 8.23 30.34
CA ALA A 526 54.69 7.86 29.17
C ALA A 526 54.86 8.88 28.05
N ASP A 527 54.44 8.47 26.85
CA ASP A 527 54.39 9.34 25.68
C ASP A 527 53.46 8.75 24.63
N SER A 528 53.18 9.56 23.61
CA SER A 528 52.25 9.18 22.55
C SER A 528 52.69 9.79 21.21
N VAL A 529 52.22 9.17 20.13
CA VAL A 529 52.57 9.56 18.76
C VAL A 529 51.34 9.36 17.88
N TRP A 530 51.17 10.25 16.90
CA TRP A 530 50.06 10.22 15.95
C TRP A 530 50.58 9.85 14.57
N VAL A 531 50.00 8.81 13.95
CA VAL A 531 50.41 8.39 12.63
C VAL A 531 49.17 8.23 11.75
N ASP A 532 49.35 8.45 10.45
CA ASP A 532 48.27 8.38 9.48
C ASP A 532 48.63 7.42 8.36
N VAL A 533 47.60 6.79 7.79
CA VAL A 533 47.77 5.84 6.69
C VAL A 533 46.91 6.29 5.52
N LYS A 534 47.10 5.62 4.39
CA LYS A 534 46.36 5.95 3.18
C LYS A 534 44.89 5.56 3.32
N ASP A 535 44.03 6.34 2.68
CA ASP A 535 42.58 6.19 2.82
C ASP A 535 41.97 5.61 1.55
N SER A 536 41.25 4.50 1.69
CA SER A 536 40.52 3.83 0.62
C SER A 536 39.66 2.76 1.26
N CYS A 537 38.54 2.44 0.61
CA CYS A 537 37.61 1.48 1.19
C CYS A 537 38.26 0.10 1.29
N VAL A 538 37.93 -0.60 2.38
CA VAL A 538 38.58 -1.88 2.66
C VAL A 538 38.21 -2.92 1.62
N GLY A 539 36.99 -2.89 1.10
CA GLY A 539 36.56 -3.80 0.06
C GLY A 539 37.03 -3.38 -1.31
N SER A 540 36.28 -3.76 -2.33
CA SER A 540 36.60 -3.38 -3.70
C SER A 540 35.38 -3.61 -4.57
N LEU A 541 34.94 -2.58 -5.29
CA LEU A 541 33.84 -2.68 -6.23
C LEU A 541 34.26 -2.05 -7.54
N VAL A 542 34.13 -2.80 -8.63
CA VAL A 542 34.54 -2.36 -9.95
C VAL A 542 33.39 -2.59 -10.93
N VAL A 543 33.08 -1.59 -11.73
CA VAL A 543 32.05 -1.68 -12.76
C VAL A 543 32.70 -1.35 -14.10
N LYS A 544 32.47 -2.21 -15.10
CA LYS A 544 33.01 -1.95 -16.43
C LYS A 544 32.11 -2.60 -17.47
N SER A 545 32.53 -2.51 -18.73
CA SER A 545 31.73 -2.99 -19.86
C SER A 545 32.21 -4.37 -20.27
N GLY A 546 31.39 -5.39 -20.02
CA GLY A 546 31.73 -6.74 -20.43
C GLY A 546 31.59 -6.99 -21.92
N GLN A 547 31.05 -6.03 -22.66
CA GLN A 547 30.90 -6.14 -24.10
C GLN A 547 32.27 -6.20 -24.78
N SER A 548 32.26 -6.61 -26.04
CA SER A 548 33.49 -6.72 -26.81
C SER A 548 34.10 -5.36 -27.14
N GLU A 549 33.38 -4.27 -26.89
CA GLU A 549 33.87 -2.90 -27.12
C GLU A 549 34.23 -2.70 -28.59
N ASP A 550 33.24 -2.93 -29.46
CA ASP A 550 33.45 -2.77 -30.89
C ASP A 550 33.42 -1.31 -31.31
N ARG A 551 32.28 -0.66 -31.14
CA ARG A 551 32.09 0.74 -31.54
C ARG A 551 31.10 1.37 -30.58
N GLN A 552 30.74 2.63 -30.85
CA GLN A 552 29.77 3.31 -30.01
C GLN A 552 28.38 2.69 -30.19
N PRO A 553 27.58 2.60 -29.13
CA PRO A 553 26.25 2.00 -29.26
C PRO A 553 25.30 2.86 -30.08
N VAL A 554 24.07 2.38 -30.24
CA VAL A 554 23.03 3.06 -31.01
C VAL A 554 21.77 3.04 -30.15
N PRO A 555 20.92 4.07 -30.19
CA PRO A 555 19.72 4.07 -29.35
C PRO A 555 18.85 2.85 -29.59
N GLY A 556 18.33 2.29 -28.49
CA GLY A 556 17.51 1.11 -28.54
C GLY A 556 18.25 -0.21 -28.54
N GLN A 557 19.58 -0.19 -28.53
CA GLN A 557 20.37 -1.40 -28.58
C GLN A 557 20.41 -2.01 -27.17
N GLN A 558 21.14 -3.12 -27.01
CA GLN A 558 21.40 -3.68 -25.71
C GLN A 558 22.90 -3.92 -25.55
N MET A 559 23.38 -3.87 -24.32
CA MET A 559 24.78 -4.09 -24.02
C MET A 559 24.89 -4.89 -22.73
N THR A 560 26.12 -5.22 -22.36
CA THR A 560 26.40 -6.05 -21.20
C THR A 560 27.26 -5.28 -20.21
N LEU A 561 26.91 -5.35 -18.93
CA LEU A 561 27.61 -4.64 -17.86
C LEU A 561 28.19 -5.66 -16.90
N LYS A 562 29.46 -5.50 -16.54
CA LYS A 562 30.17 -6.45 -15.71
C LYS A 562 30.54 -5.80 -14.38
N ILE A 563 30.27 -6.50 -13.28
CA ILE A 563 30.54 -6.03 -11.94
C ILE A 563 31.47 -7.02 -11.24
N GLU A 564 32.35 -6.49 -10.40
CA GLU A 564 33.24 -7.32 -9.58
C GLU A 564 33.26 -6.76 -8.17
N GLY A 565 33.04 -7.65 -7.19
CA GLY A 565 33.03 -7.24 -5.80
C GLY A 565 33.18 -8.45 -4.91
N ASP A 566 33.19 -8.19 -3.60
CA ASP A 566 33.37 -9.26 -2.64
C ASP A 566 32.11 -10.14 -2.56
N HIS A 567 32.33 -11.39 -2.16
CA HIS A 567 31.26 -12.37 -2.12
C HIS A 567 30.20 -12.00 -1.07
N GLY A 568 28.95 -12.31 -1.39
CA GLY A 568 27.85 -12.12 -0.46
C GLY A 568 27.53 -10.68 -0.11
N ALA A 569 27.52 -9.78 -1.09
CA ALA A 569 27.19 -8.38 -0.87
C ALA A 569 26.00 -8.00 -1.74
N ARG A 570 25.48 -6.80 -1.49
CA ARG A 570 24.40 -6.23 -2.28
C ARG A 570 24.90 -4.98 -2.98
N VAL A 571 24.59 -4.87 -4.26
CA VAL A 571 25.00 -3.73 -5.09
C VAL A 571 23.75 -3.00 -5.54
N VAL A 572 23.70 -1.69 -5.29
CA VAL A 572 22.59 -0.85 -5.71
C VAL A 572 23.10 0.08 -6.81
N LEU A 573 22.22 0.36 -7.77
CA LEU A 573 22.62 1.07 -8.98
C LEU A 573 21.68 2.25 -9.23
N VAL A 574 22.18 3.21 -9.99
CA VAL A 574 21.37 4.33 -10.47
C VAL A 574 22.12 4.97 -11.64
N ALA A 575 21.37 5.32 -12.68
CA ALA A 575 21.92 5.98 -13.85
C ALA A 575 21.24 7.34 -14.03
N VAL A 576 22.04 8.38 -14.25
CA VAL A 576 21.52 9.73 -14.36
C VAL A 576 22.17 10.40 -15.56
N ASP A 577 21.39 11.21 -16.26
CA ASP A 577 21.92 11.97 -17.39
C ASP A 577 22.98 12.95 -16.90
N LYS A 578 23.90 13.30 -17.80
CA LYS A 578 25.00 14.18 -17.45
C LYS A 578 24.69 15.64 -17.74
N GLY A 579 23.48 15.95 -18.20
CA GLY A 579 23.08 17.32 -18.40
C GLY A 579 22.55 17.96 -17.14
N VAL A 580 22.12 17.14 -16.19
CA VAL A 580 21.60 17.65 -14.92
C VAL A 580 22.73 18.26 -14.10
N PHE A 581 23.92 17.65 -14.15
CA PHE A 581 25.03 18.13 -13.33
C PHE A 581 25.49 19.51 -13.76
N VAL A 582 25.19 19.92 -15.00
CA VAL A 582 25.56 21.25 -15.45
C VAL A 582 24.75 22.31 -14.71
N LEU A 583 23.47 22.02 -14.43
CA LEU A 583 22.61 23.00 -13.79
C LEU A 583 22.97 23.18 -12.32
N ASN A 584 23.21 22.09 -11.60
CA ASN A 584 23.50 22.17 -10.17
C ASN A 584 24.30 20.94 -9.79
N LYS A 585 25.53 21.14 -9.33
CA LYS A 585 26.48 20.05 -9.09
C LYS A 585 27.02 20.10 -7.66
N LYS A 586 26.12 20.23 -6.69
CA LYS A 586 26.50 20.28 -5.28
C LYS A 586 25.86 19.13 -4.53
N ASN A 587 26.46 18.80 -3.39
CA ASN A 587 25.93 17.82 -2.44
C ASN A 587 25.77 16.44 -3.08
N LYS A 588 26.91 15.85 -3.42
CA LYS A 588 26.98 14.49 -3.94
C LYS A 588 27.54 13.56 -2.87
N LEU A 589 27.71 12.30 -3.23
CA LEU A 589 28.19 11.27 -2.31
C LEU A 589 29.53 10.73 -2.81
N THR A 590 30.50 10.62 -1.90
CA THR A 590 31.84 10.18 -2.25
C THR A 590 32.48 9.58 -1.01
N GLN A 591 33.46 8.70 -1.22
CA GLN A 591 34.16 8.05 -0.12
C GLN A 591 34.88 9.06 0.77
N SER A 592 35.43 10.12 0.18
CA SER A 592 36.10 11.14 0.96
C SER A 592 35.15 11.75 1.99
N LYS A 593 33.89 11.92 1.62
CA LYS A 593 32.90 12.43 2.58
C LYS A 593 32.73 11.47 3.75
N ILE A 594 32.68 10.16 3.47
CA ILE A 594 32.51 9.18 4.54
C ILE A 594 33.69 9.23 5.49
N TRP A 595 34.91 9.27 4.96
CA TRP A 595 36.07 9.31 5.84
C TRP A 595 36.14 10.61 6.62
N ASP A 596 35.76 11.73 5.98
CA ASP A 596 35.74 13.00 6.70
C ASP A 596 34.76 12.95 7.86
N VAL A 597 33.57 12.39 7.62
CA VAL A 597 32.55 12.33 8.68
C VAL A 597 33.02 11.45 9.82
N VAL A 598 33.59 10.28 9.51
CA VAL A 598 34.01 9.38 10.59
C VAL A 598 35.22 9.95 11.33
N GLU A 599 36.08 10.70 10.64
CA GLU A 599 37.27 11.25 11.29
C GLU A 599 36.95 12.46 12.15
N LYS A 600 35.95 13.25 11.77
CA LYS A 600 35.67 14.49 12.49
C LYS A 600 35.13 14.27 13.89
N ALA A 601 34.70 13.04 14.22
CA ALA A 601 34.05 12.74 15.48
C ALA A 601 34.87 11.81 16.35
N ASP A 602 36.18 12.05 16.45
CA ASP A 602 37.03 11.28 17.33
C ASP A 602 36.98 11.86 18.74
N ILE A 603 37.86 11.39 19.62
CA ILE A 603 37.84 11.79 21.01
C ILE A 603 39.00 12.72 21.32
N GLY A 604 40.23 12.22 21.17
CA GLY A 604 41.40 13.01 21.45
C GLY A 604 41.76 13.89 20.28
N CYS A 605 41.74 15.21 20.47
CA CYS A 605 41.99 16.15 19.38
C CYS A 605 43.40 16.74 19.40
N THR A 606 44.09 16.68 20.53
CA THR A 606 45.47 17.14 20.59
C THR A 606 46.39 16.10 19.93
N PRO A 607 47.42 16.54 19.20
CA PRO A 607 48.35 15.56 18.61
C PRO A 607 48.98 14.62 19.61
N GLY A 608 49.34 15.10 20.80
CA GLY A 608 49.85 14.24 21.85
C GLY A 608 50.96 14.92 22.63
N SER A 609 51.58 14.12 23.50
CA SER A 609 52.70 14.54 24.34
C SER A 609 52.30 15.71 25.25
N GLY A 610 51.40 15.42 26.17
CA GLY A 610 50.91 16.40 27.12
C GLY A 610 51.97 16.84 28.12
N LYS A 611 51.50 17.55 29.15
CA LYS A 611 52.40 18.16 30.12
C LYS A 611 53.00 17.16 31.09
N ASP A 612 52.28 16.08 31.41
CA ASP A 612 52.77 15.06 32.33
C ASP A 612 52.07 13.76 32.00
N TYR A 613 52.26 12.75 32.86
CA TYR A 613 51.68 11.43 32.60
C TYR A 613 50.15 11.50 32.58
N ALA A 614 49.55 12.23 33.51
CA ALA A 614 48.11 12.42 33.47
C ALA A 614 47.70 13.16 32.20
N GLY A 615 48.50 14.15 31.79
CA GLY A 615 48.19 14.86 30.56
C GLY A 615 48.23 13.98 29.33
N VAL A 616 49.29 13.16 29.20
CA VAL A 616 49.41 12.33 28.02
C VAL A 616 48.34 11.23 28.01
N PHE A 617 47.98 10.72 29.19
CA PHE A 617 46.97 9.67 29.23
C PHE A 617 45.58 10.21 28.99
N SER A 618 45.29 11.42 29.46
CA SER A 618 43.95 11.99 29.33
C SER A 618 43.79 12.83 28.06
N ASP A 619 44.84 12.99 27.26
CA ASP A 619 44.75 13.72 26.01
C ASP A 619 44.58 12.80 24.82
N ALA A 620 44.45 11.49 25.05
CA ALA A 620 44.23 10.52 23.98
C ALA A 620 42.97 9.71 24.23
N GLY A 621 42.05 10.21 25.04
CA GLY A 621 40.83 9.49 25.34
C GLY A 621 41.06 8.18 26.06
N LEU A 622 41.91 8.20 27.08
CA LEU A 622 42.26 6.99 27.82
C LEU A 622 42.29 7.31 29.30
N THR A 623 42.00 6.30 30.13
CA THR A 623 41.94 6.46 31.57
C THR A 623 42.76 5.38 32.23
N PHE A 624 43.62 5.79 33.16
CA PHE A 624 44.52 4.91 33.88
C PHE A 624 44.27 5.04 35.38
N THR A 625 44.04 3.91 36.04
CA THR A 625 43.81 3.88 37.48
C THR A 625 44.77 2.92 38.14
N SER A 626 45.29 3.30 39.30
CA SER A 626 46.30 2.53 40.01
C SER A 626 45.86 2.27 41.43
N SER A 627 46.34 1.13 41.98
CA SER A 627 45.98 0.74 43.33
C SER A 627 46.61 1.63 44.39
N SER A 628 47.64 2.39 44.03
CA SER A 628 48.32 3.28 44.96
C SER A 628 47.77 4.70 44.94
N GLY A 629 46.66 4.93 44.24
CA GLY A 629 46.07 6.25 44.13
C GLY A 629 46.70 7.15 43.09
N GLN A 630 47.62 6.64 42.29
CA GLN A 630 48.27 7.43 41.24
C GLN A 630 47.39 7.41 39.98
N GLN A 631 46.27 8.12 40.07
CA GLN A 631 45.27 8.13 39.02
C GLN A 631 45.39 9.40 38.18
N THR A 632 44.46 9.57 37.25
CA THR A 632 44.38 10.72 36.38
C THR A 632 43.11 11.50 36.68
N ALA A 633 43.09 12.75 36.23
CA ALA A 633 41.91 13.60 36.41
C ALA A 633 40.77 13.08 35.54
N GLN A 634 39.59 13.68 35.73
CA GLN A 634 38.40 13.26 35.01
C GLN A 634 37.90 14.41 34.14
N ARG A 635 37.07 14.05 33.16
CA ARG A 635 36.38 15.01 32.32
C ARG A 635 34.91 14.64 32.26
N ALA A 636 34.05 15.65 32.09
CA ALA A 636 32.62 15.42 32.05
C ALA A 636 31.92 16.17 30.93
N GLU A 637 32.67 16.76 29.99
CA GLU A 637 32.09 17.39 28.83
C GLU A 637 32.06 16.38 27.68
N LEU A 638 31.67 16.82 26.48
CA LEU A 638 31.55 15.93 25.33
C LEU A 638 32.52 16.24 24.20
N GLN A 639 33.03 17.46 24.09
CA GLN A 639 33.97 17.81 23.05
C GLN A 639 35.12 18.60 23.66
N CYS A 640 36.31 18.42 23.08
CA CYS A 640 37.47 19.16 23.55
C CYS A 640 37.32 20.65 23.20
N PRO A 641 37.95 21.53 23.98
CA PRO A 641 37.69 22.97 23.82
C PRO A 641 38.03 23.48 22.43
N GLN A 642 37.27 24.48 21.99
CA GLN A 642 37.40 25.08 20.66
C GLN A 642 37.21 24.05 19.56
N ASP B 4 12.00 1.18 -51.81
CA ASP B 4 11.83 0.21 -52.88
C ASP B 4 11.62 0.90 -54.22
N GLU B 5 10.60 0.45 -54.97
CA GLU B 5 10.28 1.07 -56.25
C GLU B 5 9.79 2.51 -56.09
N ASP B 6 9.33 2.88 -54.90
CA ASP B 6 8.88 4.23 -54.61
C ASP B 6 9.88 4.92 -53.69
N ILE B 7 10.18 6.19 -53.99
CA ILE B 7 11.07 6.95 -53.14
C ILE B 7 10.46 7.05 -51.74
N ILE B 8 11.33 7.06 -50.73
CA ILE B 8 10.88 6.93 -49.34
C ILE B 8 10.10 8.19 -48.97
N ALA B 9 8.80 8.04 -48.80
CA ALA B 9 7.95 9.08 -48.24
C ALA B 9 7.86 8.89 -46.73
N GLU B 10 6.90 9.55 -46.08
CA GLU B 10 6.89 9.62 -44.62
C GLU B 10 5.71 8.87 -44.01
N GLU B 11 5.48 7.62 -44.43
CA GLU B 11 4.34 6.86 -43.97
C GLU B 11 4.67 5.67 -43.06
N ASN B 12 5.91 5.16 -43.11
CA ASN B 12 6.25 3.91 -42.46
C ASN B 12 7.54 4.03 -41.66
N ILE B 13 7.62 5.06 -40.81
CA ILE B 13 8.76 5.27 -39.94
C ILE B 13 8.28 5.46 -38.51
N VAL B 14 8.94 4.78 -37.58
CA VAL B 14 8.64 4.92 -36.16
C VAL B 14 9.45 6.08 -35.60
N SER B 15 9.02 6.60 -34.45
CA SER B 15 9.62 7.79 -33.86
C SER B 15 10.10 7.50 -32.45
N ARG B 16 11.28 8.01 -32.13
CA ARG B 16 11.80 7.92 -30.77
C ARG B 16 10.93 8.72 -29.81
N SER B 17 10.63 8.13 -28.66
CA SER B 17 9.67 8.76 -27.74
C SER B 17 10.21 8.90 -26.33
N GLU B 18 11.02 7.94 -25.88
CA GLU B 18 11.43 7.89 -24.48
C GLU B 18 12.55 8.89 -24.23
N PHE B 19 12.26 9.90 -23.40
CA PHE B 19 13.26 10.89 -22.99
C PHE B 19 13.20 11.07 -21.47
N PRO B 20 13.65 10.09 -20.70
CA PRO B 20 13.65 10.24 -19.24
C PRO B 20 14.90 10.94 -18.76
N GLU B 21 15.03 11.14 -17.45
CA GLU B 21 16.19 11.79 -16.86
C GLU B 21 16.98 10.90 -15.92
N SER B 22 16.37 9.86 -15.35
CA SER B 22 17.09 8.94 -14.47
C SER B 22 16.36 7.61 -14.48
N TRP B 23 17.12 6.54 -14.72
CA TRP B 23 16.55 5.20 -14.84
C TRP B 23 17.51 4.20 -14.22
N LEU B 24 17.13 2.92 -14.25
CA LEU B 24 17.91 1.84 -13.65
C LEU B 24 18.01 2.00 -12.14
N TRP B 25 16.86 2.15 -11.49
CA TRP B 25 16.80 2.27 -10.03
C TRP B 25 16.57 0.89 -9.40
N ASN B 26 17.46 -0.04 -9.74
CA ASN B 26 17.31 -1.45 -9.37
C ASN B 26 18.24 -1.81 -8.22
N VAL B 27 18.12 -3.06 -7.76
CA VAL B 27 18.99 -3.63 -6.74
C VAL B 27 19.45 -5.01 -7.21
N GLU B 28 20.71 -5.31 -6.96
CA GLU B 28 21.33 -6.53 -7.48
C GLU B 28 22.12 -7.21 -6.38
N ASP B 29 22.16 -8.54 -6.43
CA ASP B 29 22.83 -9.36 -5.44
C ASP B 29 23.91 -10.21 -6.10
N LEU B 30 24.98 -10.46 -5.37
CA LEU B 30 26.11 -11.25 -5.86
C LEU B 30 26.15 -12.58 -5.11
N LYS B 31 26.07 -13.68 -5.86
CA LYS B 31 26.19 -15.01 -5.25
C LYS B 31 26.98 -15.98 -6.13
N GLU B 32 27.75 -15.46 -7.08
CA GLU B 32 28.60 -16.32 -7.90
C GLU B 32 29.66 -16.99 -7.02
N PRO B 33 30.00 -18.25 -7.29
CA PRO B 33 31.04 -18.92 -6.50
C PRO B 33 32.35 -18.14 -6.54
N PRO B 34 33.05 -18.04 -5.41
CA PRO B 34 34.22 -17.16 -5.34
C PRO B 34 35.38 -17.66 -6.19
N LYS B 35 36.25 -16.70 -6.54
CA LYS B 35 37.50 -17.00 -7.21
C LYS B 35 38.51 -15.96 -6.73
N ASN B 36 39.33 -16.34 -5.76
CA ASN B 36 40.23 -15.41 -5.07
C ASN B 36 39.44 -14.27 -4.43
N GLY B 37 38.27 -14.59 -3.90
CA GLY B 37 37.45 -13.62 -3.20
C GLY B 37 36.74 -12.61 -4.07
N ILE B 38 36.74 -12.80 -5.39
CA ILE B 38 36.09 -11.86 -6.31
C ILE B 38 34.98 -12.61 -7.04
N SER B 39 33.75 -12.16 -6.86
CA SER B 39 32.60 -12.74 -7.53
C SER B 39 32.19 -11.84 -8.69
N THR B 40 31.84 -12.45 -9.81
CA THR B 40 31.49 -11.73 -11.03
C THR B 40 30.05 -12.04 -11.42
N LYS B 41 29.29 -11.00 -11.73
CA LYS B 41 27.91 -11.13 -12.20
C LYS B 41 27.76 -10.41 -13.52
N LEU B 42 26.97 -10.98 -14.42
CA LEU B 42 26.73 -10.41 -15.74
C LEU B 42 25.26 -10.00 -15.84
N MET B 43 25.03 -8.76 -16.25
CA MET B 43 23.68 -8.23 -16.39
C MET B 43 23.54 -7.52 -17.72
N ASN B 44 22.31 -7.47 -18.23
CA ASN B 44 21.99 -6.86 -19.51
C ASN B 44 21.07 -5.67 -19.31
N ILE B 45 21.29 -4.63 -20.11
CA ILE B 45 20.49 -3.41 -20.04
C ILE B 45 20.11 -2.97 -21.45
N PHE B 46 18.91 -2.43 -21.57
CA PHE B 46 18.42 -1.88 -22.82
C PHE B 46 18.45 -0.36 -22.75
N LEU B 47 19.22 0.26 -23.64
CA LEU B 47 19.43 1.70 -23.60
C LEU B 47 18.16 2.45 -23.98
N LYS B 48 18.14 3.74 -23.65
CA LYS B 48 16.99 4.60 -23.92
C LYS B 48 17.12 5.21 -25.31
N ASP B 49 16.30 6.23 -25.59
CA ASP B 49 16.24 6.85 -26.91
C ASP B 49 16.71 8.30 -26.88
N SER B 50 17.77 8.59 -26.13
CA SER B 50 18.35 9.92 -26.08
C SER B 50 19.78 9.86 -26.62
N ILE B 51 20.25 11.01 -27.10
CA ILE B 51 21.62 11.13 -27.58
C ILE B 51 22.40 12.00 -26.61
N THR B 52 23.07 11.37 -25.64
CA THR B 52 23.74 12.07 -24.56
C THR B 52 24.80 11.15 -23.98
N THR B 53 25.29 11.48 -22.79
CA THR B 53 26.27 10.68 -22.08
C THR B 53 25.70 10.28 -20.73
N TRP B 54 25.50 8.98 -20.53
CA TRP B 54 24.96 8.47 -19.28
C TRP B 54 26.07 8.16 -18.29
N GLU B 55 25.80 8.42 -17.02
CA GLU B 55 26.73 8.21 -15.93
C GLU B 55 26.14 7.21 -14.94
N ILE B 56 26.90 6.16 -14.63
CA ILE B 56 26.44 5.05 -13.80
C ILE B 56 27.31 4.98 -12.55
N LEU B 57 26.66 4.86 -11.39
CA LEU B 57 27.33 4.82 -10.10
C LEU B 57 26.73 3.70 -9.27
N ALA B 58 27.57 2.99 -8.53
CA ALA B 58 27.14 1.85 -7.72
C ALA B 58 27.76 1.92 -6.33
N VAL B 59 27.01 1.44 -5.34
CA VAL B 59 27.43 1.44 -3.94
C VAL B 59 27.25 0.04 -3.38
N SER B 60 28.27 -0.49 -2.73
CA SER B 60 28.25 -1.83 -2.17
C SER B 60 28.33 -1.78 -0.66
N MET B 61 27.63 -2.70 0.00
CA MET B 61 27.63 -2.74 1.47
C MET B 61 27.49 -4.19 1.91
N SER B 62 28.62 -4.80 2.29
CA SER B 62 28.68 -6.18 2.72
C SER B 62 28.61 -6.25 4.25
N ASP B 63 28.85 -7.45 4.79
CA ASP B 63 28.79 -7.67 6.24
C ASP B 63 30.14 -7.93 6.88
N LYS B 64 31.18 -8.23 6.10
CA LYS B 64 32.50 -8.49 6.66
C LYS B 64 33.47 -7.34 6.47
N LYS B 65 33.29 -6.53 5.44
CA LYS B 65 34.17 -5.39 5.16
C LYS B 65 33.54 -4.05 5.50
N GLY B 66 32.28 -3.84 5.13
CA GLY B 66 31.62 -2.59 5.46
C GLY B 66 30.87 -1.98 4.30
N ILE B 67 31.25 -0.76 3.91
CA ILE B 67 30.60 -0.02 2.84
C ILE B 67 31.67 0.60 1.95
N CYS B 68 31.49 0.46 0.63
CA CYS B 68 32.38 1.10 -0.32
C CYS B 68 31.56 1.68 -1.47
N VAL B 69 32.13 2.69 -2.12
CA VAL B 69 31.49 3.40 -3.22
C VAL B 69 32.38 3.26 -4.45
N ALA B 70 31.77 2.86 -5.57
CA ALA B 70 32.52 2.62 -6.79
C ALA B 70 32.84 3.95 -7.47
N ASP B 71 33.40 3.87 -8.68
CA ASP B 71 33.75 5.03 -9.48
C ASP B 71 32.71 5.27 -10.56
N PRO B 72 32.54 6.52 -10.98
CA PRO B 72 31.58 6.80 -12.07
C PRO B 72 32.01 6.10 -13.36
N PHE B 73 31.01 5.62 -14.10
CA PHE B 73 31.21 4.99 -15.39
C PHE B 73 30.43 5.78 -16.43
N GLU B 74 30.98 5.91 -17.63
CA GLU B 74 30.39 6.75 -18.67
C GLU B 74 30.08 5.93 -19.92
N VAL B 75 28.89 6.13 -20.46
CA VAL B 75 28.45 5.46 -21.68
C VAL B 75 27.95 6.52 -22.65
N THR B 76 28.46 6.48 -23.88
CA THR B 76 28.13 7.47 -24.90
C THR B 76 27.23 6.85 -25.95
N VAL B 77 26.11 7.52 -26.25
CA VAL B 77 25.17 7.09 -27.27
C VAL B 77 25.22 8.09 -28.41
N MET B 78 25.43 7.59 -29.63
CA MET B 78 25.71 8.47 -30.75
C MET B 78 25.13 7.90 -32.03
N GLN B 79 24.69 8.79 -32.92
CA GLN B 79 24.21 8.43 -34.25
C GLN B 79 24.97 9.22 -35.31
N ASP B 80 24.50 9.19 -36.56
CA ASP B 80 25.17 9.86 -37.66
C ASP B 80 24.41 11.05 -38.21
N PHE B 81 23.14 10.87 -38.56
CA PHE B 81 22.26 11.92 -39.05
C PHE B 81 21.03 11.95 -38.15
N PHE B 82 20.70 13.12 -37.60
CA PHE B 82 19.55 13.13 -36.70
C PHE B 82 18.97 14.53 -36.56
N ILE B 83 17.96 14.64 -35.69
CA ILE B 83 17.13 15.82 -35.54
C ILE B 83 17.11 16.24 -34.08
N ASP B 84 17.24 17.54 -33.84
CA ASP B 84 17.18 18.13 -32.51
C ASP B 84 16.00 19.08 -32.44
N LEU B 85 15.23 19.00 -31.36
CA LEU B 85 14.03 19.82 -31.17
C LEU B 85 14.15 20.58 -29.85
N ARG B 86 14.00 21.90 -29.93
CA ARG B 86 14.05 22.77 -28.75
C ARG B 86 12.68 23.39 -28.56
N LEU B 87 12.12 23.22 -27.36
CA LEU B 87 10.79 23.72 -27.06
C LEU B 87 10.81 24.54 -25.78
N PRO B 88 9.94 25.54 -25.66
CA PRO B 88 9.83 26.28 -24.40
C PRO B 88 9.14 25.44 -23.33
N TYR B 89 9.29 25.88 -22.09
CA TYR B 89 8.68 25.16 -20.97
C TYR B 89 7.16 25.25 -21.01
N SER B 90 6.62 26.45 -21.19
CA SER B 90 5.18 26.66 -21.23
C SER B 90 4.84 27.70 -22.28
N VAL B 91 3.61 27.63 -22.78
CA VAL B 91 3.15 28.48 -23.87
C VAL B 91 1.80 29.08 -23.47
N VAL B 92 1.61 30.36 -23.80
CA VAL B 92 0.37 31.05 -23.48
C VAL B 92 -0.67 30.73 -24.54
N ARG B 93 -1.91 30.49 -24.09
CA ARG B 93 -2.98 30.10 -25.00
C ARG B 93 -3.36 31.26 -25.93
N ASN B 94 -3.68 30.92 -27.17
CA ASN B 94 -4.18 31.88 -28.18
C ASN B 94 -3.17 32.99 -28.44
N GLU B 95 -1.94 32.60 -28.79
CA GLU B 95 -0.90 33.55 -29.15
C GLU B 95 0.06 32.90 -30.13
N GLN B 96 0.50 33.67 -31.11
CA GLN B 96 1.47 33.19 -32.09
C GLN B 96 2.73 32.69 -31.37
N VAL B 97 3.22 31.53 -31.78
CA VAL B 97 4.43 30.95 -31.19
C VAL B 97 5.28 30.37 -32.30
N GLU B 98 6.58 30.53 -32.19
CA GLU B 98 7.53 29.97 -33.15
C GLU B 98 8.38 28.90 -32.49
N ILE B 99 8.55 27.78 -33.19
CA ILE B 99 9.39 26.69 -32.73
C ILE B 99 10.42 26.39 -33.82
N ARG B 100 11.49 25.72 -33.44
CA ARG B 100 12.59 25.46 -34.36
C ARG B 100 12.95 23.98 -34.34
N ALA B 101 13.40 23.49 -35.49
CA ALA B 101 13.95 22.14 -35.60
C ALA B 101 15.32 22.24 -36.26
N VAL B 102 16.28 21.47 -35.75
CA VAL B 102 17.65 21.53 -36.25
C VAL B 102 18.02 20.15 -36.79
N LEU B 103 18.60 20.14 -37.99
CA LEU B 103 19.08 18.92 -38.61
C LEU B 103 20.60 18.85 -38.46
N TYR B 104 21.10 17.75 -37.90
CA TYR B 104 22.52 17.53 -37.66
C TYR B 104 23.03 16.48 -38.63
N ASN B 105 24.04 16.83 -39.41
CA ASN B 105 24.73 15.93 -40.34
C ASN B 105 26.19 15.82 -39.93
N TYR B 106 26.65 14.59 -39.75
CA TYR B 106 28.01 14.28 -39.26
C TYR B 106 28.68 13.24 -40.14
N ARG B 107 28.63 13.45 -41.46
CA ARG B 107 29.32 12.60 -42.41
C ARG B 107 30.49 13.37 -43.02
N GLN B 108 31.62 12.68 -43.15
CA GLN B 108 32.87 13.36 -43.53
C GLN B 108 32.81 13.90 -44.95
N ASN B 109 32.36 13.09 -45.90
CA ASN B 109 32.30 13.48 -47.31
C ASN B 109 30.97 13.00 -47.88
N GLN B 110 29.97 13.88 -47.81
CA GLN B 110 28.63 13.54 -48.27
C GLN B 110 27.80 14.80 -48.37
N GLU B 111 26.77 14.77 -49.21
CA GLU B 111 25.77 15.83 -49.30
C GLU B 111 24.40 15.18 -49.25
N LEU B 112 23.49 15.75 -48.46
CA LEU B 112 22.18 15.17 -48.24
C LEU B 112 21.10 16.13 -48.71
N LYS B 113 20.11 15.59 -49.41
CA LYS B 113 18.91 16.32 -49.81
C LYS B 113 17.73 15.62 -49.16
N VAL B 114 17.13 16.26 -48.16
CA VAL B 114 16.18 15.59 -47.29
C VAL B 114 14.82 16.27 -47.34
N ARG B 115 13.79 15.49 -47.03
CA ARG B 115 12.41 15.95 -46.93
C ARG B 115 12.00 15.99 -45.47
N VAL B 116 11.37 17.09 -45.07
CA VAL B 116 10.94 17.32 -43.69
C VAL B 116 9.43 17.53 -43.70
N GLU B 117 8.73 16.87 -42.77
CA GLU B 117 7.29 16.95 -42.64
C GLU B 117 6.91 17.18 -41.20
N LEU B 118 5.84 17.95 -40.99
CA LEU B 118 5.25 18.19 -39.68
C LEU B 118 3.81 17.71 -39.71
N LEU B 119 3.52 16.68 -38.93
CA LEU B 119 2.16 16.16 -38.87
C LEU B 119 1.24 17.16 -38.20
N HIS B 120 -0.02 17.14 -38.60
CA HIS B 120 -1.00 18.08 -38.08
C HIS B 120 -1.63 17.55 -36.80
N ASN B 121 -2.38 18.42 -36.12
CA ASN B 121 -2.98 18.11 -34.84
C ASN B 121 -4.20 19.02 -34.67
N PRO B 122 -5.37 18.46 -34.37
CA PRO B 122 -6.56 19.30 -34.18
C PRO B 122 -6.39 20.38 -33.13
N ALA B 123 -5.62 20.12 -32.07
CA ALA B 123 -5.48 21.11 -31.00
C ALA B 123 -4.64 22.32 -31.42
N PHE B 124 -3.94 22.25 -32.55
CA PHE B 124 -3.18 23.36 -33.06
C PHE B 124 -3.78 23.83 -34.39
N CYS B 125 -3.43 25.05 -34.77
CA CYS B 125 -3.78 25.59 -36.08
C CYS B 125 -2.52 26.02 -36.81
N SER B 126 -2.35 25.52 -38.03
CA SER B 126 -1.19 25.84 -38.85
C SER B 126 -1.61 25.80 -40.31
N LEU B 127 -0.63 25.75 -41.20
CA LEU B 127 -0.91 25.68 -42.63
C LEU B 127 -1.16 24.27 -43.12
N ALA B 128 -1.10 23.27 -42.25
CA ALA B 128 -1.28 21.88 -42.62
C ALA B 128 -2.67 21.42 -42.21
N THR B 129 -3.52 21.14 -43.19
CA THR B 129 -4.86 20.65 -42.96
C THR B 129 -4.89 19.13 -43.15
N THR B 130 -6.10 18.56 -43.11
CA THR B 130 -6.22 17.12 -43.30
C THR B 130 -5.84 16.71 -44.73
N LYS B 131 -6.31 17.47 -45.72
CA LYS B 131 -6.06 17.10 -47.11
C LYS B 131 -4.61 17.33 -47.51
N ARG B 132 -4.05 18.47 -47.14
CA ARG B 132 -2.71 18.87 -47.55
C ARG B 132 -1.86 19.15 -46.33
N ARG B 133 -0.61 18.72 -46.37
CA ARG B 133 0.29 18.83 -45.22
C ARG B 133 1.62 19.42 -45.66
N HIS B 134 2.36 19.94 -44.68
CA HIS B 134 3.65 20.55 -44.93
C HIS B 134 4.65 19.53 -45.48
N GLN B 135 5.41 19.96 -46.49
CA GLN B 135 6.47 19.14 -47.05
C GLN B 135 7.58 20.09 -47.53
N GLN B 136 8.75 20.00 -46.93
CA GLN B 136 9.87 20.86 -47.29
C GLN B 136 11.03 20.02 -47.78
N THR B 137 11.76 20.54 -48.77
CA THR B 137 12.95 19.89 -49.30
C THR B 137 14.15 20.81 -49.07
N VAL B 138 15.17 20.30 -48.38
CA VAL B 138 16.34 21.11 -48.04
C VAL B 138 17.60 20.30 -48.31
N THR B 139 18.72 21.01 -48.32
CA THR B 139 20.04 20.43 -48.60
C THR B 139 20.99 20.78 -47.46
N ILE B 140 21.68 19.78 -46.95
CA ILE B 140 22.55 19.90 -45.78
C ILE B 140 24.00 19.83 -46.24
N PRO B 141 24.83 20.81 -45.91
CA PRO B 141 26.27 20.68 -46.18
C PRO B 141 26.91 19.69 -45.23
N PRO B 142 28.05 19.10 -45.61
CA PRO B 142 28.66 18.07 -44.75
C PRO B 142 29.16 18.65 -43.43
N LYS B 143 29.07 17.84 -42.39
CA LYS B 143 29.53 18.18 -41.04
C LYS B 143 28.96 19.53 -40.60
N SER B 144 27.64 19.60 -40.49
CA SER B 144 27.01 20.89 -40.28
C SER B 144 25.60 20.70 -39.72
N SER B 145 24.87 21.81 -39.64
CA SER B 145 23.55 21.87 -39.05
C SER B 145 22.69 22.83 -39.86
N LEU B 146 21.39 22.59 -39.83
CA LEU B 146 20.44 23.48 -40.50
C LEU B 146 19.24 23.72 -39.59
N SER B 147 18.58 24.85 -39.78
CA SER B 147 17.47 25.27 -38.93
C SER B 147 16.22 25.48 -39.77
N VAL B 148 15.09 24.99 -39.29
CA VAL B 148 13.80 25.19 -39.93
C VAL B 148 12.79 25.69 -38.90
N PRO B 149 12.14 26.83 -39.16
CA PRO B 149 11.15 27.35 -38.21
C PRO B 149 9.73 26.95 -38.53
N TYR B 150 8.88 26.85 -37.51
CA TYR B 150 7.46 26.56 -37.68
C TYR B 150 6.64 27.49 -36.79
N VAL B 151 5.42 27.77 -37.21
CA VAL B 151 4.52 28.70 -36.54
C VAL B 151 3.31 27.93 -36.04
N ILE B 152 2.86 28.26 -34.82
CA ILE B 152 1.82 27.50 -34.14
C ILE B 152 0.92 28.46 -33.37
N VAL B 153 -0.36 28.16 -33.31
CA VAL B 153 -1.32 28.87 -32.48
C VAL B 153 -2.04 27.84 -31.61
N PRO B 154 -1.70 27.77 -30.32
CA PRO B 154 -2.39 26.83 -29.42
C PRO B 154 -3.85 27.21 -29.26
N LEU B 155 -4.67 26.19 -28.97
CA LEU B 155 -6.11 26.41 -28.89
C LEU B 155 -6.72 25.87 -27.60
N LYS B 156 -6.13 24.81 -27.04
CA LYS B 156 -6.67 24.18 -25.85
C LYS B 156 -5.58 23.99 -24.80
N THR B 157 -5.97 24.13 -23.54
CA THR B 157 -5.01 24.08 -22.44
C THR B 157 -4.63 22.63 -22.12
N GLY B 158 -3.55 22.48 -21.36
CA GLY B 158 -3.12 21.16 -20.91
C GLY B 158 -1.81 20.69 -21.51
N LEU B 159 -1.72 19.41 -21.86
CA LEU B 159 -0.55 18.84 -22.48
C LEU B 159 -0.82 18.59 -23.95
N GLN B 160 0.16 18.92 -24.80
CA GLN B 160 0.03 18.73 -26.24
C GLN B 160 1.26 18.04 -26.79
N GLU B 161 1.09 17.38 -27.93
CA GLU B 161 2.12 16.53 -28.52
C GLU B 161 2.47 17.04 -29.92
N VAL B 162 3.77 17.10 -30.21
CA VAL B 162 4.28 17.60 -31.49
C VAL B 162 5.18 16.53 -32.10
N GLU B 163 4.95 16.23 -33.38
CA GLU B 163 5.70 15.23 -34.13
C GLU B 163 6.39 15.87 -35.32
N VAL B 164 7.59 15.38 -35.62
CA VAL B 164 8.34 15.84 -36.80
C VAL B 164 9.00 14.62 -37.44
N LYS B 165 8.92 14.52 -38.77
CA LYS B 165 9.49 13.38 -39.48
C LYS B 165 10.39 13.87 -40.60
N ALA B 166 11.39 13.06 -40.94
CA ALA B 166 12.33 13.42 -41.99
C ALA B 166 12.83 12.18 -42.70
N ALA B 167 13.03 12.29 -44.01
CA ALA B 167 13.51 11.20 -44.84
C ALA B 167 14.60 11.69 -45.76
N VAL B 168 15.45 10.76 -46.19
CA VAL B 168 16.62 11.07 -47.00
C VAL B 168 16.48 10.39 -48.36
N TYR B 169 16.80 11.13 -49.42
CA TYR B 169 16.74 10.58 -50.76
C TYR B 169 17.92 9.66 -51.04
N HIS B 170 17.69 8.67 -51.90
CA HIS B 170 18.68 7.75 -52.45
C HIS B 170 19.35 6.89 -51.39
N HIS B 171 18.93 6.96 -50.12
CA HIS B 171 19.48 6.11 -49.07
C HIS B 171 18.35 5.66 -48.16
N PHE B 172 18.58 4.57 -47.45
CA PHE B 172 17.59 3.98 -46.57
C PHE B 172 17.81 4.40 -45.12
N ILE B 173 17.69 5.71 -44.88
CA ILE B 173 17.83 6.29 -43.54
C ILE B 173 16.74 7.33 -43.36
N SER B 174 16.20 7.41 -42.14
CA SER B 174 15.12 8.33 -41.85
C SER B 174 15.07 8.54 -40.34
N ASP B 175 14.32 9.56 -39.92
CA ASP B 175 14.24 9.88 -38.50
C ASP B 175 12.90 10.50 -38.17
N GLY B 176 12.56 10.47 -36.88
CA GLY B 176 11.31 11.02 -36.40
C GLY B 176 11.30 11.27 -34.91
N VAL B 177 10.84 12.45 -34.50
CA VAL B 177 10.85 12.86 -33.10
C VAL B 177 9.42 13.19 -32.67
N ARG B 178 9.12 12.94 -31.40
CA ARG B 178 7.78 13.19 -30.85
C ARG B 178 7.94 13.70 -29.42
N LYS B 179 7.64 14.97 -29.21
CA LYS B 179 7.81 15.62 -27.91
C LYS B 179 6.47 16.17 -27.42
N SER B 180 6.50 16.79 -26.24
CA SER B 180 5.29 17.33 -25.62
C SER B 180 5.59 18.68 -25.00
N LEU B 181 4.54 19.49 -24.86
CA LEU B 181 4.66 20.80 -24.23
C LEU B 181 3.37 21.12 -23.50
N LYS B 182 3.39 22.24 -22.76
CA LYS B 182 2.28 22.67 -21.93
C LYS B 182 1.61 23.91 -22.51
N VAL B 183 0.32 24.05 -22.22
CA VAL B 183 -0.46 25.23 -22.59
C VAL B 183 -1.25 25.67 -21.37
N VAL B 184 -1.16 26.96 -21.05
CA VAL B 184 -1.75 27.52 -19.83
C VAL B 184 -2.64 28.71 -20.19
N PRO B 185 -3.62 29.07 -19.33
CA PRO B 185 -4.55 30.15 -19.68
C PRO B 185 -3.91 31.53 -19.69
N GLU B 186 -4.72 32.55 -19.92
CA GLU B 186 -4.27 33.93 -20.00
C GLU B 186 -4.55 34.67 -18.70
N GLY B 187 -3.64 35.56 -18.33
CA GLY B 187 -3.79 36.40 -17.16
C GLY B 187 -2.60 36.24 -16.24
N ILE B 188 -2.83 36.55 -14.96
CA ILE B 188 -1.80 36.45 -13.94
C ILE B 188 -2.35 35.64 -12.77
N ARG B 189 -1.44 35.08 -11.98
CA ARG B 189 -1.78 34.24 -10.85
C ARG B 189 -1.60 35.02 -9.56
N MET B 190 -2.66 35.09 -8.75
CA MET B 190 -2.58 35.78 -7.47
C MET B 190 -3.39 35.00 -6.45
N ASN B 191 -3.06 35.20 -5.18
CA ASN B 191 -3.73 34.56 -4.06
C ASN B 191 -4.44 35.59 -3.21
N LYS B 192 -5.57 35.20 -2.63
CA LYS B 192 -6.38 36.07 -1.79
C LYS B 192 -6.56 35.43 -0.42
N THR B 193 -6.30 36.20 0.63
CA THR B 193 -6.43 35.71 2.00
C THR B 193 -7.86 35.97 2.47
N VAL B 194 -8.57 34.91 2.82
CA VAL B 194 -9.98 35.02 3.19
C VAL B 194 -10.15 35.20 4.69
N ALA B 195 -9.57 34.32 5.50
CA ALA B 195 -9.79 34.38 6.94
C ALA B 195 -8.60 33.79 7.69
N VAL B 196 -8.27 34.42 8.81
CA VAL B 196 -7.26 33.92 9.76
C VAL B 196 -7.89 33.97 11.13
N ARG B 197 -7.91 32.83 11.83
CA ARG B 197 -8.56 32.74 13.13
C ARG B 197 -7.67 31.99 14.11
N THR B 198 -7.90 32.28 15.39
CA THR B 198 -7.21 31.61 16.49
C THR B 198 -8.20 30.72 17.23
N LEU B 199 -7.70 29.61 17.75
CA LEU B 199 -8.51 28.65 18.49
C LEU B 199 -7.97 28.51 19.90
N ASP B 200 -8.84 28.70 20.89
CA ASP B 200 -8.48 28.64 22.30
C ASP B 200 -9.72 28.35 23.13
N PRO B 201 -10.10 27.08 23.28
CA PRO B 201 -11.29 26.76 24.07
C PRO B 201 -11.09 27.11 25.54
N GLU B 202 -12.23 27.22 26.25
CA GLU B 202 -12.36 27.60 27.65
C GLU B 202 -12.11 29.07 27.90
N ARG B 203 -11.74 29.84 26.87
CA ARG B 203 -11.51 31.27 27.03
C ARG B 203 -12.19 32.13 25.97
N LEU B 204 -12.51 31.58 24.80
CA LEU B 204 -13.21 32.32 23.76
C LEU B 204 -14.55 31.72 23.37
N GLY B 205 -14.71 30.41 23.52
CA GLY B 205 -15.94 29.74 23.14
C GLY B 205 -16.92 29.67 24.29
N ARG B 206 -17.91 28.79 24.14
CA ARG B 206 -18.97 28.60 25.13
C ARG B 206 -18.86 27.17 25.66
N GLU B 207 -18.26 27.02 26.84
CA GLU B 207 -18.12 25.73 27.51
C GLU B 207 -17.38 24.73 26.61
N GLY B 208 -16.13 25.04 26.34
CA GLY B 208 -15.28 24.16 25.57
C GLY B 208 -15.48 24.25 24.07
N VAL B 209 -16.67 23.88 23.60
CA VAL B 209 -16.93 23.82 22.18
C VAL B 209 -16.94 25.24 21.60
N GLN B 210 -16.12 25.46 20.57
CA GLN B 210 -16.04 26.73 19.86
C GLN B 210 -16.40 26.49 18.41
N LYS B 211 -17.32 27.29 17.88
CA LYS B 211 -17.79 27.15 16.51
C LYS B 211 -17.54 28.44 15.75
N GLU B 212 -17.13 28.30 14.49
CA GLU B 212 -16.80 29.43 13.64
C GLU B 212 -17.61 29.37 12.36
N ASP B 213 -17.36 30.33 11.46
CA ASP B 213 -18.00 30.37 10.15
C ASP B 213 -17.07 31.10 9.20
N ILE B 214 -17.00 30.62 7.96
CA ILE B 214 -16.10 31.16 6.95
C ILE B 214 -16.95 31.61 5.77
N PRO B 215 -16.99 32.90 5.46
CA PRO B 215 -17.78 33.37 4.31
C PRO B 215 -17.15 32.94 3.00
N PRO B 216 -17.94 32.83 1.93
CA PRO B 216 -17.37 32.54 0.61
C PRO B 216 -16.54 33.70 0.10
N ALA B 217 -15.59 33.37 -0.78
CA ALA B 217 -14.73 34.37 -1.38
C ALA B 217 -15.47 35.15 -2.46
N ASP B 218 -14.85 36.25 -2.91
CA ASP B 218 -15.50 37.13 -3.88
C ASP B 218 -15.34 36.61 -5.31
N LEU B 219 -14.10 36.52 -5.79
CA LEU B 219 -13.79 36.08 -7.15
C LEU B 219 -14.54 36.92 -8.18
N SER B 220 -14.35 38.23 -8.10
CA SER B 220 -15.08 39.16 -8.97
C SER B 220 -14.56 39.14 -10.40
N ASP B 221 -13.25 39.10 -10.58
CA ASP B 221 -12.62 39.28 -11.89
C ASP B 221 -11.95 38.00 -12.36
N GLN B 222 -12.59 36.86 -12.14
CA GLN B 222 -12.05 35.58 -12.59
C GLN B 222 -12.07 35.51 -14.12
N VAL B 223 -11.03 34.90 -14.68
CA VAL B 223 -11.01 34.64 -16.12
C VAL B 223 -12.08 33.61 -16.46
N PRO B 224 -12.89 33.82 -17.49
CA PRO B 224 -13.91 32.83 -17.85
C PRO B 224 -13.29 31.50 -18.22
N ASP B 225 -13.99 30.42 -17.84
CA ASP B 225 -13.54 29.05 -18.06
C ASP B 225 -12.19 28.80 -17.39
N THR B 226 -12.19 28.94 -16.06
CA THR B 226 -11.00 28.70 -15.26
C THR B 226 -11.45 28.19 -13.90
N GLU B 227 -10.57 27.44 -13.24
CA GLU B 227 -10.87 26.82 -11.96
C GLU B 227 -10.02 27.42 -10.85
N SER B 228 -10.65 27.72 -9.72
CA SER B 228 -9.97 28.24 -8.55
C SER B 228 -9.59 27.07 -7.63
N GLU B 229 -8.98 27.40 -6.49
CA GLU B 229 -8.59 26.37 -5.53
C GLU B 229 -8.46 26.99 -4.15
N THR B 230 -9.07 26.34 -3.16
CA THR B 230 -9.06 26.81 -1.77
C THR B 230 -8.27 25.84 -0.91
N ARG B 231 -7.41 26.38 -0.05
CA ARG B 231 -6.60 25.58 0.85
C ARG B 231 -6.86 26.01 2.29
N ILE B 232 -7.00 25.01 3.16
CA ILE B 232 -7.20 25.23 4.60
C ILE B 232 -5.95 24.74 5.30
N LEU B 233 -5.31 25.63 6.04
CA LEU B 233 -4.07 25.32 6.76
C LEU B 233 -4.35 25.41 8.25
N LEU B 234 -4.02 24.34 8.97
CA LEU B 234 -4.21 24.26 10.42
C LEU B 234 -2.87 23.96 11.06
N GLN B 235 -2.59 24.65 12.17
CA GLN B 235 -1.31 24.48 12.85
C GLN B 235 -1.50 24.67 14.35
N GLY B 236 -0.58 24.08 15.11
CA GLY B 236 -0.55 24.24 16.55
C GLY B 236 0.65 25.04 16.98
N THR B 237 0.50 25.81 18.06
CA THR B 237 1.57 26.68 18.54
C THR B 237 2.10 26.14 19.86
N PRO B 238 3.37 25.74 19.92
CA PRO B 238 3.94 25.32 21.22
C PRO B 238 4.21 26.53 22.08
N VAL B 239 3.54 26.59 23.23
CA VAL B 239 3.51 27.79 24.06
C VAL B 239 4.17 27.50 25.40
N ALA B 240 5.21 26.67 25.37
CA ALA B 240 6.00 26.38 26.57
C ALA B 240 6.34 27.68 27.29
N GLN B 241 5.81 27.82 28.50
CA GLN B 241 5.67 29.11 29.15
C GLN B 241 6.76 29.32 30.20
N MET B 242 6.60 30.39 30.97
CA MET B 242 7.56 30.81 32.00
C MET B 242 7.39 29.98 33.26
N THR B 243 7.92 30.47 34.38
CA THR B 243 7.97 29.73 35.64
C THR B 243 8.82 28.48 35.48
N GLU B 244 10.09 28.72 35.15
CA GLU B 244 11.07 27.66 34.92
C GLU B 244 11.60 27.12 36.24
N ASP B 245 12.73 26.41 36.19
CA ASP B 245 13.34 25.82 37.36
C ASP B 245 13.79 26.90 38.34
N ALA B 246 14.31 26.49 39.50
CA ALA B 246 14.87 27.43 40.46
C ALA B 246 16.21 27.95 39.94
N VAL B 247 16.88 28.72 40.80
CA VAL B 247 18.20 29.25 40.44
C VAL B 247 19.14 28.10 40.12
N ASP B 248 19.90 28.25 39.04
CA ASP B 248 20.78 27.19 38.56
C ASP B 248 21.92 26.94 39.55
N ALA B 249 22.77 25.97 39.20
CA ALA B 249 23.86 25.54 40.05
C ALA B 249 25.09 26.43 39.94
N GLU B 250 24.94 27.64 39.41
CA GLU B 250 26.08 28.54 39.29
C GLU B 250 26.48 29.12 40.64
N ARG B 251 25.52 29.51 41.46
CA ARG B 251 25.77 30.13 42.75
C ARG B 251 25.29 29.27 43.91
N LEU B 252 25.28 27.95 43.72
CA LEU B 252 24.94 27.00 44.78
C LEU B 252 26.18 26.43 45.45
N LYS B 253 27.25 27.22 45.53
CA LYS B 253 28.51 26.78 46.13
C LYS B 253 28.64 27.15 47.60
N HIS B 254 27.70 27.90 48.15
CA HIS B 254 27.69 28.18 49.58
C HIS B 254 26.92 27.15 50.38
N LEU B 255 26.29 26.18 49.71
CA LEU B 255 25.60 25.08 50.37
C LEU B 255 26.55 23.98 50.82
N ILE B 256 27.83 24.08 50.46
CA ILE B 256 28.79 23.03 50.73
C ILE B 256 28.99 22.92 52.24
N VAL B 257 28.44 21.86 52.84
CA VAL B 257 28.62 21.55 54.25
C VAL B 257 29.16 20.12 54.33
N THR B 258 30.38 19.99 54.83
CA THR B 258 31.02 18.68 54.90
C THR B 258 30.35 17.84 55.98
N PRO B 259 29.91 16.62 55.66
CA PRO B 259 29.29 15.76 56.68
C PRO B 259 30.34 15.17 57.60
N SER B 260 30.39 15.67 58.83
CA SER B 260 31.39 15.22 59.79
C SER B 260 30.89 15.51 61.20
N GLY B 261 31.36 14.70 62.15
CA GLY B 261 31.02 14.91 63.55
C GLY B 261 30.12 13.83 64.13
N CYS B 262 29.30 14.22 65.10
CA CYS B 262 28.41 13.29 65.79
C CYS B 262 27.16 13.06 64.93
N GLY B 263 26.15 12.42 65.51
CA GLY B 263 24.97 12.03 64.75
C GLY B 263 24.23 13.21 64.16
N GLU B 264 23.99 14.25 64.96
CA GLU B 264 23.26 15.42 64.46
C GLU B 264 24.07 16.19 63.44
N GLN B 265 25.38 16.36 63.69
CA GLN B 265 26.23 17.04 62.72
C GLN B 265 26.33 16.23 61.43
N ASN B 266 26.42 14.89 61.55
CA ASN B 266 26.41 14.06 60.36
C ASN B 266 25.10 14.20 59.60
N MET B 267 23.98 14.29 60.32
CA MET B 267 22.67 14.46 59.67
C MET B 267 22.59 15.78 58.92
N ILE B 268 23.02 16.87 59.56
CA ILE B 268 22.97 18.17 58.90
C ILE B 268 23.98 18.23 57.76
N GLY B 269 24.98 17.36 57.76
CA GLY B 269 25.89 17.29 56.63
C GLY B 269 25.47 16.34 55.53
N MET B 270 24.54 15.41 55.82
CA MET B 270 24.15 14.42 54.83
C MET B 270 22.79 14.66 54.21
N THR B 271 21.93 15.49 54.82
CA THR B 271 20.73 15.82 54.06
C THR B 271 21.04 16.73 52.85
N PRO B 272 22.06 17.61 52.92
CA PRO B 272 22.48 18.25 51.67
C PRO B 272 22.95 17.25 50.64
N THR B 273 23.51 16.12 51.08
CA THR B 273 23.89 15.07 50.14
C THR B 273 22.68 14.59 49.35
N VAL B 274 21.56 14.33 50.03
CA VAL B 274 20.39 13.79 49.35
C VAL B 274 19.77 14.85 48.43
N ILE B 275 19.67 16.10 48.91
CA ILE B 275 19.08 17.12 48.05
C ILE B 275 19.96 17.35 46.83
N ALA B 276 21.29 17.29 47.00
CA ALA B 276 22.19 17.39 45.86
C ALA B 276 22.03 16.21 44.93
N VAL B 277 21.83 15.00 45.49
CA VAL B 277 21.64 13.82 44.65
C VAL B 277 20.44 14.01 43.74
N HIS B 278 19.32 14.48 44.29
CA HIS B 278 18.14 14.69 43.44
C HIS B 278 18.36 15.85 42.46
N TYR B 279 18.90 16.97 42.94
CA TYR B 279 19.02 18.17 42.10
C TYR B 279 19.98 17.92 40.95
N LEU B 280 21.00 17.11 41.17
CA LEU B 280 21.95 16.72 40.12
C LEU B 280 21.55 15.43 39.42
N ASP B 281 20.50 14.77 39.87
CA ASP B 281 19.83 13.80 39.01
C ASP B 281 18.97 14.52 37.98
N GLU B 282 18.52 15.73 38.30
CA GLU B 282 17.82 16.54 37.31
C GLU B 282 18.77 17.40 36.47
N THR B 283 19.98 17.67 36.97
CA THR B 283 20.91 18.56 36.28
C THR B 283 22.29 17.98 36.01
N GLU B 284 22.82 17.15 36.93
CA GLU B 284 24.17 16.59 36.83
C GLU B 284 25.23 17.69 36.75
N GLN B 285 25.31 18.47 37.83
CA GLN B 285 26.35 19.47 38.02
C GLN B 285 27.21 19.14 39.23
N TRP B 286 27.58 17.87 39.36
CA TRP B 286 28.46 17.45 40.45
C TRP B 286 29.85 18.07 40.36
N GLU B 287 30.20 18.66 39.22
CA GLU B 287 31.50 19.31 39.07
C GLU B 287 31.70 20.41 40.11
N LYS B 288 30.65 21.20 40.36
CA LYS B 288 30.72 22.33 41.28
C LYS B 288 30.41 21.93 42.72
N PHE B 289 30.59 20.65 43.06
CA PHE B 289 30.39 20.16 44.42
C PHE B 289 31.72 19.93 45.13
N GLY B 290 32.70 20.80 44.88
CA GLY B 290 34.00 20.64 45.51
C GLY B 290 35.18 20.87 44.59
N LEU B 291 34.91 21.25 43.33
CA LEU B 291 35.96 21.60 42.36
C LEU B 291 36.91 20.42 42.16
N GLU B 292 36.39 19.38 41.50
CA GLU B 292 37.09 18.11 41.29
C GLU B 292 37.18 17.32 42.60
N LYS B 293 36.06 17.29 43.33
CA LYS B 293 35.98 16.59 44.61
C LYS B 293 34.73 15.72 44.71
N ARG B 294 34.08 15.42 43.59
CA ARG B 294 32.84 14.65 43.65
C ARG B 294 33.07 13.25 44.20
N GLN B 295 34.16 12.59 43.78
CA GLN B 295 34.49 11.29 44.36
C GLN B 295 34.89 11.43 45.82
N GLY B 296 35.67 12.46 46.14
CA GLY B 296 36.02 12.71 47.53
C GLY B 296 34.81 13.06 48.37
N ALA B 297 33.89 13.85 47.82
CA ALA B 297 32.67 14.18 48.54
C ALA B 297 31.84 12.93 48.79
N LEU B 298 31.72 12.06 47.79
CA LEU B 298 30.96 10.83 47.97
C LEU B 298 31.61 9.92 49.00
N GLU B 299 32.95 9.86 49.02
CA GLU B 299 33.64 9.08 50.04
C GLU B 299 33.40 9.64 51.43
N LEU B 300 33.41 10.97 51.56
CA LEU B 300 33.09 11.59 52.84
C LEU B 300 31.66 11.28 53.27
N ILE B 301 30.73 11.29 52.31
CA ILE B 301 29.34 10.93 52.62
C ILE B 301 29.26 9.50 53.10
N LYS B 302 29.97 8.59 52.44
CA LYS B 302 29.93 7.18 52.83
C LYS B 302 30.53 6.97 54.20
N LYS B 303 31.64 7.65 54.52
CA LYS B 303 32.23 7.49 55.84
C LYS B 303 31.33 8.10 56.92
N GLY B 304 30.64 9.20 56.60
CA GLY B 304 29.66 9.74 57.54
C GLY B 304 28.52 8.79 57.79
N TYR B 305 28.03 8.13 56.74
CA TYR B 305 26.98 7.14 56.90
C TYR B 305 27.47 5.94 57.71
N THR B 306 28.72 5.53 57.50
CA THR B 306 29.30 4.45 58.31
C THR B 306 29.40 4.85 59.77
N GLN B 307 29.79 6.10 60.04
CA GLN B 307 29.83 6.59 61.42
C GLN B 307 28.43 6.60 62.03
N GLN B 308 27.43 7.00 61.25
CA GLN B 308 26.05 6.96 61.74
C GLN B 308 25.63 5.53 62.08
N LEU B 309 26.00 4.57 61.24
CA LEU B 309 25.70 3.17 61.53
C LEU B 309 26.40 2.72 62.81
N ALA B 310 27.66 3.11 62.98
CA ALA B 310 28.43 2.73 64.17
C ALA B 310 27.84 3.32 65.44
N PHE B 311 27.06 4.40 65.34
CA PHE B 311 26.44 5.04 66.49
C PHE B 311 25.07 4.44 66.81
N ARG B 312 24.81 3.21 66.39
CA ARG B 312 23.56 2.55 66.72
C ARG B 312 23.57 2.10 68.18
N GLN B 313 22.40 1.66 68.64
CA GLN B 313 22.19 1.30 70.03
C GLN B 313 21.57 -0.08 70.15
N PRO B 314 21.71 -0.74 71.30
CA PRO B 314 21.05 -2.04 71.49
C PRO B 314 19.54 -1.97 71.39
N SER B 315 18.96 -0.79 71.58
CA SER B 315 17.52 -0.59 71.42
C SER B 315 17.08 -0.52 69.96
N SER B 316 17.98 -0.87 69.02
CA SER B 316 17.68 -0.84 67.59
C SER B 316 17.25 0.56 67.14
N ALA B 317 18.02 1.56 67.56
CA ALA B 317 17.74 2.95 67.23
C ALA B 317 19.04 3.72 67.12
N PHE B 318 18.97 4.84 66.42
CA PHE B 318 20.13 5.72 66.20
C PHE B 318 19.87 7.05 66.89
N ALA B 319 20.87 7.53 67.63
CA ALA B 319 20.78 8.78 68.36
C ALA B 319 22.07 9.56 68.15
N ALA B 320 22.25 10.63 68.93
CA ALA B 320 23.47 11.42 68.83
C ALA B 320 24.70 10.61 69.22
N PHE B 321 24.55 9.66 70.14
CA PHE B 321 25.65 8.81 70.58
C PHE B 321 25.11 7.44 70.95
N VAL B 322 26.03 6.49 71.07
CA VAL B 322 25.66 5.13 71.44
C VAL B 322 25.05 5.08 72.85
N LYS B 323 25.37 6.07 73.68
CA LYS B 323 24.87 6.11 75.05
C LYS B 323 23.65 7.00 75.21
N ARG B 324 23.38 7.89 74.27
CA ARG B 324 22.26 8.80 74.39
C ARG B 324 20.94 8.05 74.28
N ALA B 325 19.95 8.49 75.06
CA ALA B 325 18.64 7.88 75.01
C ALA B 325 17.99 8.12 73.66
N PRO B 326 17.46 7.09 72.99
CA PRO B 326 16.84 7.29 71.68
C PRO B 326 15.59 8.14 71.78
N SER B 327 15.33 8.91 70.72
CA SER B 327 14.19 9.77 70.60
C SER B 327 13.36 9.39 69.37
N THR B 328 12.13 9.90 69.34
CA THR B 328 11.25 9.62 68.21
C THR B 328 11.66 10.38 66.95
N TRP B 329 11.93 11.67 67.10
CA TRP B 329 12.09 12.54 65.93
C TRP B 329 13.34 12.18 65.15
N LEU B 330 14.49 12.08 65.83
CA LEU B 330 15.74 11.81 65.12
C LEU B 330 15.73 10.42 64.49
N THR B 331 15.29 9.41 65.24
CA THR B 331 15.27 8.05 64.72
C THR B 331 14.30 7.93 63.55
N ALA B 332 13.13 8.56 63.65
CA ALA B 332 12.17 8.51 62.55
C ALA B 332 12.68 9.25 61.32
N TYR B 333 13.36 10.37 61.52
CA TYR B 333 13.94 11.09 60.39
C TYR B 333 15.02 10.26 59.70
N VAL B 334 15.87 9.61 60.48
CA VAL B 334 16.89 8.73 59.91
C VAL B 334 16.23 7.57 59.16
N VAL B 335 15.16 7.02 59.72
CA VAL B 335 14.41 5.95 59.05
C VAL B 335 13.87 6.44 57.72
N LYS B 336 13.30 7.65 57.70
CA LYS B 336 12.75 8.21 56.47
C LYS B 336 13.84 8.39 55.41
N VAL B 337 14.98 8.95 55.80
CA VAL B 337 16.05 9.18 54.83
C VAL B 337 16.58 7.85 54.30
N PHE B 338 16.77 6.87 55.18
CA PHE B 338 17.24 5.56 54.74
C PHE B 338 16.22 4.89 53.83
N SER B 339 14.93 5.08 54.11
CA SER B 339 13.89 4.58 53.23
C SER B 339 13.99 5.21 51.85
N LEU B 340 14.28 6.52 51.81
CA LEU B 340 14.56 7.16 50.53
C LEU B 340 15.80 6.57 49.88
N ALA B 341 16.74 6.05 50.67
CA ALA B 341 18.01 5.55 50.15
C ALA B 341 18.17 4.04 50.33
N VAL B 342 17.07 3.28 50.43
CA VAL B 342 17.18 1.83 50.56
C VAL B 342 17.83 1.23 49.31
N ASN B 343 17.41 1.68 48.13
CA ASN B 343 17.95 1.17 46.87
C ASN B 343 19.13 1.99 46.37
N LEU B 344 19.57 2.99 47.13
CA LEU B 344 20.70 3.84 46.74
C LEU B 344 22.00 3.46 47.43
N ILE B 345 21.95 3.19 48.74
CA ILE B 345 23.13 2.86 49.52
C ILE B 345 22.85 1.57 50.29
N ALA B 346 23.88 1.08 50.98
CA ALA B 346 23.75 -0.16 51.74
C ALA B 346 22.89 0.05 52.97
N ILE B 347 21.60 -0.24 52.86
CA ILE B 347 20.65 -0.07 53.94
C ILE B 347 20.11 -1.44 54.33
N ASP B 348 20.26 -1.79 55.60
CA ASP B 348 19.70 -3.04 56.12
C ASP B 348 18.19 -2.85 56.28
N SER B 349 17.42 -3.41 55.35
CA SER B 349 15.98 -3.25 55.39
C SER B 349 15.38 -3.89 56.63
N GLN B 350 15.91 -5.05 57.04
CA GLN B 350 15.42 -5.70 58.25
C GLN B 350 15.67 -4.83 59.48
N VAL B 351 16.84 -4.19 59.55
CA VAL B 351 17.14 -3.31 60.68
C VAL B 351 16.16 -2.14 60.71
N LEU B 352 15.89 -1.53 59.55
CA LEU B 352 14.97 -0.41 59.49
C LEU B 352 13.56 -0.82 59.90
N CYS B 353 13.09 -1.97 59.42
CA CYS B 353 11.75 -2.42 59.78
C CYS B 353 11.66 -2.79 61.25
N GLY B 354 12.71 -3.40 61.80
CA GLY B 354 12.72 -3.67 63.23
C GLY B 354 12.70 -2.41 64.07
N ALA B 355 13.45 -1.39 63.64
CA ALA B 355 13.41 -0.11 64.33
C ALA B 355 12.01 0.50 64.28
N VAL B 356 11.37 0.44 63.10
CA VAL B 356 10.02 0.98 62.96
C VAL B 356 9.05 0.23 63.86
N LYS B 357 9.17 -1.09 63.93
CA LYS B 357 8.25 -1.87 64.76
C LYS B 357 8.50 -1.62 66.24
N TRP B 358 9.76 -1.41 66.64
CA TRP B 358 10.03 -1.03 68.02
C TRP B 358 9.45 0.35 68.32
N LEU B 359 9.54 1.27 67.37
CA LEU B 359 8.90 2.57 67.53
C LEU B 359 7.40 2.43 67.73
N ILE B 360 6.78 1.54 66.96
CA ILE B 360 5.34 1.32 67.09
C ILE B 360 5.01 0.73 68.46
N LEU B 361 5.78 -0.28 68.89
CA LEU B 361 5.44 -1.03 70.09
C LEU B 361 5.84 -0.34 71.39
N GLU B 362 6.71 0.67 71.34
CA GLU B 362 7.17 1.34 72.55
C GLU B 362 6.51 2.70 72.74
N LYS B 363 6.66 3.58 71.76
CA LYS B 363 6.27 4.99 71.91
C LYS B 363 4.90 5.19 71.25
N GLN B 364 3.86 4.77 71.97
CA GLN B 364 2.47 4.93 71.55
C GLN B 364 1.68 5.31 72.80
N LYS B 365 1.51 6.61 73.02
CA LYS B 365 0.80 7.07 74.20
C LYS B 365 -0.69 6.79 74.06
N PRO B 366 -1.36 6.40 75.15
CA PRO B 366 -2.82 6.18 75.08
C PRO B 366 -3.60 7.45 74.76
N ASP B 367 -3.04 8.63 75.03
CA ASP B 367 -3.72 9.88 74.77
C ASP B 367 -3.81 10.20 73.28
N GLY B 368 -3.12 9.45 72.43
CA GLY B 368 -3.10 9.74 71.01
C GLY B 368 -2.14 10.82 70.59
N VAL B 369 -1.40 11.40 71.52
CA VAL B 369 -0.41 12.44 71.23
C VAL B 369 0.96 11.86 71.52
N PHE B 370 1.84 11.88 70.52
CA PHE B 370 3.17 11.32 70.65
C PHE B 370 4.18 12.39 71.07
N GLN B 371 5.06 12.02 71.99
CA GLN B 371 6.12 12.90 72.46
C GLN B 371 7.45 12.17 72.41
N GLU B 372 8.51 12.89 72.06
CA GLU B 372 9.85 12.34 71.98
C GLU B 372 10.63 12.64 73.25
N ASP B 373 11.54 11.73 73.60
CA ASP B 373 12.13 11.74 74.94
C ASP B 373 13.08 12.91 75.13
N ALA B 374 14.17 12.93 74.38
CA ALA B 374 15.26 13.87 74.66
C ALA B 374 14.88 15.28 74.21
N PRO B 375 14.82 16.25 75.11
CA PRO B 375 14.51 17.62 74.70
C PRO B 375 15.60 18.22 73.83
N VAL B 376 15.20 19.10 72.92
CA VAL B 376 16.14 19.80 72.05
C VAL B 376 16.77 20.95 72.83
N ILE B 377 18.09 21.07 72.74
CA ILE B 377 18.83 22.10 73.45
C ILE B 377 19.19 23.26 72.54
N HIS B 378 19.71 22.97 71.35
CA HIS B 378 20.12 23.98 70.39
C HIS B 378 19.01 24.23 69.38
N GLN B 379 18.84 25.48 68.98
CA GLN B 379 17.85 25.89 67.99
C GLN B 379 18.41 25.88 66.57
N GLU B 380 19.66 25.43 66.39
CA GLU B 380 20.32 25.52 65.10
C GLU B 380 19.73 24.57 64.06
N MET B 381 18.92 23.60 64.48
CA MET B 381 18.41 22.60 63.53
C MET B 381 16.88 22.57 63.54
N ILE B 382 16.26 22.77 64.71
CA ILE B 382 14.81 22.75 64.79
C ILE B 382 14.21 23.95 64.08
N GLY B 383 14.74 25.14 64.36
CA GLY B 383 14.16 26.36 63.83
C GLY B 383 13.65 27.28 64.92
N GLY B 384 12.52 27.95 64.67
CA GLY B 384 11.93 28.85 65.62
C GLY B 384 10.89 28.27 66.55
N LEU B 385 10.70 26.95 66.54
CA LEU B 385 9.68 26.29 67.35
C LEU B 385 10.22 25.76 68.68
N ARG B 386 11.24 26.43 69.24
CA ARG B 386 11.76 26.01 70.53
C ARG B 386 10.69 26.06 71.61
N ASN B 387 9.80 27.05 71.55
CA ASN B 387 8.70 27.13 72.49
C ASN B 387 7.82 25.89 72.39
N ASN B 388 7.52 25.29 73.55
CA ASN B 388 6.75 24.05 73.60
C ASN B 388 5.29 24.41 73.91
N ASN B 389 4.59 24.84 72.87
CA ASN B 389 3.17 25.20 72.97
C ASN B 389 2.28 24.34 72.09
N GLU B 390 2.65 24.18 70.82
CA GLU B 390 1.89 23.37 69.87
C GLU B 390 2.78 22.33 69.20
N LYS B 391 3.88 21.96 69.85
CA LYS B 391 4.77 20.93 69.33
C LYS B 391 4.09 19.57 69.30
N ASP B 392 3.09 19.37 70.16
CA ASP B 392 2.43 18.07 70.26
C ASP B 392 1.77 17.68 68.95
N MET B 393 1.01 18.61 68.35
CA MET B 393 0.34 18.31 67.09
C MET B 393 1.34 18.09 65.96
N ALA B 394 2.41 18.89 65.92
CA ALA B 394 3.42 18.72 64.89
C ALA B 394 4.09 17.35 65.00
N LEU B 395 4.39 16.91 66.22
CA LEU B 395 5.02 15.60 66.39
C LEU B 395 4.04 14.48 66.13
N THR B 396 2.75 14.68 66.43
CA THR B 396 1.75 13.69 66.06
C THR B 396 1.66 13.54 64.55
N ALA B 397 1.70 14.66 63.82
CA ALA B 397 1.72 14.59 62.36
C ALA B 397 2.99 13.93 61.85
N PHE B 398 4.12 14.19 62.51
CA PHE B 398 5.38 13.57 62.13
C PHE B 398 5.32 12.05 62.32
N VAL B 399 4.73 11.60 63.43
CA VAL B 399 4.55 10.16 63.66
C VAL B 399 3.60 9.58 62.63
N LEU B 400 2.56 10.33 62.26
CA LEU B 400 1.65 9.85 61.21
C LEU B 400 2.38 9.69 59.89
N ILE B 401 3.26 10.65 59.56
CA ILE B 401 4.06 10.54 58.34
C ILE B 401 4.99 9.34 58.41
N SER B 402 5.55 9.07 59.59
CA SER B 402 6.38 7.89 59.77
C SER B 402 5.58 6.62 59.52
N LEU B 403 4.34 6.58 60.03
CA LEU B 403 3.47 5.43 59.78
C LEU B 403 3.16 5.28 58.30
N GLN B 404 2.92 6.41 57.62
CA GLN B 404 2.63 6.35 56.18
C GLN B 404 3.83 5.82 55.40
N GLU B 405 5.04 6.28 55.72
CA GLU B 405 6.21 5.80 54.98
C GLU B 405 6.53 4.35 55.33
N ALA B 406 6.23 3.92 56.56
CA ALA B 406 6.39 2.51 56.90
C ALA B 406 5.27 1.65 56.32
N LYS B 407 4.18 2.27 55.86
CA LYS B 407 3.08 1.51 55.29
C LYS B 407 3.49 0.79 54.01
N ASP B 408 4.42 1.35 53.25
CA ASP B 408 4.92 0.74 52.03
C ASP B 408 6.14 -0.13 52.26
N ILE B 409 6.67 -0.18 53.48
CA ILE B 409 7.87 -0.93 53.80
C ILE B 409 7.59 -2.03 54.82
N CYS B 410 6.81 -1.72 55.85
CA CYS B 410 6.49 -2.68 56.90
C CYS B 410 4.98 -2.91 56.93
N GLU B 411 4.39 -3.13 55.75
CA GLU B 411 2.94 -3.24 55.65
C GLU B 411 2.39 -4.43 56.44
N GLU B 412 3.03 -5.60 56.32
CA GLU B 412 2.44 -6.83 56.82
C GLU B 412 2.81 -7.13 58.27
N GLN B 413 3.98 -6.67 58.73
CA GLN B 413 4.42 -7.03 60.08
C GLN B 413 3.50 -6.45 61.15
N VAL B 414 3.01 -5.23 60.96
CA VAL B 414 2.06 -4.60 61.87
C VAL B 414 0.79 -4.31 61.10
N ASN B 415 -0.33 -4.86 61.58
CA ASN B 415 -1.62 -4.71 60.92
C ASN B 415 -2.54 -3.72 61.64
N SER B 416 -2.09 -3.11 62.73
CA SER B 416 -2.88 -2.13 63.47
C SER B 416 -2.75 -0.72 62.91
N LEU B 417 -2.01 -0.55 61.80
CA LEU B 417 -1.80 0.78 61.25
C LEU B 417 -3.09 1.49 60.85
N PRO B 418 -4.04 0.87 60.13
CA PRO B 418 -5.26 1.60 59.77
C PRO B 418 -6.03 2.10 60.98
N GLY B 419 -6.10 1.31 62.05
CA GLY B 419 -6.80 1.75 63.25
C GLY B 419 -6.14 2.95 63.89
N SER B 420 -4.81 2.93 64.02
CA SER B 420 -4.10 4.06 64.60
C SER B 420 -4.24 5.31 63.74
N ILE B 421 -4.16 5.17 62.42
CA ILE B 421 -4.34 6.31 61.54
C ILE B 421 -5.74 6.88 61.67
N THR B 422 -6.75 6.01 61.73
CA THR B 422 -8.12 6.47 61.89
C THR B 422 -8.32 7.18 63.22
N LYS B 423 -7.74 6.64 64.29
CA LYS B 423 -7.84 7.29 65.59
C LYS B 423 -7.19 8.67 65.59
N ALA B 424 -6.00 8.77 64.99
CA ALA B 424 -5.32 10.07 64.93
C ALA B 424 -6.11 11.07 64.10
N GLY B 425 -6.65 10.63 62.96
CA GLY B 425 -7.45 11.52 62.14
C GLY B 425 -8.71 11.98 62.84
N ASP B 426 -9.37 11.07 63.55
CA ASP B 426 -10.57 11.45 64.30
C ASP B 426 -10.25 12.42 65.42
N PHE B 427 -9.13 12.20 66.13
CA PHE B 427 -8.76 13.09 67.22
C PHE B 427 -8.39 14.48 66.69
N LEU B 428 -7.66 14.54 65.59
CA LEU B 428 -7.20 15.81 65.04
C LEU B 428 -8.19 16.45 64.08
N GLU B 429 -9.33 15.81 63.82
CA GLU B 429 -10.32 16.38 62.92
C GLU B 429 -10.92 17.67 63.50
N ALA B 430 -11.21 17.67 64.81
CA ALA B 430 -11.72 18.85 65.47
C ALA B 430 -10.62 19.74 66.04
N ASN B 431 -9.37 19.29 66.00
CA ASN B 431 -8.24 20.07 66.49
C ASN B 431 -7.60 20.91 65.38
N TYR B 432 -8.10 20.84 64.15
CA TYR B 432 -7.56 21.63 63.06
C TYR B 432 -7.88 23.11 63.21
N MET B 433 -8.83 23.46 64.07
CA MET B 433 -9.27 24.83 64.27
C MET B 433 -8.67 25.47 65.53
N ASN B 434 -7.52 24.97 65.98
CA ASN B 434 -6.89 25.44 67.21
C ASN B 434 -5.39 25.66 67.01
N LEU B 435 -5.01 26.24 65.87
CA LEU B 435 -3.62 26.50 65.55
C LEU B 435 -3.46 27.91 65.03
N GLN B 436 -2.32 28.53 65.34
CA GLN B 436 -2.03 29.90 64.96
C GLN B 436 -0.86 30.01 63.98
N ARG B 437 0.29 29.44 64.34
CA ARG B 437 1.43 29.42 63.43
C ARG B 437 1.09 28.77 62.11
N SER B 438 1.56 29.37 61.01
CA SER B 438 1.08 29.03 59.68
C SER B 438 1.88 27.90 59.05
N TYR B 439 3.20 27.90 59.19
CA TYR B 439 4.03 26.90 58.51
C TYR B 439 3.77 25.49 59.06
N THR B 440 3.57 25.38 60.37
CA THR B 440 3.23 24.07 60.93
C THR B 440 1.85 23.62 60.49
N VAL B 441 0.90 24.56 60.39
CA VAL B 441 -0.38 24.25 59.79
C VAL B 441 -0.20 23.73 58.36
N ALA B 442 0.71 24.34 57.61
CA ALA B 442 0.92 23.93 56.22
C ALA B 442 1.49 22.53 56.14
N ILE B 443 2.48 22.21 56.96
CA ILE B 443 3.07 20.87 56.91
C ILE B 443 2.07 19.83 57.41
N ALA B 444 1.30 20.17 58.46
CA ALA B 444 0.28 19.25 58.96
C ALA B 444 -0.81 19.01 57.93
N GLY B 445 -1.21 20.06 57.21
CA GLY B 445 -2.18 19.89 56.14
C GLY B 445 -1.64 19.09 54.98
N TYR B 446 -0.35 19.23 54.68
CA TYR B 446 0.28 18.39 53.67
C TYR B 446 0.21 16.91 54.07
N ALA B 447 0.51 16.63 55.34
CA ALA B 447 0.38 15.26 55.83
C ALA B 447 -1.07 14.78 55.80
N LEU B 448 -2.00 15.67 56.15
CA LEU B 448 -3.41 15.32 56.20
C LEU B 448 -3.95 15.00 54.81
N ALA B 449 -3.52 15.75 53.80
CA ALA B 449 -3.91 15.50 52.41
C ALA B 449 -3.06 14.45 51.73
N GLN B 450 -1.98 13.97 52.36
CA GLN B 450 -1.20 12.89 51.78
C GLN B 450 -2.03 11.63 51.66
N MET B 451 -3.03 11.45 52.52
CA MET B 451 -4.04 10.41 52.35
C MET B 451 -5.40 11.01 51.97
N GLY B 452 -5.47 12.31 51.75
CA GLY B 452 -6.68 12.93 51.23
C GLY B 452 -7.74 13.26 52.25
N ARG B 453 -7.43 14.19 53.15
CA ARG B 453 -8.37 14.59 54.21
C ARG B 453 -8.38 16.11 54.38
N LEU B 454 -8.23 16.85 53.28
CA LEU B 454 -8.20 18.32 53.36
C LEU B 454 -8.99 18.87 52.17
N LYS B 455 -10.20 19.34 52.44
CA LYS B 455 -11.08 19.87 51.41
C LYS B 455 -12.05 20.86 52.04
N GLY B 456 -12.72 21.63 51.18
CA GLY B 456 -13.78 22.52 51.59
C GLY B 456 -13.35 23.61 52.54
N PRO B 457 -14.16 23.86 53.58
CA PRO B 457 -13.84 24.92 54.54
C PRO B 457 -12.51 24.71 55.23
N LEU B 458 -12.07 23.46 55.40
CA LEU B 458 -10.73 23.21 55.92
C LEU B 458 -9.67 23.83 55.01
N LEU B 459 -9.85 23.67 53.70
CA LEU B 459 -8.94 24.29 52.74
C LEU B 459 -9.03 25.82 52.80
N ASN B 460 -10.24 26.34 53.03
CA ASN B 460 -10.39 27.79 53.12
C ASN B 460 -9.62 28.35 54.32
N LYS B 461 -9.78 27.72 55.50
CA LYS B 461 -9.00 28.14 56.66
C LYS B 461 -7.51 27.90 56.45
N PHE B 462 -7.16 26.87 55.69
CA PHE B 462 -5.76 26.62 55.36
C PHE B 462 -5.17 27.79 54.59
N LEU B 463 -5.82 28.19 53.51
CA LEU B 463 -5.31 29.28 52.68
C LEU B 463 -5.35 30.61 53.41
N THR B 464 -6.43 30.89 54.13
CA THR B 464 -6.57 32.20 54.78
C THR B 464 -5.65 32.35 55.99
N THR B 465 -5.02 31.27 56.45
CA THR B 465 -4.09 31.37 57.57
C THR B 465 -2.87 32.22 57.20
N ALA B 466 -2.41 32.12 55.96
CA ALA B 466 -1.26 32.88 55.52
C ALA B 466 -1.56 34.38 55.49
N LYS B 467 -0.54 35.17 55.81
CA LYS B 467 -0.66 36.62 55.70
C LYS B 467 -0.83 37.01 54.24
N ASP B 468 -1.70 38.01 53.99
CA ASP B 468 -1.95 38.53 52.65
C ASP B 468 -2.37 37.44 51.66
N LYS B 469 -2.87 36.31 52.19
CA LYS B 469 -3.34 35.15 51.43
C LYS B 469 -2.22 34.44 50.67
N ASN B 470 -0.99 34.91 50.75
CA ASN B 470 0.10 34.29 49.98
C ASN B 470 1.32 33.95 50.82
N ARG B 471 1.69 34.81 51.78
CA ARG B 471 2.91 34.64 52.55
C ARG B 471 2.58 33.98 53.89
N TRP B 472 3.17 32.80 54.12
CA TRP B 472 2.93 32.03 55.34
C TRP B 472 3.98 32.34 56.40
N GLU B 473 4.20 33.62 56.70
CA GLU B 473 5.28 34.00 57.59
C GLU B 473 4.82 34.06 59.03
N ASP B 474 5.77 33.86 59.94
CA ASP B 474 5.57 33.93 61.37
C ASP B 474 6.59 34.90 61.96
N PRO B 475 6.30 35.49 63.12
CA PRO B 475 7.24 36.44 63.73
C PRO B 475 8.61 35.81 63.96
N GLY B 476 9.62 36.37 63.30
CA GLY B 476 10.97 35.86 63.39
C GLY B 476 11.23 34.72 62.41
N LYS B 477 12.51 34.31 62.35
CA LYS B 477 12.95 33.21 61.51
C LYS B 477 12.59 33.45 60.04
N GLN B 478 13.26 34.46 59.48
CA GLN B 478 13.03 34.83 58.08
C GLN B 478 13.24 33.68 57.12
N LEU B 479 14.07 32.70 57.48
CA LEU B 479 14.25 31.51 56.67
C LEU B 479 12.95 30.72 56.51
N TYR B 480 11.90 31.09 57.25
CA TYR B 480 10.59 30.50 57.00
C TYR B 480 10.10 30.80 55.58
N ASN B 481 10.52 31.93 55.01
CA ASN B 481 9.96 32.39 53.75
C ASN B 481 10.11 31.34 52.65
N VAL B 482 11.35 31.10 52.20
CA VAL B 482 11.60 30.09 51.17
C VAL B 482 11.21 28.70 51.65
N GLU B 483 10.82 28.58 52.91
CA GLU B 483 10.32 27.36 53.52
C GLU B 483 8.80 27.30 53.51
N ALA B 484 8.15 28.39 53.96
CA ALA B 484 6.75 28.32 54.37
C ALA B 484 5.84 27.86 53.23
N THR B 485 5.73 28.67 52.18
CA THR B 485 4.92 28.30 51.03
C THR B 485 5.33 26.95 50.46
N SER B 486 6.61 26.57 50.63
CA SER B 486 7.07 25.27 50.15
C SER B 486 6.16 24.17 50.65
N TYR B 487 5.81 24.19 51.94
CA TYR B 487 4.92 23.17 52.49
C TYR B 487 3.66 23.08 51.65
N ALA B 488 2.99 24.23 51.46
CA ALA B 488 1.74 24.24 50.71
C ALA B 488 1.92 23.63 49.34
N LEU B 489 3.06 23.91 48.69
CA LEU B 489 3.30 23.35 47.37
C LEU B 489 3.19 21.84 47.40
N LEU B 490 3.91 21.20 48.32
CA LEU B 490 3.80 19.75 48.45
C LEU B 490 2.38 19.36 48.82
N ALA B 491 1.74 20.12 49.72
CA ALA B 491 0.33 19.91 49.99
C ALA B 491 -0.48 20.01 48.71
N LEU B 492 -0.25 21.08 47.94
CA LEU B 492 -0.92 21.20 46.65
C LEU B 492 -0.43 20.16 45.66
N LEU B 493 0.77 19.63 45.85
CA LEU B 493 1.20 18.49 45.04
C LEU B 493 0.33 17.26 45.33
N GLN B 494 -0.10 17.10 46.57
CA GLN B 494 -1.04 16.02 46.88
C GLN B 494 -2.39 16.27 46.21
N LEU B 495 -2.84 17.52 46.20
CA LEU B 495 -4.08 17.89 45.56
C LEU B 495 -3.94 18.21 44.08
N LYS B 496 -2.70 18.22 43.57
CA LYS B 496 -2.43 18.54 42.17
C LYS B 496 -3.01 19.90 41.79
N ASP B 497 -2.96 20.84 42.73
CA ASP B 497 -3.47 22.18 42.54
C ASP B 497 -2.31 23.10 42.21
N PHE B 498 -2.35 23.70 41.03
CA PHE B 498 -1.29 24.59 40.55
C PHE B 498 -1.82 26.01 40.36
N ASP B 499 -2.73 26.44 41.23
CA ASP B 499 -3.21 27.80 41.24
C ASP B 499 -2.53 28.65 42.31
N PHE B 500 -2.30 28.08 43.49
CA PHE B 500 -1.53 28.76 44.52
C PHE B 500 -0.05 28.37 44.50
N VAL B 501 0.31 27.29 43.79
CA VAL B 501 1.73 26.99 43.58
C VAL B 501 2.46 28.10 42.87
N PRO B 502 1.91 28.77 41.85
CA PRO B 502 2.64 29.89 41.24
C PRO B 502 2.90 31.01 42.25
N PRO B 503 1.92 31.45 43.05
CA PRO B 503 2.25 32.41 44.12
C PRO B 503 3.26 31.88 45.12
N VAL B 504 3.22 30.57 45.40
CA VAL B 504 4.26 29.96 46.23
C VAL B 504 5.62 30.21 45.61
N VAL B 505 5.74 29.99 44.30
CA VAL B 505 7.00 30.19 43.60
C VAL B 505 7.43 31.65 43.66
N ARG B 506 6.48 32.58 43.46
CA ARG B 506 6.83 34.00 43.51
C ARG B 506 7.36 34.38 44.88
N TRP B 507 6.74 33.87 45.95
CA TRP B 507 7.23 34.21 47.29
C TRP B 507 8.52 33.48 47.64
N LEU B 508 8.78 32.33 47.02
CA LEU B 508 10.06 31.66 47.22
C LEU B 508 11.20 32.52 46.67
N ASN B 509 11.00 33.10 45.49
CA ASN B 509 12.05 33.87 44.83
C ASN B 509 12.25 35.26 45.44
N GLU B 510 11.38 35.67 46.37
CA GLU B 510 11.49 37.02 46.93
C GLU B 510 12.56 37.14 48.01
N GLN B 511 13.07 36.04 48.53
CA GLN B 511 14.11 36.08 49.57
C GLN B 511 15.50 35.83 49.00
N ARG B 512 15.69 34.69 48.34
CA ARG B 512 16.99 34.28 47.79
C ARG B 512 18.06 34.29 48.89
N TYR B 513 17.81 33.48 49.92
CA TYR B 513 18.75 33.36 51.04
C TYR B 513 19.58 32.09 50.87
N TYR B 514 20.88 32.21 51.14
CA TYR B 514 21.81 31.12 50.86
C TYR B 514 21.48 29.87 51.66
N GLY B 515 21.17 30.02 52.93
CA GLY B 515 20.79 28.88 53.74
C GLY B 515 21.98 27.99 54.08
N GLY B 516 21.65 26.83 54.64
CA GLY B 516 22.67 25.88 55.07
C GLY B 516 23.10 26.10 56.49
N GLY B 517 22.93 25.08 57.34
CA GLY B 517 23.31 25.19 58.72
C GLY B 517 22.16 25.53 59.64
N TYR B 518 22.04 26.81 60.01
CA TYR B 518 21.00 27.26 60.93
C TYR B 518 19.61 27.01 60.38
N GLY B 519 18.88 26.07 60.97
CA GLY B 519 17.51 25.79 60.59
C GLY B 519 17.34 25.01 59.30
N SER B 520 18.42 24.57 58.66
CA SER B 520 18.34 23.85 57.40
C SER B 520 18.43 22.35 57.66
N THR B 521 17.33 21.79 58.15
CA THR B 521 17.24 20.36 58.39
C THR B 521 15.99 19.73 57.83
N GLN B 522 14.91 20.50 57.70
CA GLN B 522 13.66 20.03 57.12
C GLN B 522 13.16 20.94 56.00
N ALA B 523 13.41 22.24 56.09
CA ALA B 523 12.93 23.16 55.07
C ALA B 523 13.63 22.94 53.75
N THR B 524 14.95 22.78 53.76
CA THR B 524 15.70 22.67 52.52
C THR B 524 15.36 21.37 51.78
N PHE B 525 15.33 20.26 52.51
CA PHE B 525 14.93 18.99 51.89
C PHE B 525 13.53 19.07 51.33
N MET B 526 12.60 19.65 52.09
CA MET B 526 11.22 19.72 51.62
C MET B 526 11.11 20.58 50.36
N VAL B 527 11.79 21.72 50.33
CA VAL B 527 11.68 22.60 49.17
C VAL B 527 12.33 21.96 47.94
N PHE B 528 13.46 21.28 48.12
CA PHE B 528 14.09 20.68 46.95
C PHE B 528 13.36 19.45 46.45
N GLN B 529 12.78 18.62 47.33
CA GLN B 529 11.95 17.54 46.84
C GLN B 529 10.70 18.07 46.15
N ALA B 530 10.12 19.15 46.70
CA ALA B 530 8.96 19.77 46.07
C ALA B 530 9.32 20.27 44.68
N LEU B 531 10.49 20.89 44.53
CA LEU B 531 10.96 21.28 43.21
C LEU B 531 11.14 20.06 42.31
N ALA B 532 11.63 18.96 42.86
CA ALA B 532 11.84 17.75 42.06
C ALA B 532 10.52 17.25 41.47
N GLN B 533 9.50 17.05 42.30
CA GLN B 533 8.22 16.61 41.72
C GLN B 533 7.57 17.70 40.87
N TYR B 534 7.78 18.97 41.20
CA TYR B 534 7.22 20.05 40.39
C TYR B 534 7.78 20.02 38.97
N GLN B 535 9.09 19.80 38.85
CA GLN B 535 9.70 19.75 37.53
C GLN B 535 9.40 18.44 36.81
N LYS B 536 9.29 17.34 37.56
CA LYS B 536 8.98 16.06 36.91
C LYS B 536 7.56 16.03 36.38
N ASP B 537 6.60 16.59 37.14
CA ASP B 537 5.21 16.59 36.72
C ASP B 537 4.87 17.78 35.82
N ALA B 538 5.49 18.94 36.07
CA ALA B 538 5.22 20.16 35.31
C ALA B 538 6.51 20.65 34.68
N PRO B 539 6.81 20.25 33.45
CA PRO B 539 8.00 20.78 32.76
C PRO B 539 7.78 22.21 32.31
N ASP B 540 8.73 22.75 31.52
CA ASP B 540 8.58 24.11 31.02
C ASP B 540 7.31 24.26 30.19
N HIS B 541 6.87 23.20 29.53
CA HIS B 541 5.66 23.23 28.73
C HIS B 541 4.45 22.89 29.59
N GLN B 542 3.27 23.31 29.10
CA GLN B 542 2.01 23.02 29.75
C GLN B 542 1.23 22.03 28.90
N GLU B 543 0.05 21.63 29.38
CA GLU B 543 -0.76 20.64 28.70
C GLU B 543 -1.26 21.18 27.37
N LEU B 544 -1.23 20.35 26.33
CA LEU B 544 -1.72 20.71 25.01
C LEU B 544 -2.37 19.49 24.40
N ASN B 545 -3.67 19.60 24.09
CA ASN B 545 -4.41 18.50 23.48
C ASN B 545 -5.65 19.08 22.82
N LEU B 546 -5.70 19.08 21.50
CA LEU B 546 -6.81 19.68 20.77
C LEU B 546 -7.44 18.67 19.82
N ASP B 547 -8.74 18.86 19.57
CA ASP B 547 -9.47 18.09 18.57
C ASP B 547 -10.22 19.07 17.69
N VAL B 548 -9.94 19.05 16.38
CA VAL B 548 -10.57 19.93 15.41
C VAL B 548 -11.35 19.09 14.43
N SER B 549 -12.56 19.54 14.09
CA SER B 549 -13.42 18.83 13.16
C SER B 549 -14.08 19.84 12.24
N LEU B 550 -13.90 19.67 10.93
CA LEU B 550 -14.45 20.58 9.94
C LEU B 550 -15.34 19.82 8.97
N GLN B 551 -16.46 20.44 8.59
CA GLN B 551 -17.46 19.81 7.75
C GLN B 551 -17.75 20.68 6.55
N LEU B 552 -17.76 20.08 5.36
CA LEU B 552 -18.08 20.80 4.13
C LEU B 552 -19.46 20.40 3.62
N PRO B 553 -20.17 21.31 2.95
CA PRO B 553 -21.52 21.00 2.47
C PRO B 553 -21.57 20.13 1.22
N SER B 554 -20.42 19.72 0.67
CA SER B 554 -20.39 18.92 -0.55
C SER B 554 -19.84 17.52 -0.33
N ARG B 555 -19.62 17.12 0.92
CA ARG B 555 -19.12 15.79 1.23
C ARG B 555 -19.96 15.20 2.35
N SER B 556 -20.13 13.88 2.31
CA SER B 556 -20.94 13.17 3.29
C SER B 556 -20.19 12.84 4.57
N SER B 557 -18.90 13.14 4.64
CA SER B 557 -18.09 12.87 5.82
C SER B 557 -17.53 14.18 6.37
N LYS B 558 -16.83 14.08 7.50
CA LYS B 558 -16.23 15.23 8.15
C LYS B 558 -14.76 14.94 8.41
N ILE B 559 -13.92 15.96 8.30
CA ILE B 559 -12.48 15.82 8.43
C ILE B 559 -12.09 16.19 9.85
N THR B 560 -11.48 15.24 10.56
CA THR B 560 -11.11 15.44 11.95
C THR B 560 -9.60 15.25 12.14
N HIS B 561 -9.08 15.84 13.21
CA HIS B 561 -7.67 15.73 13.54
C HIS B 561 -7.52 15.65 15.06
N ARG B 562 -6.27 15.51 15.50
CA ARG B 562 -5.96 15.47 16.93
C ARG B 562 -4.56 16.02 17.12
N ILE B 563 -4.44 17.19 17.73
CA ILE B 563 -3.17 17.87 17.91
C ILE B 563 -2.64 17.53 19.30
N HIS B 564 -1.45 16.93 19.34
CA HIS B 564 -0.75 16.58 20.56
C HIS B 564 0.49 17.45 20.72
N TRP B 565 1.28 17.19 21.76
CA TRP B 565 2.49 17.96 22.00
C TRP B 565 3.60 17.58 21.03
N GLU B 566 3.79 16.28 20.79
CA GLU B 566 4.90 15.83 19.96
C GLU B 566 4.72 16.26 18.51
N SER B 567 3.50 16.17 17.99
CA SER B 567 3.23 16.47 16.59
C SER B 567 2.93 17.94 16.34
N ALA B 568 3.20 18.81 17.31
CA ALA B 568 2.96 20.23 17.12
C ALA B 568 3.90 20.79 16.06
N SER B 569 3.55 21.98 15.58
CA SER B 569 4.30 22.67 14.53
C SER B 569 4.42 21.81 13.28
N LEU B 570 3.31 21.16 12.92
CA LEU B 570 3.22 20.34 11.71
C LEU B 570 2.04 20.85 10.89
N LEU B 571 2.35 21.48 9.76
CA LEU B 571 1.33 22.10 8.93
C LEU B 571 0.39 21.05 8.36
N ARG B 572 -0.91 21.16 8.67
CA ARG B 572 -1.91 20.24 8.15
C ARG B 572 -2.77 20.97 7.14
N SER B 573 -2.88 20.41 5.93
CA SER B 573 -3.52 21.11 4.83
C SER B 573 -4.64 20.27 4.22
N GLU B 574 -5.70 20.94 3.79
CA GLU B 574 -6.76 20.32 3.01
C GLU B 574 -7.11 21.21 1.83
N GLU B 575 -7.62 20.60 0.76
CA GLU B 575 -7.91 21.28 -0.49
C GLU B 575 -9.39 21.19 -0.82
N THR B 576 -9.85 22.17 -1.60
CA THR B 576 -11.23 22.21 -2.07
C THR B 576 -11.26 22.90 -3.42
N LYS B 577 -12.20 22.45 -4.27
CA LYS B 577 -12.34 22.97 -5.61
C LYS B 577 -13.50 23.95 -5.79
N GLU B 578 -14.18 24.31 -4.71
CA GLU B 578 -15.29 25.26 -4.78
C GLU B 578 -15.36 26.07 -3.50
N ASN B 579 -15.99 27.23 -3.59
CA ASN B 579 -16.10 28.18 -2.47
C ASN B 579 -17.52 28.12 -1.92
N GLU B 580 -17.65 27.62 -0.69
CA GLU B 580 -18.94 27.57 0.00
C GLU B 580 -18.69 27.81 1.49
N GLY B 581 -19.78 27.89 2.25
CA GLY B 581 -19.67 28.08 3.67
C GLY B 581 -19.06 26.89 4.38
N PHE B 582 -18.40 27.16 5.49
CA PHE B 582 -17.70 26.14 6.27
C PHE B 582 -18.35 26.02 7.65
N THR B 583 -17.87 25.03 8.40
CA THR B 583 -18.23 24.89 9.81
C THR B 583 -17.13 24.07 10.48
N VAL B 584 -16.40 24.71 11.38
CA VAL B 584 -15.26 24.11 12.07
C VAL B 584 -15.48 24.22 13.58
N THR B 585 -15.20 23.14 14.29
CA THR B 585 -15.35 23.08 15.74
C THR B 585 -14.05 22.60 16.36
N ALA B 586 -13.80 23.07 17.58
CA ALA B 586 -12.60 22.72 18.31
C ALA B 586 -12.94 22.39 19.76
N GLU B 587 -12.29 21.37 20.30
CA GLU B 587 -12.49 20.95 21.68
C GLU B 587 -11.16 20.60 22.30
N GLY B 588 -11.12 20.60 23.64
CA GLY B 588 -9.91 20.24 24.35
C GLY B 588 -9.30 21.38 25.13
N LYS B 589 -7.99 21.55 25.04
CA LYS B 589 -7.30 22.62 25.74
C LYS B 589 -5.98 22.91 25.03
N GLY B 590 -5.70 24.19 24.80
CA GLY B 590 -4.50 24.61 24.13
C GLY B 590 -4.77 25.81 23.24
N GLN B 591 -3.84 26.09 22.35
CA GLN B 591 -3.97 27.17 21.38
C GLN B 591 -3.61 26.66 20.00
N GLY B 592 -4.23 27.25 18.98
CA GLY B 592 -3.95 26.87 17.62
C GLY B 592 -4.32 27.94 16.61
N THR B 593 -3.88 27.79 15.36
CA THR B 593 -4.16 28.78 14.34
C THR B 593 -4.74 28.11 13.10
N LEU B 594 -5.67 28.82 12.46
CA LEU B 594 -6.33 28.33 11.25
C LEU B 594 -6.32 29.43 10.22
N SER B 595 -6.04 29.07 8.96
CA SER B 595 -5.99 30.02 7.88
C SER B 595 -6.66 29.43 6.65
N VAL B 596 -7.29 30.29 5.86
CA VAL B 596 -7.92 29.91 4.60
C VAL B 596 -7.33 30.77 3.50
N VAL B 597 -6.89 30.14 2.42
CA VAL B 597 -6.27 30.85 1.30
C VAL B 597 -6.91 30.37 0.01
N THR B 598 -7.49 31.29 -0.75
CA THR B 598 -8.10 30.98 -2.04
C THR B 598 -7.25 31.60 -3.13
N MET B 599 -6.90 30.81 -4.15
CA MET B 599 -6.09 31.30 -5.23
C MET B 599 -6.67 30.87 -6.57
N TYR B 600 -6.50 31.73 -7.56
CA TYR B 600 -7.23 31.63 -8.83
C TYR B 600 -6.47 32.42 -9.89
N HIS B 601 -6.99 32.39 -11.11
CA HIS B 601 -6.45 33.16 -12.22
C HIS B 601 -7.27 34.44 -12.37
N ALA B 602 -6.57 35.56 -12.51
CA ALA B 602 -7.21 36.87 -12.61
C ALA B 602 -7.02 37.44 -14.01
N LYS B 603 -7.69 38.56 -14.25
CA LYS B 603 -7.63 39.27 -15.52
C LYS B 603 -6.82 40.55 -15.33
N ALA B 604 -5.76 40.70 -16.11
CA ALA B 604 -4.83 41.82 -15.98
C ALA B 604 -4.66 42.54 -17.30
N LYS B 605 -5.77 42.84 -17.96
CA LYS B 605 -5.73 43.58 -19.21
C LYS B 605 -5.36 45.05 -18.96
N THR B 609 3.61 41.92 -23.08
CA THR B 609 3.66 43.08 -23.99
C THR B 609 5.09 43.59 -24.10
N CYS B 610 6.00 42.94 -23.39
CA CYS B 610 7.44 43.24 -23.40
C CYS B 610 7.70 44.74 -23.26
N ASN B 611 7.42 45.22 -22.04
CA ASN B 611 7.56 46.61 -21.67
C ASN B 611 8.90 47.24 -22.08
N LYS B 612 9.95 46.43 -22.15
CA LYS B 612 11.29 46.97 -22.30
C LYS B 612 11.50 47.65 -23.65
N PHE B 613 11.11 46.99 -24.74
CA PHE B 613 11.40 47.49 -26.07
C PHE B 613 10.12 47.86 -26.80
N ASP B 614 10.28 48.53 -27.95
CA ASP B 614 9.18 49.01 -28.78
C ASP B 614 9.45 48.71 -30.25
N LEU B 615 9.76 47.45 -30.54
CA LEU B 615 10.14 47.05 -31.89
C LEU B 615 9.00 47.26 -32.87
N LYS B 616 9.34 47.64 -34.10
CA LYS B 616 8.38 47.81 -35.20
C LYS B 616 8.98 47.27 -36.48
N VAL B 617 8.19 46.50 -37.23
CA VAL B 617 8.67 45.81 -38.43
C VAL B 617 7.73 46.15 -39.59
N THR B 618 8.31 46.49 -40.75
CA THR B 618 7.53 46.76 -41.94
C THR B 618 8.22 46.14 -43.16
N ILE B 619 7.40 45.74 -44.12
CA ILE B 619 7.84 45.18 -45.40
C ILE B 619 7.16 45.95 -46.52
N LYS B 620 7.91 46.26 -47.56
CA LYS B 620 7.38 47.04 -48.68
C LYS B 620 7.87 46.48 -50.00
N PRO B 621 7.11 46.65 -51.07
CA PRO B 621 7.59 46.21 -52.38
C PRO B 621 8.46 47.24 -53.07
N ALA B 622 9.68 46.86 -53.43
CA ALA B 622 10.59 47.77 -54.12
C ALA B 622 10.34 47.71 -55.62
N PRO B 623 10.44 48.85 -56.33
CA PRO B 623 10.20 48.90 -57.77
C PRO B 623 11.18 48.05 -58.57
N LYS B 633 11.04 36.90 -58.23
CA LYS B 633 12.08 37.87 -57.89
C LYS B 633 11.46 39.23 -57.58
N ASN B 634 10.66 39.28 -56.51
CA ASN B 634 10.00 40.52 -56.14
C ASN B 634 10.97 41.53 -55.56
N THR B 635 11.95 41.06 -54.78
CA THR B 635 13.01 41.88 -54.20
C THR B 635 12.41 43.02 -53.35
N MET B 636 11.78 42.61 -52.25
CA MET B 636 11.14 43.57 -51.36
C MET B 636 12.18 44.23 -50.46
N ILE B 637 11.73 45.18 -49.64
CA ILE B 637 12.59 45.88 -48.70
C ILE B 637 11.99 45.76 -47.31
N LEU B 638 12.82 45.38 -46.34
CA LEU B 638 12.42 45.16 -44.96
C LEU B 638 13.07 46.20 -44.07
N GLU B 639 12.28 46.82 -43.19
CA GLU B 639 12.77 47.86 -42.30
C GLU B 639 12.25 47.61 -40.89
N ILE B 640 13.15 47.53 -39.92
CA ILE B 640 12.80 47.31 -38.53
C ILE B 640 13.43 48.43 -37.69
N CYS B 641 12.64 49.00 -36.79
CA CYS B 641 13.11 50.10 -35.95
C CYS B 641 12.71 49.87 -34.51
N THR B 642 13.62 50.15 -33.59
CA THR B 642 13.46 49.81 -32.18
C THR B 642 13.90 50.98 -31.30
N ARG B 643 13.38 50.98 -30.08
CA ARG B 643 13.74 51.97 -29.06
C ARG B 643 13.62 51.33 -27.70
N TYR B 644 14.34 51.90 -26.73
CA TYR B 644 14.32 51.40 -25.37
C TYR B 644 13.29 52.14 -24.53
N ARG B 645 12.82 51.49 -23.47
CA ARG B 645 11.90 52.09 -22.51
C ARG B 645 12.56 52.10 -21.15
N GLY B 646 12.94 53.29 -20.68
CA GLY B 646 13.63 53.43 -19.42
C GLY B 646 14.26 54.79 -19.24
N ASP B 647 15.46 54.84 -18.64
CA ASP B 647 16.15 56.10 -18.41
C ASP B 647 17.61 56.10 -18.83
N GLN B 648 18.25 54.94 -18.96
CA GLN B 648 19.66 54.86 -19.32
C GLN B 648 19.83 53.98 -20.55
N ASP B 649 20.88 54.25 -21.31
CA ASP B 649 21.18 53.45 -22.49
C ASP B 649 21.48 52.02 -22.11
N ALA B 650 20.96 51.08 -22.89
CA ALA B 650 21.13 49.67 -22.59
C ALA B 650 22.48 49.17 -23.05
N THR B 651 22.87 48.02 -22.53
CA THR B 651 24.13 47.37 -22.89
C THR B 651 23.95 46.64 -24.22
N MET B 652 24.90 45.78 -24.57
CA MET B 652 24.84 45.05 -25.83
C MET B 652 23.59 44.18 -25.88
N SER B 653 22.96 44.14 -27.04
CA SER B 653 21.70 43.45 -27.25
C SER B 653 21.79 42.54 -28.46
N ILE B 654 20.86 41.58 -28.52
CA ILE B 654 20.85 40.56 -29.57
C ILE B 654 19.55 40.69 -30.36
N LEU B 655 19.68 40.56 -31.68
CA LEU B 655 18.56 40.66 -32.61
C LEU B 655 18.58 39.44 -33.52
N ASP B 656 17.43 38.78 -33.68
CA ASP B 656 17.30 37.60 -34.51
C ASP B 656 16.23 37.83 -35.57
N ILE B 657 16.51 37.41 -36.79
CA ILE B 657 15.60 37.57 -37.93
C ILE B 657 15.44 36.23 -38.61
N SER B 658 14.18 35.83 -38.83
CA SER B 658 13.86 34.63 -39.60
C SER B 658 12.94 35.05 -40.74
N MET B 659 13.33 34.74 -41.97
CA MET B 659 12.64 35.21 -43.16
C MET B 659 11.67 34.14 -43.67
N MET B 660 10.80 34.58 -44.59
CA MET B 660 9.80 33.70 -45.16
C MET B 660 10.46 32.66 -46.06
N THR B 661 9.67 31.66 -46.43
CA THR B 661 10.17 30.61 -47.31
C THR B 661 10.45 31.15 -48.70
N GLY B 662 11.54 30.68 -49.30
CA GLY B 662 11.92 31.13 -50.63
C GLY B 662 12.51 32.52 -50.71
N PHE B 663 12.96 33.07 -49.59
CA PHE B 663 13.49 34.42 -49.55
C PHE B 663 14.89 34.41 -48.96
N ALA B 664 15.75 35.29 -49.47
CA ALA B 664 17.13 35.34 -49.03
C ALA B 664 17.61 36.78 -48.96
N PRO B 665 18.56 37.07 -48.08
CA PRO B 665 19.17 38.41 -48.05
C PRO B 665 20.13 38.60 -49.21
N ASP B 666 20.57 39.84 -49.38
CA ASP B 666 21.57 40.20 -50.37
C ASP B 666 22.92 40.32 -49.69
N THR B 667 23.93 39.62 -50.25
CA THR B 667 25.25 39.60 -49.62
C THR B 667 25.88 40.98 -49.57
N ASP B 668 25.72 41.76 -50.65
CA ASP B 668 26.38 43.06 -50.72
C ASP B 668 25.87 44.01 -49.63
N ASP B 669 24.55 44.03 -49.41
CA ASP B 669 24.00 44.94 -48.41
C ASP B 669 24.39 44.49 -47.00
N LEU B 670 24.42 43.18 -46.76
CA LEU B 670 24.88 42.69 -45.46
C LEU B 670 26.33 43.07 -45.21
N LYS B 671 27.18 42.94 -46.24
CA LYS B 671 28.57 43.35 -46.10
C LYS B 671 28.69 44.84 -45.81
N GLN B 672 27.90 45.66 -46.51
CA GLN B 672 27.93 47.10 -46.27
C GLN B 672 27.47 47.42 -44.86
N LEU B 673 26.43 46.75 -44.36
CA LEU B 673 25.96 46.99 -43.01
C LEU B 673 27.00 46.57 -41.97
N ALA B 674 27.64 45.42 -42.18
CA ALA B 674 28.66 44.97 -41.23
C ALA B 674 29.89 45.89 -41.25
N ASN B 675 30.19 46.48 -42.41
CA ASN B 675 31.32 47.40 -42.51
C ASN B 675 31.11 48.65 -41.66
N GLY B 676 29.86 48.95 -41.29
CA GLY B 676 29.58 50.10 -40.45
C GLY B 676 29.92 49.87 -38.99
N VAL B 677 29.85 50.95 -38.22
CA VAL B 677 30.20 50.91 -36.82
C VAL B 677 28.95 50.59 -36.00
N ASP B 678 29.18 50.17 -34.74
CA ASP B 678 28.13 49.95 -33.74
C ASP B 678 27.33 48.69 -34.03
N ARG B 679 27.61 48.02 -35.14
CA ARG B 679 26.96 46.75 -35.46
C ARG B 679 28.02 45.73 -35.83
N TYR B 680 27.80 44.48 -35.41
CA TYR B 680 28.75 43.40 -35.62
C TYR B 680 28.03 42.19 -36.19
N ILE B 681 28.58 41.63 -37.27
CA ILE B 681 28.06 40.42 -37.89
C ILE B 681 29.14 39.37 -37.87
N SER B 682 28.76 38.13 -37.52
CA SER B 682 29.74 37.07 -37.33
C SER B 682 30.47 36.76 -38.64
N LYS B 683 31.76 36.44 -38.50
CA LYS B 683 32.57 36.07 -39.65
C LYS B 683 32.10 34.78 -40.29
N TYR B 684 31.51 33.88 -39.50
CA TYR B 684 31.04 32.60 -40.03
C TYR B 684 29.91 32.80 -41.03
N GLU B 685 29.03 33.76 -40.78
CA GLU B 685 27.87 33.97 -41.64
C GLU B 685 28.23 34.49 -43.02
N LEU B 686 29.46 34.96 -43.22
CA LEU B 686 29.85 35.44 -44.54
C LEU B 686 30.13 34.31 -45.51
N ASP B 687 30.65 33.18 -45.02
CA ASP B 687 30.86 32.01 -45.86
C ASP B 687 29.66 31.06 -45.74
N LYS B 688 28.49 31.64 -46.04
CA LYS B 688 27.20 30.98 -45.87
C LYS B 688 26.35 31.21 -47.13
N ALA B 689 26.90 30.83 -48.28
CA ALA B 689 26.38 31.18 -49.60
C ALA B 689 24.85 31.21 -49.65
N PHE B 690 24.33 32.21 -50.34
CA PHE B 690 22.95 32.71 -50.25
C PHE B 690 21.88 31.62 -50.21
N SER B 691 22.17 30.44 -50.75
CA SER B 691 21.16 29.39 -50.81
C SER B 691 20.65 29.03 -49.41
N ASP B 692 21.56 28.95 -48.44
CA ASP B 692 21.21 28.58 -47.07
C ASP B 692 21.45 29.78 -46.16
N ARG B 693 20.45 30.64 -46.03
CA ARG B 693 20.51 31.80 -45.15
C ARG B 693 19.17 31.99 -44.44
N ASN B 694 18.64 30.90 -43.89
CA ASN B 694 17.31 30.95 -43.26
C ASN B 694 17.26 31.96 -42.14
N THR B 695 18.24 31.94 -41.24
CA THR B 695 18.23 32.78 -40.04
C THR B 695 19.42 33.73 -40.06
N LEU B 696 19.22 34.91 -39.50
CA LEU B 696 20.29 35.89 -39.34
C LEU B 696 20.30 36.42 -37.92
N ILE B 697 21.48 36.75 -37.42
CA ILE B 697 21.66 37.22 -36.05
C ILE B 697 22.58 38.43 -36.07
N ILE B 698 22.18 39.48 -35.35
CA ILE B 698 22.91 40.74 -35.32
C ILE B 698 23.15 41.13 -33.86
N TYR B 699 24.35 41.63 -33.58
CA TYR B 699 24.71 42.14 -32.27
C TYR B 699 24.70 43.66 -32.31
N LEU B 700 24.08 44.28 -31.31
CA LEU B 700 24.01 45.73 -31.23
C LEU B 700 24.76 46.20 -29.99
N ASP B 701 25.62 47.20 -30.18
CA ASP B 701 26.43 47.69 -29.06
C ASP B 701 25.56 48.39 -28.02
N LYS B 702 24.65 49.26 -28.47
CA LYS B 702 23.78 49.97 -27.56
C LYS B 702 22.56 50.46 -28.33
N VAL B 703 21.49 50.75 -27.59
CA VAL B 703 20.25 51.28 -28.15
C VAL B 703 19.86 52.51 -27.35
N SER B 704 19.55 53.59 -28.07
CA SER B 704 19.18 54.84 -27.42
C SER B 704 17.81 54.71 -26.76
N HIS B 705 17.63 55.43 -25.65
CA HIS B 705 16.37 55.43 -24.91
C HIS B 705 15.55 56.68 -25.16
N SER B 706 15.90 57.49 -26.16
CA SER B 706 15.18 58.72 -26.45
C SER B 706 14.66 58.80 -27.88
N GLU B 707 15.36 58.23 -28.86
CA GLU B 707 14.96 58.32 -30.26
C GLU B 707 15.10 56.94 -30.90
N ASP B 708 14.66 56.84 -32.15
CA ASP B 708 14.62 55.58 -32.88
C ASP B 708 15.76 55.56 -33.90
N ASP B 709 16.72 54.67 -33.70
CA ASP B 709 17.82 54.44 -34.65
C ASP B 709 17.69 53.02 -35.17
N CYS B 710 17.78 52.86 -36.49
CA CYS B 710 17.44 51.57 -37.08
C CYS B 710 18.08 51.45 -38.46
N LEU B 711 17.70 50.39 -39.17
CA LEU B 711 18.33 49.99 -40.43
C LEU B 711 17.27 49.41 -41.34
N ALA B 712 17.70 48.95 -42.52
CA ALA B 712 16.80 48.33 -43.49
C ALA B 712 17.66 47.62 -44.53
N PHE B 713 17.07 46.60 -45.16
CA PHE B 713 17.80 45.88 -46.20
C PHE B 713 16.81 45.16 -47.12
N LYS B 714 17.33 44.74 -48.27
CA LYS B 714 16.51 44.13 -49.32
C LYS B 714 16.44 42.61 -49.15
N VAL B 715 15.44 42.02 -49.80
CA VAL B 715 15.21 40.58 -49.79
C VAL B 715 14.88 40.14 -51.20
N HIS B 716 15.56 39.10 -51.67
CA HIS B 716 15.34 38.53 -53.00
C HIS B 716 14.62 37.20 -52.89
N GLN B 717 13.99 36.80 -54.00
CA GLN B 717 13.29 35.53 -54.09
C GLN B 717 13.94 34.66 -55.14
N TYR B 718 14.23 33.41 -54.78
CA TYR B 718 14.86 32.46 -55.69
C TYR B 718 14.04 31.22 -55.94
N PHE B 719 12.82 31.15 -55.41
CA PHE B 719 12.02 29.94 -55.49
C PHE B 719 10.55 30.31 -55.30
N ASN B 720 9.67 29.70 -56.09
CA ASN B 720 8.24 29.97 -56.04
C ASN B 720 7.57 28.90 -55.19
N VAL B 721 6.93 29.31 -54.10
CA VAL B 721 6.23 28.40 -53.19
C VAL B 721 4.89 29.02 -52.84
N GLU B 722 3.84 28.22 -52.88
CA GLU B 722 2.51 28.69 -52.53
C GLU B 722 2.29 28.58 -51.02
N LEU B 723 1.45 29.47 -50.49
CA LEU B 723 1.16 29.56 -49.06
C LEU B 723 2.44 29.79 -48.25
N ILE B 724 3.03 30.97 -48.47
CA ILE B 724 4.27 31.33 -47.81
C ILE B 724 3.99 31.65 -46.34
N GLN B 725 4.83 31.12 -45.45
CA GLN B 725 4.72 31.38 -44.02
C GLN B 725 5.22 32.78 -43.68
N PRO B 726 4.69 33.39 -42.62
CA PRO B 726 5.21 34.70 -42.19
C PRO B 726 6.58 34.56 -41.55
N GLY B 727 7.27 35.70 -41.47
CA GLY B 727 8.57 35.78 -40.85
C GLY B 727 8.49 36.03 -39.36
N ALA B 728 9.64 36.37 -38.77
CA ALA B 728 9.69 36.62 -37.35
C ALA B 728 10.92 37.47 -37.02
N VAL B 729 10.76 38.40 -36.07
CA VAL B 729 11.86 39.21 -35.58
C VAL B 729 11.80 39.22 -34.06
N LYS B 730 12.95 38.99 -33.42
CA LYS B 730 13.03 38.92 -31.97
C LYS B 730 14.21 39.76 -31.49
N VAL B 731 14.04 40.41 -30.34
CA VAL B 731 15.11 41.24 -29.78
C VAL B 731 15.11 41.10 -28.28
N TYR B 732 16.31 41.11 -27.70
CA TYR B 732 16.44 41.02 -26.24
C TYR B 732 17.84 41.46 -25.81
N ALA B 733 18.08 41.41 -24.51
CA ALA B 733 19.37 41.73 -23.90
C ALA B 733 20.04 40.46 -23.41
N TYR B 734 21.36 40.53 -23.24
CA TYR B 734 22.15 39.31 -23.09
C TYR B 734 21.91 38.64 -21.74
N TYR B 735 21.93 39.40 -20.64
CA TYR B 735 21.84 38.76 -19.33
C TYR B 735 20.42 38.31 -19.01
N ASN B 736 19.41 39.09 -19.40
CA ASN B 736 18.02 38.77 -19.13
C ASN B 736 17.38 38.24 -20.40
N LEU B 737 17.02 36.95 -20.40
CA LEU B 737 16.43 36.32 -21.57
C LEU B 737 14.91 36.30 -21.54
N GLU B 738 14.31 36.33 -20.34
CA GLU B 738 12.85 36.23 -20.26
C GLU B 738 12.16 37.49 -20.76
N GLU B 739 12.88 38.62 -20.82
CA GLU B 739 12.30 39.87 -21.29
C GLU B 739 12.75 40.10 -22.73
N SER B 740 11.85 39.86 -23.68
CA SER B 740 12.17 39.97 -25.09
C SER B 740 10.94 40.39 -25.86
N CYS B 741 11.16 41.02 -27.01
CA CYS B 741 10.08 41.46 -27.88
C CYS B 741 10.11 40.67 -29.19
N THR B 742 8.93 40.34 -29.70
CA THR B 742 8.79 39.59 -30.93
C THR B 742 7.72 40.21 -31.82
N ARG B 743 7.94 40.11 -33.13
CA ARG B 743 7.01 40.69 -34.11
C ARG B 743 7.01 39.83 -35.36
N PHE B 744 5.93 39.95 -36.13
CA PHE B 744 5.74 39.19 -37.36
C PHE B 744 5.50 40.14 -38.52
N TYR B 745 5.51 39.58 -39.73
CA TYR B 745 5.28 40.39 -40.93
C TYR B 745 4.93 39.47 -42.09
N HIS B 746 4.22 40.02 -43.08
CA HIS B 746 3.81 39.30 -44.28
C HIS B 746 3.38 40.31 -45.32
N PRO B 747 3.68 40.09 -46.61
CA PRO B 747 3.31 41.07 -47.63
C PRO B 747 1.81 41.28 -47.79
N GLU B 748 1.07 40.21 -48.01
CA GLU B 748 -0.35 40.28 -48.33
C GLU B 748 -1.27 40.16 -47.13
N LYS B 749 -0.72 40.07 -45.93
CA LYS B 749 -1.51 39.93 -44.71
C LYS B 749 -1.20 41.07 -43.75
N GLU B 750 -2.24 41.59 -43.11
CA GLU B 750 -2.07 42.72 -42.20
C GLU B 750 -1.60 42.21 -40.84
N ASP B 751 -0.48 42.77 -40.38
CA ASP B 751 0.13 42.50 -39.07
C ASP B 751 0.61 41.07 -38.92
N GLY B 752 0.65 40.29 -40.01
CA GLY B 752 1.21 38.95 -39.98
C GLY B 752 0.43 37.92 -39.21
N LYS B 753 -0.58 38.31 -38.43
CA LYS B 753 -1.34 37.35 -37.65
C LYS B 753 -2.15 36.44 -38.57
N LEU B 754 -2.22 35.16 -38.20
CA LEU B 754 -2.97 34.20 -39.00
C LEU B 754 -4.47 34.43 -38.83
N ASN B 755 -5.24 33.86 -39.76
CA ASN B 755 -6.68 34.06 -39.80
C ASN B 755 -7.39 33.13 -38.83
N LYS B 756 -8.29 33.70 -38.02
CA LYS B 756 -9.12 32.94 -37.12
C LYS B 756 -10.26 33.83 -36.66
N LEU B 757 -11.43 33.23 -36.42
CA LEU B 757 -12.64 33.97 -36.10
C LEU B 757 -13.25 33.45 -34.81
N CYS B 758 -13.47 34.36 -33.85
CA CYS B 758 -14.10 34.03 -32.58
C CYS B 758 -14.33 35.22 -31.66
N ARG B 759 -14.92 34.94 -30.48
CA ARG B 759 -15.31 35.96 -29.51
C ARG B 759 -14.80 35.57 -28.11
N ASP B 760 -13.52 35.90 -27.85
CA ASP B 760 -13.00 36.09 -26.50
C ASP B 760 -12.86 34.84 -25.64
N GLU B 761 -13.40 33.70 -26.05
CA GLU B 761 -13.27 32.50 -25.23
C GLU B 761 -12.58 31.34 -25.93
N LEU B 762 -13.04 30.95 -27.12
CA LEU B 762 -12.52 29.75 -27.77
C LEU B 762 -12.98 29.76 -29.21
N CYS B 763 -12.17 29.15 -30.08
CA CYS B 763 -12.48 29.18 -31.51
C CYS B 763 -11.54 28.29 -32.30
N ARG B 764 -12.02 27.90 -33.47
CA ARG B 764 -11.30 27.21 -34.53
C ARG B 764 -10.69 28.26 -35.45
N CYS B 765 -10.06 27.80 -36.53
CA CYS B 765 -9.46 28.70 -37.50
C CYS B 765 -9.94 28.35 -38.90
N ALA B 766 -9.72 29.28 -39.83
CA ALA B 766 -10.29 29.18 -41.15
C ALA B 766 -9.25 29.26 -42.26
N GLU B 767 -8.18 28.50 -42.14
CA GLU B 767 -7.18 28.40 -43.20
C GLU B 767 -7.57 27.35 -44.22
N GLU B 768 -8.77 27.47 -44.79
CA GLU B 768 -9.31 26.48 -45.71
C GLU B 768 -9.95 27.14 -46.92
N ASN B 769 -10.68 26.36 -47.71
CA ASN B 769 -11.29 26.87 -48.94
C ASN B 769 -12.66 27.44 -48.63
N CYS B 770 -13.44 27.73 -49.67
CA CYS B 770 -14.76 28.32 -49.54
C CYS B 770 -15.91 27.39 -49.90
N PHE B 771 -15.69 26.48 -50.84
CA PHE B 771 -16.73 25.53 -51.25
C PHE B 771 -16.05 24.33 -51.90
N ILE B 772 -16.84 23.49 -52.56
CA ILE B 772 -16.30 22.31 -53.25
C ILE B 772 -16.07 22.61 -54.72
N GLN B 773 -17.08 23.13 -55.41
CA GLN B 773 -17.00 23.42 -56.84
C GLN B 773 -18.20 24.22 -57.31
N VAL B 779 -22.60 19.44 -62.14
CA VAL B 779 -23.54 18.71 -61.30
C VAL B 779 -24.59 18.01 -62.17
N THR B 780 -24.84 16.75 -61.87
CA THR B 780 -25.86 15.97 -62.58
C THR B 780 -26.93 15.53 -61.56
N LEU B 781 -27.94 14.83 -62.06
CA LEU B 781 -29.06 14.44 -61.21
C LEU B 781 -28.67 13.33 -60.24
N GLU B 782 -27.96 12.31 -60.73
CA GLU B 782 -27.64 11.17 -59.88
C GLU B 782 -26.62 11.53 -58.81
N GLU B 783 -25.69 12.44 -59.12
CA GLU B 783 -24.75 12.93 -58.12
C GLU B 783 -25.48 13.58 -56.94
N ARG B 784 -26.43 14.46 -57.23
CA ARG B 784 -27.23 15.08 -56.18
C ARG B 784 -28.06 14.04 -55.44
N LEU B 785 -28.60 13.06 -56.16
CA LEU B 785 -29.35 11.99 -55.51
C LEU B 785 -28.50 11.21 -54.53
N ASP B 786 -27.25 10.91 -54.91
CA ASP B 786 -26.46 9.98 -54.11
C ASP B 786 -25.74 10.66 -52.95
N LYS B 787 -25.01 11.75 -53.19
CA LYS B 787 -24.17 12.24 -52.10
C LYS B 787 -24.90 13.16 -51.14
N ALA B 788 -26.20 13.39 -51.32
CA ALA B 788 -26.99 14.06 -50.29
C ALA B 788 -27.48 13.10 -49.22
N CYS B 789 -27.21 11.80 -49.37
CA CYS B 789 -27.60 10.79 -48.39
C CYS B 789 -26.40 10.27 -47.60
N GLU B 790 -25.30 11.01 -47.57
CA GLU B 790 -24.14 10.56 -46.82
C GLU B 790 -24.48 10.49 -45.33
N PRO B 791 -23.87 9.54 -44.60
CA PRO B 791 -24.11 9.45 -43.16
C PRO B 791 -23.54 10.60 -42.35
N GLY B 792 -22.96 11.60 -43.01
CA GLY B 792 -22.39 12.74 -42.30
C GLY B 792 -23.27 13.98 -42.32
N VAL B 793 -23.92 14.25 -43.46
CA VAL B 793 -24.72 15.45 -43.58
C VAL B 793 -25.89 15.41 -42.60
N ASP B 794 -26.33 16.58 -42.16
CA ASP B 794 -27.35 16.68 -41.13
C ASP B 794 -28.58 17.46 -41.56
N TYR B 795 -28.41 18.58 -42.25
CA TYR B 795 -29.52 19.44 -42.62
C TYR B 795 -29.56 19.64 -44.12
N VAL B 796 -30.76 19.65 -44.69
CA VAL B 796 -30.97 19.99 -46.09
C VAL B 796 -32.13 20.98 -46.13
N TYR B 797 -31.83 22.22 -46.48
CA TYR B 797 -32.81 23.30 -46.44
C TYR B 797 -32.90 23.99 -47.80
N LYS B 798 -33.97 24.75 -47.98
CA LYS B 798 -34.06 25.74 -49.04
C LYS B 798 -34.47 27.06 -48.41
N THR B 799 -33.76 28.13 -48.77
CA THR B 799 -33.86 29.39 -48.06
C THR B 799 -33.97 30.56 -49.05
N ARG B 800 -34.54 31.64 -48.54
CA ARG B 800 -34.62 32.92 -49.24
C ARG B 800 -33.79 33.94 -48.49
N LEU B 801 -32.85 34.58 -49.18
CA LEU B 801 -31.94 35.53 -48.56
C LEU B 801 -32.68 36.84 -48.29
N VAL B 802 -32.73 37.25 -47.03
CA VAL B 802 -33.45 38.46 -46.66
C VAL B 802 -32.51 39.65 -46.47
N LYS B 803 -31.31 39.45 -45.91
CA LYS B 803 -30.43 40.60 -45.79
C LYS B 803 -28.97 40.17 -45.69
N VAL B 804 -28.08 41.11 -45.98
CA VAL B 804 -26.65 40.91 -45.99
C VAL B 804 -26.01 42.02 -45.17
N GLN B 805 -24.93 41.70 -44.44
CA GLN B 805 -24.22 42.71 -43.65
C GLN B 805 -22.73 42.37 -43.66
N LEU B 806 -21.93 43.28 -44.20
CA LEU B 806 -20.48 43.12 -44.20
C LEU B 806 -19.88 43.76 -42.96
N SER B 807 -18.73 43.23 -42.54
CA SER B 807 -18.02 43.75 -41.39
C SER B 807 -16.53 43.52 -41.57
N ASN B 808 -15.77 43.74 -40.49
CA ASN B 808 -14.32 43.64 -40.57
C ASN B 808 -13.83 42.21 -40.39
N ASP B 809 -14.25 41.55 -39.31
CA ASP B 809 -13.74 40.21 -39.00
C ASP B 809 -14.35 39.15 -39.91
N PHE B 810 -15.62 39.28 -40.24
CA PHE B 810 -16.30 38.33 -41.14
C PHE B 810 -17.50 39.03 -41.74
N ASP B 811 -18.21 38.33 -42.63
CA ASP B 811 -19.45 38.87 -43.18
C ASP B 811 -20.60 37.92 -42.86
N GLU B 812 -21.78 38.50 -42.65
CA GLU B 812 -22.92 37.76 -42.16
C GLU B 812 -24.10 37.90 -43.12
N TYR B 813 -24.88 36.83 -43.20
CA TYR B 813 -26.09 36.80 -44.01
C TYR B 813 -27.25 36.35 -43.14
N ILE B 814 -28.39 37.01 -43.29
CA ILE B 814 -29.62 36.62 -42.61
C ILE B 814 -30.56 36.07 -43.68
N MET B 815 -31.03 34.85 -43.45
CA MET B 815 -31.86 34.13 -44.41
C MET B 815 -33.15 33.67 -43.75
N ALA B 816 -34.15 33.40 -44.58
CA ALA B 816 -35.43 32.89 -44.13
C ALA B 816 -35.68 31.51 -44.73
N ILE B 817 -36.28 30.62 -43.94
CA ILE B 817 -36.47 29.23 -44.33
C ILE B 817 -37.89 29.06 -44.86
N GLU B 818 -38.01 28.41 -46.01
CA GLU B 818 -39.30 28.17 -46.63
C GLU B 818 -39.93 26.85 -46.17
N GLN B 819 -39.15 25.77 -46.19
CA GLN B 819 -39.60 24.50 -45.63
C GLN B 819 -38.39 23.65 -45.28
N THR B 820 -38.55 22.83 -44.26
CA THR B 820 -37.48 21.96 -43.77
C THR B 820 -37.51 20.67 -44.58
N ILE B 821 -36.72 20.63 -45.66
CA ILE B 821 -36.70 19.45 -46.52
C ILE B 821 -36.16 18.24 -45.79
N LYS B 822 -35.07 18.41 -45.04
CA LYS B 822 -34.52 17.34 -44.20
C LYS B 822 -33.95 17.98 -42.94
N SER B 823 -34.68 17.87 -41.84
CA SER B 823 -34.25 18.47 -40.59
C SER B 823 -33.12 17.65 -39.96
N GLY B 824 -32.46 18.26 -38.98
CA GLY B 824 -31.36 17.65 -38.25
C GLY B 824 -31.54 17.82 -36.76
N SER B 825 -30.40 17.96 -36.08
CA SER B 825 -30.42 18.11 -34.62
C SER B 825 -31.10 19.42 -34.22
N ASP B 826 -30.80 20.51 -34.92
CA ASP B 826 -31.42 21.79 -34.61
C ASP B 826 -32.87 21.78 -35.07
N GLU B 827 -33.76 22.27 -34.22
CA GLU B 827 -35.19 22.28 -34.50
C GLU B 827 -35.59 23.66 -35.00
N VAL B 828 -36.11 23.73 -36.22
CA VAL B 828 -36.54 24.98 -36.83
C VAL B 828 -37.91 24.76 -37.45
N GLN B 829 -38.65 25.85 -37.57
CA GLN B 829 -39.97 25.85 -38.18
C GLN B 829 -40.01 26.87 -39.31
N VAL B 830 -41.02 26.75 -40.17
CA VAL B 830 -41.16 27.66 -41.30
C VAL B 830 -41.44 29.06 -40.79
N GLY B 831 -40.75 30.05 -41.34
CA GLY B 831 -40.89 31.43 -40.95
C GLY B 831 -39.78 31.95 -40.07
N GLN B 832 -38.93 31.08 -39.53
CA GLN B 832 -37.83 31.52 -38.69
C GLN B 832 -36.73 32.15 -39.55
N GLN B 833 -35.76 32.75 -38.88
CA GLN B 833 -34.62 33.37 -39.53
C GLN B 833 -33.33 32.73 -39.04
N ARG B 834 -32.35 32.64 -39.94
CA ARG B 834 -31.08 31.98 -39.64
C ARG B 834 -29.93 32.91 -40.02
N THR B 835 -28.80 32.70 -39.33
CA THR B 835 -27.60 33.52 -39.50
C THR B 835 -26.50 32.65 -40.09
N PHE B 836 -25.77 33.22 -41.07
CA PHE B 836 -24.65 32.53 -41.71
C PHE B 836 -23.43 33.41 -41.63
N ILE B 837 -22.31 32.82 -41.20
CA ILE B 837 -21.05 33.54 -41.01
C ILE B 837 -20.07 33.05 -42.07
N SER B 838 -19.31 33.98 -42.65
CA SER B 838 -18.33 33.58 -43.65
C SER B 838 -17.09 34.47 -43.57
N PRO B 839 -15.94 33.95 -44.00
CA PRO B 839 -14.75 34.79 -44.11
C PRO B 839 -14.86 35.74 -45.30
N ILE B 840 -14.02 36.77 -45.28
CA ILE B 840 -14.08 37.81 -46.30
C ILE B 840 -13.68 37.25 -47.67
N LYS B 841 -12.71 36.34 -47.70
CA LYS B 841 -12.18 35.84 -48.96
C LYS B 841 -13.23 35.13 -49.80
N CYS B 842 -14.30 34.62 -49.19
CA CYS B 842 -15.36 33.95 -49.93
C CYS B 842 -16.36 34.91 -50.53
N ARG B 843 -16.25 36.21 -50.25
CA ARG B 843 -17.24 37.17 -50.73
C ARG B 843 -17.34 37.14 -52.25
N GLU B 844 -16.20 37.13 -52.93
CA GLU B 844 -16.22 37.07 -54.39
C GLU B 844 -16.62 35.69 -54.89
N ALA B 845 -16.43 34.65 -54.08
CA ALA B 845 -16.70 33.29 -54.52
C ALA B 845 -18.20 32.99 -54.57
N LEU B 846 -18.95 33.43 -53.56
CA LEU B 846 -20.36 33.05 -53.47
C LEU B 846 -21.21 33.81 -54.49
N LYS B 847 -20.97 35.11 -54.64
CA LYS B 847 -21.75 35.98 -55.53
C LYS B 847 -23.24 35.90 -55.20
N LEU B 848 -23.57 36.35 -53.99
CA LEU B 848 -24.94 36.37 -53.51
C LEU B 848 -25.52 37.76 -53.65
N GLU B 849 -26.82 37.83 -53.92
CA GLU B 849 -27.52 39.10 -54.09
C GLU B 849 -28.87 39.04 -53.38
N GLU B 850 -29.49 40.21 -53.24
CA GLU B 850 -30.72 40.33 -52.48
C GLU B 850 -31.88 39.61 -53.16
N LYS B 851 -32.78 39.05 -52.35
CA LYS B 851 -34.05 38.49 -52.81
C LYS B 851 -33.84 37.39 -53.86
N LYS B 852 -33.22 36.30 -53.43
CA LYS B 852 -32.99 35.15 -54.30
C LYS B 852 -33.09 33.88 -53.46
N HIS B 853 -33.40 32.78 -54.15
CA HIS B 853 -33.65 31.50 -53.50
C HIS B 853 -32.49 30.54 -53.72
N TYR B 854 -32.12 29.81 -52.67
CA TYR B 854 -31.05 28.84 -52.77
C TYR B 854 -31.46 27.57 -52.04
N LEU B 855 -30.79 26.47 -52.36
CA LEU B 855 -30.90 25.23 -51.59
C LEU B 855 -29.51 24.85 -51.11
N MET B 856 -29.44 24.31 -49.89
CA MET B 856 -28.15 24.13 -49.26
C MET B 856 -28.17 22.91 -48.34
N TRP B 857 -27.01 22.28 -48.21
CA TRP B 857 -26.84 21.24 -47.20
C TRP B 857 -25.40 21.26 -46.69
N GLY B 858 -25.24 20.84 -45.44
CA GLY B 858 -23.93 20.83 -44.81
C GLY B 858 -23.85 19.73 -43.77
N LEU B 859 -22.68 19.61 -43.15
CA LEU B 859 -22.42 18.60 -42.16
C LEU B 859 -22.79 19.11 -40.77
N SER B 860 -22.42 18.36 -39.73
CA SER B 860 -22.78 18.70 -38.36
C SER B 860 -21.67 19.39 -37.59
N SER B 861 -20.42 19.32 -38.07
CA SER B 861 -19.30 19.94 -37.36
C SER B 861 -19.29 21.45 -37.48
N ASP B 862 -20.13 22.03 -38.32
CA ASP B 862 -20.08 23.46 -38.61
C ASP B 862 -20.94 24.29 -37.65
N PHE B 863 -21.66 23.67 -36.73
CA PHE B 863 -22.43 24.44 -35.76
C PHE B 863 -21.50 25.25 -34.86
N TRP B 864 -21.87 26.50 -34.62
CA TRP B 864 -21.09 27.38 -33.78
C TRP B 864 -22.01 28.11 -32.81
N GLY B 865 -21.43 28.59 -31.72
CA GLY B 865 -22.24 29.14 -30.64
C GLY B 865 -22.82 28.04 -29.78
N GLU B 866 -23.96 28.33 -29.17
CA GLU B 866 -24.63 27.36 -28.32
C GLU B 866 -26.11 27.71 -28.24
N LYS B 867 -26.85 26.95 -27.43
CA LYS B 867 -28.30 27.13 -27.34
C LYS B 867 -28.62 28.51 -26.78
N PRO B 868 -29.50 29.28 -27.44
CA PRO B 868 -30.16 28.94 -28.69
C PRO B 868 -29.59 29.67 -29.90
N ASN B 869 -28.60 30.54 -29.70
CA ASN B 869 -28.06 31.37 -30.77
C ASN B 869 -27.08 30.59 -31.65
N LEU B 870 -27.57 29.46 -32.17
CA LEU B 870 -26.77 28.66 -33.07
C LEU B 870 -26.56 29.37 -34.39
N SER B 871 -25.39 29.15 -34.99
CA SER B 871 -25.05 29.75 -36.27
C SER B 871 -24.37 28.69 -37.14
N TYR B 872 -24.49 28.86 -38.45
CA TYR B 872 -23.89 27.95 -39.41
C TYR B 872 -22.69 28.61 -40.07
N ILE B 873 -21.72 27.80 -40.45
CA ILE B 873 -20.48 28.27 -41.05
C ILE B 873 -20.37 27.71 -42.46
N ILE B 874 -20.09 28.58 -43.42
CA ILE B 874 -19.93 28.18 -44.81
C ILE B 874 -18.49 27.74 -45.03
N GLY B 875 -18.20 26.46 -44.77
CA GLY B 875 -16.89 25.90 -44.94
C GLY B 875 -16.71 25.27 -46.31
N LYS B 876 -15.79 24.32 -46.38
CA LYS B 876 -15.55 23.63 -47.65
C LYS B 876 -16.67 22.67 -47.99
N ASP B 877 -17.17 21.92 -47.00
CA ASP B 877 -18.09 20.82 -47.27
C ASP B 877 -19.51 21.32 -47.56
N THR B 878 -19.92 22.44 -46.99
CA THR B 878 -21.27 22.94 -47.23
C THR B 878 -21.46 23.27 -48.71
N TRP B 879 -22.64 22.94 -49.24
CA TRP B 879 -22.94 23.15 -50.64
C TRP B 879 -24.21 23.99 -50.75
N VAL B 880 -24.13 25.05 -51.55
CA VAL B 880 -25.22 25.99 -51.78
C VAL B 880 -25.40 26.16 -53.28
N GLU B 881 -26.63 26.04 -53.77
CA GLU B 881 -26.93 26.15 -55.18
C GLU B 881 -28.10 27.09 -55.41
N HIS B 882 -28.03 27.87 -56.48
CA HIS B 882 -29.09 28.80 -56.83
C HIS B 882 -30.33 28.04 -57.30
N TRP B 883 -31.50 28.65 -57.06
CA TRP B 883 -32.78 28.06 -57.45
C TRP B 883 -33.59 29.12 -58.19
N PRO B 884 -34.01 28.85 -59.41
CA PRO B 884 -34.79 29.86 -60.16
C PRO B 884 -36.18 30.03 -59.56
N GLU B 885 -36.80 31.15 -59.93
CA GLU B 885 -38.15 31.44 -59.49
C GLU B 885 -39.12 30.42 -60.07
N GLU B 886 -40.24 30.23 -59.37
CA GLU B 886 -41.21 29.21 -59.78
C GLU B 886 -41.75 29.47 -61.17
N ASP B 887 -41.85 30.74 -61.58
CA ASP B 887 -42.40 31.06 -62.89
C ASP B 887 -41.49 30.63 -64.03
N GLU B 888 -40.20 30.42 -63.79
CA GLU B 888 -39.25 30.12 -64.84
C GLU B 888 -38.81 28.66 -64.88
N CYS B 889 -39.47 27.77 -64.13
CA CYS B 889 -39.28 26.35 -64.40
C CYS B 889 -39.97 25.91 -65.68
N GLN B 890 -40.77 26.78 -66.31
CA GLN B 890 -41.27 26.50 -67.65
C GLN B 890 -40.23 26.79 -68.72
N ASP B 891 -39.11 27.41 -68.37
CA ASP B 891 -38.00 27.64 -69.29
C ASP B 891 -36.91 26.61 -69.04
N GLU B 892 -36.23 26.23 -70.12
CA GLU B 892 -35.25 25.15 -70.06
C GLU B 892 -33.93 25.55 -69.43
N GLU B 893 -33.85 26.72 -68.79
CA GLU B 893 -32.62 27.10 -68.12
C GLU B 893 -32.28 26.12 -67.00
N ASN B 894 -33.24 25.87 -66.11
CA ASN B 894 -33.07 24.88 -65.04
C ASN B 894 -34.34 24.08 -64.84
N GLN B 895 -35.15 23.93 -65.89
CA GLN B 895 -36.34 23.08 -65.80
C GLN B 895 -35.96 21.66 -65.45
N LYS B 896 -34.96 21.12 -66.14
CA LYS B 896 -34.47 19.78 -65.81
C LYS B 896 -34.11 19.68 -64.34
N GLN B 897 -33.33 20.65 -63.85
CA GLN B 897 -33.02 20.69 -62.43
C GLN B 897 -34.26 20.95 -61.59
N CYS B 898 -35.22 21.73 -62.11
CA CYS B 898 -36.42 22.01 -61.32
C CYS B 898 -37.19 20.72 -61.01
N GLN B 899 -37.50 19.93 -62.04
CA GLN B 899 -38.19 18.66 -61.76
C GLN B 899 -37.27 17.66 -61.07
N ASP B 900 -35.96 17.73 -61.31
CA ASP B 900 -35.06 16.82 -60.61
C ASP B 900 -35.12 17.04 -59.11
N LEU B 901 -35.03 18.30 -58.67
CA LEU B 901 -35.07 18.59 -57.25
C LEU B 901 -36.48 18.43 -56.69
N GLY B 902 -37.52 18.67 -57.49
CA GLY B 902 -38.86 18.37 -57.03
C GLY B 902 -39.05 16.89 -56.74
N ALA B 903 -38.60 16.04 -57.66
CA ALA B 903 -38.67 14.60 -57.45
C ALA B 903 -37.80 14.18 -56.28
N PHE B 904 -36.64 14.81 -56.11
CA PHE B 904 -35.76 14.50 -54.99
C PHE B 904 -36.42 14.84 -53.66
N THR B 905 -37.07 16.01 -53.60
CA THR B 905 -37.77 16.42 -52.38
C THR B 905 -38.92 15.48 -52.07
N GLU B 906 -39.76 15.17 -53.08
CA GLU B 906 -40.89 14.30 -52.81
C GLU B 906 -40.45 12.87 -52.52
N SER B 907 -39.28 12.47 -53.04
CA SER B 907 -38.76 11.14 -52.76
C SER B 907 -38.29 11.04 -51.32
N MET B 908 -37.64 12.10 -50.81
CA MET B 908 -37.24 12.07 -49.40
C MET B 908 -38.45 12.21 -48.48
N VAL B 909 -39.45 13.00 -48.89
CA VAL B 909 -40.62 13.21 -48.04
C VAL B 909 -41.47 11.94 -47.97
N VAL B 910 -41.68 11.29 -49.11
CA VAL B 910 -42.56 10.13 -49.19
C VAL B 910 -41.82 8.84 -48.88
N PHE B 911 -40.68 8.61 -49.53
CA PHE B 911 -39.91 7.38 -49.35
C PHE B 911 -38.73 7.54 -48.38
N GLY B 912 -37.92 8.56 -48.56
CA GLY B 912 -36.71 8.71 -47.77
C GLY B 912 -35.47 8.43 -48.58
N CYS B 913 -34.56 7.61 -48.05
CA CYS B 913 -33.36 7.26 -48.79
C CYS B 913 -32.98 5.82 -48.51
N PRO B 914 -32.56 5.06 -49.52
CA PRO B 914 -32.28 3.63 -49.32
C PRO B 914 -31.00 3.35 -48.55
N ASN B 915 -30.99 3.63 -47.25
CA ASN B 915 -29.86 3.29 -46.40
C ASN B 915 -30.32 2.94 -44.99
N SER C 35 -24.81 -3.45 -62.49
CA SER C 35 -24.14 -2.79 -63.60
C SER C 35 -22.68 -2.51 -63.26
N CYS C 36 -22.31 -2.74 -62.01
CA CYS C 36 -20.94 -2.51 -61.58
C CYS C 36 -19.98 -3.49 -62.24
N SER C 37 -18.74 -3.06 -62.39
CA SER C 37 -17.70 -3.89 -63.01
C SER C 37 -17.28 -4.98 -62.03
N LEU C 38 -17.82 -6.18 -62.20
CA LEU C 38 -17.56 -7.30 -61.30
C LEU C 38 -16.36 -8.13 -61.71
N GLU C 39 -15.66 -7.75 -62.78
CA GLU C 39 -14.54 -8.52 -63.30
C GLU C 39 -13.23 -7.89 -62.86
N GLY C 40 -12.39 -8.70 -62.22
CA GLY C 40 -11.09 -8.22 -61.74
C GLY C 40 -11.08 -7.88 -60.27
N VAL C 41 -11.86 -8.62 -59.47
CA VAL C 41 -11.97 -8.35 -58.04
C VAL C 41 -11.42 -9.53 -57.26
N GLU C 42 -10.46 -10.24 -57.83
CA GLU C 42 -9.81 -11.34 -57.14
C GLU C 42 -8.90 -10.82 -56.04
N ILE C 43 -8.81 -11.57 -54.94
CA ILE C 43 -7.94 -11.24 -53.82
C ILE C 43 -6.83 -12.27 -53.74
N LYS C 44 -5.60 -11.80 -53.60
CA LYS C 44 -4.44 -12.68 -53.57
C LYS C 44 -4.34 -13.38 -52.23
N GLY C 45 -4.18 -14.71 -52.26
CA GLY C 45 -4.08 -15.50 -51.06
C GLY C 45 -5.39 -15.88 -50.42
N GLY C 46 -6.51 -15.45 -50.98
CA GLY C 46 -7.82 -15.77 -50.43
C GLY C 46 -8.89 -15.77 -51.51
N SER C 47 -10.16 -15.82 -51.10
CA SER C 47 -11.27 -15.83 -52.05
C SER C 47 -12.21 -14.67 -51.75
N PHE C 48 -13.23 -14.53 -52.60
CA PHE C 48 -14.23 -13.50 -52.42
C PHE C 48 -15.60 -14.05 -52.83
N ARG C 49 -16.65 -13.47 -52.26
CA ARG C 49 -18.01 -13.88 -52.51
C ARG C 49 -18.87 -12.65 -52.81
N LEU C 50 -19.97 -12.90 -53.52
CA LEU C 50 -20.93 -11.87 -53.88
C LEU C 50 -22.20 -12.05 -53.07
N LEU C 51 -22.67 -10.95 -52.47
CA LEU C 51 -23.81 -10.99 -51.57
C LEU C 51 -24.85 -9.97 -52.00
N GLN C 52 -26.10 -10.28 -51.67
CA GLN C 52 -27.26 -9.45 -52.00
C GLN C 52 -27.37 -9.20 -53.50
N GLU C 53 -27.15 -10.26 -54.28
CA GLU C 53 -27.36 -10.27 -55.73
C GLU C 53 -26.53 -9.19 -56.42
N GLY C 54 -25.20 -9.32 -56.29
CA GLY C 54 -24.29 -8.49 -57.03
C GLY C 54 -24.15 -7.07 -56.55
N GLN C 55 -24.76 -6.70 -55.43
CA GLN C 55 -24.63 -5.37 -54.89
C GLN C 55 -23.64 -5.29 -53.74
N ALA C 56 -23.10 -6.42 -53.29
CA ALA C 56 -22.05 -6.40 -52.28
C ALA C 56 -21.01 -7.46 -52.60
N LEU C 57 -19.76 -7.19 -52.24
CA LEU C 57 -18.69 -8.17 -52.37
C LEU C 57 -17.90 -8.22 -51.07
N GLU C 58 -17.56 -9.44 -50.64
CA GLU C 58 -16.88 -9.65 -49.37
C GLU C 58 -15.71 -10.60 -49.57
N TYR C 59 -14.53 -10.19 -49.10
CA TYR C 59 -13.33 -11.01 -49.20
C TYR C 59 -13.25 -11.97 -48.01
N VAL C 60 -12.31 -12.91 -48.11
CA VAL C 60 -12.03 -13.83 -47.01
C VAL C 60 -10.66 -14.47 -47.24
N CYS C 61 -9.93 -14.63 -46.15
CA CYS C 61 -8.64 -15.31 -46.09
C CYS C 61 -8.63 -16.22 -44.87
N PRO C 62 -7.76 -17.23 -44.85
CA PRO C 62 -7.77 -18.17 -43.73
C PRO C 62 -7.36 -17.51 -42.42
N SER C 63 -7.36 -18.33 -41.36
CA SER C 63 -7.06 -17.83 -40.03
C SER C 63 -5.62 -17.33 -39.96
N GLY C 64 -5.43 -16.22 -39.26
CA GLY C 64 -4.13 -15.60 -39.15
C GLY C 64 -3.84 -14.52 -40.16
N PHE C 65 -4.84 -14.07 -40.91
CA PHE C 65 -4.64 -13.03 -41.91
C PHE C 65 -5.87 -12.13 -41.96
N TYR C 66 -5.69 -10.93 -42.50
CA TYR C 66 -6.78 -9.98 -42.65
C TYR C 66 -6.60 -9.18 -43.93
N PRO C 67 -7.69 -8.94 -44.66
CA PRO C 67 -7.58 -8.18 -45.92
C PRO C 67 -7.28 -6.72 -45.67
N TYR C 68 -6.66 -6.10 -46.67
CA TYR C 68 -6.29 -4.69 -46.57
C TYR C 68 -6.76 -3.94 -47.80
N PRO C 69 -7.37 -2.75 -47.63
CA PRO C 69 -7.64 -2.15 -46.32
C PRO C 69 -9.10 -2.23 -45.90
N VAL C 70 -9.95 -2.81 -46.74
CA VAL C 70 -11.38 -2.93 -46.46
C VAL C 70 -11.81 -4.37 -46.71
N GLN C 71 -12.89 -4.78 -46.05
CA GLN C 71 -13.38 -6.15 -46.15
C GLN C 71 -14.55 -6.29 -47.12
N THR C 72 -15.54 -5.41 -47.05
CA THR C 72 -16.73 -5.50 -47.87
C THR C 72 -16.93 -4.22 -48.65
N ARG C 73 -17.18 -4.35 -49.94
CA ARG C 73 -17.45 -3.22 -50.82
C ARG C 73 -18.86 -3.31 -51.37
N THR C 74 -19.43 -2.15 -51.67
CA THR C 74 -20.81 -2.05 -52.15
C THR C 74 -20.85 -1.41 -53.53
N CYS C 75 -21.89 -1.73 -54.30
CA CYS C 75 -22.10 -1.17 -55.62
C CYS C 75 -23.17 -0.08 -55.52
N ARG C 76 -22.77 1.15 -55.87
CA ARG C 76 -23.71 2.27 -55.81
C ARG C 76 -24.59 2.29 -57.05
N SER C 77 -25.53 3.24 -57.08
CA SER C 77 -26.49 3.31 -58.18
C SER C 77 -25.80 3.63 -59.50
N THR C 78 -24.79 4.51 -59.47
CA THR C 78 -24.15 4.97 -60.69
C THR C 78 -23.31 3.89 -61.37
N GLY C 79 -23.28 2.67 -60.84
CA GLY C 79 -22.48 1.62 -61.44
C GLY C 79 -21.00 1.70 -61.16
N SER C 80 -20.59 2.53 -60.19
CA SER C 80 -19.20 2.70 -59.84
C SER C 80 -18.94 2.04 -58.49
N TRP C 81 -17.89 1.23 -58.41
CA TRP C 81 -17.55 0.58 -57.16
C TRP C 81 -17.12 1.61 -56.13
N SER C 82 -17.57 1.42 -54.88
CA SER C 82 -17.30 2.38 -53.83
C SER C 82 -15.80 2.51 -53.57
N THR C 83 -15.37 3.73 -53.29
CA THR C 83 -13.95 3.97 -53.00
C THR C 83 -13.56 3.32 -51.68
N LEU C 84 -12.28 2.99 -51.57
CA LEU C 84 -11.76 2.33 -50.38
C LEU C 84 -11.66 3.33 -49.24
N LYS C 85 -12.52 3.18 -48.23
CA LYS C 85 -12.54 4.07 -47.07
C LYS C 85 -11.80 3.39 -45.93
N THR C 86 -10.58 3.84 -45.69
CA THR C 86 -9.78 3.35 -44.57
C THR C 86 -10.02 4.24 -43.36
N GLN C 87 -9.15 4.11 -42.34
CA GLN C 87 -9.16 5.08 -41.25
C GLN C 87 -8.81 6.47 -41.74
N ASP C 88 -8.08 6.58 -42.85
CA ASP C 88 -7.74 7.90 -43.41
C ASP C 88 -7.81 7.91 -44.94
N GLN C 89 -8.66 7.08 -45.55
CA GLN C 89 -8.88 7.06 -46.99
C GLN C 89 -7.57 6.80 -47.74
N LYS C 90 -7.04 5.60 -47.51
CA LYS C 90 -5.78 5.17 -48.12
C LYS C 90 -6.12 4.16 -49.22
N THR C 91 -6.17 4.66 -50.45
CA THR C 91 -6.56 3.82 -51.59
C THR C 91 -5.44 2.88 -51.99
N VAL C 92 -5.81 1.67 -52.39
CA VAL C 92 -4.88 0.67 -52.89
C VAL C 92 -5.40 0.17 -54.23
N ARG C 93 -4.51 -0.41 -55.03
CA ARG C 93 -4.84 -0.84 -56.38
C ARG C 93 -4.99 -2.36 -56.51
N LYS C 94 -4.87 -3.11 -55.42
CA LYS C 94 -5.02 -4.54 -55.45
C LYS C 94 -5.52 -5.02 -54.08
N ALA C 95 -6.25 -6.13 -54.09
CA ALA C 95 -6.81 -6.71 -52.88
C ALA C 95 -5.92 -7.85 -52.40
N GLU C 96 -5.28 -7.65 -51.24
CA GLU C 96 -4.45 -8.68 -50.64
C GLU C 96 -4.67 -8.66 -49.14
N CYS C 97 -4.37 -9.79 -48.50
CA CYS C 97 -4.53 -9.94 -47.06
C CYS C 97 -3.18 -10.27 -46.43
N ARG C 98 -2.87 -9.59 -45.33
CA ARG C 98 -1.58 -9.66 -44.67
C ARG C 98 -1.73 -10.23 -43.26
N ALA C 99 -0.61 -10.28 -42.54
CA ALA C 99 -0.57 -10.92 -41.24
C ALA C 99 -1.17 -10.03 -40.15
N ILE C 100 -1.49 -10.65 -39.02
CA ILE C 100 -2.10 -9.96 -37.90
C ILE C 100 -1.01 -9.47 -36.95
N HIS C 101 -1.03 -8.18 -36.63
CA HIS C 101 -0.04 -7.57 -35.76
C HIS C 101 -0.71 -7.08 -34.48
N CYS C 102 -0.21 -7.56 -33.34
CA CYS C 102 -0.70 -7.13 -32.05
C CYS C 102 -0.15 -5.74 -31.71
N PRO C 103 -0.91 -4.91 -31.01
CA PRO C 103 -0.47 -3.53 -30.76
C PRO C 103 0.76 -3.47 -29.89
N ARG C 104 1.57 -2.43 -30.10
CA ARG C 104 2.82 -2.14 -29.41
C ARG C 104 2.58 -1.17 -28.25
N PRO C 105 3.13 -1.47 -27.07
CA PRO C 105 2.92 -0.58 -25.92
C PRO C 105 3.44 0.82 -26.20
N HIS C 106 2.73 1.81 -25.66
CA HIS C 106 3.04 3.21 -25.92
C HIS C 106 3.86 3.83 -24.79
N ASP C 107 3.31 3.82 -23.57
CA ASP C 107 3.97 4.38 -22.40
C ASP C 107 3.96 3.37 -21.28
N PHE C 108 4.91 3.53 -20.36
CA PHE C 108 4.94 2.76 -19.12
C PHE C 108 5.68 3.58 -18.08
N GLU C 109 5.01 3.88 -16.97
CA GLU C 109 5.54 4.75 -15.93
C GLU C 109 5.99 3.92 -14.74
N ASN C 110 7.22 4.18 -14.27
CA ASN C 110 7.81 3.46 -13.15
C ASN C 110 7.89 1.96 -13.45
N GLY C 111 8.68 1.61 -14.45
CA GLY C 111 8.85 0.22 -14.79
C GLY C 111 9.67 0.05 -16.06
N GLU C 112 9.79 -1.21 -16.47
CA GLU C 112 10.56 -1.56 -17.66
C GLU C 112 10.10 -2.93 -18.15
N TYR C 113 10.06 -3.10 -19.47
CA TYR C 113 9.58 -4.33 -20.06
C TYR C 113 10.56 -4.84 -21.11
N TRP C 114 10.63 -6.17 -21.23
CA TRP C 114 11.51 -6.82 -22.17
C TRP C 114 10.71 -7.72 -23.11
N PRO C 115 11.08 -7.81 -24.39
CA PRO C 115 12.05 -7.01 -25.13
C PRO C 115 11.36 -5.85 -25.85
N ARG C 116 12.01 -5.27 -26.85
CA ARG C 116 11.43 -4.20 -27.64
C ARG C 116 11.59 -4.52 -29.12
N SER C 117 10.59 -4.15 -29.92
CA SER C 117 10.61 -4.39 -31.36
C SER C 117 9.65 -3.43 -32.02
N PRO C 118 9.87 -3.09 -33.30
CA PRO C 118 8.90 -2.23 -34.00
C PRO C 118 7.51 -2.82 -34.09
N TYR C 119 7.38 -4.14 -34.21
CA TYR C 119 6.08 -4.79 -34.26
C TYR C 119 6.24 -6.22 -33.75
N TYR C 120 5.17 -6.75 -33.19
CA TYR C 120 5.18 -8.07 -32.56
C TYR C 120 4.35 -9.04 -33.38
N ASN C 121 4.95 -10.18 -33.73
CA ASN C 121 4.25 -11.22 -34.47
C ASN C 121 3.34 -11.99 -33.52
N VAL C 122 2.71 -13.04 -34.03
CA VAL C 122 1.81 -13.85 -33.22
C VAL C 122 2.64 -14.76 -32.31
N SER C 123 2.16 -14.94 -31.08
CA SER C 123 2.79 -15.79 -30.08
C SER C 123 4.18 -15.27 -29.68
N ASP C 124 4.25 -13.99 -29.34
CA ASP C 124 5.43 -13.36 -28.79
C ASP C 124 5.15 -12.93 -27.35
N GLU C 125 6.20 -12.88 -26.54
CA GLU C 125 6.06 -12.66 -25.11
C GLU C 125 6.71 -11.35 -24.68
N ILE C 126 6.11 -10.72 -23.67
CA ILE C 126 6.62 -9.51 -23.05
C ILE C 126 6.57 -9.70 -21.54
N SER C 127 7.65 -9.29 -20.87
CA SER C 127 7.75 -9.41 -19.42
C SER C 127 7.95 -8.03 -18.81
N PHE C 128 7.13 -7.70 -17.82
CA PHE C 128 7.22 -6.42 -17.12
C PHE C 128 7.91 -6.59 -15.78
N HIS C 129 8.60 -5.53 -15.33
CA HIS C 129 9.31 -5.54 -14.06
C HIS C 129 9.64 -4.10 -13.72
N CYS C 130 9.33 -3.68 -12.49
CA CYS C 130 9.38 -2.26 -12.16
C CYS C 130 10.22 -2.02 -10.90
N TYR C 131 10.35 -0.73 -10.59
CA TYR C 131 11.44 -0.21 -9.77
C TYR C 131 11.37 -0.71 -8.33
N ASP C 132 12.38 -0.33 -7.56
CA ASP C 132 12.46 -0.71 -6.15
C ASP C 132 11.54 0.17 -5.32
N GLY C 133 10.91 -0.43 -4.32
CA GLY C 133 10.02 0.30 -3.43
C GLY C 133 8.60 0.44 -3.93
N TYR C 134 8.24 -0.24 -5.01
CA TYR C 134 6.89 -0.22 -5.57
C TYR C 134 6.30 -1.62 -5.48
N THR C 135 5.08 -1.78 -6.00
CA THR C 135 4.42 -3.08 -6.00
C THR C 135 3.71 -3.28 -7.33
N LEU C 136 3.82 -4.48 -7.87
CA LEU C 136 3.25 -4.81 -9.18
C LEU C 136 1.97 -5.62 -9.01
N ARG C 137 0.92 -5.21 -9.71
CA ARG C 137 -0.36 -5.88 -9.69
C ARG C 137 -0.75 -6.23 -11.12
N GLY C 138 -1.24 -7.45 -11.32
CA GLY C 138 -1.63 -7.90 -12.64
C GLY C 138 -0.86 -9.13 -13.09
N SER C 139 -0.41 -9.12 -14.34
CA SER C 139 0.32 -10.23 -14.92
C SER C 139 1.70 -9.79 -15.35
N ALA C 140 2.70 -10.61 -15.06
CA ALA C 140 4.08 -10.28 -15.39
C ALA C 140 4.50 -10.76 -16.77
N ASN C 141 3.93 -11.86 -17.26
CA ASN C 141 4.21 -12.38 -18.59
C ASN C 141 2.96 -12.29 -19.43
N ARG C 142 3.06 -11.65 -20.60
CA ARG C 142 1.91 -11.46 -21.47
C ARG C 142 2.27 -11.84 -22.89
N THR C 143 1.35 -12.56 -23.54
CA THR C 143 1.53 -12.99 -24.92
C THR C 143 0.25 -12.73 -25.71
N CYS C 144 0.41 -12.48 -27.01
CA CYS C 144 -0.71 -12.17 -27.88
C CYS C 144 -0.96 -13.34 -28.84
N GLN C 145 -2.23 -13.75 -28.93
CA GLN C 145 -2.64 -14.89 -29.72
C GLN C 145 -3.29 -14.42 -31.02
N VAL C 146 -3.86 -15.37 -31.77
CA VAL C 146 -4.41 -15.11 -33.10
C VAL C 146 -5.55 -14.11 -33.06
N ASN C 147 -6.26 -13.99 -31.95
CA ASN C 147 -7.38 -13.07 -31.88
C ASN C 147 -6.94 -11.63 -32.09
N GLY C 148 -5.77 -11.27 -31.60
CA GLY C 148 -5.28 -9.90 -31.69
C GLY C 148 -5.25 -9.15 -30.38
N ARG C 149 -5.40 -9.84 -29.25
CA ARG C 149 -5.40 -9.20 -27.94
C ARG C 149 -4.41 -9.92 -27.03
N TRP C 150 -3.77 -9.16 -26.15
CA TRP C 150 -2.84 -9.75 -25.20
C TRP C 150 -3.60 -10.53 -24.13
N SER C 151 -3.00 -11.63 -23.70
CA SER C 151 -3.66 -12.57 -22.81
C SER C 151 -3.35 -12.25 -21.35
N GLY C 152 -4.39 -11.92 -20.59
CA GLY C 152 -4.26 -11.63 -19.16
C GLY C 152 -4.92 -10.31 -18.81
N GLN C 153 -4.32 -9.62 -17.85
CA GLN C 153 -4.84 -8.33 -17.41
C GLN C 153 -3.80 -7.24 -17.61
N THR C 154 -4.07 -6.03 -17.11
CA THR C 154 -3.15 -4.92 -17.24
C THR C 154 -2.18 -4.90 -16.07
N ALA C 155 -0.92 -4.60 -16.37
CA ALA C 155 0.12 -4.56 -15.35
C ALA C 155 0.26 -3.15 -14.81
N ILE C 156 0.12 -2.99 -13.50
CA ILE C 156 0.12 -1.69 -12.86
C ILE C 156 1.11 -1.72 -11.70
N CYS C 157 2.09 -0.82 -11.70
CA CYS C 157 3.00 -0.67 -10.58
C CYS C 157 2.62 0.56 -9.78
N ASP C 158 2.38 0.36 -8.49
CA ASP C 158 1.81 1.37 -7.62
C ASP C 158 2.69 1.56 -6.39
N ASN C 159 2.60 2.76 -5.80
CA ASN C 159 3.32 3.14 -4.60
C ASN C 159 2.48 3.04 -3.34
N GLY C 160 1.28 3.59 -3.35
CA GLY C 160 0.38 3.49 -2.21
C GLY C 160 0.32 4.73 -1.35
N ALA C 161 0.24 5.90 -1.98
CA ALA C 161 0.23 7.17 -1.26
C ALA C 161 -0.81 8.12 -1.86
N GLY C 162 -2.00 7.62 -2.14
CA GLY C 162 -3.06 8.45 -2.67
C GLY C 162 -4.41 8.03 -2.12
N TYR C 163 -5.36 8.96 -2.16
CA TYR C 163 -6.70 8.66 -1.69
C TYR C 163 -7.35 7.58 -2.55
N CYS C 164 -7.23 7.67 -3.86
CA CYS C 164 -7.72 6.66 -4.78
C CYS C 164 -6.59 6.18 -5.67
N SER C 165 -6.62 4.88 -5.97
CA SER C 165 -5.45 4.16 -6.46
C SER C 165 -5.11 4.54 -7.90
N ASN C 166 -3.96 4.04 -8.34
CA ASN C 166 -3.49 4.29 -9.70
C ASN C 166 -4.41 3.60 -10.71
N PRO C 167 -4.86 4.29 -11.76
CA PRO C 167 -5.69 3.64 -12.77
C PRO C 167 -4.89 2.77 -13.72
N GLY C 168 -3.67 3.19 -14.03
CA GLY C 168 -2.81 2.45 -14.94
C GLY C 168 -3.03 2.84 -16.38
N ILE C 169 -2.06 2.47 -17.22
CA ILE C 169 -2.09 2.77 -18.65
C ILE C 169 -2.44 1.48 -19.38
N PRO C 170 -3.63 1.39 -19.99
CA PRO C 170 -3.91 0.24 -20.86
C PRO C 170 -2.95 0.21 -22.04
N ILE C 171 -2.63 -0.99 -22.50
CA ILE C 171 -1.62 -1.16 -23.52
C ILE C 171 -2.12 -0.62 -24.85
N GLY C 172 -1.44 0.41 -25.36
CA GLY C 172 -1.80 1.06 -26.60
C GLY C 172 -2.28 2.48 -26.47
N THR C 173 -2.63 2.92 -25.25
CA THR C 173 -3.16 4.26 -25.03
C THR C 173 -2.10 5.19 -24.45
N ARG C 174 -2.51 6.41 -24.17
CA ARG C 174 -1.69 7.42 -23.53
C ARG C 174 -2.55 8.19 -22.54
N LYS C 175 -1.97 8.47 -21.38
CA LYS C 175 -2.68 9.06 -20.24
C LYS C 175 -2.19 10.46 -19.97
N VAL C 176 -3.12 11.36 -19.63
CA VAL C 176 -2.81 12.72 -19.23
C VAL C 176 -3.44 12.97 -17.87
N GLY C 177 -2.64 13.45 -16.93
CA GLY C 177 -3.06 13.65 -15.56
C GLY C 177 -2.19 12.87 -14.60
N SER C 178 -1.75 13.50 -13.51
CA SER C 178 -0.90 12.82 -12.53
C SER C 178 -1.23 13.24 -11.10
N GLN C 179 -2.49 13.58 -10.84
CA GLN C 179 -2.95 13.93 -9.50
C GLN C 179 -3.93 12.86 -9.03
N TYR C 180 -3.65 12.26 -7.87
CA TYR C 180 -4.42 11.13 -7.36
C TYR C 180 -5.02 11.43 -5.99
N ARG C 181 -5.60 12.62 -5.84
CA ARG C 181 -6.34 12.97 -4.64
C ARG C 181 -7.80 13.20 -5.02
N LEU C 182 -8.58 13.67 -4.05
CA LEU C 182 -10.02 13.82 -4.27
C LEU C 182 -10.31 14.90 -5.32
N GLU C 183 -11.28 14.60 -6.19
CA GLU C 183 -11.89 15.52 -7.15
C GLU C 183 -11.01 15.85 -8.36
N ASP C 184 -10.00 15.05 -8.66
CA ASP C 184 -9.22 15.24 -9.88
C ASP C 184 -9.70 14.31 -10.99
N SER C 185 -9.18 14.54 -12.19
CA SER C 185 -9.60 13.82 -13.37
C SER C 185 -8.39 13.36 -14.18
N VAL C 186 -8.61 12.34 -14.99
CA VAL C 186 -7.58 11.72 -15.82
C VAL C 186 -8.16 11.46 -17.20
N THR C 187 -7.39 11.72 -18.25
CA THR C 187 -7.87 11.57 -19.62
C THR C 187 -7.01 10.58 -20.38
N TYR C 188 -7.63 9.87 -21.31
CA TYR C 188 -6.95 8.89 -22.14
C TYR C 188 -7.16 9.18 -23.61
N HIS C 189 -6.21 8.77 -24.44
CA HIS C 189 -6.42 8.69 -25.89
C HIS C 189 -5.29 7.89 -26.50
N CYS C 190 -5.56 7.19 -27.60
CA CYS C 190 -4.56 6.31 -28.17
C CYS C 190 -4.17 6.75 -29.58
N SER C 191 -3.35 5.92 -30.22
CA SER C 191 -2.56 6.34 -31.38
C SER C 191 -3.40 6.41 -32.64
N ARG C 192 -2.73 6.56 -33.78
CA ARG C 192 -3.38 6.70 -35.07
C ARG C 192 -3.88 5.36 -35.58
N GLY C 193 -4.99 5.38 -36.32
CA GLY C 193 -5.55 4.18 -36.88
C GLY C 193 -6.31 3.32 -35.90
N LEU C 194 -6.54 3.80 -34.68
CA LEU C 194 -7.25 3.06 -33.66
C LEU C 194 -8.45 3.89 -33.20
N THR C 195 -9.53 3.21 -32.83
CA THR C 195 -10.74 3.86 -32.37
C THR C 195 -11.04 3.41 -30.95
N LEU C 196 -11.39 4.38 -30.09
CA LEU C 196 -11.47 4.12 -28.66
C LEU C 196 -12.80 3.47 -28.31
N ARG C 197 -12.80 2.74 -27.18
CA ARG C 197 -14.02 2.08 -26.69
C ARG C 197 -13.97 2.13 -25.17
N GLY C 198 -14.75 3.04 -24.59
CA GLY C 198 -14.76 3.19 -23.14
C GLY C 198 -14.96 4.63 -22.71
N SER C 199 -14.38 4.98 -21.56
CA SER C 199 -14.52 6.31 -20.99
C SER C 199 -13.39 7.22 -21.48
N GLN C 200 -13.72 8.49 -21.72
CA GLN C 200 -12.72 9.46 -22.12
C GLN C 200 -12.08 10.15 -20.93
N ARG C 201 -12.89 10.49 -19.92
CA ARG C 201 -12.43 11.16 -18.72
C ARG C 201 -12.91 10.40 -17.50
N ARG C 202 -12.02 10.24 -16.51
CA ARG C 202 -12.36 9.55 -15.28
C ARG C 202 -12.12 10.47 -14.09
N THR C 203 -13.02 10.42 -13.12
CA THR C 203 -13.00 11.31 -11.97
C THR C 203 -12.98 10.50 -10.69
N CYS C 204 -12.13 10.91 -9.74
CA CYS C 204 -12.01 10.22 -8.46
C CYS C 204 -13.21 10.57 -7.59
N GLN C 205 -14.08 9.59 -7.35
CA GLN C 205 -15.29 9.83 -6.58
C GLN C 205 -14.97 9.97 -5.10
N GLU C 206 -16.02 10.09 -4.29
CA GLU C 206 -15.83 10.32 -2.86
C GLU C 206 -15.35 9.06 -2.14
N GLY C 207 -15.93 7.91 -2.47
CA GLY C 207 -15.57 6.68 -1.77
C GLY C 207 -14.12 6.28 -1.97
N GLY C 208 -13.62 6.43 -3.19
CA GLY C 208 -12.26 6.03 -3.49
C GLY C 208 -12.15 5.31 -4.82
N SER C 209 -13.25 5.25 -5.56
CA SER C 209 -13.29 4.57 -6.85
C SER C 209 -13.50 5.58 -7.97
N TRP C 210 -13.01 5.23 -9.16
CA TRP C 210 -13.14 6.08 -10.32
C TRP C 210 -14.52 5.94 -10.93
N SER C 211 -14.85 6.85 -11.85
CA SER C 211 -16.17 6.93 -12.46
C SER C 211 -16.04 6.68 -13.95
N GLY C 212 -16.40 5.48 -14.40
CA GLY C 212 -16.36 5.14 -15.80
C GLY C 212 -15.87 3.72 -15.97
N THR C 213 -15.28 3.46 -17.13
CA THR C 213 -14.71 2.15 -17.44
C THR C 213 -13.33 2.35 -18.07
N GLU C 214 -12.51 1.31 -17.96
CA GLU C 214 -11.13 1.41 -18.43
C GLU C 214 -11.12 1.32 -19.96
N PRO C 215 -10.64 2.34 -20.65
CA PRO C 215 -10.64 2.31 -22.12
C PRO C 215 -9.60 1.32 -22.67
N SER C 216 -9.91 0.77 -23.84
CA SER C 216 -8.98 -0.08 -24.56
C SER C 216 -9.38 -0.03 -26.04
N CYS C 217 -8.65 0.73 -26.83
CA CYS C 217 -9.11 1.03 -28.19
C CYS C 217 -8.82 -0.14 -29.13
N GLN C 218 -9.79 -0.41 -30.01
CA GLN C 218 -9.77 -1.54 -30.92
C GLN C 218 -9.53 -1.07 -32.35
N ASP C 219 -9.35 -2.04 -33.25
CA ASP C 219 -9.20 -1.81 -34.67
C ASP C 219 -10.36 -2.48 -35.41
N SER C 220 -10.27 -2.52 -36.74
CA SER C 220 -11.40 -2.97 -37.55
C SER C 220 -11.63 -4.47 -37.43
N PHE C 221 -10.56 -5.26 -37.38
CA PHE C 221 -10.65 -6.69 -37.65
C PHE C 221 -10.78 -7.56 -36.40
N MET C 222 -10.92 -6.99 -35.21
CA MET C 222 -11.15 -7.79 -34.02
C MET C 222 -12.64 -7.95 -33.76
N TYR C 223 -13.10 -9.20 -33.75
CA TYR C 223 -14.47 -9.57 -33.43
C TYR C 223 -14.51 -10.23 -32.07
N ASP C 224 -15.72 -10.40 -31.55
CA ASP C 224 -15.94 -11.04 -30.27
C ASP C 224 -16.58 -12.42 -30.48
N THR C 225 -16.00 -13.45 -29.87
CA THR C 225 -16.52 -14.79 -29.98
C THR C 225 -17.67 -15.00 -29.01
N PRO C 226 -18.57 -15.95 -29.30
CA PRO C 226 -19.77 -16.11 -28.47
C PRO C 226 -19.50 -16.37 -27.00
N GLN C 227 -18.40 -17.06 -26.66
CA GLN C 227 -18.15 -17.41 -25.27
C GLN C 227 -18.03 -16.17 -24.39
N GLU C 228 -17.16 -15.23 -24.78
CA GLU C 228 -16.95 -14.03 -23.98
C GLU C 228 -18.20 -13.16 -23.95
N VAL C 229 -18.93 -13.10 -25.06
CA VAL C 229 -20.16 -12.30 -25.10
C VAL C 229 -21.17 -12.85 -24.10
N ALA C 230 -21.37 -14.17 -24.11
CA ALA C 230 -22.31 -14.76 -23.16
C ALA C 230 -21.84 -14.55 -21.72
N GLU C 231 -20.54 -14.73 -21.46
CA GLU C 231 -20.04 -14.57 -20.11
C GLU C 231 -20.24 -13.14 -19.60
N ALA C 232 -19.91 -12.16 -20.43
CA ALA C 232 -20.05 -10.76 -20.03
C ALA C 232 -21.51 -10.39 -19.84
N PHE C 233 -22.38 -10.85 -20.74
CA PHE C 233 -23.80 -10.53 -20.60
C PHE C 233 -24.37 -11.10 -19.30
N LEU C 234 -24.05 -12.36 -19.00
CA LEU C 234 -24.54 -12.95 -17.76
C LEU C 234 -23.96 -12.26 -16.53
N SER C 235 -22.67 -11.94 -16.56
CA SER C 235 -22.05 -11.30 -15.40
C SER C 235 -22.63 -9.93 -15.14
N SER C 236 -22.94 -9.18 -16.21
CA SER C 236 -23.48 -7.83 -16.05
C SER C 236 -24.95 -7.86 -15.66
N LEU C 237 -25.71 -8.83 -16.16
CA LEU C 237 -27.15 -8.81 -15.95
C LEU C 237 -27.54 -9.22 -14.53
N THR C 238 -26.77 -10.12 -13.90
CA THR C 238 -27.14 -10.66 -12.60
C THR C 238 -25.98 -10.52 -11.63
N GLU C 239 -26.17 -11.03 -10.41
CA GLU C 239 -25.19 -10.95 -9.34
C GLU C 239 -24.96 -12.33 -8.76
N THR C 240 -23.80 -12.48 -8.11
CA THR C 240 -23.38 -13.76 -7.55
C THR C 240 -23.73 -13.84 -6.07
N ILE C 241 -23.73 -15.07 -5.56
CA ILE C 241 -24.02 -15.33 -4.15
C ILE C 241 -22.99 -16.30 -3.58
N LYS C 257 -25.41 -19.52 -6.01
CA LYS C 257 -25.14 -19.34 -7.43
C LYS C 257 -25.42 -17.91 -7.86
N ARG C 258 -25.89 -17.73 -9.09
CA ARG C 258 -26.16 -16.41 -9.64
C ARG C 258 -27.65 -16.14 -9.59
N LYS C 259 -28.05 -15.10 -8.86
CA LYS C 259 -29.45 -14.72 -8.71
C LYS C 259 -29.60 -13.22 -8.94
N ILE C 260 -30.78 -12.82 -9.40
CA ILE C 260 -31.09 -11.42 -9.66
C ILE C 260 -31.58 -10.79 -8.35
N VAL C 261 -31.14 -9.56 -8.10
CA VAL C 261 -31.46 -8.86 -6.86
C VAL C 261 -32.44 -7.73 -7.17
N LEU C 262 -33.52 -7.66 -6.38
CA LEU C 262 -34.49 -6.58 -6.47
C LEU C 262 -34.83 -6.09 -5.07
N ASP C 263 -35.11 -4.79 -4.97
CA ASP C 263 -35.63 -4.24 -3.73
C ASP C 263 -37.08 -4.67 -3.54
N PRO C 264 -37.57 -4.67 -2.29
CA PRO C 264 -38.98 -5.00 -2.07
C PRO C 264 -39.90 -4.06 -2.82
N SER C 265 -40.99 -4.61 -3.34
CA SER C 265 -41.93 -3.89 -4.20
C SER C 265 -41.21 -3.31 -5.42
N GLY C 266 -40.30 -4.10 -5.97
CA GLY C 266 -39.53 -3.69 -7.13
C GLY C 266 -39.95 -4.41 -8.40
N SER C 267 -39.55 -3.87 -9.55
CA SER C 267 -39.94 -4.45 -10.83
C SER C 267 -38.93 -4.04 -11.89
N MET C 268 -38.95 -4.78 -13.00
CA MET C 268 -38.07 -4.56 -14.14
C MET C 268 -38.91 -4.31 -15.39
N ASN C 269 -38.43 -3.45 -16.26
CA ASN C 269 -39.08 -3.18 -17.54
C ASN C 269 -38.06 -3.31 -18.65
N ILE C 270 -38.29 -4.28 -19.54
CA ILE C 270 -37.39 -4.59 -20.64
C ILE C 270 -37.98 -4.04 -21.93
N TYR C 271 -37.18 -3.28 -22.67
CA TYR C 271 -37.59 -2.71 -23.95
C TYR C 271 -36.60 -3.18 -25.02
N LEU C 272 -37.12 -3.89 -26.02
CA LEU C 272 -36.31 -4.43 -27.10
C LEU C 272 -36.56 -3.61 -28.35
N VAL C 273 -35.49 -3.07 -28.94
CA VAL C 273 -35.61 -2.23 -30.13
C VAL C 273 -34.77 -2.86 -31.24
N LEU C 274 -35.44 -3.29 -32.29
CA LEU C 274 -34.82 -3.81 -33.50
C LEU C 274 -34.96 -2.78 -34.62
N ASP C 275 -34.26 -3.02 -35.72
CA ASP C 275 -34.38 -2.18 -36.90
C ASP C 275 -34.60 -3.06 -38.12
N GLY C 276 -35.41 -2.58 -39.07
CA GLY C 276 -35.72 -3.35 -40.25
C GLY C 276 -35.30 -2.67 -41.53
N SER C 277 -34.32 -1.77 -41.44
CA SER C 277 -33.82 -1.09 -42.63
C SER C 277 -33.17 -2.09 -43.58
N ASP C 278 -32.81 -1.60 -44.77
CA ASP C 278 -32.27 -2.47 -45.81
C ASP C 278 -30.84 -2.86 -45.49
N SER C 279 -30.66 -3.73 -44.50
CA SER C 279 -29.35 -4.25 -44.11
C SER C 279 -29.25 -5.76 -44.30
N ILE C 280 -30.34 -6.50 -44.11
CA ILE C 280 -30.38 -7.94 -44.31
C ILE C 280 -31.47 -8.34 -45.28
N GLY C 281 -32.70 -7.90 -45.05
CA GLY C 281 -33.81 -8.27 -45.91
C GLY C 281 -34.10 -9.75 -45.92
N ALA C 282 -34.04 -10.39 -44.76
CA ALA C 282 -34.21 -11.84 -44.64
C ALA C 282 -35.63 -12.13 -44.19
N SER C 283 -36.51 -12.42 -45.16
CA SER C 283 -37.90 -12.84 -44.94
C SER C 283 -38.56 -11.82 -43.99
N ASN C 284 -39.16 -12.26 -42.89
CA ASN C 284 -39.82 -11.37 -41.93
C ASN C 284 -39.16 -11.57 -40.58
N PHE C 285 -38.05 -10.87 -40.37
CA PHE C 285 -37.33 -10.86 -39.09
C PHE C 285 -37.01 -12.28 -38.62
N THR C 286 -36.62 -13.13 -39.56
CA THR C 286 -36.24 -14.48 -39.20
C THR C 286 -34.89 -14.49 -38.49
N GLY C 287 -34.73 -15.43 -37.58
CA GLY C 287 -33.51 -15.53 -36.77
C GLY C 287 -33.58 -14.75 -35.46
N ALA C 288 -34.06 -13.51 -35.53
CA ALA C 288 -34.21 -12.72 -34.31
C ALA C 288 -35.29 -13.29 -33.40
N LYS C 289 -36.31 -13.94 -33.99
CA LYS C 289 -37.38 -14.50 -33.19
C LYS C 289 -36.85 -15.55 -32.21
N LYS C 290 -35.98 -16.43 -32.69
CA LYS C 290 -35.43 -17.47 -31.82
C LYS C 290 -34.62 -16.87 -30.68
N CYS C 291 -33.80 -15.86 -31.00
CA CYS C 291 -33.00 -15.21 -29.95
C CYS C 291 -33.89 -14.55 -28.91
N LEU C 292 -34.93 -13.84 -29.35
CA LEU C 292 -35.82 -13.19 -28.40
C LEU C 292 -36.55 -14.20 -27.53
N VAL C 293 -37.00 -15.31 -28.13
CA VAL C 293 -37.69 -16.34 -27.35
C VAL C 293 -36.74 -16.94 -26.32
N ASN C 294 -35.50 -17.23 -26.72
CA ASN C 294 -34.53 -17.77 -25.78
C ASN C 294 -34.25 -16.80 -24.64
N LEU C 295 -34.11 -15.51 -24.96
CA LEU C 295 -33.88 -14.51 -23.93
C LEU C 295 -35.05 -14.43 -22.96
N ILE C 296 -36.28 -14.47 -23.48
CA ILE C 296 -37.46 -14.42 -22.63
C ILE C 296 -37.48 -15.61 -21.69
N GLU C 297 -37.21 -16.81 -22.23
CA GLU C 297 -37.22 -18.01 -21.40
C GLU C 297 -36.14 -17.94 -20.32
N LYS C 298 -34.93 -17.52 -20.70
CA LYS C 298 -33.85 -17.46 -19.73
C LYS C 298 -34.14 -16.45 -18.62
N VAL C 299 -34.69 -15.29 -18.99
CA VAL C 299 -35.03 -14.29 -17.99
C VAL C 299 -36.11 -14.80 -17.05
N ALA C 300 -37.15 -15.43 -17.61
CA ALA C 300 -38.23 -15.94 -16.77
C ALA C 300 -37.81 -17.11 -15.91
N SER C 301 -36.72 -17.82 -16.27
CA SER C 301 -36.27 -18.97 -15.51
C SER C 301 -35.79 -18.62 -14.11
N TYR C 302 -35.55 -17.34 -13.81
CA TYR C 302 -35.08 -16.92 -12.50
C TYR C 302 -36.21 -16.59 -11.54
N GLY C 303 -37.46 -16.84 -11.92
CA GLY C 303 -38.59 -16.56 -11.04
C GLY C 303 -38.82 -15.09 -10.77
N VAL C 304 -38.72 -14.25 -11.80
CA VAL C 304 -38.98 -12.81 -11.69
C VAL C 304 -40.08 -12.47 -12.69
N LYS C 305 -40.85 -11.43 -12.38
CA LYS C 305 -41.99 -11.02 -13.18
C LYS C 305 -41.68 -9.71 -13.90
N PRO C 306 -41.30 -9.75 -15.16
CA PRO C 306 -41.03 -8.52 -15.92
C PRO C 306 -42.26 -8.05 -16.67
N ARG C 307 -42.14 -6.85 -17.24
CA ARG C 307 -43.13 -6.30 -18.15
C ARG C 307 -42.41 -5.88 -19.43
N TYR C 308 -42.84 -6.44 -20.55
CA TYR C 308 -42.11 -6.31 -21.81
C TYR C 308 -42.72 -5.22 -22.68
N GLY C 309 -41.98 -4.87 -23.74
CA GLY C 309 -42.43 -3.91 -24.73
C GLY C 309 -41.62 -4.04 -26.00
N LEU C 310 -42.30 -4.10 -27.15
CA LEU C 310 -41.62 -4.36 -28.42
C LEU C 310 -41.92 -3.24 -29.41
N VAL C 311 -40.87 -2.71 -30.03
CA VAL C 311 -40.98 -1.64 -31.01
C VAL C 311 -40.17 -2.05 -32.24
N THR C 312 -40.53 -1.52 -33.40
CA THR C 312 -39.80 -1.74 -34.64
C THR C 312 -39.77 -0.43 -35.42
N TYR C 313 -38.58 -0.07 -35.92
CA TYR C 313 -38.42 1.19 -36.64
C TYR C 313 -37.65 0.96 -37.93
N ALA C 314 -38.19 1.50 -39.03
CA ALA C 314 -37.45 1.64 -40.28
C ALA C 314 -37.36 3.10 -40.69
N THR C 315 -38.49 3.79 -40.78
CA THR C 315 -38.54 5.25 -40.88
C THR C 315 -39.54 5.86 -39.92
N TYR C 316 -40.55 5.11 -39.47
CA TYR C 316 -41.47 5.52 -38.44
C TYR C 316 -41.54 4.43 -37.38
N PRO C 317 -41.66 4.79 -36.11
CA PRO C 317 -41.77 3.77 -35.07
C PRO C 317 -43.10 3.02 -35.18
N LYS C 318 -43.09 1.77 -34.70
CA LYS C 318 -44.28 0.95 -34.67
C LYS C 318 -44.24 0.08 -33.41
N ILE C 319 -45.18 0.30 -32.53
CA ILE C 319 -45.28 -0.44 -31.28
C ILE C 319 -46.11 -1.70 -31.53
N TRP C 320 -45.78 -2.79 -30.83
CA TRP C 320 -46.56 -4.00 -30.95
C TRP C 320 -47.20 -4.43 -29.64
N VAL C 321 -46.45 -4.45 -28.55
CA VAL C 321 -46.97 -4.82 -27.24
C VAL C 321 -46.48 -3.77 -26.25
N LYS C 322 -47.29 -2.74 -26.02
CA LYS C 322 -46.90 -1.69 -25.10
C LYS C 322 -47.02 -2.16 -23.65
N VAL C 323 -46.19 -1.58 -22.79
CA VAL C 323 -46.12 -2.02 -21.40
C VAL C 323 -47.42 -1.72 -20.65
N SER C 324 -48.13 -0.66 -21.06
CA SER C 324 -49.35 -0.26 -20.36
C SER C 324 -50.46 -1.31 -20.50
N GLU C 325 -50.35 -2.22 -21.46
CA GLU C 325 -51.34 -3.27 -21.60
C GLU C 325 -51.27 -4.22 -20.42
N ALA C 326 -52.44 -4.68 -19.97
CA ALA C 326 -52.52 -5.57 -18.82
C ALA C 326 -52.19 -7.01 -19.16
N ASP C 327 -52.06 -7.35 -20.44
CA ASP C 327 -51.75 -8.71 -20.87
C ASP C 327 -50.28 -8.89 -21.24
N SER C 328 -49.42 -7.94 -20.86
CA SER C 328 -48.01 -7.96 -21.20
C SER C 328 -47.13 -8.34 -20.01
N SER C 329 -47.58 -9.27 -19.17
CA SER C 329 -46.82 -9.68 -18.00
C SER C 329 -46.60 -11.18 -17.95
N ASN C 330 -46.86 -11.89 -19.05
CA ASN C 330 -46.67 -13.33 -19.12
C ASN C 330 -45.97 -13.70 -20.42
N ALA C 331 -45.28 -14.85 -20.40
CA ALA C 331 -44.41 -15.22 -21.52
C ALA C 331 -45.20 -15.73 -22.72
N ASP C 332 -46.27 -16.48 -22.48
CA ASP C 332 -46.99 -17.11 -23.59
C ASP C 332 -47.59 -16.06 -24.52
N TRP C 333 -48.26 -15.05 -23.95
CA TRP C 333 -48.91 -14.05 -24.78
C TRP C 333 -47.90 -13.23 -25.57
N VAL C 334 -46.79 -12.84 -24.93
CA VAL C 334 -45.80 -12.03 -25.63
C VAL C 334 -45.08 -12.85 -26.70
N THR C 335 -44.86 -14.14 -26.45
CA THR C 335 -44.29 -14.99 -27.48
C THR C 335 -45.23 -15.14 -28.67
N LYS C 336 -46.53 -15.31 -28.40
CA LYS C 336 -47.51 -15.40 -29.48
C LYS C 336 -47.54 -14.10 -30.28
N GLN C 337 -47.49 -12.96 -29.60
CA GLN C 337 -47.47 -11.68 -30.30
C GLN C 337 -46.20 -11.51 -31.13
N LEU C 338 -45.07 -11.98 -30.61
CA LEU C 338 -43.81 -11.89 -31.34
C LEU C 338 -43.82 -12.81 -32.56
N ASN C 339 -44.54 -13.93 -32.49
CA ASN C 339 -44.54 -14.90 -33.58
C ASN C 339 -45.44 -14.51 -34.74
N GLU C 340 -45.83 -13.23 -34.85
CA GLU C 340 -46.64 -12.77 -35.98
C GLU C 340 -46.10 -11.48 -36.58
N ILE C 341 -44.81 -11.19 -36.40
CA ILE C 341 -44.22 -10.00 -36.98
C ILE C 341 -44.08 -10.17 -38.49
N ASN C 342 -44.38 -9.13 -39.24
CA ASN C 342 -44.34 -9.15 -40.69
C ASN C 342 -43.38 -8.07 -41.19
N TYR C 343 -43.39 -7.85 -42.50
CA TYR C 343 -42.47 -6.93 -43.16
C TYR C 343 -43.26 -5.84 -43.86
N GLU C 344 -42.77 -4.60 -43.76
CA GLU C 344 -43.41 -3.46 -44.40
C GLU C 344 -42.33 -2.44 -44.73
N ASP C 345 -41.88 -2.44 -45.99
CA ASP C 345 -40.86 -1.50 -46.45
C ASP C 345 -41.02 -1.30 -47.94
N HIS C 346 -41.02 -0.04 -48.37
CA HIS C 346 -41.22 0.30 -49.77
C HIS C 346 -40.65 1.68 -50.08
N SER C 350 -37.46 2.59 -46.82
CA SER C 350 -36.14 2.38 -46.27
C SER C 350 -35.82 3.43 -45.21
N GLY C 351 -34.58 3.93 -45.22
CA GLY C 351 -34.18 4.96 -44.28
C GLY C 351 -33.93 4.41 -42.89
N THR C 352 -33.50 5.30 -42.00
CA THR C 352 -33.22 4.96 -40.61
C THR C 352 -33.38 6.22 -39.77
N ASN C 353 -34.25 6.15 -38.76
CA ASN C 353 -34.51 7.29 -37.88
C ASN C 353 -34.55 6.78 -36.44
N THR C 354 -33.38 6.73 -35.79
CA THR C 354 -33.30 6.24 -34.42
C THR C 354 -33.94 7.23 -33.44
N LYS C 355 -33.84 8.53 -33.74
CA LYS C 355 -34.37 9.55 -32.83
C LYS C 355 -35.86 9.37 -32.60
N LYS C 356 -36.62 9.10 -33.66
CA LYS C 356 -38.06 8.96 -33.52
C LYS C 356 -38.43 7.72 -32.69
N ALA C 357 -37.73 6.60 -32.91
CA ALA C 357 -38.01 5.40 -32.13
C ALA C 357 -37.67 5.62 -30.66
N LEU C 358 -36.54 6.27 -30.37
CA LEU C 358 -36.20 6.54 -28.98
C LEU C 358 -37.19 7.51 -28.34
N GLN C 359 -37.69 8.48 -29.10
CA GLN C 359 -38.72 9.37 -28.57
C GLN C 359 -40.02 8.62 -28.30
N ALA C 360 -40.34 7.63 -29.14
CA ALA C 360 -41.50 6.79 -28.89
C ALA C 360 -41.33 6.00 -27.60
N VAL C 361 -40.14 5.47 -27.36
CA VAL C 361 -39.88 4.76 -26.11
C VAL C 361 -40.00 5.70 -24.92
N TYR C 362 -39.47 6.92 -25.07
CA TYR C 362 -39.63 7.95 -24.05
C TYR C 362 -41.10 8.22 -23.74
N SER C 363 -41.92 8.38 -24.77
CA SER C 363 -43.34 8.58 -24.55
C SER C 363 -43.98 7.38 -23.88
N MET C 364 -43.48 6.18 -24.18
CA MET C 364 -44.00 4.97 -23.55
C MET C 364 -43.74 4.98 -22.04
N MET C 365 -42.53 5.37 -21.64
CA MET C 365 -42.21 5.31 -20.21
C MET C 365 -42.69 6.54 -19.44
N SER C 366 -43.10 7.60 -20.12
CA SER C 366 -43.48 8.82 -19.43
C SER C 366 -44.76 8.62 -18.63
N TRP C 367 -44.83 9.30 -17.47
CA TRP C 367 -46.02 9.24 -16.65
C TRP C 367 -46.80 10.56 -16.75
N PRO C 368 -48.14 10.50 -16.71
CA PRO C 368 -48.95 11.72 -16.85
C PRO C 368 -49.41 12.27 -15.51
N VAL C 371 -49.37 13.44 -10.63
CA VAL C 371 -48.33 12.95 -9.72
C VAL C 371 -47.91 11.54 -10.12
N PRO C 372 -46.61 11.24 -10.01
CA PRO C 372 -46.14 9.90 -10.35
C PRO C 372 -46.76 8.86 -9.43
N PRO C 373 -47.00 7.66 -9.93
CA PRO C 373 -47.63 6.62 -9.11
C PRO C 373 -46.65 6.05 -8.09
N GLU C 374 -47.12 5.04 -7.37
CA GLU C 374 -46.29 4.40 -6.36
C GLU C 374 -45.24 3.51 -7.01
N GLY C 375 -44.09 3.40 -6.36
CA GLY C 375 -43.03 2.52 -6.80
C GLY C 375 -42.12 3.06 -7.89
N TRP C 376 -42.28 4.32 -8.29
CA TRP C 376 -41.40 4.88 -9.32
C TRP C 376 -39.97 5.01 -8.83
N ASN C 377 -39.76 5.01 -7.51
CA ASN C 377 -38.43 5.10 -6.93
C ASN C 377 -37.74 3.75 -6.80
N ARG C 378 -38.42 2.65 -7.13
CA ARG C 378 -37.89 1.31 -6.92
C ARG C 378 -38.14 0.43 -8.14
N THR C 379 -37.87 0.98 -9.33
CA THR C 379 -38.04 0.25 -10.58
C THR C 379 -36.75 0.29 -11.37
N ARG C 380 -36.56 -0.71 -12.23
CA ARG C 380 -35.37 -0.82 -13.05
C ARG C 380 -35.76 -0.88 -14.53
N HIS C 381 -34.95 -0.26 -15.38
CA HIS C 381 -35.20 -0.20 -16.80
C HIS C 381 -34.03 -0.79 -17.56
N VAL C 382 -34.31 -1.70 -18.48
CA VAL C 382 -33.30 -2.32 -19.32
C VAL C 382 -33.72 -2.16 -20.78
N ILE C 383 -32.79 -1.70 -21.62
CA ILE C 383 -33.07 -1.44 -23.03
C ILE C 383 -32.05 -2.18 -23.87
N ILE C 384 -32.51 -3.14 -24.67
CA ILE C 384 -31.64 -3.91 -25.56
C ILE C 384 -31.86 -3.41 -26.98
N LEU C 385 -30.78 -2.96 -27.62
CA LEU C 385 -30.83 -2.38 -28.95
C LEU C 385 -30.04 -3.26 -29.91
N MET C 386 -30.75 -3.89 -30.86
CA MET C 386 -30.12 -4.77 -31.84
C MET C 386 -29.98 -3.99 -33.16
N THR C 387 -29.01 -3.09 -33.19
CA THR C 387 -28.77 -2.26 -34.36
C THR C 387 -27.46 -2.66 -35.04
N ASP C 388 -27.54 -2.96 -36.33
CA ASP C 388 -26.37 -3.23 -37.15
C ASP C 388 -25.84 -1.99 -37.84
N GLY C 389 -26.59 -0.90 -37.82
CA GLY C 389 -26.25 0.33 -38.49
C GLY C 389 -25.95 1.46 -37.53
N LEU C 390 -26.99 2.25 -37.26
CA LEU C 390 -26.95 3.50 -36.49
C LEU C 390 -26.36 4.64 -37.32
N HIS C 391 -26.31 4.46 -38.64
CA HIS C 391 -26.00 5.55 -39.57
C HIS C 391 -27.21 6.46 -39.61
N ASN C 392 -27.29 7.34 -38.60
CA ASN C 392 -28.47 8.15 -38.40
C ASN C 392 -28.70 9.12 -39.56
N MET C 393 -29.97 9.31 -39.91
CA MET C 393 -30.38 10.30 -40.91
C MET C 393 -31.68 10.91 -40.40
N GLY C 394 -31.56 12.01 -39.66
CA GLY C 394 -32.73 12.63 -39.05
C GLY C 394 -32.52 13.06 -37.61
N GLY C 395 -31.28 13.04 -37.13
CA GLY C 395 -30.98 13.55 -35.81
C GLY C 395 -30.17 12.63 -34.93
N ASP C 396 -29.24 13.20 -34.16
CA ASP C 396 -28.44 12.41 -33.24
C ASP C 396 -29.30 11.95 -32.06
N PRO C 397 -29.07 10.74 -31.57
CA PRO C 397 -29.92 10.18 -30.49
C PRO C 397 -29.41 10.39 -29.07
N ILE C 398 -28.34 11.16 -28.87
CA ILE C 398 -27.78 11.32 -27.53
C ILE C 398 -28.71 12.14 -26.65
N THR C 399 -29.27 13.23 -27.20
CA THR C 399 -30.11 14.12 -26.40
C THR C 399 -31.35 13.40 -25.87
N VAL C 400 -31.88 12.43 -26.62
CA VAL C 400 -33.02 11.67 -26.13
C VAL C 400 -32.64 10.89 -24.89
N ILE C 401 -31.47 10.25 -24.89
CA ILE C 401 -31.01 9.53 -23.71
C ILE C 401 -30.80 10.48 -22.55
N ASP C 402 -30.23 11.66 -22.83
CA ASP C 402 -30.04 12.64 -21.77
C ASP C 402 -31.36 13.04 -21.13
N GLU C 403 -32.38 13.29 -21.93
CA GLU C 403 -33.68 13.68 -21.39
C GLU C 403 -34.33 12.51 -20.65
N ILE C 404 -34.18 11.29 -21.16
CA ILE C 404 -34.76 10.12 -20.51
C ILE C 404 -34.16 9.94 -19.12
N ARG C 405 -32.84 10.07 -19.01
CA ARG C 405 -32.23 9.98 -17.69
C ARG C 405 -32.50 11.24 -16.86
N ASP C 406 -32.89 12.34 -17.50
CA ASP C 406 -33.34 13.50 -16.74
C ASP C 406 -34.68 13.24 -16.06
N LEU C 407 -35.55 12.45 -16.69
CA LEU C 407 -36.82 12.11 -16.02
C LEU C 407 -36.58 11.41 -14.69
N LEU C 408 -35.73 10.39 -14.69
CA LEU C 408 -35.58 9.51 -13.54
C LEU C 408 -34.76 10.12 -12.41
N TYR C 409 -34.30 11.36 -12.56
CA TYR C 409 -33.58 12.07 -11.49
C TYR C 409 -32.31 11.31 -11.10
N ILE C 410 -31.43 11.13 -12.09
CA ILE C 410 -30.24 10.28 -11.91
C ILE C 410 -29.02 11.14 -11.61
N GLY C 411 -28.63 11.99 -12.55
CA GLY C 411 -27.39 12.72 -12.41
C GLY C 411 -27.53 14.07 -11.75
N LYS C 412 -28.66 14.29 -11.07
CA LYS C 412 -28.98 15.60 -10.51
C LYS C 412 -28.76 15.63 -8.99
N ASP C 413 -27.73 14.96 -8.50
CA ASP C 413 -27.44 14.95 -7.07
C ASP C 413 -25.97 14.59 -6.88
N ARG C 414 -25.47 14.87 -5.66
CA ARG C 414 -24.12 14.53 -5.29
C ARG C 414 -24.01 13.54 -4.15
N LYS C 415 -25.03 13.44 -3.30
CA LYS C 415 -25.01 12.50 -2.18
C LYS C 415 -25.83 11.24 -2.46
N ASN C 416 -26.73 11.27 -3.44
CA ASN C 416 -27.55 10.12 -3.81
C ASN C 416 -27.46 9.94 -5.32
N PRO C 417 -26.34 9.41 -5.82
CA PRO C 417 -26.16 9.33 -7.27
C PRO C 417 -27.23 8.52 -7.99
N ARG C 418 -27.68 7.40 -7.40
CA ARG C 418 -28.74 6.58 -7.97
C ARG C 418 -28.39 6.18 -9.41
N GLU C 419 -27.31 5.41 -9.52
CA GLU C 419 -26.65 5.17 -10.80
C GLU C 419 -27.11 3.90 -11.52
N ASP C 420 -27.53 2.88 -10.79
CA ASP C 420 -27.78 1.56 -11.38
C ASP C 420 -29.24 1.30 -11.66
N TYR C 421 -30.00 2.33 -12.07
CA TYR C 421 -31.42 2.18 -12.33
C TYR C 421 -31.77 2.33 -13.80
N LEU C 422 -30.79 2.20 -14.69
CA LEU C 422 -31.05 2.30 -16.13
C LEU C 422 -29.88 1.67 -16.87
N ASP C 423 -30.15 0.60 -17.61
CA ASP C 423 -29.12 -0.14 -18.35
C ASP C 423 -29.45 -0.15 -19.83
N VAL C 424 -28.44 0.10 -20.66
CA VAL C 424 -28.58 0.09 -22.10
C VAL C 424 -27.54 -0.87 -22.68
N TYR C 425 -27.99 -1.86 -23.43
CA TYR C 425 -27.10 -2.80 -24.11
C TYR C 425 -27.24 -2.62 -25.61
N VAL C 426 -26.11 -2.71 -26.32
CA VAL C 426 -26.09 -2.54 -27.77
C VAL C 426 -25.36 -3.72 -28.40
N PHE C 427 -26.00 -4.33 -29.40
CA PHE C 427 -25.40 -5.42 -30.16
C PHE C 427 -25.19 -4.97 -31.60
N GLY C 428 -24.00 -5.23 -32.14
CA GLY C 428 -23.67 -4.87 -33.51
C GLY C 428 -23.35 -6.10 -34.34
N VAL C 429 -23.78 -6.07 -35.61
CA VAL C 429 -23.71 -7.22 -36.49
C VAL C 429 -23.11 -6.78 -37.83
N GLY C 430 -22.12 -7.52 -38.30
CA GLY C 430 -21.61 -7.33 -39.64
C GLY C 430 -20.33 -6.52 -39.68
N PRO C 431 -19.77 -6.35 -40.88
CA PRO C 431 -18.54 -5.55 -41.04
C PRO C 431 -18.77 -4.08 -41.33
N LEU C 432 -20.02 -3.63 -41.39
CA LEU C 432 -20.34 -2.23 -41.63
C LEU C 432 -20.67 -1.46 -40.36
N VAL C 433 -20.45 -2.07 -39.20
CA VAL C 433 -20.76 -1.40 -37.94
C VAL C 433 -19.84 -0.20 -37.76
N ASN C 434 -20.41 0.92 -37.31
CA ASN C 434 -19.65 2.14 -37.05
C ASN C 434 -19.35 2.20 -35.56
N GLN C 435 -18.10 1.89 -35.20
CA GLN C 435 -17.76 1.70 -33.79
C GLN C 435 -17.95 2.97 -32.97
N VAL C 436 -17.58 4.12 -33.53
CA VAL C 436 -17.61 5.37 -32.76
C VAL C 436 -19.04 5.74 -32.38
N ASN C 437 -19.99 5.60 -33.32
CA ASN C 437 -21.38 5.90 -33.01
C ASN C 437 -21.96 4.90 -32.03
N ILE C 438 -21.62 3.62 -32.16
CA ILE C 438 -22.09 2.61 -31.23
C ILE C 438 -21.60 2.91 -29.82
N ASN C 439 -20.35 3.37 -29.70
CA ASN C 439 -19.75 3.56 -28.37
C ASN C 439 -20.46 4.64 -27.57
N ALA C 440 -20.86 5.74 -28.23
CA ALA C 440 -21.37 6.90 -27.50
C ALA C 440 -22.81 6.73 -27.03
N LEU C 441 -23.50 5.66 -27.44
CA LEU C 441 -24.91 5.50 -27.11
C LEU C 441 -25.16 4.61 -25.90
N ALA C 442 -24.30 3.63 -25.64
CA ALA C 442 -24.51 2.69 -24.55
C ALA C 442 -24.17 3.36 -23.22
N SER C 443 -24.28 2.60 -22.13
CA SER C 443 -23.91 3.08 -20.81
C SER C 443 -22.52 2.58 -20.45
N LYS C 444 -21.92 3.21 -19.44
CA LYS C 444 -20.53 2.94 -19.05
C LYS C 444 -20.44 2.84 -17.54
N LYS C 445 -20.16 1.64 -17.05
CA LYS C 445 -19.91 1.40 -15.64
C LYS C 445 -18.69 0.50 -15.50
N ASP C 446 -18.06 0.56 -14.32
CA ASP C 446 -16.84 -0.20 -14.09
C ASP C 446 -17.13 -1.69 -13.91
N ASN C 447 -16.11 -2.50 -14.19
CA ASN C 447 -16.10 -3.95 -14.00
C ASN C 447 -17.12 -4.67 -14.90
N GLU C 448 -17.71 -3.98 -15.87
CA GLU C 448 -18.69 -4.59 -16.75
C GLU C 448 -18.50 -4.07 -18.17
N GLN C 449 -19.08 -4.80 -19.12
CA GLN C 449 -19.05 -4.44 -20.53
C GLN C 449 -20.47 -4.34 -21.06
N HIS C 450 -20.75 -3.30 -21.84
CA HIS C 450 -22.10 -3.01 -22.29
C HIS C 450 -22.25 -2.85 -23.79
N VAL C 451 -21.17 -3.03 -24.56
CA VAL C 451 -21.21 -2.95 -26.01
C VAL C 451 -20.68 -4.26 -26.57
N PHE C 452 -21.39 -4.84 -27.54
CA PHE C 452 -20.93 -6.08 -28.13
C PHE C 452 -20.97 -5.99 -29.65
N LYS C 453 -20.00 -6.61 -30.31
CA LYS C 453 -19.89 -6.61 -31.76
C LYS C 453 -19.54 -8.01 -32.22
N VAL C 454 -20.38 -8.61 -33.06
CA VAL C 454 -20.18 -9.99 -33.47
C VAL C 454 -19.92 -10.07 -34.97
N LYS C 455 -19.71 -11.28 -35.49
CA LYS C 455 -19.30 -11.46 -36.87
C LYS C 455 -20.47 -11.50 -37.85
N ASP C 456 -21.49 -12.31 -37.55
CA ASP C 456 -22.61 -12.48 -38.47
C ASP C 456 -23.85 -12.87 -37.68
N MET C 457 -24.96 -13.02 -38.41
CA MET C 457 -26.25 -13.26 -37.77
C MET C 457 -26.30 -14.59 -37.03
N GLU C 458 -25.60 -15.61 -37.53
CA GLU C 458 -25.61 -16.92 -36.89
C GLU C 458 -25.08 -16.85 -35.46
N ASN C 459 -24.12 -15.95 -35.22
CA ASN C 459 -23.49 -15.86 -33.91
C ASN C 459 -24.48 -15.43 -32.83
N LEU C 460 -25.54 -14.71 -33.20
CA LEU C 460 -26.53 -14.30 -32.21
C LEU C 460 -27.25 -15.51 -31.63
N GLU C 461 -27.79 -16.37 -32.49
CA GLU C 461 -28.44 -17.57 -31.99
C GLU C 461 -27.43 -18.52 -31.36
N ASP C 462 -26.18 -18.51 -31.82
CA ASP C 462 -25.15 -19.27 -31.13
C ASP C 462 -25.01 -18.81 -29.69
N VAL C 463 -24.92 -17.49 -29.48
CA VAL C 463 -24.76 -16.93 -28.15
C VAL C 463 -25.94 -17.31 -27.26
N PHE C 464 -27.16 -17.14 -27.79
CA PHE C 464 -28.33 -17.39 -26.96
C PHE C 464 -28.53 -18.88 -26.68
N TYR C 465 -28.21 -19.75 -27.65
CA TYR C 465 -28.25 -21.18 -27.38
C TYR C 465 -27.23 -21.58 -26.31
N GLN C 466 -26.03 -21.00 -26.38
CA GLN C 466 -25.04 -21.28 -25.34
C GLN C 466 -25.52 -20.79 -23.98
N MET C 467 -26.15 -19.62 -23.95
CA MET C 467 -26.68 -19.09 -22.69
C MET C 467 -27.75 -20.00 -22.12
N ILE C 468 -28.65 -20.51 -22.97
CA ILE C 468 -29.73 -21.35 -22.48
C ILE C 468 -29.24 -22.76 -22.14
N ASP C 469 -28.10 -23.17 -22.70
CA ASP C 469 -27.55 -24.49 -22.40
C ASP C 469 -26.57 -24.50 -21.23
N GLU C 470 -26.05 -23.33 -20.84
CA GLU C 470 -25.10 -23.28 -19.73
C GLU C 470 -25.73 -23.74 -18.43
N SER C 471 -26.98 -23.35 -18.18
CA SER C 471 -27.63 -23.67 -16.92
C SER C 471 -27.92 -25.15 -16.76
N GLN C 472 -27.78 -25.95 -17.81
CA GLN C 472 -28.04 -27.38 -17.72
C GLN C 472 -26.99 -28.06 -16.84
N SER C 473 -27.34 -29.24 -16.35
CA SER C 473 -26.46 -30.02 -15.49
C SER C 473 -25.32 -30.59 -16.31
N LEU C 474 -24.46 -31.39 -15.68
CA LEU C 474 -23.29 -31.96 -16.32
C LEU C 474 -23.62 -33.13 -17.24
N SER C 475 -24.90 -33.35 -17.57
CA SER C 475 -25.29 -34.52 -18.34
C SER C 475 -24.96 -34.39 -19.82
N LEU C 476 -25.12 -33.22 -20.41
CA LEU C 476 -25.02 -33.10 -21.87
C LEU C 476 -23.56 -33.28 -22.31
N CYS C 477 -23.38 -33.37 -23.63
CA CYS C 477 -22.13 -33.78 -24.24
C CYS C 477 -21.41 -32.59 -24.88
N GLY C 478 -20.11 -32.49 -24.62
CA GLY C 478 -19.25 -31.58 -25.35
C GLY C 478 -19.51 -30.11 -25.15
N MET C 479 -19.69 -29.68 -23.90
CA MET C 479 -19.80 -28.26 -23.59
C MET C 479 -18.48 -27.75 -23.04
N VAL C 480 -18.15 -26.50 -23.36
CA VAL C 480 -16.96 -25.83 -22.85
C VAL C 480 -17.38 -24.49 -22.26
N TRP C 481 -16.95 -24.21 -21.03
CA TRP C 481 -17.29 -22.97 -20.36
C TRP C 481 -16.04 -22.48 -19.64
N GLU C 482 -15.29 -21.58 -20.30
CA GLU C 482 -14.04 -21.07 -19.76
C GLU C 482 -14.28 -19.73 -19.06
N HIS C 483 -13.84 -19.65 -17.80
CA HIS C 483 -13.92 -18.41 -17.04
C HIS C 483 -12.67 -17.58 -17.28
N ARG C 484 -12.53 -16.49 -16.51
CA ARG C 484 -11.45 -15.53 -16.77
C ARG C 484 -10.10 -16.02 -16.29
N LYS C 485 -10.06 -16.87 -15.26
CA LYS C 485 -8.83 -17.37 -14.66
C LYS C 485 -8.69 -18.87 -14.86
N GLY C 486 -8.94 -19.34 -16.08
CA GLY C 486 -8.89 -20.76 -16.37
C GLY C 486 -7.48 -21.29 -16.60
N THR C 487 -7.38 -22.60 -16.70
CA THR C 487 -6.14 -23.31 -16.94
C THR C 487 -6.21 -24.03 -18.29
N ASP C 488 -5.13 -24.73 -18.63
CA ASP C 488 -5.08 -25.43 -19.91
C ASP C 488 -6.10 -26.57 -19.97
N TYR C 489 -6.16 -27.39 -18.93
CA TYR C 489 -7.05 -28.55 -18.94
C TYR C 489 -8.52 -28.13 -18.92
N HIS C 490 -8.82 -26.94 -18.40
CA HIS C 490 -10.20 -26.47 -18.42
C HIS C 490 -10.68 -26.21 -19.84
N LYS C 491 -9.77 -25.87 -20.75
CA LYS C 491 -10.14 -25.65 -22.14
C LYS C 491 -10.38 -26.95 -22.89
N GLN C 492 -9.68 -28.02 -22.53
CA GLN C 492 -9.83 -29.33 -23.15
C GLN C 492 -10.06 -30.38 -22.06
N PRO C 493 -11.30 -30.53 -21.60
CA PRO C 493 -11.59 -31.44 -20.49
C PRO C 493 -11.80 -32.89 -20.89
N TRP C 494 -11.41 -33.30 -22.09
CA TRP C 494 -11.68 -34.67 -22.55
C TRP C 494 -10.43 -35.47 -22.85
N GLN C 495 -9.33 -34.84 -23.28
CA GLN C 495 -8.17 -35.59 -23.73
C GLN C 495 -7.50 -36.33 -22.57
N ALA C 496 -7.03 -37.54 -22.87
CA ALA C 496 -6.29 -38.36 -21.92
C ALA C 496 -5.04 -38.92 -22.61
N LYS C 497 -4.01 -39.19 -21.81
CA LYS C 497 -2.72 -39.62 -22.33
C LYS C 497 -2.34 -40.97 -21.74
N ILE C 498 -1.76 -41.83 -22.59
CA ILE C 498 -1.28 -43.15 -22.19
C ILE C 498 0.16 -43.29 -22.62
N SER C 499 1.03 -43.67 -21.68
CA SER C 499 2.45 -43.88 -21.94
C SER C 499 2.78 -45.36 -21.76
N VAL C 500 3.46 -45.94 -22.74
CA VAL C 500 3.76 -47.36 -22.77
C VAL C 500 5.24 -47.55 -23.08
N ILE C 501 5.88 -48.49 -22.41
CA ILE C 501 7.24 -48.91 -22.72
C ILE C 501 7.13 -50.23 -23.46
N ARG C 502 7.05 -50.16 -24.79
CA ARG C 502 6.98 -51.37 -25.60
C ARG C 502 8.33 -52.10 -25.58
N PRO C 503 8.32 -53.42 -25.43
CA PRO C 503 9.59 -54.15 -25.37
C PRO C 503 10.39 -54.00 -26.65
N SER C 504 11.72 -53.98 -26.49
CA SER C 504 12.66 -53.74 -27.58
C SER C 504 12.41 -52.40 -28.27
N LYS C 505 11.91 -51.42 -27.50
CA LYS C 505 11.63 -50.10 -28.02
C LYS C 505 11.57 -49.12 -26.85
N GLY C 506 11.70 -47.83 -27.17
CA GLY C 506 11.64 -46.78 -26.17
C GLY C 506 10.23 -46.46 -25.75
N HIS C 507 10.00 -45.18 -25.45
CA HIS C 507 8.71 -44.73 -24.99
C HIS C 507 7.69 -44.74 -26.13
N GLU C 508 6.40 -44.67 -25.75
CA GLU C 508 5.32 -44.59 -26.71
C GLU C 508 4.19 -43.81 -26.05
N SER C 509 4.00 -42.57 -26.49
CA SER C 509 2.98 -41.69 -25.93
C SER C 509 1.82 -41.58 -26.92
N CYS C 510 0.61 -41.82 -26.43
CA CYS C 510 -0.58 -41.78 -27.28
C CYS C 510 -1.69 -41.04 -26.56
N MET C 511 -2.63 -40.52 -27.34
CA MET C 511 -3.75 -39.74 -26.82
C MET C 511 -5.07 -40.46 -27.08
N GLY C 512 -6.10 -40.02 -26.35
CA GLY C 512 -7.42 -40.59 -26.51
C GLY C 512 -8.46 -39.65 -25.94
N ALA C 513 -9.73 -40.00 -26.21
CA ALA C 513 -10.86 -39.21 -25.76
C ALA C 513 -11.74 -40.03 -24.84
N VAL C 514 -12.40 -39.34 -23.90
CA VAL C 514 -13.29 -39.99 -22.95
C VAL C 514 -14.70 -40.00 -23.51
N VAL C 515 -15.09 -41.11 -24.15
CA VAL C 515 -16.42 -41.21 -24.74
C VAL C 515 -17.48 -41.25 -23.65
N SER C 516 -17.25 -42.01 -22.59
CA SER C 516 -18.21 -42.13 -21.50
C SER C 516 -17.46 -42.47 -20.22
N GLU C 517 -18.21 -42.73 -19.15
CA GLU C 517 -17.62 -42.98 -17.84
C GLU C 517 -17.01 -44.37 -17.71
N TYR C 518 -17.33 -45.29 -18.63
CA TYR C 518 -16.79 -46.64 -18.60
C TYR C 518 -15.81 -46.93 -19.74
N PHE C 519 -15.88 -46.20 -20.84
CA PHE C 519 -15.14 -46.55 -22.05
C PHE C 519 -14.14 -45.46 -22.37
N VAL C 520 -12.99 -45.89 -22.89
CA VAL C 520 -11.96 -44.98 -23.38
C VAL C 520 -11.54 -45.44 -24.78
N LEU C 521 -11.52 -44.51 -25.73
CA LEU C 521 -11.21 -44.83 -27.12
C LEU C 521 -9.79 -44.39 -27.45
N THR C 522 -9.02 -45.28 -28.07
CA THR C 522 -7.65 -44.99 -28.43
C THR C 522 -7.33 -45.73 -29.73
N ALA C 523 -6.37 -45.18 -30.48
CA ALA C 523 -5.96 -45.81 -31.74
C ALA C 523 -5.37 -47.19 -31.49
N ALA C 524 -5.74 -48.15 -32.34
CA ALA C 524 -5.31 -49.53 -32.17
C ALA C 524 -3.85 -49.75 -32.56
N HIS C 525 -3.20 -48.78 -33.20
CA HIS C 525 -1.78 -48.92 -33.50
C HIS C 525 -0.96 -48.94 -32.22
N CYS C 526 -1.31 -48.08 -31.26
CA CYS C 526 -0.55 -48.01 -30.01
C CYS C 526 -0.68 -49.31 -29.20
N PHE C 527 -1.89 -49.86 -29.13
CA PHE C 527 -2.19 -50.96 -28.23
C PHE C 527 -2.34 -52.26 -29.03
N THR C 528 -1.67 -53.30 -28.58
CA THR C 528 -1.73 -54.62 -29.22
C THR C 528 -2.33 -55.62 -28.25
N VAL C 529 -2.51 -56.86 -28.73
CA VAL C 529 -3.17 -57.88 -27.93
C VAL C 529 -2.24 -58.42 -26.85
N ASP C 530 -0.93 -58.32 -27.04
CA ASP C 530 0.03 -58.83 -26.09
C ASP C 530 0.41 -57.83 -25.01
N ASP C 531 -0.21 -56.65 -25.01
CA ASP C 531 0.07 -55.64 -23.99
C ASP C 531 -0.64 -56.00 -22.70
N LYS C 532 0.10 -56.12 -21.62
CA LYS C 532 -0.45 -56.49 -20.33
C LYS C 532 -0.61 -55.24 -19.46
N GLU C 533 -0.96 -55.44 -18.18
CA GLU C 533 -1.27 -54.33 -17.30
C GLU C 533 -0.07 -53.41 -17.10
N HIS C 534 1.15 -53.92 -17.32
CA HIS C 534 2.32 -53.05 -17.27
C HIS C 534 2.29 -52.00 -18.38
N SER C 535 1.58 -52.27 -19.47
CA SER C 535 1.44 -51.34 -20.58
C SER C 535 0.11 -50.61 -20.57
N ILE C 536 -0.64 -50.67 -19.47
CA ILE C 536 -1.99 -50.10 -19.39
C ILE C 536 -1.97 -49.09 -18.24
N LYS C 537 -1.71 -47.83 -18.57
CA LYS C 537 -1.73 -46.73 -17.61
C LYS C 537 -2.61 -45.62 -18.16
N VAL C 538 -3.54 -45.14 -17.35
CA VAL C 538 -4.49 -44.12 -17.76
C VAL C 538 -4.19 -42.83 -17.00
N SER C 539 -4.48 -41.70 -17.65
CA SER C 539 -4.27 -40.38 -17.07
C SER C 539 -5.48 -39.51 -17.40
N VAL C 540 -6.45 -39.48 -16.49
CA VAL C 540 -7.68 -38.71 -16.67
C VAL C 540 -7.90 -37.86 -15.43
N GLY C 541 -8.76 -36.84 -15.59
CA GLY C 541 -9.05 -35.93 -14.52
C GLY C 541 -7.98 -34.90 -14.22
N GLY C 542 -6.97 -34.78 -15.09
CA GLY C 542 -5.89 -33.85 -14.83
C GLY C 542 -4.96 -34.28 -13.73
N GLU C 543 -4.93 -35.57 -13.41
CA GLU C 543 -4.09 -36.09 -12.34
C GLU C 543 -3.32 -37.31 -12.83
N LYS C 544 -2.16 -37.54 -12.22
CA LYS C 544 -1.31 -38.66 -12.59
C LYS C 544 -1.77 -39.98 -11.98
N ARG C 545 -2.80 -39.96 -11.13
CA ARG C 545 -3.28 -41.18 -10.50
C ARG C 545 -3.77 -42.18 -11.55
N ASP C 546 -3.39 -43.44 -11.36
CA ASP C 546 -3.82 -44.52 -12.24
C ASP C 546 -5.18 -45.06 -11.77
N LEU C 547 -5.66 -46.09 -12.46
CA LEU C 547 -6.93 -46.70 -12.12
C LEU C 547 -6.97 -48.12 -12.67
N GLU C 548 -7.63 -49.02 -11.94
CA GLU C 548 -7.72 -50.41 -12.35
C GLU C 548 -8.69 -50.56 -13.52
N ILE C 549 -8.41 -51.55 -14.37
CA ILE C 549 -9.15 -51.74 -15.60
C ILE C 549 -10.00 -53.02 -15.49
N GLU C 550 -10.80 -53.27 -16.52
CA GLU C 550 -11.54 -54.53 -16.62
C GLU C 550 -11.24 -55.32 -17.88
N VAL C 551 -11.27 -54.71 -19.07
CA VAL C 551 -11.07 -55.46 -20.31
C VAL C 551 -10.68 -54.48 -21.42
N VAL C 552 -10.10 -55.02 -22.48
CA VAL C 552 -9.74 -54.26 -23.67
C VAL C 552 -10.38 -54.92 -24.88
N LEU C 553 -10.87 -54.11 -25.81
CA LEU C 553 -11.59 -54.57 -26.99
C LEU C 553 -10.93 -54.05 -28.25
N PHE C 554 -10.69 -54.94 -29.20
CA PHE C 554 -10.12 -54.60 -30.50
C PHE C 554 -11.12 -54.94 -31.60
N HIS C 555 -10.94 -54.30 -32.75
CA HIS C 555 -11.76 -54.64 -33.91
C HIS C 555 -11.39 -56.03 -34.42
N PRO C 556 -12.39 -56.87 -34.70
CA PRO C 556 -12.07 -58.24 -35.16
C PRO C 556 -11.28 -58.29 -36.45
N ASN C 557 -11.49 -57.35 -37.35
CA ASN C 557 -10.83 -57.35 -38.65
C ASN C 557 -9.50 -56.61 -38.65
N TYR C 558 -9.05 -56.11 -37.50
CA TYR C 558 -7.80 -55.37 -37.43
C TYR C 558 -6.62 -56.31 -37.62
N ASN C 559 -5.79 -56.03 -38.63
CA ASN C 559 -4.60 -56.81 -38.90
C ASN C 559 -3.58 -55.94 -39.60
N ILE C 560 -2.31 -56.34 -39.49
CA ILE C 560 -1.21 -55.60 -40.10
C ILE C 560 -0.58 -56.34 -41.28
N ASN C 561 -0.74 -57.66 -41.36
CA ASN C 561 -0.13 -58.44 -42.43
C ASN C 561 -0.82 -58.18 -43.77
N GLU C 565 4.15 -60.12 -48.56
CA GLU C 565 4.79 -60.39 -49.85
C GLU C 565 4.23 -59.48 -50.94
N ALA C 566 3.27 -58.63 -50.56
CA ALA C 566 2.65 -57.70 -51.49
C ALA C 566 3.43 -56.41 -51.63
N GLY C 567 4.55 -56.26 -50.93
CA GLY C 567 5.33 -55.03 -50.96
C GLY C 567 4.82 -53.94 -50.04
N ILE C 568 3.73 -54.18 -49.32
CA ILE C 568 3.16 -53.19 -48.40
C ILE C 568 3.06 -53.82 -47.01
N PRO C 569 4.09 -53.73 -46.18
CA PRO C 569 4.00 -54.31 -44.83
C PRO C 569 3.11 -53.52 -43.88
N GLU C 570 2.45 -52.47 -44.34
CA GLU C 570 1.59 -51.64 -43.51
C GLU C 570 0.14 -51.88 -43.89
N PHE C 571 -0.70 -52.16 -42.88
CA PHE C 571 -2.14 -52.40 -43.07
C PHE C 571 -2.85 -51.75 -41.90
N TYR C 572 -3.28 -50.50 -42.09
CA TYR C 572 -3.89 -49.69 -41.04
C TYR C 572 -5.41 -49.86 -40.97
N ASP C 573 -5.94 -50.95 -41.52
CA ASP C 573 -7.38 -51.15 -41.52
C ASP C 573 -7.90 -51.36 -40.10
N TYR C 574 -8.96 -50.64 -39.75
CA TYR C 574 -9.65 -50.76 -38.46
C TYR C 574 -8.68 -50.51 -37.30
N ASP C 575 -8.18 -49.28 -37.24
CA ASP C 575 -7.30 -48.85 -36.14
C ASP C 575 -8.14 -48.33 -34.98
N VAL C 576 -8.95 -49.23 -34.42
CA VAL C 576 -9.88 -48.90 -33.34
C VAL C 576 -9.54 -49.76 -32.13
N ALA C 577 -9.36 -49.12 -30.97
CA ALA C 577 -9.10 -49.82 -29.72
C ALA C 577 -9.93 -49.17 -28.62
N LEU C 578 -10.48 -50.00 -27.73
CA LEU C 578 -11.30 -49.51 -26.64
C LEU C 578 -10.84 -50.15 -25.32
N ILE C 579 -10.98 -49.39 -24.24
CA ILE C 579 -10.69 -49.87 -22.89
C ILE C 579 -11.98 -49.74 -22.09
N LYS C 580 -12.43 -50.84 -21.51
CA LYS C 580 -13.65 -50.88 -20.71
C LYS C 580 -13.28 -51.09 -19.24
N LEU C 581 -13.76 -50.19 -18.40
CA LEU C 581 -13.47 -50.17 -16.97
C LEU C 581 -14.66 -50.73 -16.18
N LYS C 582 -14.56 -50.67 -14.86
CA LYS C 582 -15.66 -50.98 -13.96
C LYS C 582 -15.91 -49.85 -12.96
N ASN C 583 -15.42 -48.65 -13.26
CA ASN C 583 -15.44 -47.54 -12.33
C ASN C 583 -16.28 -46.38 -12.87
N LYS C 584 -17.09 -45.80 -11.99
CA LYS C 584 -17.87 -44.60 -12.30
C LYS C 584 -17.05 -43.36 -11.98
N LEU C 585 -17.03 -42.42 -12.90
CA LEU C 585 -16.34 -41.15 -12.71
C LEU C 585 -17.33 -40.08 -12.31
N LYS C 586 -16.90 -39.19 -11.41
CA LYS C 586 -17.72 -38.07 -10.97
C LYS C 586 -17.43 -36.88 -11.86
N TYR C 587 -18.41 -36.46 -12.66
CA TYR C 587 -18.20 -35.34 -13.57
C TYR C 587 -18.03 -34.05 -12.78
N GLY C 588 -17.00 -33.29 -13.15
CA GLY C 588 -16.66 -32.07 -12.44
C GLY C 588 -16.41 -30.92 -13.39
N GLN C 589 -15.32 -30.19 -13.14
CA GLN C 589 -14.99 -28.98 -13.87
C GLN C 589 -13.95 -29.21 -14.97
N THR C 590 -12.82 -29.83 -14.63
CA THR C 590 -11.75 -30.00 -15.59
C THR C 590 -11.84 -31.28 -16.40
N ILE C 591 -12.82 -32.14 -16.12
CA ILE C 591 -13.00 -33.39 -16.85
C ILE C 591 -14.42 -33.44 -17.41
N ARG C 592 -14.54 -33.70 -18.70
CA ARG C 592 -15.82 -33.77 -19.38
C ARG C 592 -15.74 -34.79 -20.51
N PRO C 593 -16.85 -35.45 -20.84
CA PRO C 593 -16.85 -36.42 -21.94
C PRO C 593 -16.90 -35.71 -23.29
N ILE C 594 -16.99 -36.52 -24.35
CA ILE C 594 -17.07 -36.04 -25.72
C ILE C 594 -18.34 -36.63 -26.32
N CYS C 595 -18.81 -36.00 -27.40
CA CYS C 595 -20.12 -36.29 -27.97
C CYS C 595 -19.96 -36.92 -29.34
N LEU C 596 -20.69 -38.01 -29.59
CA LEU C 596 -20.51 -38.86 -30.76
C LEU C 596 -21.67 -38.70 -31.74
N PRO C 597 -21.42 -38.91 -33.03
CA PRO C 597 -22.44 -38.61 -34.05
C PRO C 597 -23.55 -39.65 -34.08
N CYS C 598 -24.63 -39.27 -34.78
CA CYS C 598 -25.84 -40.08 -34.92
C CYS C 598 -26.30 -40.64 -33.58
N THR C 599 -26.63 -39.71 -32.69
CA THR C 599 -27.11 -40.03 -31.36
C THR C 599 -28.21 -39.02 -31.02
N GLU C 600 -29.10 -39.41 -30.10
CA GLU C 600 -30.14 -38.49 -29.67
C GLU C 600 -29.55 -37.21 -29.08
N GLY C 601 -28.48 -37.35 -28.30
CA GLY C 601 -27.80 -36.17 -27.78
C GLY C 601 -27.19 -35.33 -28.88
N THR C 602 -26.62 -35.97 -29.90
CA THR C 602 -26.05 -35.23 -31.02
C THR C 602 -27.12 -34.45 -31.78
N THR C 603 -28.27 -35.07 -32.02
CA THR C 603 -29.38 -34.36 -32.64
C THR C 603 -29.86 -33.21 -31.77
N ARG C 604 -29.94 -33.42 -30.46
CA ARG C 604 -30.32 -32.35 -29.54
C ARG C 604 -29.24 -31.29 -29.43
N ALA C 605 -28.02 -31.59 -29.88
CA ALA C 605 -26.91 -30.64 -29.84
C ALA C 605 -26.58 -30.09 -31.21
N LEU C 606 -27.57 -30.05 -32.11
CA LEU C 606 -27.39 -29.46 -33.43
C LEU C 606 -28.54 -28.52 -33.79
N ARG C 607 -29.46 -28.27 -32.86
CA ARG C 607 -30.59 -27.37 -33.08
C ARG C 607 -31.42 -27.79 -34.30
N LEU C 608 -31.76 -29.07 -34.36
CA LEU C 608 -32.53 -29.64 -35.45
C LEU C 608 -33.67 -30.48 -34.91
N PRO C 609 -34.75 -30.63 -35.67
CA PRO C 609 -35.82 -31.52 -35.25
C PRO C 609 -35.33 -32.96 -35.23
N PRO C 610 -35.93 -33.81 -34.39
CA PRO C 610 -35.48 -35.20 -34.29
C PRO C 610 -35.82 -36.06 -35.50
N THR C 611 -36.38 -35.48 -36.57
CA THR C 611 -36.69 -36.24 -37.78
C THR C 611 -35.48 -36.43 -38.68
N THR C 612 -34.34 -35.83 -38.36
CA THR C 612 -33.16 -35.96 -39.19
C THR C 612 -32.62 -37.39 -39.13
N THR C 613 -32.20 -37.90 -40.28
CA THR C 613 -31.64 -39.24 -40.38
C THR C 613 -30.12 -39.20 -40.25
N CYS C 614 -29.54 -40.38 -40.02
CA CYS C 614 -28.08 -40.49 -39.94
C CYS C 614 -27.41 -40.13 -41.26
N GLN C 615 -28.06 -40.44 -42.39
CA GLN C 615 -27.52 -40.01 -43.68
C GLN C 615 -27.59 -38.50 -43.83
N GLN C 616 -28.68 -37.88 -43.39
CA GLN C 616 -28.76 -36.42 -43.41
C GLN C 616 -27.71 -35.80 -42.50
N GLN C 617 -27.47 -36.40 -41.34
CA GLN C 617 -26.43 -35.92 -40.45
C GLN C 617 -25.05 -36.06 -41.08
N LYS C 618 -24.82 -37.16 -41.79
CA LYS C 618 -23.56 -37.31 -42.53
C LYS C 618 -23.40 -36.22 -43.58
N GLU C 619 -24.48 -35.92 -44.31
CA GLU C 619 -24.41 -34.86 -45.31
C GLU C 619 -24.12 -33.51 -44.68
N GLU C 620 -24.78 -33.21 -43.56
CA GLU C 620 -24.59 -31.92 -42.91
C GLU C 620 -23.19 -31.78 -42.33
N LEU C 621 -22.74 -32.80 -41.58
CA LEU C 621 -21.42 -32.74 -40.98
C LEU C 621 -20.31 -32.86 -42.01
N LEU C 622 -20.53 -33.64 -43.06
CA LEU C 622 -19.54 -33.87 -44.11
C LEU C 622 -20.16 -33.63 -45.48
N PRO C 623 -20.40 -32.37 -45.83
CA PRO C 623 -20.81 -32.07 -47.22
C PRO C 623 -19.62 -32.23 -48.16
N ALA C 624 -19.92 -32.17 -49.46
CA ALA C 624 -18.89 -32.33 -50.48
C ALA C 624 -18.12 -31.03 -50.68
N GLN C 625 -17.58 -30.48 -49.60
CA GLN C 625 -16.88 -29.20 -49.63
C GLN C 625 -15.70 -29.26 -48.68
N ASP C 626 -14.84 -28.26 -48.75
CA ASP C 626 -13.75 -28.13 -47.78
C ASP C 626 -14.34 -27.71 -46.44
N ILE C 627 -14.12 -28.52 -45.40
CA ILE C 627 -14.77 -28.34 -44.11
C ILE C 627 -13.70 -28.07 -43.06
N LYS C 628 -13.94 -27.06 -42.23
CA LYS C 628 -13.03 -26.76 -41.14
C LYS C 628 -13.04 -27.87 -40.09
N ALA C 629 -11.87 -28.15 -39.53
CA ALA C 629 -11.73 -29.09 -38.43
C ALA C 629 -10.49 -28.71 -37.65
N LEU C 630 -10.26 -29.40 -36.54
CA LEU C 630 -9.11 -29.06 -35.72
C LEU C 630 -8.63 -30.32 -35.00
N PHE C 631 -7.35 -30.29 -34.63
CA PHE C 631 -6.77 -31.33 -33.79
C PHE C 631 -5.97 -30.68 -32.68
N VAL C 632 -6.10 -31.22 -31.47
CA VAL C 632 -5.44 -30.66 -30.29
C VAL C 632 -4.06 -31.30 -30.20
N SER C 633 -3.06 -30.59 -30.71
CA SER C 633 -1.69 -31.07 -30.66
C SER C 633 -1.05 -30.72 -29.32
N GLU C 634 0.06 -31.37 -29.03
CA GLU C 634 0.81 -31.19 -27.79
C GLU C 634 2.18 -30.60 -28.13
N GLU C 635 2.41 -29.36 -27.69
CA GLU C 635 3.66 -28.66 -27.94
C GLU C 635 4.11 -27.96 -26.66
N GLU C 636 5.41 -28.03 -26.39
CA GLU C 636 6.04 -27.33 -25.27
C GLU C 636 5.33 -27.67 -23.96
N LYS C 637 5.08 -28.96 -23.75
CA LYS C 637 4.43 -29.48 -22.55
C LYS C 637 3.05 -28.89 -22.33
N LYS C 638 2.40 -28.39 -23.38
CA LYS C 638 1.07 -27.82 -23.27
C LYS C 638 0.24 -28.32 -24.45
N LEU C 639 -1.06 -28.06 -24.39
CA LEU C 639 -2.00 -28.51 -25.42
C LEU C 639 -2.57 -27.30 -26.14
N THR C 640 -2.48 -27.31 -27.48
CA THR C 640 -3.00 -26.22 -28.28
C THR C 640 -3.67 -26.78 -29.53
N ARG C 641 -4.70 -26.08 -29.99
CA ARG C 641 -5.46 -26.53 -31.15
C ARG C 641 -4.83 -26.04 -32.44
N LYS C 642 -4.92 -26.89 -33.48
CA LYS C 642 -4.45 -26.54 -34.82
C LYS C 642 -5.58 -26.77 -35.80
N GLU C 643 -5.79 -25.81 -36.70
CA GLU C 643 -6.88 -25.84 -37.65
C GLU C 643 -6.43 -26.50 -38.96
N VAL C 644 -7.34 -27.27 -39.56
CA VAL C 644 -7.09 -28.00 -40.79
C VAL C 644 -8.38 -28.00 -41.62
N TYR C 645 -8.23 -28.27 -42.91
CA TYR C 645 -9.35 -28.37 -43.83
C TYR C 645 -9.45 -29.80 -44.34
N ILE C 646 -10.64 -30.39 -44.20
CA ILE C 646 -10.90 -31.76 -44.63
C ILE C 646 -11.66 -31.72 -45.95
N LYS C 647 -11.35 -32.69 -46.82
CA LYS C 647 -11.87 -32.76 -48.18
C LYS C 647 -12.59 -34.08 -48.35
N ASN C 648 -13.90 -34.09 -48.10
CA ASN C 648 -14.74 -35.26 -48.33
C ASN C 648 -15.50 -35.16 -49.64
N GLY C 649 -15.23 -34.13 -50.44
CA GLY C 649 -15.94 -33.90 -51.69
C GLY C 649 -15.32 -34.64 -52.85
N ASP C 650 -15.57 -34.12 -54.05
CA ASP C 650 -15.01 -34.72 -55.25
C ASP C 650 -13.49 -34.64 -55.31
N LYS C 651 -12.89 -33.80 -54.46
CA LYS C 651 -11.44 -33.71 -54.39
C LYS C 651 -10.81 -34.77 -53.50
N LYS C 652 -11.62 -35.65 -52.89
CA LYS C 652 -11.07 -36.73 -52.08
C LYS C 652 -10.17 -37.64 -52.90
N GLY C 653 -10.59 -37.96 -54.13
CA GLY C 653 -9.74 -38.73 -55.01
C GLY C 653 -8.44 -38.01 -55.34
N SER C 654 -8.53 -36.69 -55.58
CA SER C 654 -7.32 -35.90 -55.82
C SER C 654 -6.41 -35.90 -54.61
N CYS C 655 -6.98 -35.79 -53.40
CA CYS C 655 -6.17 -35.88 -52.19
C CYS C 655 -5.52 -37.24 -52.05
N GLU C 656 -6.22 -38.30 -52.47
CA GLU C 656 -5.68 -39.65 -52.42
C GLU C 656 -4.86 -40.01 -53.66
N ARG C 657 -4.86 -39.14 -54.68
CA ARG C 657 -4.12 -39.43 -55.91
C ARG C 657 -2.61 -39.42 -55.68
N ASP C 658 -2.13 -38.81 -54.60
CA ASP C 658 -0.71 -38.74 -54.29
C ASP C 658 -0.29 -39.73 -53.21
N ALA C 659 -1.10 -40.77 -52.96
CA ALA C 659 -0.77 -41.73 -51.92
C ALA C 659 0.46 -42.57 -52.26
N GLN C 660 0.85 -42.62 -53.53
CA GLN C 660 1.99 -43.45 -53.93
C GLN C 660 3.31 -42.92 -53.39
N TYR C 661 3.37 -41.64 -53.02
CA TYR C 661 4.60 -41.06 -52.50
C TYR C 661 4.98 -41.56 -51.11
N ALA C 662 4.08 -42.26 -50.43
CA ALA C 662 4.38 -42.75 -49.10
C ALA C 662 5.47 -43.82 -49.16
N PRO C 663 6.38 -43.85 -48.20
CA PRO C 663 7.42 -44.88 -48.20
C PRO C 663 6.83 -46.28 -48.05
N GLY C 664 7.50 -47.26 -48.65
CA GLY C 664 7.04 -48.63 -48.58
C GLY C 664 5.88 -48.96 -49.49
N TYR C 665 5.47 -48.05 -50.36
CA TYR C 665 4.37 -48.26 -51.29
C TYR C 665 4.87 -48.60 -52.69
N ASP C 666 5.97 -49.34 -52.78
CA ASP C 666 6.58 -49.64 -54.07
C ASP C 666 5.73 -50.59 -54.91
N LYS C 667 5.12 -51.61 -54.28
CA LYS C 667 4.39 -52.65 -54.99
C LYS C 667 2.89 -52.55 -54.79
N VAL C 668 2.34 -51.32 -54.80
CA VAL C 668 0.91 -51.10 -54.65
C VAL C 668 0.23 -51.50 -55.96
N LYS C 669 -0.36 -52.70 -55.99
CA LYS C 669 -1.08 -53.13 -57.18
C LYS C 669 -2.36 -52.32 -57.37
N ASP C 670 -3.15 -52.17 -56.31
CA ASP C 670 -4.35 -51.35 -56.32
C ASP C 670 -4.18 -50.25 -55.28
N ILE C 671 -4.39 -49.00 -55.70
CA ILE C 671 -4.18 -47.85 -54.82
C ILE C 671 -5.06 -47.94 -53.58
N SER C 672 -6.22 -48.58 -53.69
CA SER C 672 -7.15 -48.71 -52.58
C SER C 672 -7.10 -50.07 -51.90
N GLU C 673 -6.13 -50.93 -52.27
CA GLU C 673 -6.05 -52.24 -51.65
C GLU C 673 -5.66 -52.14 -50.19
N VAL C 674 -4.84 -51.15 -49.85
CA VAL C 674 -4.52 -50.86 -48.45
C VAL C 674 -5.04 -49.51 -48.00
N VAL C 675 -5.31 -48.59 -48.94
CA VAL C 675 -5.97 -47.32 -48.62
C VAL C 675 -7.46 -47.58 -48.75
N THR C 676 -8.07 -48.06 -47.66
CA THR C 676 -9.46 -48.45 -47.67
C THR C 676 -10.36 -47.25 -47.96
N PRO C 677 -11.53 -47.46 -48.55
CA PRO C 677 -12.43 -46.32 -48.85
C PRO C 677 -12.82 -45.53 -47.62
N ARG C 678 -12.82 -46.17 -46.44
CA ARG C 678 -13.14 -45.47 -45.20
C ARG C 678 -12.10 -44.42 -44.84
N PHE C 679 -10.92 -44.44 -45.46
CA PHE C 679 -9.90 -43.44 -45.18
C PHE C 679 -10.38 -42.06 -45.61
N LEU C 680 -10.12 -41.06 -44.77
CA LEU C 680 -10.39 -39.67 -45.07
C LEU C 680 -9.06 -38.92 -45.23
N CYS C 681 -8.94 -38.18 -46.32
CA CYS C 681 -7.72 -37.43 -46.64
C CYS C 681 -7.92 -35.98 -46.23
N THR C 682 -7.07 -35.51 -45.31
CA THR C 682 -7.15 -34.16 -44.77
C THR C 682 -5.77 -33.53 -44.80
N GLY C 683 -5.74 -32.20 -44.83
CA GLY C 683 -4.50 -31.46 -44.79
C GLY C 683 -3.82 -31.36 -46.14
N GLY C 684 -2.70 -30.64 -46.15
CA GLY C 684 -1.93 -30.45 -47.35
C GLY C 684 -1.82 -28.99 -47.76
N VAL C 685 -1.59 -28.76 -49.05
CA VAL C 685 -1.50 -27.40 -49.58
C VAL C 685 -2.79 -27.01 -50.32
N SER C 686 -3.91 -27.65 -50.00
CA SER C 686 -5.17 -27.38 -50.67
C SER C 686 -6.11 -26.63 -49.73
N PRO C 687 -6.39 -25.35 -49.97
CA PRO C 687 -5.75 -24.56 -51.03
C PRO C 687 -4.54 -23.77 -50.53
N TYR C 688 -4.25 -23.88 -49.23
CA TYR C 688 -3.18 -23.14 -48.60
C TYR C 688 -2.26 -24.09 -47.86
N ALA C 689 -1.02 -23.66 -47.64
CA ALA C 689 -0.01 -24.48 -46.99
C ALA C 689 -0.34 -24.60 -45.50
N ASP C 690 -1.06 -25.66 -45.14
CA ASP C 690 -1.42 -25.93 -43.77
C ASP C 690 -0.60 -27.09 -43.22
N PRO C 691 -0.04 -26.95 -42.01
CA PRO C 691 0.75 -28.05 -41.44
C PRO C 691 -0.10 -29.29 -41.25
N ASN C 692 0.53 -30.46 -41.47
CA ASN C 692 -0.14 -31.73 -41.31
C ASN C 692 0.08 -32.24 -39.88
N THR C 693 -0.31 -33.49 -39.63
CA THR C 693 -0.17 -34.09 -38.30
C THR C 693 1.20 -34.74 -38.17
N CYS C 694 1.37 -35.55 -37.12
CA CYS C 694 2.66 -36.14 -36.78
C CYS C 694 2.53 -37.64 -36.65
N ARG C 695 3.56 -38.36 -37.10
CA ARG C 695 3.62 -39.80 -36.89
C ARG C 695 3.94 -40.14 -35.44
N GLY C 696 4.88 -39.41 -34.83
CA GLY C 696 5.26 -39.66 -33.46
C GLY C 696 4.28 -39.16 -32.42
N ASP C 697 3.29 -38.36 -32.83
CA ASP C 697 2.26 -37.85 -31.93
C ASP C 697 0.87 -38.37 -32.30
N SER C 698 0.80 -39.49 -33.01
CA SER C 698 -0.47 -40.04 -33.45
C SER C 698 -1.22 -40.69 -32.29
N GLY C 699 -2.54 -40.77 -32.43
CA GLY C 699 -3.39 -41.37 -31.42
C GLY C 699 -4.58 -40.52 -31.03
N GLY C 700 -4.43 -39.20 -31.16
CA GLY C 700 -5.45 -38.27 -30.72
C GLY C 700 -6.70 -38.30 -31.58
N PRO C 701 -7.79 -37.77 -31.04
CA PRO C 701 -9.06 -37.75 -31.78
C PRO C 701 -9.11 -36.59 -32.78
N LEU C 702 -10.12 -36.65 -33.65
CA LEU C 702 -10.38 -35.59 -34.61
C LEU C 702 -11.72 -34.95 -34.27
N ILE C 703 -11.72 -33.63 -34.10
CA ILE C 703 -12.86 -32.90 -33.58
C ILE C 703 -13.25 -31.82 -34.57
N VAL C 704 -14.54 -31.72 -34.87
CA VAL C 704 -15.10 -30.64 -35.68
C VAL C 704 -15.83 -29.68 -34.76
N HIS C 705 -15.78 -28.39 -35.08
CA HIS C 705 -16.34 -27.34 -34.23
C HIS C 705 -17.43 -26.61 -35.00
N LYS C 706 -18.65 -26.64 -34.48
CA LYS C 706 -19.76 -25.91 -35.08
C LYS C 706 -20.89 -25.82 -34.06
N ARG C 707 -21.68 -24.75 -34.18
CA ARG C 707 -22.77 -24.45 -33.24
C ARG C 707 -22.23 -24.35 -31.81
N SER C 708 -21.02 -23.79 -31.68
CA SER C 708 -20.30 -23.69 -30.41
C SER C 708 -20.14 -25.05 -29.73
N ARG C 709 -20.13 -26.13 -30.51
CA ARG C 709 -20.05 -27.48 -30.00
C ARG C 709 -18.94 -28.25 -30.71
N PHE C 710 -18.37 -29.20 -29.99
CA PHE C 710 -17.30 -30.06 -30.51
C PHE C 710 -17.84 -31.46 -30.72
N ILE C 711 -17.61 -32.01 -31.91
CA ILE C 711 -18.13 -33.31 -32.30
C ILE C 711 -17.00 -34.17 -32.80
N GLN C 712 -16.89 -35.39 -32.27
CA GLN C 712 -15.92 -36.35 -32.75
C GLN C 712 -16.26 -36.77 -34.18
N VAL C 713 -15.24 -36.89 -35.02
CA VAL C 713 -15.45 -37.36 -36.39
C VAL C 713 -14.55 -38.53 -36.77
N GLY C 714 -13.41 -38.73 -36.12
CA GLY C 714 -12.54 -39.83 -36.48
C GLY C 714 -11.31 -39.85 -35.61
N VAL C 715 -10.47 -40.85 -35.86
CA VAL C 715 -9.22 -41.04 -35.14
C VAL C 715 -8.08 -40.97 -36.14
N ILE C 716 -7.02 -40.23 -35.80
CA ILE C 716 -5.88 -40.10 -36.69
C ILE C 716 -5.23 -41.45 -36.90
N SER C 717 -4.79 -41.70 -38.14
CA SER C 717 -4.14 -42.95 -38.50
C SER C 717 -2.67 -42.76 -38.85
N TRP C 718 -2.37 -41.92 -39.83
CA TRP C 718 -0.99 -41.72 -40.27
C TRP C 718 -0.93 -40.56 -41.25
N GLY C 719 0.30 -40.19 -41.62
CA GLY C 719 0.53 -39.17 -42.62
C GLY C 719 1.41 -39.70 -43.73
N VAL C 720 1.43 -38.96 -44.84
CA VAL C 720 2.14 -39.43 -46.03
C VAL C 720 3.64 -39.49 -45.77
N VAL C 721 4.21 -38.41 -45.23
CA VAL C 721 5.66 -38.32 -45.04
C VAL C 721 5.94 -37.83 -43.62
N ASP C 722 7.20 -38.00 -43.22
CA ASP C 722 7.68 -37.60 -41.90
C ASP C 722 8.35 -36.24 -42.03
N VAL C 723 7.64 -35.19 -41.59
CA VAL C 723 8.19 -33.84 -41.61
C VAL C 723 7.95 -33.18 -40.26
N CYS C 724 7.10 -33.79 -39.44
CA CYS C 724 6.81 -33.20 -38.12
C CYS C 724 8.01 -33.27 -37.19
N LYS C 725 8.82 -34.34 -37.29
CA LYS C 725 10.00 -34.45 -36.45
C LYS C 725 11.06 -33.40 -36.77
N ASN C 726 10.89 -32.66 -37.87
CA ASN C 726 11.70 -31.49 -38.17
C ASN C 726 11.14 -30.21 -37.55
N GLN C 727 10.39 -30.35 -36.45
CA GLN C 727 9.76 -29.20 -35.82
C GLN C 727 10.80 -28.18 -35.37
N LYS C 728 11.89 -28.63 -34.78
CA LYS C 728 12.96 -27.74 -34.31
C LYS C 728 13.64 -27.03 -35.48
N VAL C 733 6.55 -27.89 -44.70
CA VAL C 733 5.48 -28.84 -44.95
C VAL C 733 5.40 -29.16 -46.44
N PRO C 734 5.70 -30.40 -46.81
CA PRO C 734 5.65 -30.78 -48.22
C PRO C 734 4.23 -30.72 -48.77
N ALA C 735 4.13 -30.44 -50.07
CA ALA C 735 2.83 -30.40 -50.72
C ALA C 735 2.15 -31.77 -50.69
N HIS C 736 2.91 -32.83 -50.91
CA HIS C 736 2.36 -34.19 -50.93
C HIS C 736 2.07 -34.74 -49.54
N ALA C 737 2.42 -34.01 -48.48
CA ALA C 737 2.13 -34.46 -47.12
C ALA C 737 0.63 -34.40 -46.88
N ARG C 738 0.00 -35.56 -46.79
CA ARG C 738 -1.43 -35.65 -46.52
C ARG C 738 -1.66 -36.57 -45.33
N ASP C 739 -2.78 -36.36 -44.65
CA ASP C 739 -3.12 -37.09 -43.44
C ASP C 739 -4.32 -37.99 -43.73
N PHE C 740 -4.21 -39.27 -43.36
CA PHE C 740 -5.29 -40.22 -43.57
C PHE C 740 -5.86 -40.63 -42.22
N HIS C 741 -7.19 -40.61 -42.10
CA HIS C 741 -7.86 -40.87 -40.84
C HIS C 741 -9.00 -41.87 -41.03
N ILE C 742 -9.35 -42.54 -39.93
CA ILE C 742 -10.45 -43.50 -39.93
C ILE C 742 -11.77 -42.75 -39.77
N ASN C 743 -12.71 -42.99 -40.67
CA ASN C 743 -14.05 -42.44 -40.53
C ASN C 743 -14.85 -43.30 -39.56
N LEU C 744 -15.49 -42.66 -38.58
CA LEU C 744 -16.21 -43.39 -37.55
C LEU C 744 -17.61 -43.81 -37.99
N PHE C 745 -18.12 -43.24 -39.08
CA PHE C 745 -19.43 -43.65 -39.58
C PHE C 745 -19.42 -45.10 -40.06
N GLN C 746 -18.30 -45.56 -40.62
CA GLN C 746 -18.25 -46.91 -41.16
C GLN C 746 -18.16 -47.96 -40.06
N VAL C 747 -17.63 -47.60 -38.90
CA VAL C 747 -17.40 -48.55 -37.81
C VAL C 747 -18.64 -48.52 -36.91
N LEU C 748 -19.70 -47.90 -37.40
CA LEU C 748 -20.93 -47.80 -36.62
C LEU C 748 -21.52 -49.13 -36.19
N PRO C 749 -21.61 -50.17 -37.03
CA PRO C 749 -22.23 -51.43 -36.58
C PRO C 749 -21.58 -52.04 -35.35
N TRP C 750 -20.24 -52.03 -35.27
CA TRP C 750 -19.57 -52.65 -34.13
C TRP C 750 -19.85 -51.89 -32.84
N LEU C 751 -19.76 -50.56 -32.89
CA LEU C 751 -20.08 -49.75 -31.71
C LEU C 751 -21.54 -49.93 -31.31
N LYS C 752 -22.44 -49.98 -32.30
CA LYS C 752 -23.85 -50.17 -32.00
C LYS C 752 -24.09 -51.51 -31.31
N GLU C 753 -23.43 -52.57 -31.78
CA GLU C 753 -23.61 -53.88 -31.16
C GLU C 753 -22.90 -53.98 -29.82
N LYS C 754 -21.93 -53.12 -29.55
CA LYS C 754 -21.18 -53.19 -28.30
C LYS C 754 -21.54 -52.07 -27.32
N LEU C 755 -22.47 -51.19 -27.66
CA LEU C 755 -22.86 -50.06 -26.82
C LEU C 755 -24.33 -50.12 -26.45
N GLN C 756 -24.81 -51.30 -26.04
CA GLN C 756 -26.22 -51.48 -25.69
C GLN C 756 -26.43 -51.66 -24.19
N ASP C 757 -25.44 -51.31 -23.38
CA ASP C 757 -25.55 -51.44 -21.92
C ASP C 757 -25.52 -50.11 -21.19
N GLU C 758 -24.72 -49.16 -21.63
CA GLU C 758 -24.60 -47.88 -20.95
C GLU C 758 -25.82 -46.98 -21.15
N ASP C 759 -26.60 -47.23 -22.20
CA ASP C 759 -27.86 -46.51 -22.45
C ASP C 759 -27.64 -45.00 -22.54
N LEU C 760 -26.90 -44.60 -23.57
CA LEU C 760 -26.62 -43.20 -23.84
C LEU C 760 -27.46 -42.67 -25.00
N GLY C 761 -28.66 -43.23 -25.19
CA GLY C 761 -29.55 -42.77 -26.23
C GLY C 761 -29.02 -42.97 -27.63
N PHE C 762 -28.43 -44.13 -27.90
CA PHE C 762 -27.84 -44.42 -29.20
C PHE C 762 -28.94 -44.85 -30.16
N LEU C 763 -29.00 -44.20 -31.32
CA LEU C 763 -30.03 -44.50 -32.31
C LEU C 763 -29.45 -44.40 -33.73
N ASP D 1 -24.39 12.90 10.70
CA ASP D 1 -24.29 12.34 12.04
C ASP D 1 -23.49 11.03 12.02
N GLY D 2 -24.08 10.00 11.45
CA GLY D 2 -23.39 8.72 11.31
C GLY D 2 -23.64 7.81 12.49
N ASP D 3 -23.52 6.51 12.23
CA ASP D 3 -23.73 5.51 13.26
C ASP D 3 -22.43 5.21 13.99
N GLU D 4 -22.57 4.63 15.18
CA GLU D 4 -21.42 4.32 16.03
C GLU D 4 -21.52 2.89 16.56
N TYR D 5 -20.36 2.27 16.72
CA TYR D 5 -20.24 0.95 17.33
C TYR D 5 -19.13 0.98 18.37
N PHE D 6 -19.33 0.28 19.47
CA PHE D 6 -18.43 0.33 20.61
C PHE D 6 -17.93 -1.06 20.98
N ILE D 7 -16.77 -1.10 21.62
CA ILE D 7 -16.26 -2.27 22.32
C ILE D 7 -15.60 -1.77 23.60
N GLY D 8 -16.10 -2.23 24.75
CA GLY D 8 -15.56 -1.78 26.01
C GLY D 8 -16.16 -0.47 26.47
N LYS D 9 -15.54 0.09 27.51
CA LYS D 9 -15.98 1.33 28.13
C LYS D 9 -14.83 2.34 28.14
N TYR D 10 -15.17 3.61 27.97
CA TYR D 10 -14.18 4.68 27.89
C TYR D 10 -13.99 5.35 29.24
N LYS D 11 -12.77 5.82 29.49
CA LYS D 11 -12.43 6.52 30.71
C LYS D 11 -11.65 7.78 30.36
N GLU D 12 -11.74 8.79 31.21
CA GLU D 12 -11.22 10.13 30.93
C GLU D 12 -9.72 10.25 31.14
N LYS D 13 -8.99 9.16 31.38
CA LYS D 13 -7.56 9.20 31.63
C LYS D 13 -6.83 8.13 30.81
N ASP D 14 -7.15 8.05 29.53
CA ASP D 14 -6.55 7.08 28.62
C ASP D 14 -5.90 7.80 27.45
N GLU D 15 -4.75 7.30 27.02
CA GLU D 15 -4.06 7.85 25.86
C GLU D 15 -4.33 7.00 24.63
N THR D 16 -4.27 7.63 23.46
CA THR D 16 -4.62 6.99 22.22
C THR D 16 -3.47 6.11 21.71
N LEU D 17 -3.81 4.89 21.31
CA LEU D 17 -2.83 4.04 20.63
C LEU D 17 -2.66 4.44 19.17
N PHE D 18 -3.76 4.49 18.41
CA PHE D 18 -3.71 5.18 17.13
C PHE D 18 -5.11 5.63 16.75
N PHE D 19 -5.15 6.41 15.67
CA PHE D 19 -6.33 7.14 15.23
C PHE D 19 -6.23 7.31 13.73
N ALA D 20 -7.21 6.82 12.99
CA ALA D 20 -7.10 6.82 11.53
C ALA D 20 -8.48 6.91 10.89
N SER D 21 -8.48 7.22 9.59
CA SER D 21 -9.69 7.29 8.79
C SER D 21 -9.49 6.48 7.51
N TYR D 22 -10.52 5.71 7.13
CA TYR D 22 -10.42 4.75 6.05
C TYR D 22 -11.56 4.94 5.07
N GLY D 23 -11.24 4.82 3.77
CA GLY D 23 -12.27 4.67 2.76
C GLY D 23 -12.66 3.22 2.59
N LEU D 24 -13.86 3.00 2.08
CA LEU D 24 -14.44 1.65 2.07
C LEU D 24 -14.81 1.20 0.66
N LYS D 25 -14.13 1.72 -0.36
CA LYS D 25 -14.31 1.24 -1.72
C LYS D 25 -13.01 1.04 -2.49
N ARG D 26 -11.88 1.51 -1.97
CA ARG D 26 -10.61 1.34 -2.63
C ARG D 26 -10.16 -0.11 -2.57
N ASP D 27 -9.31 -0.49 -3.52
CA ASP D 27 -8.75 -1.84 -3.54
C ASP D 27 -7.29 -1.81 -4.02
N PRO D 28 -6.32 -2.14 -3.16
CA PRO D 28 -6.46 -2.49 -1.75
C PRO D 28 -6.51 -1.27 -0.86
N CYS D 29 -6.22 -1.45 0.43
CA CYS D 29 -6.21 -0.32 1.36
C CYS D 29 -5.06 0.61 1.05
N GLN D 30 -4.93 1.65 1.87
CA GLN D 30 -3.69 2.40 2.01
C GLN D 30 -3.01 1.94 3.29
N ILE D 31 -1.78 1.44 3.16
CA ILE D 31 -1.08 0.88 4.31
C ILE D 31 -0.70 2.03 5.24
N VAL D 32 -1.37 2.11 6.39
CA VAL D 32 -1.16 3.18 7.35
C VAL D 32 -0.31 2.62 8.50
N LEU D 33 0.85 3.24 8.71
CA LEU D 33 1.77 2.88 9.79
C LEU D 33 2.15 1.40 9.72
N GLY D 34 2.32 0.90 8.51
CA GLY D 34 2.77 -0.47 8.31
C GLY D 34 1.86 -1.54 8.86
N TYR D 35 0.55 -1.37 8.75
CA TYR D 35 -0.40 -2.37 9.20
C TYR D 35 -1.01 -3.08 7.99
N LYS D 36 -1.86 -4.07 8.28
CA LYS D 36 -2.43 -4.92 7.24
C LYS D 36 -3.95 -4.94 7.36
N CYS D 37 -4.62 -5.01 6.22
CA CYS D 37 -6.07 -5.07 6.18
C CYS D 37 -6.49 -6.13 5.16
N SER D 38 -7.79 -6.19 4.92
CA SER D 38 -8.35 -6.89 3.78
C SER D 38 -9.76 -6.37 3.56
N ASN D 39 -10.11 -6.13 2.30
CA ASN D 39 -11.38 -5.52 1.93
C ASN D 39 -12.04 -6.36 0.86
N ASN D 40 -13.32 -6.68 1.05
CA ASN D 40 -14.09 -7.43 0.06
C ASN D 40 -15.45 -6.76 -0.11
N GLN D 41 -16.35 -7.45 -0.81
CA GLN D 41 -17.67 -6.88 -1.05
C GLN D 41 -18.50 -6.83 0.22
N THR D 42 -18.19 -7.67 1.21
CA THR D 42 -19.00 -7.72 2.42
C THR D 42 -18.15 -7.92 3.67
N HIS D 43 -16.89 -7.48 3.66
CA HIS D 43 -16.03 -7.66 4.83
C HIS D 43 -14.90 -6.66 4.80
N PHE D 44 -14.50 -6.24 6.00
CA PHE D 44 -13.36 -5.34 6.16
C PHE D 44 -12.64 -5.76 7.44
N VAL D 45 -11.43 -6.29 7.30
CA VAL D 45 -10.70 -6.80 8.45
C VAL D 45 -9.38 -6.06 8.58
N LEU D 46 -8.92 -5.92 9.82
CA LEU D 46 -7.70 -5.18 10.14
C LEU D 46 -6.88 -5.96 11.15
N ASN D 47 -5.55 -5.88 11.01
CA ASN D 47 -4.62 -6.53 11.93
C ASN D 47 -3.90 -5.47 12.74
N PHE D 48 -3.87 -5.65 14.06
CA PHE D 48 -3.23 -4.71 14.97
C PHE D 48 -2.34 -5.45 15.95
N LYS D 49 -1.16 -4.90 16.21
CA LYS D 49 -0.24 -5.48 17.18
C LYS D 49 0.69 -4.36 17.66
N THR D 50 0.45 -3.88 18.89
CA THR D 50 1.23 -2.77 19.42
C THR D 50 2.62 -3.24 19.84
N ASN D 51 3.50 -2.26 20.04
CA ASN D 51 4.88 -2.52 20.45
C ASN D 51 5.16 -2.11 21.89
N LYS D 52 4.58 -1.00 22.35
CA LYS D 52 4.78 -0.56 23.71
C LYS D 52 4.06 -1.49 24.69
N LYS D 53 4.50 -1.44 25.95
CA LYS D 53 3.89 -2.25 27.01
C LYS D 53 2.61 -1.57 27.46
N SER D 54 1.48 -2.06 26.98
CA SER D 54 0.19 -1.48 27.33
C SER D 54 -0.90 -2.52 27.13
N CYS D 55 -2.00 -2.32 27.84
CA CYS D 55 -3.18 -3.17 27.72
C CYS D 55 -4.33 -2.31 27.19
N ILE D 56 -5.02 -2.83 26.17
CA ILE D 56 -6.04 -2.06 25.47
C ILE D 56 -7.29 -1.94 26.35
N SER D 57 -8.01 -0.83 26.20
CA SER D 57 -9.17 -0.56 27.04
C SER D 57 -10.48 -0.46 26.26
N ALA D 58 -10.51 0.26 25.15
CA ALA D 58 -11.75 0.47 24.43
C ALA D 58 -11.47 0.67 22.95
N ILE D 59 -12.48 0.36 22.14
CA ILE D 59 -12.43 0.56 20.69
C ILE D 59 -13.75 1.19 20.25
N LYS D 60 -13.69 2.08 19.26
CA LYS D 60 -14.88 2.77 18.79
C LYS D 60 -14.78 2.98 17.29
N LEU D 61 -15.89 2.77 16.59
CA LEU D 61 -15.95 2.95 15.14
C LEU D 61 -17.14 3.82 14.78
N THR D 62 -16.94 4.72 13.83
CA THR D 62 -17.99 5.62 13.36
C THR D 62 -18.12 5.50 11.85
N SER D 63 -19.35 5.40 11.37
CA SER D 63 -19.61 5.19 9.95
C SER D 63 -20.58 6.23 9.41
N TYR D 64 -20.32 6.67 8.18
CA TYR D 64 -21.16 7.60 7.43
C TYR D 64 -21.47 7.01 6.07
N PRO D 65 -22.60 7.37 5.46
CA PRO D 65 -23.69 8.20 6.00
C PRO D 65 -24.69 7.38 6.77
N LYS D 66 -25.61 8.06 7.47
CA LYS D 66 -26.60 7.36 8.27
C LYS D 66 -27.48 6.47 7.40
N ILE D 67 -27.81 5.28 7.92
CA ILE D 67 -28.64 4.32 7.23
C ILE D 67 -29.76 3.89 8.16
N ASN D 68 -30.88 3.45 7.60
CA ASN D 68 -32.08 3.13 8.36
C ASN D 68 -31.98 1.70 8.88
N GLN D 69 -31.27 1.54 10.01
CA GLN D 69 -31.16 0.26 10.67
C GLN D 69 -30.59 0.48 12.07
N ASN D 70 -31.22 -0.14 13.06
CA ASN D 70 -30.73 -0.08 14.43
C ASN D 70 -29.44 -0.88 14.57
N SER D 71 -28.67 -0.55 15.61
CA SER D 71 -27.32 -1.09 15.78
C SER D 71 -27.15 -1.82 17.12
N ASP D 72 -28.19 -2.49 17.61
CA ASP D 72 -28.08 -3.25 18.85
C ASP D 72 -28.66 -4.66 18.78
N LEU D 73 -29.35 -5.03 17.70
CA LEU D 73 -29.98 -6.35 17.65
C LEU D 73 -29.07 -7.41 17.05
N THR D 74 -27.98 -7.00 16.41
CA THR D 74 -27.06 -7.96 15.78
C THR D 74 -25.63 -7.56 16.13
N ARG D 75 -24.68 -8.26 15.52
CA ARG D 75 -23.26 -8.03 15.73
C ARG D 75 -22.63 -7.54 14.43
N ASN D 76 -21.86 -6.46 14.51
CA ASN D 76 -21.20 -5.91 13.34
C ASN D 76 -19.70 -5.75 13.51
N LEU D 77 -19.22 -5.37 14.69
CA LEU D 77 -17.80 -5.35 14.98
C LEU D 77 -17.45 -6.50 15.91
N TYR D 78 -16.41 -7.25 15.56
CA TYR D 78 -15.85 -8.20 16.51
C TYR D 78 -14.44 -8.54 16.06
N CYS D 79 -13.54 -8.75 17.02
CA CYS D 79 -12.17 -9.11 16.66
C CYS D 79 -11.89 -10.54 17.08
N GLN D 80 -11.11 -11.23 16.24
CA GLN D 80 -11.11 -12.69 16.16
C GLN D 80 -10.00 -13.35 16.95
N THR D 81 -8.87 -12.69 17.17
CA THR D 81 -7.71 -13.28 17.84
C THR D 81 -7.16 -12.28 18.86
N GLY D 82 -7.68 -12.34 20.08
CA GLY D 82 -7.23 -11.44 21.13
C GLY D 82 -8.39 -10.91 21.96
N GLY D 83 -8.51 -9.59 22.04
CA GLY D 83 -9.63 -8.98 22.73
C GLY D 83 -9.26 -7.78 23.57
N ILE D 84 -9.83 -7.70 24.77
CA ILE D 84 -9.59 -6.59 25.70
C ILE D 84 -8.70 -7.10 26.82
N GLY D 85 -7.57 -6.42 27.04
CA GLY D 85 -6.58 -6.84 27.99
C GLY D 85 -5.31 -7.41 27.35
N THR D 86 -5.45 -8.12 26.25
CA THR D 86 -4.32 -8.59 25.46
C THR D 86 -3.92 -7.51 24.47
N ASP D 87 -2.62 -7.37 24.25
CA ASP D 87 -2.09 -6.26 23.47
C ASP D 87 -2.42 -6.33 21.98
N ASN D 88 -3.26 -7.22 21.46
CA ASN D 88 -3.53 -7.25 20.03
C ASN D 88 -4.80 -8.04 19.76
N CYS D 89 -5.57 -7.60 18.77
CA CYS D 89 -6.64 -8.44 18.22
C CYS D 89 -7.00 -7.94 16.83
N LYS D 90 -7.57 -8.86 16.04
CA LYS D 90 -7.77 -8.67 14.61
C LYS D 90 -9.23 -8.30 14.35
N LEU D 91 -9.49 -7.03 14.07
CA LEU D 91 -10.85 -6.52 13.97
C LEU D 91 -11.51 -6.97 12.69
N VAL D 92 -12.82 -7.21 12.75
CA VAL D 92 -13.63 -7.60 11.61
C VAL D 92 -14.92 -6.79 11.64
N PHE D 93 -15.30 -6.23 10.49
CA PHE D 93 -16.47 -5.38 10.35
C PHE D 93 -17.22 -5.80 9.08
N LYS D 94 -18.54 -5.83 9.16
CA LYS D 94 -19.39 -6.24 8.05
C LYS D 94 -20.14 -5.02 7.51
N LYS D 95 -19.98 -4.78 6.21
CA LYS D 95 -20.48 -3.56 5.59
C LYS D 95 -21.88 -3.75 5.03
N ARG D 96 -22.38 -2.68 4.40
CA ARG D 96 -23.58 -2.72 3.59
C ARG D 96 -23.28 -2.10 2.23
N LYS D 97 -24.31 -1.84 1.43
CA LYS D 97 -24.09 -1.26 0.11
C LYS D 97 -23.93 0.25 0.15
N ARG D 98 -24.30 0.91 1.25
CA ARG D 98 -24.35 2.36 1.29
C ARG D 98 -23.36 3.00 2.26
N GLN D 99 -22.37 2.27 2.77
CA GLN D 99 -21.38 2.83 3.68
C GLN D 99 -20.06 3.04 2.95
N ILE D 100 -19.50 4.24 3.07
CA ILE D 100 -18.37 4.64 2.24
C ILE D 100 -17.26 5.32 3.04
N ALA D 101 -17.28 5.20 4.37
CA ALA D 101 -16.23 5.81 5.18
C ALA D 101 -16.20 5.17 6.55
N ALA D 102 -15.07 5.33 7.23
CA ALA D 102 -14.95 4.84 8.60
C ALA D 102 -13.87 5.62 9.33
N ASN D 103 -14.10 5.86 10.63
CA ASN D 103 -13.11 6.48 11.50
C ASN D 103 -12.86 5.53 12.67
N ILE D 104 -11.60 5.28 12.98
CA ILE D 104 -11.23 4.28 13.98
C ILE D 104 -10.25 4.88 14.97
N GLU D 105 -10.45 4.56 16.26
CA GLU D 105 -9.61 5.03 17.35
C GLU D 105 -9.39 3.87 18.31
N ILE D 106 -8.22 3.82 18.95
CA ILE D 106 -7.98 2.82 19.99
C ILE D 106 -7.35 3.48 21.20
N TYR D 107 -7.82 3.12 22.40
CA TYR D 107 -7.30 3.63 23.66
C TYR D 107 -6.72 2.48 24.49
N GLY D 108 -5.72 2.81 25.29
CA GLY D 108 -5.10 1.82 26.16
C GLY D 108 -4.48 2.47 27.38
N ILE D 109 -3.99 1.62 28.28
CA ILE D 109 -3.43 2.06 29.55
C ILE D 109 -2.17 1.27 29.86
N PRO D 110 -1.31 1.78 30.74
CA PRO D 110 -0.03 1.10 31.01
C PRO D 110 -0.23 -0.35 31.46
N ALA D 111 0.67 -1.21 30.99
CA ALA D 111 0.44 -2.65 31.06
C ALA D 111 0.47 -3.18 32.48
N LYS D 112 1.45 -2.74 33.28
CA LYS D 112 1.73 -3.40 34.55
C LYS D 112 0.52 -3.33 35.49
N LYS D 113 0.17 -2.12 35.93
CA LYS D 113 -0.92 -1.94 36.89
C LYS D 113 -2.20 -1.45 36.21
N CYS D 114 -2.74 -2.27 35.30
CA CYS D 114 -4.01 -1.95 34.66
C CYS D 114 -5.05 -2.99 35.05
N SER D 115 -6.16 -2.53 35.61
CA SER D 115 -7.30 -3.35 35.97
C SER D 115 -8.57 -2.59 35.67
N PHE D 116 -9.63 -3.32 35.33
CA PHE D 116 -10.87 -2.71 34.86
C PHE D 116 -12.01 -2.82 35.87
N LYS D 117 -11.72 -3.18 37.12
CA LYS D 117 -12.78 -3.37 38.10
C LYS D 117 -13.46 -2.06 38.47
N ASP D 118 -12.76 -0.94 38.37
CA ASP D 118 -13.29 0.33 38.86
C ASP D 118 -14.41 0.89 37.98
N ARG D 119 -14.55 0.40 36.75
CA ARG D 119 -15.56 0.90 35.82
C ARG D 119 -16.83 0.05 35.81
N TYR D 120 -16.69 -1.24 35.53
CA TYR D 120 -17.86 -2.10 35.33
C TYR D 120 -18.58 -2.44 36.61
N ILE D 121 -18.01 -2.12 37.78
CA ILE D 121 -18.71 -2.39 39.02
C ILE D 121 -19.75 -1.32 39.35
N GLY D 122 -19.64 -0.15 38.72
CA GLY D 122 -20.60 0.92 38.93
C GLY D 122 -20.42 1.61 40.27
N ALA D 123 -21.35 2.52 40.55
CA ALA D 123 -21.36 3.23 41.82
C ALA D 123 -22.44 2.75 42.77
N ASP D 124 -23.49 2.10 42.27
CA ASP D 124 -24.56 1.54 43.09
C ASP D 124 -24.77 0.09 42.68
N PRO D 125 -23.92 -0.83 43.16
CA PRO D 125 -24.01 -2.23 42.72
C PRO D 125 -25.32 -2.90 43.08
N LEU D 126 -26.06 -2.40 44.07
CA LEU D 126 -27.28 -3.05 44.51
C LEU D 126 -28.48 -2.73 43.63
N HIS D 127 -28.39 -1.72 42.76
CA HIS D 127 -29.54 -1.27 41.98
C HIS D 127 -29.31 -1.30 40.48
N VAL D 128 -28.07 -1.13 40.01
CA VAL D 128 -27.77 -1.10 38.59
C VAL D 128 -26.63 -2.08 38.30
N ASP D 129 -26.78 -2.83 37.21
CA ASP D 129 -25.76 -3.78 36.79
C ASP D 129 -24.72 -3.07 35.92
N SER D 130 -23.83 -3.84 35.30
CA SER D 130 -22.79 -3.24 34.48
C SER D 130 -23.34 -2.68 33.17
N TYR D 131 -24.44 -3.25 32.67
CA TYR D 131 -25.01 -2.78 31.41
C TYR D 131 -25.52 -1.36 31.51
N GLY D 132 -26.13 -1.01 32.65
CA GLY D 132 -26.77 0.28 32.84
C GLY D 132 -28.25 0.17 33.13
N LEU D 133 -28.91 -0.83 32.56
CA LEU D 133 -30.31 -1.07 32.85
C LEU D 133 -30.49 -1.51 34.29
N SER D 134 -31.44 -0.90 34.99
CA SER D 134 -31.68 -1.22 36.38
C SER D 134 -32.48 -2.51 36.51
N TYR D 135 -32.35 -3.15 37.66
CA TYR D 135 -33.12 -4.36 37.95
C TYR D 135 -34.58 -4.01 38.14
N GLN D 136 -35.45 -4.98 37.84
CA GLN D 136 -36.88 -4.85 38.12
C GLN D 136 -37.44 -6.24 38.36
N PHE D 137 -38.24 -6.38 39.41
CA PHE D 137 -38.62 -7.68 39.95
C PHE D 137 -40.09 -7.95 39.69
N ASP D 138 -40.54 -9.12 40.11
CA ASP D 138 -41.95 -9.46 40.16
C ASP D 138 -42.46 -9.35 41.60
N GLN D 139 -43.59 -8.68 41.77
CA GLN D 139 -44.05 -8.36 43.12
C GLN D 139 -44.66 -9.55 43.85
N GLU D 140 -45.07 -10.61 43.13
CA GLU D 140 -45.75 -11.72 43.76
C GLU D 140 -44.81 -12.87 44.11
N HIS D 141 -43.63 -12.95 43.50
CA HIS D 141 -42.65 -13.97 43.84
C HIS D 141 -41.27 -13.41 44.16
N GLY D 142 -41.01 -12.15 43.82
CA GLY D 142 -39.70 -11.57 44.10
C GLY D 142 -38.56 -12.18 43.32
N TRP D 143 -38.75 -12.44 42.03
CA TRP D 143 -37.71 -12.96 41.17
C TRP D 143 -37.57 -12.04 39.96
N ASN D 144 -36.32 -11.72 39.61
CA ASN D 144 -36.09 -10.79 38.52
C ASN D 144 -36.53 -11.38 37.19
N LEU D 145 -36.97 -10.52 36.29
CA LEU D 145 -37.41 -10.94 34.97
C LEU D 145 -36.21 -10.97 34.02
N GLU D 146 -36.48 -11.13 32.74
CA GLU D 146 -35.44 -11.17 31.71
C GLU D 146 -35.54 -9.89 30.88
N ARG D 147 -34.47 -9.10 30.87
CA ARG D 147 -34.42 -7.93 30.01
C ARG D 147 -34.50 -8.36 28.55
N ASN D 148 -35.31 -7.64 27.78
CA ASN D 148 -35.74 -8.12 26.47
C ASN D 148 -35.26 -7.27 25.30
N ASN D 149 -34.72 -6.07 25.53
CA ASN D 149 -34.35 -5.17 24.45
C ASN D 149 -32.87 -5.25 24.09
N ILE D 150 -32.26 -6.43 24.25
CA ILE D 150 -30.86 -6.63 23.88
C ILE D 150 -30.75 -7.95 23.13
N PHE D 151 -29.63 -8.10 22.43
CA PHE D 151 -29.36 -9.31 21.64
C PHE D 151 -29.19 -10.50 22.57
N LYS D 152 -30.17 -11.39 22.60
CA LYS D 152 -30.14 -12.57 23.45
C LYS D 152 -30.20 -13.82 22.60
N ASP D 153 -29.56 -14.88 23.10
CA ASP D 153 -29.43 -16.13 22.36
C ASP D 153 -29.57 -17.30 23.33
N THR D 154 -29.93 -18.45 22.78
CA THR D 154 -30.10 -19.67 23.55
C THR D 154 -29.39 -20.82 22.85
N ARG D 155 -28.89 -21.77 23.65
CA ARG D 155 -28.32 -22.99 23.10
C ARG D 155 -29.36 -24.11 23.07
N PHE D 156 -29.90 -24.45 24.22
CA PHE D 156 -31.03 -25.36 24.34
C PHE D 156 -32.12 -24.66 25.15
N SER D 157 -33.15 -25.41 25.51
CA SER D 157 -34.20 -24.84 26.33
C SER D 157 -33.64 -24.49 27.71
N THR D 158 -34.28 -23.49 28.33
CA THR D 158 -33.93 -23.04 29.69
C THR D 158 -32.49 -22.57 29.79
N GLU D 159 -32.05 -21.77 28.81
CA GLU D 159 -30.74 -21.14 28.84
C GLU D 159 -30.84 -19.75 28.21
N VAL D 160 -29.98 -18.85 28.65
CA VAL D 160 -29.95 -17.48 28.16
C VAL D 160 -28.51 -17.00 28.04
N PHE D 161 -28.26 -16.16 27.04
CA PHE D 161 -26.94 -15.57 26.83
C PHE D 161 -27.16 -14.21 26.19
N TYR D 162 -26.94 -13.15 26.95
CA TYR D 162 -27.10 -11.79 26.44
C TYR D 162 -25.79 -11.29 25.86
N HIS D 163 -25.89 -10.21 25.08
CA HIS D 163 -24.69 -9.58 24.53
C HIS D 163 -24.95 -8.09 24.35
N LYS D 164 -23.95 -7.28 24.69
CA LYS D 164 -24.05 -5.84 24.45
C LYS D 164 -22.67 -5.21 24.53
N ASN D 165 -22.32 -4.44 23.50
CA ASN D 165 -21.06 -3.70 23.45
C ASN D 165 -19.85 -4.61 23.68
N GLY D 166 -19.90 -5.80 23.09
CA GLY D 166 -18.82 -6.74 23.24
C GLY D 166 -18.72 -7.41 24.58
N LEU D 167 -19.72 -7.27 25.44
CA LEU D 167 -19.73 -7.86 26.77
C LEU D 167 -20.87 -8.86 26.86
N PHE D 168 -20.57 -10.08 27.29
CA PHE D 168 -21.54 -11.13 27.42
C PHE D 168 -22.10 -11.16 28.84
N ASN D 169 -22.92 -12.16 29.15
CA ASN D 169 -23.55 -12.26 30.45
C ASN D 169 -24.18 -13.64 30.60
N THR D 170 -24.28 -14.08 31.86
CA THR D 170 -24.94 -15.34 32.18
C THR D 170 -25.30 -15.33 33.66
N GLN D 171 -26.59 -15.47 33.96
CA GLN D 171 -27.08 -15.45 35.33
C GLN D 171 -27.28 -16.89 35.81
N ILE D 172 -26.68 -17.22 36.95
CA ILE D 172 -26.68 -18.60 37.43
C ILE D 172 -28.08 -18.99 37.91
N THR D 173 -28.73 -18.13 38.68
CA THR D 173 -30.00 -18.49 39.29
C THR D 173 -30.86 -17.24 39.42
N TYR D 174 -31.90 -17.33 40.26
CA TYR D 174 -32.86 -16.25 40.44
C TYR D 174 -32.55 -15.44 41.69
N LEU D 175 -32.97 -14.18 41.66
CA LEU D 175 -32.59 -13.19 42.66
C LEU D 175 -33.81 -12.77 43.46
N ALA D 176 -33.60 -12.52 44.75
CA ALA D 176 -34.66 -12.19 45.69
C ALA D 176 -34.53 -10.73 46.14
N GLU D 177 -35.55 -10.26 46.87
CA GLU D 177 -35.59 -8.85 47.27
C GLU D 177 -34.46 -8.51 48.24
N GLU D 178 -34.32 -9.29 49.31
CA GLU D 178 -33.48 -8.92 50.44
C GLU D 178 -32.03 -9.38 50.31
N ASP D 179 -31.53 -9.55 49.10
CA ASP D 179 -30.12 -9.89 48.93
C ASP D 179 -29.23 -8.70 49.26
N SER D 180 -27.96 -8.99 49.55
CA SER D 180 -26.95 -7.97 49.81
C SER D 180 -25.75 -8.20 48.92
N PHE D 181 -24.95 -7.14 48.75
CA PHE D 181 -23.73 -7.18 47.97
C PHE D 181 -22.56 -7.37 48.91
N SER D 182 -21.71 -8.34 48.60
CA SER D 182 -20.56 -8.64 49.45
C SER D 182 -19.28 -8.04 48.90
N GLU D 183 -18.89 -8.43 47.68
CA GLU D 183 -17.64 -7.99 47.08
C GLU D 183 -17.65 -8.39 45.60
N ALA D 184 -16.53 -8.16 44.93
CA ALA D 184 -16.35 -8.55 43.54
C ALA D 184 -14.95 -9.10 43.35
N ARG D 185 -14.79 -9.98 42.37
CA ARG D 185 -13.52 -10.62 42.08
C ARG D 185 -13.24 -10.54 40.58
N GLU D 186 -11.98 -10.29 40.24
CA GLU D 186 -11.56 -10.14 38.86
C GLU D 186 -10.42 -11.10 38.55
N ILE D 187 -10.37 -11.54 37.30
CA ILE D 187 -9.37 -12.51 36.84
C ILE D 187 -8.72 -11.93 35.59
N THR D 188 -7.41 -11.73 35.64
CA THR D 188 -6.69 -11.12 34.54
C THR D 188 -6.28 -12.18 33.52
N ALA D 189 -5.53 -11.77 32.50
CA ALA D 189 -5.22 -12.63 31.37
C ALA D 189 -4.04 -13.57 31.62
N LYS D 190 -3.25 -13.34 32.67
CA LYS D 190 -2.11 -14.22 32.93
C LYS D 190 -2.47 -15.45 33.74
N ASP D 191 -3.73 -15.59 34.16
CA ASP D 191 -4.20 -16.73 34.93
C ASP D 191 -5.33 -17.44 34.20
N ILE D 192 -5.31 -17.39 32.87
CA ILE D 192 -6.36 -17.97 32.04
C ILE D 192 -5.80 -19.21 31.35
N LYS D 193 -6.50 -20.33 31.50
CA LYS D 193 -6.15 -21.58 30.85
C LYS D 193 -7.39 -22.13 30.14
N LYS D 194 -7.20 -23.25 29.44
CA LYS D 194 -8.33 -23.91 28.80
C LYS D 194 -9.35 -24.43 29.81
N LYS D 195 -8.92 -24.64 31.06
CA LYS D 195 -9.81 -25.09 32.12
C LYS D 195 -9.22 -24.66 33.44
N PHE D 196 -10.03 -24.02 34.28
CA PHE D 196 -9.55 -23.51 35.56
C PHE D 196 -10.72 -23.37 36.51
N SER D 197 -10.44 -22.88 37.72
CA SER D 197 -11.44 -22.76 38.77
C SER D 197 -11.07 -21.62 39.71
N ILE D 198 -12.00 -21.30 40.60
CA ILE D 198 -11.89 -20.17 41.50
C ILE D 198 -12.55 -20.55 42.82
N ILE D 199 -11.95 -20.12 43.94
CA ILE D 199 -12.42 -20.47 45.27
C ILE D 199 -13.12 -19.26 45.89
N LEU D 200 -14.28 -19.49 46.50
CA LEU D 200 -15.06 -18.45 47.16
C LEU D 200 -15.44 -18.93 48.55
N PRO D 201 -15.64 -17.99 49.49
CA PRO D 201 -16.01 -18.36 50.85
C PRO D 201 -17.51 -18.38 51.08
N ASN D 202 -17.94 -19.32 51.93
CA ASN D 202 -19.33 -19.49 52.34
C ASN D 202 -19.41 -19.65 53.85
N GLU D 203 -18.74 -18.76 54.57
CA GLU D 203 -18.68 -18.85 56.03
C GLU D 203 -19.83 -18.06 56.65
N GLU D 204 -20.71 -18.78 57.34
CA GLU D 204 -21.82 -18.19 58.09
C GLU D 204 -22.65 -17.23 57.25
N TYR D 205 -22.47 -15.93 57.48
CA TYR D 205 -23.28 -14.89 56.83
C TYR D 205 -22.67 -14.40 55.53
N LYS D 206 -21.89 -15.23 54.86
CA LYS D 206 -21.41 -14.96 53.51
C LYS D 206 -21.94 -16.01 52.53
N ARG D 207 -23.19 -16.42 52.74
CA ARG D 207 -23.79 -17.47 51.94
C ARG D 207 -24.02 -16.99 50.50
N ILE D 208 -23.57 -17.77 49.54
CA ILE D 208 -23.72 -17.38 48.14
C ILE D 208 -25.14 -17.68 47.68
N SER D 209 -25.82 -16.65 47.16
CA SER D 209 -27.18 -16.80 46.65
C SER D 209 -27.35 -16.37 45.21
N PHE D 210 -26.37 -15.70 44.61
CA PHE D 210 -26.49 -15.25 43.23
C PHE D 210 -25.10 -14.98 42.68
N LEU D 211 -24.88 -15.44 41.45
CA LEU D 211 -23.62 -15.23 40.75
C LEU D 211 -23.94 -14.87 39.30
N ASP D 212 -23.40 -13.77 38.81
CA ASP D 212 -23.49 -13.39 37.42
C ASP D 212 -22.11 -13.06 36.89
N VAL D 213 -21.80 -13.55 35.70
CA VAL D 213 -20.45 -13.50 35.15
C VAL D 213 -20.44 -12.59 33.94
N TYR D 214 -19.40 -11.76 33.82
CA TYR D 214 -19.19 -10.93 32.64
C TYR D 214 -17.81 -11.23 32.09
N TRP D 215 -17.73 -11.42 30.76
CA TRP D 215 -16.47 -11.84 30.16
C TRP D 215 -16.45 -11.45 28.69
N PHE D 216 -15.26 -11.12 28.21
CA PHE D 216 -14.98 -10.98 26.79
C PHE D 216 -14.37 -12.27 26.28
N GLN D 217 -14.43 -12.46 24.96
CA GLN D 217 -13.82 -13.62 24.34
C GLN D 217 -13.64 -13.36 22.85
N GLU D 218 -13.30 -14.41 22.11
CA GLU D 218 -13.14 -14.36 20.67
C GLU D 218 -14.15 -15.28 20.00
N THR D 219 -14.41 -15.01 18.72
CA THR D 219 -15.34 -15.80 17.93
C THR D 219 -14.75 -16.03 16.56
N MET D 220 -14.67 -17.29 16.14
CA MET D 220 -14.13 -17.60 14.81
C MET D 220 -15.07 -17.11 13.71
N ARG D 221 -16.37 -17.35 13.88
CA ARG D 221 -17.39 -16.91 12.94
C ARG D 221 -18.46 -16.14 13.70
N LYS D 222 -19.45 -15.63 12.96
CA LYS D 222 -20.49 -14.81 13.57
C LYS D 222 -21.30 -15.58 14.61
N LYS D 223 -21.37 -16.90 14.49
CA LYS D 223 -22.05 -17.72 15.50
C LYS D 223 -21.05 -18.09 16.58
N PRO D 224 -21.25 -17.67 17.82
CA PRO D 224 -20.29 -17.96 18.88
C PRO D 224 -20.49 -19.35 19.46
N LYS D 225 -19.56 -19.75 20.33
CA LYS D 225 -19.61 -21.02 21.04
C LYS D 225 -19.45 -20.71 22.53
N TYR D 226 -20.58 -20.58 23.22
CA TYR D 226 -20.56 -20.18 24.62
C TYR D 226 -19.92 -21.27 25.47
N PRO D 227 -19.09 -20.90 26.44
CA PRO D 227 -18.43 -21.92 27.27
C PRO D 227 -19.37 -22.47 28.33
N TYR D 228 -18.96 -23.61 28.90
CA TYR D 228 -19.73 -24.28 29.94
C TYR D 228 -19.25 -23.78 31.29
N ILE D 229 -20.13 -23.10 32.01
CA ILE D 229 -19.85 -22.64 33.36
C ILE D 229 -20.79 -23.41 34.28
N HIS D 230 -20.35 -24.58 34.75
CA HIS D 230 -21.15 -25.38 35.65
C HIS D 230 -20.62 -25.23 37.07
N TYR D 231 -21.34 -25.83 38.01
CA TYR D 231 -21.21 -25.51 39.42
C TYR D 231 -20.73 -26.78 40.13
N ASN D 232 -19.42 -26.87 40.33
CA ASN D 232 -18.80 -28.14 40.70
C ASN D 232 -19.38 -28.71 41.98
N GLY D 233 -19.74 -29.99 41.94
CA GLY D 233 -20.35 -30.64 43.09
C GLY D 233 -21.64 -29.96 43.49
N GLU D 234 -21.81 -29.75 44.80
CA GLU D 234 -22.94 -29.02 45.32
C GLU D 234 -22.46 -28.13 46.47
N CYS D 235 -22.83 -26.86 46.43
CA CYS D 235 -22.42 -25.91 47.47
C CYS D 235 -23.55 -25.74 48.48
N SER D 236 -23.60 -26.71 49.39
CA SER D 236 -24.56 -26.69 50.50
C SER D 236 -23.92 -26.00 51.70
N ASN D 237 -24.57 -26.10 52.87
CA ASN D 237 -24.07 -25.45 54.06
C ASN D 237 -22.75 -26.06 54.53
N GLU D 238 -22.60 -27.38 54.43
CA GLU D 238 -21.48 -28.06 55.07
C GLU D 238 -20.14 -27.63 54.49
N ASN D 239 -19.98 -27.70 53.18
CA ASN D 239 -18.69 -27.41 52.56
C ASN D 239 -18.49 -25.89 52.49
N LYS D 240 -17.55 -25.40 53.31
CA LYS D 240 -17.43 -23.96 53.53
C LYS D 240 -16.84 -23.24 52.32
N THR D 241 -15.78 -23.80 51.74
CA THR D 241 -15.14 -23.18 50.58
C THR D 241 -15.70 -23.79 49.32
N CYS D 242 -16.33 -22.96 48.49
CA CYS D 242 -17.02 -23.43 47.29
C CYS D 242 -16.28 -22.99 46.04
N GLU D 243 -16.14 -23.90 45.09
CA GLU D 243 -15.36 -23.66 43.89
C GLU D 243 -16.28 -23.48 42.68
N LEU D 244 -15.86 -22.64 41.77
CA LEU D 244 -16.52 -22.43 40.48
C LEU D 244 -15.54 -22.82 39.39
N VAL D 245 -15.95 -23.70 38.49
CA VAL D 245 -15.07 -24.28 37.49
C VAL D 245 -15.57 -23.88 36.11
N PHE D 246 -14.65 -23.47 35.24
CA PHE D 246 -14.97 -23.10 33.88
C PHE D 246 -14.59 -24.23 32.94
N ASP D 247 -15.22 -24.26 31.76
CA ASP D 247 -14.87 -25.22 30.73
C ASP D 247 -15.09 -24.54 29.38
N THR D 248 -14.02 -24.01 28.81
CA THR D 248 -14.10 -23.16 27.64
C THR D 248 -13.73 -23.93 26.38
N ASP D 249 -14.38 -23.58 25.27
CA ASP D 249 -14.00 -24.09 23.96
C ASP D 249 -13.16 -23.09 23.18
N GLU D 250 -13.20 -21.82 23.56
CA GLU D 250 -12.35 -20.77 23.02
C GLU D 250 -11.77 -19.97 24.17
N LEU D 251 -10.64 -19.31 23.91
CA LEU D 251 -9.86 -18.66 24.95
C LEU D 251 -10.46 -17.28 25.25
N MET D 252 -10.70 -17.01 26.52
CA MET D 252 -11.19 -15.71 26.97
C MET D 252 -10.00 -14.77 27.20
N THR D 253 -10.30 -13.53 27.60
CA THR D 253 -9.27 -12.57 27.93
C THR D 253 -9.55 -11.78 29.22
N TYR D 254 -10.72 -11.97 29.83
CA TYR D 254 -11.08 -11.24 31.04
C TYR D 254 -12.36 -11.83 31.60
N ALA D 255 -12.50 -11.77 32.92
CA ALA D 255 -13.69 -12.28 33.59
C ALA D 255 -13.97 -11.44 34.83
N LEU D 256 -15.24 -11.44 35.24
CA LEU D 256 -15.66 -10.68 36.41
C LEU D 256 -16.89 -11.35 37.01
N VAL D 257 -16.86 -11.55 38.33
CA VAL D 257 -17.92 -12.23 39.06
C VAL D 257 -18.41 -11.31 40.18
N LYS D 258 -19.73 -11.15 40.28
CA LYS D 258 -20.34 -10.32 41.31
C LYS D 258 -21.11 -11.21 42.27
N VAL D 259 -20.46 -11.61 43.37
CA VAL D 259 -21.09 -12.48 44.35
C VAL D 259 -22.19 -11.72 45.09
N PHE D 260 -23.33 -12.38 45.31
CA PHE D 260 -24.39 -11.83 46.12
C PHE D 260 -24.63 -12.74 47.31
N THR D 261 -25.06 -12.16 48.44
CA THR D 261 -25.18 -12.89 49.69
C THR D 261 -26.58 -12.76 50.26
N ASN D 262 -27.10 -13.88 50.78
CA ASN D 262 -28.38 -13.87 51.48
C ASN D 262 -28.40 -14.99 52.51
N PRO D 263 -28.51 -14.67 53.80
CA PRO D 263 -28.47 -15.72 54.83
C PRO D 263 -29.66 -16.66 54.80
N GLU D 264 -30.78 -16.26 54.20
CA GLU D 264 -31.99 -17.06 54.23
C GLU D 264 -32.02 -18.17 53.17
N SER D 265 -31.13 -18.10 52.18
CA SER D 265 -31.15 -19.08 51.10
C SER D 265 -30.87 -20.48 51.63
N ASP D 266 -31.66 -21.44 51.15
CA ASP D 266 -31.50 -22.85 51.49
C ASP D 266 -30.68 -23.61 50.46
N GLY D 267 -30.28 -22.96 49.37
CA GLY D 267 -29.45 -23.58 48.35
C GLY D 267 -30.19 -23.99 47.10
N SER D 268 -31.52 -24.07 47.14
CA SER D 268 -32.31 -24.50 46.00
C SER D 268 -33.42 -23.49 45.74
N ARG D 269 -33.52 -23.04 44.48
CA ARG D 269 -34.56 -22.09 44.09
C ARG D 269 -34.70 -22.17 42.57
N LEU D 270 -35.85 -22.67 42.11
CA LEU D 270 -36.06 -22.90 40.69
C LEU D 270 -37.53 -22.68 40.33
N LYS D 271 -37.76 -22.31 39.07
CA LYS D 271 -39.10 -21.98 38.62
C LYS D 271 -39.96 -23.23 38.50
N GLU D 272 -41.27 -23.02 38.47
CA GLU D 272 -42.21 -24.15 38.43
C GLU D 272 -42.34 -24.76 37.04
N GLU D 273 -41.83 -24.11 36.00
CA GLU D 273 -41.60 -24.78 34.71
C GLU D 273 -40.15 -24.48 34.32
N ASP D 274 -39.23 -25.19 34.96
CA ASP D 274 -37.84 -25.28 34.52
C ASP D 274 -37.31 -26.67 34.84
N LEU D 275 -38.12 -27.41 35.62
CA LEU D 275 -37.63 -28.45 36.51
C LEU D 275 -37.46 -29.83 35.86
N GLY D 276 -38.27 -30.18 34.87
CA GLY D 276 -38.26 -31.56 34.42
C GLY D 276 -37.62 -31.77 33.07
N ARG D 277 -36.43 -32.37 33.09
CA ARG D 277 -35.61 -32.71 31.91
C ARG D 277 -35.96 -31.96 30.62
N ARG E 81 -49.30 -74.58 42.11
CA ARG E 81 -49.36 -73.25 41.51
C ARG E 81 -50.79 -72.77 41.40
N LYS E 82 -51.29 -72.14 42.47
CA LYS E 82 -52.65 -71.62 42.47
C LYS E 82 -52.80 -70.36 41.61
N LEU E 83 -51.79 -69.48 41.62
CA LEU E 83 -51.84 -68.23 40.88
C LEU E 83 -50.53 -68.04 40.12
N CYS E 84 -50.60 -67.21 39.08
CA CYS E 84 -49.41 -66.90 38.29
C CYS E 84 -48.44 -66.00 39.04
N SER E 85 -48.82 -65.46 40.21
CA SER E 85 -47.93 -64.58 40.95
C SER E 85 -46.67 -65.30 41.42
N LEU E 86 -46.68 -66.62 41.49
CA LEU E 86 -45.54 -67.41 41.91
C LEU E 86 -44.75 -67.83 40.67
N ASP E 87 -43.63 -67.14 40.42
CA ASP E 87 -42.71 -67.47 39.34
C ASP E 87 -43.43 -67.53 37.98
N ASN E 88 -44.21 -66.49 37.72
CA ASN E 88 -44.95 -66.34 36.46
C ASN E 88 -45.86 -67.54 36.18
N GLY E 89 -46.27 -68.23 37.24
CA GLY E 89 -47.08 -69.43 37.07
C GLY E 89 -46.39 -70.50 36.27
N ASP E 90 -45.08 -70.66 36.46
CA ASP E 90 -44.21 -71.61 35.75
C ASP E 90 -44.10 -71.29 34.26
N CYS E 91 -44.68 -70.19 33.80
CA CYS E 91 -44.61 -69.81 32.40
C CYS E 91 -43.41 -68.89 32.17
N ASP E 92 -42.85 -68.94 30.97
CA ASP E 92 -41.76 -68.06 30.60
C ASP E 92 -42.24 -66.81 29.90
N GLN E 93 -43.55 -66.64 29.76
CA GLN E 93 -44.16 -65.47 29.14
C GLN E 93 -45.50 -65.23 29.83
N PHE E 94 -46.42 -64.54 29.15
CA PHE E 94 -47.65 -64.09 29.77
C PHE E 94 -48.35 -65.22 30.51
N CYS E 95 -48.93 -64.89 31.66
CA CYS E 95 -49.63 -65.85 32.49
C CYS E 95 -50.92 -65.23 33.02
N HIS E 96 -51.93 -66.05 33.21
CA HIS E 96 -53.17 -65.58 33.83
C HIS E 96 -53.92 -66.78 34.40
N GLU E 97 -55.06 -66.50 35.01
CA GLU E 97 -55.89 -67.51 35.66
C GLU E 97 -57.23 -67.58 34.94
N GLU E 98 -57.39 -68.58 34.09
CA GLU E 98 -58.64 -68.82 33.38
C GLU E 98 -59.35 -69.99 34.05
N GLN E 99 -60.63 -69.78 34.41
CA GLN E 99 -61.42 -70.79 35.13
C GLN E 99 -60.70 -71.22 36.41
N ASN E 100 -60.10 -70.25 37.11
CA ASN E 100 -59.35 -70.50 38.34
C ASN E 100 -58.19 -71.46 38.12
N SER E 101 -57.69 -71.54 36.88
CA SER E 101 -56.59 -72.41 36.54
C SER E 101 -55.47 -71.60 35.89
N VAL E 102 -54.23 -71.88 36.28
CA VAL E 102 -53.09 -71.17 35.74
C VAL E 102 -52.89 -71.59 34.29
N VAL E 103 -52.84 -70.61 33.39
CA VAL E 103 -52.67 -70.85 31.96
C VAL E 103 -51.71 -69.81 31.39
N CYS E 104 -50.80 -70.27 30.53
CA CYS E 104 -49.84 -69.40 29.88
C CYS E 104 -50.42 -68.84 28.58
N SER E 105 -49.74 -67.81 28.06
CA SER E 105 -50.05 -67.22 26.77
C SER E 105 -48.82 -66.46 26.32
N CYS E 106 -48.51 -66.56 25.04
CA CYS E 106 -47.25 -66.07 24.49
C CYS E 106 -47.44 -64.74 23.77
N ALA E 107 -46.31 -64.09 23.50
CA ALA E 107 -46.29 -62.82 22.78
C ALA E 107 -46.10 -63.08 21.29
N ARG E 108 -45.97 -62.01 20.51
CA ARG E 108 -45.80 -62.15 19.06
C ARG E 108 -44.49 -62.84 18.74
N GLY E 109 -44.53 -63.69 17.72
CA GLY E 109 -43.38 -64.50 17.38
C GLY E 109 -43.18 -65.72 18.26
N TYR E 110 -44.19 -66.10 19.04
CA TYR E 110 -44.09 -67.22 19.95
C TYR E 110 -45.41 -67.97 20.00
N THR E 111 -45.37 -69.23 20.42
CA THR E 111 -46.56 -70.05 20.60
C THR E 111 -46.30 -71.07 21.69
N LEU E 112 -47.36 -71.44 22.41
CA LEU E 112 -47.24 -72.35 23.54
C LEU E 112 -46.84 -73.73 23.08
N ALA E 113 -45.92 -74.35 23.81
CA ALA E 113 -45.32 -75.63 23.45
C ALA E 113 -46.07 -76.77 24.14
N ASP E 114 -45.50 -77.99 24.05
CA ASP E 114 -46.15 -79.15 24.63
C ASP E 114 -46.27 -79.04 26.14
N ASN E 115 -45.16 -78.74 26.81
CA ASN E 115 -45.21 -78.55 28.26
C ASN E 115 -45.84 -77.20 28.63
N GLY E 116 -45.68 -76.20 27.76
CA GLY E 116 -46.25 -74.89 28.00
C GLY E 116 -45.37 -73.94 28.79
N LYS E 117 -44.23 -74.40 29.31
CA LYS E 117 -43.34 -73.52 30.04
C LYS E 117 -42.73 -72.46 29.14
N ALA E 118 -42.16 -72.89 28.01
CA ALA E 118 -41.45 -72.00 27.09
C ALA E 118 -42.18 -71.94 25.76
N CYS E 119 -42.35 -70.73 25.25
CA CYS E 119 -42.97 -70.52 23.94
C CYS E 119 -41.89 -70.51 22.88
N ILE E 120 -41.99 -71.42 21.91
CA ILE E 120 -40.95 -71.53 20.88
C ILE E 120 -41.03 -70.32 19.95
N PRO E 121 -39.89 -69.76 19.53
CA PRO E 121 -39.93 -68.67 18.55
C PRO E 121 -40.57 -69.12 17.24
N THR E 122 -41.32 -68.19 16.63
CA THR E 122 -41.93 -68.43 15.32
C THR E 122 -41.61 -67.33 14.33
N GLY E 123 -40.51 -66.60 14.55
CA GLY E 123 -40.13 -65.52 13.66
C GLY E 123 -38.62 -65.39 13.53
N PRO E 124 -38.18 -64.57 12.57
CA PRO E 124 -36.73 -64.40 12.39
C PRO E 124 -36.08 -63.61 13.51
N TYR E 125 -36.73 -62.55 13.99
CA TYR E 125 -36.23 -61.72 15.08
C TYR E 125 -37.31 -61.55 16.13
N PRO E 126 -37.59 -62.60 16.92
CA PRO E 126 -38.59 -62.47 17.98
C PRO E 126 -38.16 -61.45 19.03
N CYS E 127 -39.16 -60.83 19.65
CA CYS E 127 -38.91 -59.83 20.67
C CYS E 127 -38.55 -60.50 21.99
N GLY E 128 -38.27 -59.67 23.01
CA GLY E 128 -38.02 -60.15 24.35
C GLY E 128 -36.60 -60.60 24.62
N LYS E 129 -35.70 -60.56 23.64
CA LYS E 129 -34.33 -60.99 23.83
C LYS E 129 -33.40 -60.06 23.06
N GLN E 130 -32.15 -59.97 23.53
CA GLN E 130 -31.13 -59.19 22.87
C GLN E 130 -30.50 -60.00 21.74
N THR E 131 -30.21 -59.33 20.64
CA THR E 131 -29.66 -60.00 19.47
C THR E 131 -28.24 -60.51 19.76
N LEU E 132 -27.92 -61.67 19.20
CA LEU E 132 -26.59 -62.27 19.36
C LEU E 132 -26.29 -63.05 18.08
N GLU E 133 -25.47 -62.45 17.21
CA GLU E 133 -25.11 -63.06 15.93
C GLU E 133 -23.65 -63.42 15.83
N ARG E 134 -22.75 -62.45 16.01
CA ARG E 134 -21.32 -62.68 15.83
C ARG E 134 -20.51 -62.12 16.98
N ILE F 1 -27.33 -38.87 32.36
CA ILE F 1 -26.79 -40.08 32.95
C ILE F 1 -25.38 -39.82 33.47
N VAL F 2 -25.25 -39.73 34.80
CA VAL F 2 -23.98 -39.45 35.45
C VAL F 2 -23.45 -40.75 36.05
N GLY F 3 -22.23 -41.11 35.65
CA GLY F 3 -21.62 -42.34 36.12
C GLY F 3 -21.96 -43.53 35.26
N GLY F 4 -22.26 -44.66 35.90
CA GLY F 4 -22.68 -45.84 35.16
C GLY F 4 -21.56 -46.43 34.30
N GLN F 5 -21.96 -47.10 33.23
CA GLN F 5 -21.02 -47.74 32.32
C GLN F 5 -21.60 -47.71 30.92
N GLU F 6 -20.71 -47.59 29.93
CA GLU F 6 -21.13 -47.53 28.54
C GLU F 6 -21.79 -48.85 28.12
N CYS F 7 -22.88 -48.74 27.37
CA CYS F 7 -23.57 -49.92 26.87
C CYS F 7 -22.68 -50.67 25.88
N LYS F 8 -22.66 -51.99 26.03
CA LYS F 8 -21.91 -52.85 25.12
C LYS F 8 -22.76 -53.23 23.92
N ASP F 9 -22.10 -53.45 22.79
CA ASP F 9 -22.81 -53.73 21.55
C ASP F 9 -23.70 -54.96 21.70
N GLY F 10 -24.92 -54.86 21.17
CA GLY F 10 -25.88 -55.94 21.25
C GLY F 10 -26.73 -55.96 22.52
N GLU F 11 -26.59 -54.96 23.39
CA GLU F 11 -27.34 -54.93 24.63
C GLU F 11 -28.40 -53.83 24.69
N CYS F 12 -28.30 -52.82 23.84
CA CYS F 12 -29.26 -51.71 23.82
C CYS F 12 -29.77 -51.51 22.39
N PRO F 13 -30.59 -52.43 21.88
CA PRO F 13 -31.03 -52.34 20.48
C PRO F 13 -32.37 -51.66 20.25
N TRP F 14 -33.11 -51.35 21.32
CA TRP F 14 -34.46 -50.81 21.16
C TRP F 14 -34.52 -49.29 21.15
N GLN F 15 -33.38 -48.61 21.07
CA GLN F 15 -33.37 -47.16 21.12
C GLN F 15 -33.48 -46.53 19.73
N ALA F 16 -33.93 -45.28 19.69
CA ALA F 16 -33.90 -44.48 18.48
C ALA F 16 -33.79 -43.01 18.88
N LEU F 17 -33.22 -42.20 17.98
CA LEU F 17 -32.98 -40.80 18.27
C LEU F 17 -33.87 -39.91 17.42
N LEU F 18 -34.17 -38.71 17.92
CA LEU F 18 -34.92 -37.71 17.18
C LEU F 18 -33.97 -36.58 16.82
N ILE F 19 -33.90 -36.25 15.54
CA ILE F 19 -32.93 -35.28 15.03
C ILE F 19 -33.67 -34.07 14.47
N ASN F 20 -33.05 -32.91 14.61
CA ASN F 20 -33.59 -31.65 14.13
C ASN F 20 -33.02 -31.32 12.75
N GLU F 21 -33.23 -30.08 12.29
CA GLU F 21 -32.75 -29.68 10.98
C GLU F 21 -31.22 -29.76 10.89
N GLU F 22 -30.53 -29.35 11.96
CA GLU F 22 -29.07 -29.47 12.00
C GLU F 22 -28.60 -30.91 12.13
N ASN F 23 -29.53 -31.86 12.32
CA ASN F 23 -29.22 -33.28 12.50
C ASN F 23 -28.45 -33.51 13.81
N GLU F 24 -29.00 -32.99 14.91
CA GLU F 24 -28.47 -33.23 16.24
C GLU F 24 -29.59 -33.72 17.13
N GLY F 25 -29.34 -34.80 17.87
CA GLY F 25 -30.38 -35.40 18.69
C GLY F 25 -30.71 -34.56 19.91
N PHE F 26 -32.00 -34.56 20.28
CA PHE F 26 -32.44 -33.92 21.50
C PHE F 26 -33.43 -34.75 22.31
N CYS F 27 -34.03 -35.79 21.75
CA CYS F 27 -34.92 -36.67 22.48
C CYS F 27 -34.76 -38.09 21.96
N GLY F 28 -35.14 -39.04 22.82
CA GLY F 28 -35.08 -40.45 22.50
C GLY F 28 -36.46 -41.03 22.20
N GLY F 29 -36.44 -42.29 21.75
CA GLY F 29 -37.68 -42.97 21.42
C GLY F 29 -37.48 -44.47 21.45
N THR F 30 -38.58 -45.18 21.69
CA THR F 30 -38.58 -46.63 21.80
C THR F 30 -39.21 -47.25 20.57
N ILE F 31 -38.57 -48.27 20.02
CA ILE F 31 -39.09 -48.99 18.86
C ILE F 31 -40.13 -49.99 19.33
N LEU F 32 -41.41 -49.61 19.25
CA LEU F 32 -42.46 -50.51 19.69
C LEU F 32 -42.86 -51.48 18.57
N SER F 33 -42.90 -51.01 17.34
CA SER F 33 -43.17 -51.84 16.18
C SER F 33 -42.42 -51.26 14.99
N GLU F 34 -42.78 -51.71 13.79
CA GLU F 34 -42.09 -51.28 12.58
C GLU F 34 -42.46 -49.86 12.16
N PHE F 35 -43.52 -49.29 12.74
CA PHE F 35 -43.94 -47.94 12.39
C PHE F 35 -44.12 -47.04 13.61
N TYR F 36 -44.02 -47.56 14.82
CA TYR F 36 -44.52 -46.90 16.02
C TYR F 36 -43.36 -46.41 16.86
N ILE F 37 -43.42 -45.15 17.28
CA ILE F 37 -42.40 -44.57 18.15
C ILE F 37 -43.08 -44.00 19.38
N LEU F 38 -42.48 -44.23 20.54
CA LEU F 38 -42.96 -43.68 21.80
C LEU F 38 -42.07 -42.54 22.24
N THR F 39 -42.67 -41.40 22.57
CA THR F 39 -41.89 -40.24 22.98
C THR F 39 -42.69 -39.42 23.99
N ALA F 40 -41.97 -38.61 24.76
CA ALA F 40 -42.61 -37.72 25.72
C ALA F 40 -43.35 -36.60 24.99
N ALA F 41 -44.40 -36.09 25.63
CA ALA F 41 -45.21 -35.05 25.02
C ALA F 41 -44.42 -33.77 24.83
N HIS F 42 -43.56 -33.42 25.80
CA HIS F 42 -42.91 -32.12 25.76
C HIS F 42 -41.83 -32.04 24.70
N CYS F 43 -41.36 -33.18 24.18
CA CYS F 43 -40.39 -33.13 23.09
C CYS F 43 -40.98 -32.58 21.80
N LEU F 44 -42.32 -32.51 21.69
CA LEU F 44 -42.95 -32.08 20.45
C LEU F 44 -42.95 -30.57 20.27
N TYR F 45 -42.55 -29.80 21.28
CA TYR F 45 -42.71 -28.35 21.25
C TYR F 45 -41.46 -27.58 20.90
N GLN F 46 -40.29 -28.01 21.39
CA GLN F 46 -39.08 -27.23 21.18
C GLN F 46 -38.57 -27.29 19.75
N ALA F 47 -39.06 -28.21 18.93
CA ALA F 47 -38.63 -28.37 17.55
C ALA F 47 -39.83 -28.18 16.63
N LYS F 48 -39.64 -27.38 15.57
CA LYS F 48 -40.72 -27.17 14.61
C LYS F 48 -40.91 -28.39 13.72
N ARG F 49 -39.81 -29.00 13.27
CA ARG F 49 -39.86 -30.18 12.42
C ARG F 49 -38.68 -31.06 12.75
N PHE F 50 -38.81 -32.35 12.46
CA PHE F 50 -37.84 -33.32 12.95
C PHE F 50 -37.88 -34.58 12.10
N LYS F 51 -36.85 -35.40 12.25
CA LYS F 51 -36.74 -36.70 11.61
C LYS F 51 -36.28 -37.71 12.64
N VAL F 52 -36.30 -38.99 12.29
CA VAL F 52 -35.93 -40.07 13.19
C VAL F 52 -34.67 -40.74 12.67
N ARG F 53 -33.76 -41.06 13.57
CA ARG F 53 -32.54 -41.77 13.23
C ARG F 53 -32.44 -43.06 14.04
N VAL F 54 -31.97 -44.12 13.38
CA VAL F 54 -31.83 -45.43 14.03
C VAL F 54 -30.47 -46.02 13.67
N GLY F 55 -30.04 -46.96 14.50
CA GLY F 55 -28.82 -47.69 14.26
C GLY F 55 -27.54 -46.88 14.32
N ASP F 56 -27.40 -46.02 15.33
CA ASP F 56 -26.20 -45.22 15.52
C ASP F 56 -25.70 -45.39 16.95
N ARG F 57 -24.50 -45.93 17.11
CA ARG F 57 -23.86 -46.04 18.41
C ARG F 57 -22.91 -44.88 18.70
N ASN F 58 -22.77 -43.94 17.78
CA ASN F 58 -21.90 -42.78 17.98
C ASN F 58 -22.51 -41.61 17.22
N THR F 59 -23.11 -40.68 17.97
CA THR F 59 -23.77 -39.54 17.35
C THR F 59 -22.79 -38.57 16.70
N GLU F 60 -21.52 -38.60 17.11
CA GLU F 60 -20.55 -37.65 16.58
C GLU F 60 -20.25 -37.92 15.10
N GLN F 61 -20.03 -39.18 14.74
CA GLN F 61 -19.66 -39.52 13.38
C GLN F 61 -20.42 -40.76 12.93
N GLU F 62 -20.60 -40.88 11.62
CA GLU F 62 -21.25 -42.06 11.06
C GLU F 62 -20.31 -43.26 11.13
N GLU F 63 -20.90 -44.45 11.29
CA GLU F 63 -20.14 -45.69 11.37
C GLU F 63 -20.70 -46.78 10.46
N GLY F 64 -21.75 -46.51 9.71
CA GLY F 64 -22.37 -47.52 8.86
C GLY F 64 -23.51 -48.24 9.56
N GLY F 65 -24.62 -48.41 8.84
CA GLY F 65 -25.78 -49.07 9.38
C GLY F 65 -26.87 -48.13 9.88
N GLU F 66 -26.58 -46.85 10.07
CA GLU F 66 -27.59 -45.91 10.51
C GLU F 66 -28.60 -45.66 9.39
N ALA F 67 -29.83 -45.34 9.80
CA ALA F 67 -30.91 -45.07 8.85
C ALA F 67 -31.69 -43.85 9.29
N VAL F 68 -32.20 -43.11 8.30
CA VAL F 68 -32.95 -41.88 8.52
C VAL F 68 -34.36 -42.08 7.99
N HIS F 69 -35.35 -41.75 8.81
CA HIS F 69 -36.75 -41.89 8.45
C HIS F 69 -37.47 -40.57 8.71
N GLU F 70 -38.56 -40.36 7.98
CA GLU F 70 -39.35 -39.13 8.06
C GLU F 70 -40.67 -39.43 8.76
N VAL F 71 -41.04 -38.57 9.71
CA VAL F 71 -42.25 -38.77 10.49
C VAL F 71 -43.48 -38.57 9.59
N GLU F 72 -44.56 -39.25 9.94
CA GLU F 72 -45.84 -39.10 9.24
C GLU F 72 -46.88 -38.36 10.06
N VAL F 73 -47.16 -38.80 11.29
CA VAL F 73 -48.16 -38.15 12.11
C VAL F 73 -47.86 -38.40 13.57
N VAL F 74 -48.36 -37.54 14.45
CA VAL F 74 -48.14 -37.61 15.89
C VAL F 74 -49.49 -37.58 16.60
N ILE F 75 -49.61 -38.36 17.67
CA ILE F 75 -50.81 -38.41 18.51
C ILE F 75 -50.39 -38.15 19.94
N LYS F 76 -51.16 -37.32 20.65
CA LYS F 76 -50.85 -36.95 22.03
C LYS F 76 -52.11 -37.07 22.87
N HIS F 77 -51.90 -37.32 24.17
CA HIS F 77 -53.02 -37.51 25.08
C HIS F 77 -53.79 -36.20 25.28
N ASN F 78 -55.11 -36.31 25.39
CA ASN F 78 -55.96 -35.14 25.39
C ASN F 78 -55.98 -34.38 26.71
N ARG F 79 -55.38 -34.92 27.77
CA ARG F 79 -55.38 -34.28 29.08
C ARG F 79 -54.00 -33.81 29.51
N PHE F 80 -53.07 -33.64 28.56
CA PHE F 80 -51.73 -33.17 28.90
C PHE F 80 -51.77 -31.72 29.36
N THR F 81 -51.17 -31.47 30.52
CA THR F 81 -51.08 -30.12 31.09
C THR F 81 -49.62 -29.77 31.31
N LYS F 82 -49.22 -28.57 30.86
CA LYS F 82 -47.83 -28.15 30.99
C LYS F 82 -47.44 -27.87 32.43
N GLU F 83 -48.41 -27.67 33.32
CA GLU F 83 -48.10 -27.31 34.70
C GLU F 83 -47.67 -28.53 35.52
N THR F 84 -48.54 -29.52 35.62
CA THR F 84 -48.27 -30.71 36.41
C THR F 84 -47.43 -31.75 35.68
N TYR F 85 -47.13 -31.53 34.40
CA TYR F 85 -46.38 -32.48 33.59
C TYR F 85 -47.04 -33.86 33.59
N ASP F 86 -48.37 -33.85 33.55
CA ASP F 86 -49.16 -35.07 33.59
C ASP F 86 -49.50 -35.53 32.18
N PHE F 87 -49.71 -36.85 32.05
CA PHE F 87 -50.03 -37.48 30.77
C PHE F 87 -48.94 -37.20 29.74
N ASP F 88 -47.70 -37.50 30.10
CA ASP F 88 -46.54 -37.26 29.24
C ASP F 88 -46.28 -38.51 28.39
N ILE F 89 -47.21 -38.76 27.47
CA ILE F 89 -47.12 -39.91 26.56
C ILE F 89 -47.51 -39.44 25.17
N ALA F 90 -46.78 -39.91 24.16
CA ALA F 90 -47.01 -39.49 22.78
C ALA F 90 -46.59 -40.60 21.83
N VAL F 91 -47.40 -40.82 20.80
CA VAL F 91 -47.19 -41.89 19.82
C VAL F 91 -46.90 -41.26 18.47
N LEU F 92 -45.98 -41.86 17.72
CA LEU F 92 -45.54 -41.35 16.43
C LEU F 92 -45.71 -42.45 15.38
N ARG F 93 -46.45 -42.14 14.32
CA ARG F 93 -46.61 -43.02 13.17
C ARG F 93 -45.67 -42.56 12.06
N LEU F 94 -44.86 -43.49 11.56
CA LEU F 94 -43.80 -43.25 10.60
C LEU F 94 -44.28 -43.59 9.18
N LYS F 95 -43.37 -43.56 8.22
CA LYS F 95 -43.68 -43.83 6.82
C LYS F 95 -43.08 -45.14 6.33
N THR F 96 -41.75 -45.29 6.44
CA THR F 96 -41.05 -46.45 5.90
C THR F 96 -41.01 -47.58 6.92
N PRO F 97 -41.39 -48.80 6.55
CA PRO F 97 -41.23 -49.93 7.47
C PRO F 97 -39.75 -50.17 7.76
N ILE F 98 -39.39 -50.02 9.04
CA ILE F 98 -38.00 -50.16 9.44
C ILE F 98 -37.52 -51.58 9.17
N THR F 99 -36.29 -51.71 8.68
CA THR F 99 -35.71 -53.01 8.36
C THR F 99 -34.98 -53.54 9.59
N PHE F 100 -35.53 -54.59 10.19
CA PHE F 100 -34.91 -55.17 11.37
C PHE F 100 -33.57 -55.82 11.01
N ARG F 101 -32.61 -55.68 11.92
CA ARG F 101 -31.27 -56.21 11.74
C ARG F 101 -30.64 -56.37 13.11
N MET F 102 -29.33 -56.61 13.14
CA MET F 102 -28.62 -56.65 14.41
C MET F 102 -28.60 -55.25 15.02
N ASN F 103 -28.72 -55.21 16.35
CA ASN F 103 -28.78 -53.98 17.15
C ASN F 103 -30.04 -53.16 16.87
N VAL F 104 -30.98 -53.69 16.10
CA VAL F 104 -32.26 -53.03 15.86
C VAL F 104 -33.38 -54.04 16.03
N ALA F 105 -34.04 -54.02 17.18
CA ALA F 105 -35.10 -54.98 17.47
C ALA F 105 -36.08 -54.37 18.46
N PRO F 106 -37.38 -54.61 18.30
CA PRO F 106 -38.36 -54.03 19.21
C PRO F 106 -38.46 -54.79 20.52
N ALA F 107 -38.98 -54.09 21.53
CA ALA F 107 -39.25 -54.66 22.84
C ALA F 107 -40.76 -54.78 23.01
N CYS F 108 -41.23 -56.01 23.27
CA CYS F 108 -42.66 -56.25 23.32
C CYS F 108 -43.28 -55.64 24.58
N LEU F 109 -44.47 -55.08 24.40
CA LEU F 109 -45.20 -54.45 25.49
C LEU F 109 -45.88 -55.53 26.34
N PRO F 110 -45.63 -55.57 27.65
CA PRO F 110 -46.22 -56.61 28.50
C PRO F 110 -47.62 -56.27 28.98
N GLU F 111 -48.33 -57.27 29.51
CA GLU F 111 -49.68 -57.07 30.03
C GLU F 111 -49.63 -56.32 31.34
N ARG F 112 -50.72 -55.61 31.65
CA ARG F 112 -50.76 -54.76 32.83
C ARG F 112 -50.76 -55.58 34.12
N ASP F 113 -51.59 -56.61 34.18
CA ASP F 113 -51.76 -57.36 35.43
C ASP F 113 -50.45 -58.02 35.86
N TRP F 114 -49.74 -58.63 34.92
CA TRP F 114 -48.44 -59.21 35.26
C TRP F 114 -47.47 -58.12 35.71
N ALA F 115 -47.45 -57.00 34.99
CA ALA F 115 -46.48 -55.95 35.29
C ALA F 115 -46.68 -55.39 36.69
N GLU F 116 -47.93 -55.18 37.10
CA GLU F 116 -48.16 -54.72 38.47
C GLU F 116 -47.95 -55.85 39.48
N SER F 117 -48.23 -57.09 39.11
CA SER F 117 -48.09 -58.20 40.04
C SER F 117 -46.63 -58.57 40.28
N THR F 118 -45.84 -58.66 39.22
CA THR F 118 -44.47 -59.17 39.33
C THR F 118 -43.41 -58.16 38.90
N LEU F 119 -43.56 -57.56 37.72
CA LEU F 119 -42.50 -56.73 37.17
C LEU F 119 -42.20 -55.53 38.07
N MET F 120 -43.24 -54.79 38.45
CA MET F 120 -43.03 -53.62 39.29
C MET F 120 -42.64 -53.96 40.72
N THR F 121 -42.84 -55.21 41.13
CA THR F 121 -42.44 -55.65 42.47
C THR F 121 -41.01 -56.17 42.52
N GLN F 122 -40.28 -56.13 41.42
CA GLN F 122 -38.91 -56.61 41.37
C GLN F 122 -38.00 -55.59 42.06
N LYS F 123 -36.69 -55.83 42.00
CA LYS F 123 -35.73 -54.99 42.71
C LYS F 123 -35.34 -53.75 41.90
N THR F 124 -34.77 -53.95 40.71
CA THR F 124 -34.18 -52.84 39.98
C THR F 124 -34.72 -52.72 38.56
N GLY F 125 -34.10 -51.82 37.78
CA GLY F 125 -34.42 -51.62 36.38
C GLY F 125 -33.25 -50.93 35.71
N ILE F 126 -33.33 -50.83 34.39
CA ILE F 126 -32.23 -50.33 33.57
C ILE F 126 -32.72 -49.16 32.74
N VAL F 127 -31.97 -48.06 32.75
CA VAL F 127 -32.23 -46.90 31.92
C VAL F 127 -31.02 -46.69 31.01
N SER F 128 -31.22 -45.89 29.97
CA SER F 128 -30.15 -45.65 29.01
C SER F 128 -30.43 -44.36 28.25
N GLY F 129 -29.40 -43.88 27.56
CA GLY F 129 -29.56 -42.70 26.72
C GLY F 129 -28.23 -42.02 26.47
N PHE F 130 -28.33 -40.76 26.06
CA PHE F 130 -27.20 -39.89 25.76
C PHE F 130 -27.14 -38.70 26.71
N GLY F 131 -27.39 -38.94 27.99
CA GLY F 131 -27.56 -37.85 28.93
C GLY F 131 -26.28 -37.06 29.17
N ARG F 132 -26.47 -35.86 29.69
CA ARG F 132 -25.35 -34.98 30.01
C ARG F 132 -24.56 -35.56 31.18
N THR F 133 -23.24 -35.31 31.15
CA THR F 133 -22.32 -35.94 32.09
C THR F 133 -22.18 -35.18 33.40
N HIS F 134 -22.89 -34.06 33.57
CA HIS F 134 -22.80 -33.26 34.78
C HIS F 134 -24.15 -32.60 35.03
N GLU F 135 -24.16 -31.63 35.95
CA GLU F 135 -25.37 -30.84 36.15
C GLU F 135 -25.60 -29.89 34.99
N LYS F 136 -24.53 -29.28 34.48
CA LYS F 136 -24.62 -28.34 33.37
C LYS F 136 -23.47 -28.54 32.38
N GLY F 137 -22.86 -29.72 32.38
CA GLY F 137 -21.69 -29.96 31.57
C GLY F 137 -21.94 -30.23 30.10
N ARG F 138 -21.18 -31.16 29.52
CA ARG F 138 -21.28 -31.50 28.11
C ARG F 138 -22.12 -32.76 27.94
N GLN F 139 -22.71 -32.92 26.77
CA GLN F 139 -23.49 -34.11 26.46
C GLN F 139 -22.58 -35.19 25.88
N SER F 140 -22.81 -36.43 26.32
CA SER F 140 -21.98 -37.55 25.89
C SER F 140 -22.34 -37.96 24.46
N THR F 141 -21.31 -38.30 23.69
CA THR F 141 -21.49 -38.75 22.32
C THR F 141 -21.59 -40.26 22.19
N ARG F 142 -21.46 -41.00 23.30
CA ARG F 142 -21.56 -42.45 23.30
C ARG F 142 -22.77 -42.86 24.12
N LEU F 143 -23.58 -43.78 23.58
CA LEU F 143 -24.74 -44.27 24.29
C LEU F 143 -24.32 -44.93 25.59
N LYS F 144 -25.03 -44.62 26.67
CA LYS F 144 -24.69 -45.12 28.00
C LYS F 144 -25.91 -45.73 28.65
N MET F 145 -25.68 -46.62 29.61
CA MET F 145 -26.74 -47.30 30.34
C MET F 145 -26.40 -47.33 31.82
N LEU F 146 -27.43 -47.50 32.65
CA LEU F 146 -27.28 -47.45 34.10
C LEU F 146 -28.42 -48.24 34.73
N GLU F 147 -28.23 -48.60 35.99
CA GLU F 147 -29.18 -49.40 36.75
C GLU F 147 -29.66 -48.64 37.97
N VAL F 148 -30.96 -48.72 38.24
CA VAL F 148 -31.58 -47.96 39.32
C VAL F 148 -32.66 -48.79 40.01
N PRO F 149 -32.75 -48.79 41.34
CA PRO F 149 -33.81 -49.54 42.02
C PRO F 149 -35.09 -48.72 42.19
N TYR F 150 -36.08 -49.31 42.86
CA TYR F 150 -37.36 -48.67 43.10
C TYR F 150 -37.42 -48.09 44.51
N VAL F 151 -38.43 -47.26 44.74
CA VAL F 151 -38.61 -46.56 46.01
C VAL F 151 -40.06 -46.74 46.47
N ASP F 152 -40.24 -46.91 47.77
CA ASP F 152 -41.58 -47.08 48.35
C ASP F 152 -42.40 -45.81 48.20
N ARG F 153 -43.72 -45.98 48.19
CA ARG F 153 -44.64 -44.88 47.89
C ARG F 153 -44.57 -43.79 48.96
N ASN F 154 -44.47 -44.16 50.23
CA ASN F 154 -44.45 -43.15 51.30
C ASN F 154 -43.24 -42.24 51.17
N SER F 155 -42.05 -42.83 51.08
CA SER F 155 -40.85 -42.02 50.85
C SER F 155 -40.89 -41.34 49.50
N CYS F 156 -41.54 -41.97 48.51
CA CYS F 156 -41.67 -41.37 47.19
C CYS F 156 -42.38 -40.03 47.26
N LYS F 157 -43.50 -39.98 47.99
CA LYS F 157 -44.23 -38.73 48.13
C LYS F 157 -43.57 -37.78 49.12
N LEU F 158 -42.88 -38.30 50.13
CA LEU F 158 -42.26 -37.43 51.12
C LEU F 158 -40.98 -36.79 50.60
N SER F 159 -40.38 -37.36 49.56
CA SER F 159 -39.11 -36.84 49.06
C SER F 159 -39.26 -35.41 48.51
N SER F 160 -40.05 -35.26 47.45
CA SER F 160 -40.16 -33.97 46.78
C SER F 160 -41.25 -33.11 47.42
N SER F 161 -41.17 -31.80 47.17
CA SER F 161 -42.11 -30.84 47.72
C SER F 161 -43.24 -30.49 46.75
N PHE F 162 -43.23 -31.06 45.53
CA PHE F 162 -44.26 -30.76 44.55
C PHE F 162 -45.38 -31.80 44.66
N ILE F 163 -46.28 -31.79 43.69
CA ILE F 163 -47.41 -32.72 43.65
C ILE F 163 -47.04 -33.91 42.76
N ILE F 164 -47.45 -35.10 43.19
CA ILE F 164 -47.19 -36.33 42.46
C ILE F 164 -48.52 -36.93 42.03
N THR F 165 -48.66 -37.17 40.73
CA THR F 165 -49.87 -37.78 40.19
C THR F 165 -49.74 -39.31 40.18
N GLN F 166 -50.89 -39.98 40.13
CA GLN F 166 -50.92 -41.43 40.18
C GLN F 166 -50.44 -42.08 38.89
N ASN F 167 -50.23 -41.31 37.82
CA ASN F 167 -49.83 -41.85 36.53
C ASN F 167 -48.31 -41.95 36.38
N MET F 168 -47.55 -41.62 37.42
CA MET F 168 -46.09 -41.62 37.34
C MET F 168 -45.52 -41.85 38.73
N PHE F 169 -44.35 -42.51 38.76
CA PHE F 169 -43.75 -42.97 40.01
C PHE F 169 -42.27 -42.63 40.02
N CYS F 170 -41.69 -42.58 41.22
CA CYS F 170 -40.33 -42.11 41.40
C CYS F 170 -39.36 -43.25 41.68
N ALA F 171 -38.08 -42.97 41.41
CA ALA F 171 -36.99 -43.87 41.71
C ALA F 171 -35.69 -43.09 41.67
N GLY F 172 -34.65 -43.68 42.25
CA GLY F 172 -33.34 -43.06 42.24
C GLY F 172 -32.60 -43.33 43.53
N TYR F 173 -31.29 -43.08 43.49
CA TYR F 173 -30.45 -43.22 44.67
C TYR F 173 -30.72 -42.09 45.65
N ASP F 174 -30.03 -42.14 46.79
CA ASP F 174 -30.13 -41.09 47.80
C ASP F 174 -29.02 -40.06 47.67
N THR F 175 -27.76 -40.48 47.76
CA THR F 175 -26.63 -39.57 47.72
C THR F 175 -25.59 -39.90 46.65
N LYS F 176 -25.50 -41.14 46.20
CA LYS F 176 -24.52 -41.49 45.18
C LYS F 176 -24.86 -40.81 43.86
N GLN F 177 -23.82 -40.48 43.10
CA GLN F 177 -23.97 -39.72 41.86
C GLN F 177 -24.38 -40.64 40.71
N GLU F 178 -25.55 -41.26 40.87
CA GLU F 178 -26.11 -42.17 39.87
C GLU F 178 -27.54 -41.72 39.57
N ASP F 179 -27.70 -40.88 38.55
CA ASP F 179 -29.01 -40.40 38.14
C ASP F 179 -28.91 -39.80 36.76
N ALA F 180 -29.99 -39.93 35.99
CA ALA F 180 -30.05 -39.35 34.66
C ALA F 180 -30.30 -37.84 34.75
N CYS F 181 -29.77 -37.11 33.78
CA CYS F 181 -29.86 -35.66 33.75
C CYS F 181 -30.66 -35.24 32.51
N GLN F 182 -30.70 -33.92 32.26
CA GLN F 182 -31.44 -33.40 31.13
C GLN F 182 -30.86 -33.94 29.82
N GLY F 183 -31.66 -33.79 28.76
CA GLY F 183 -31.29 -34.33 27.46
C GLY F 183 -31.68 -35.77 27.24
N ASP F 184 -32.32 -36.42 28.22
CA ASP F 184 -32.79 -37.79 28.11
C ASP F 184 -34.31 -37.87 28.01
N SER F 185 -34.97 -36.77 27.63
CA SER F 185 -36.42 -36.76 27.55
C SER F 185 -36.91 -37.79 26.54
N GLY F 186 -37.90 -38.57 26.95
CA GLY F 186 -38.42 -39.63 26.12
C GLY F 186 -37.65 -40.93 26.16
N GLY F 187 -36.67 -41.05 27.03
CA GLY F 187 -35.87 -42.25 27.13
C GLY F 187 -36.66 -43.41 27.70
N PRO F 188 -36.30 -44.63 27.33
CA PRO F 188 -37.03 -45.81 27.80
C PRO F 188 -36.45 -46.39 29.09
N HIS F 189 -37.35 -46.88 29.93
CA HIS F 189 -37.00 -47.62 31.13
C HIS F 189 -37.49 -49.04 30.99
N VAL F 190 -36.59 -50.01 31.22
CA VAL F 190 -36.88 -51.41 30.98
C VAL F 190 -36.61 -52.21 32.24
N THR F 191 -37.29 -53.35 32.34
CA THR F 191 -37.10 -54.29 33.43
C THR F 191 -36.74 -55.66 32.87
N ARG F 192 -35.94 -56.39 33.65
CA ARG F 192 -35.46 -57.72 33.27
C ARG F 192 -36.18 -58.78 34.08
N PHE F 193 -36.66 -59.81 33.38
CA PHE F 193 -37.32 -60.95 34.01
C PHE F 193 -36.82 -62.20 33.27
N LYS F 194 -35.93 -62.94 33.92
CA LYS F 194 -35.32 -64.13 33.34
C LYS F 194 -34.71 -63.82 31.98
N ASP F 195 -33.92 -62.73 31.93
CA ASP F 195 -33.24 -62.21 30.75
C ASP F 195 -34.18 -61.62 29.72
N THR F 196 -35.50 -61.64 29.97
CA THR F 196 -36.45 -61.05 29.04
C THR F 196 -36.71 -59.60 29.41
N TYR F 197 -36.74 -58.73 28.41
CA TYR F 197 -36.78 -57.29 28.61
C TYR F 197 -38.18 -56.77 28.32
N PHE F 198 -38.72 -55.97 29.25
CA PHE F 198 -40.03 -55.34 29.06
C PHE F 198 -39.95 -53.86 29.40
N VAL F 199 -40.49 -53.01 28.52
CA VAL F 199 -40.55 -51.58 28.81
C VAL F 199 -41.61 -51.34 29.88
N THR F 200 -41.30 -50.48 30.84
CA THR F 200 -42.20 -50.23 31.96
C THR F 200 -42.53 -48.75 32.09
N GLY F 201 -41.55 -47.88 31.82
CA GLY F 201 -41.75 -46.46 32.01
C GLY F 201 -40.89 -45.63 31.07
N ILE F 202 -41.18 -44.33 31.06
CA ILE F 202 -40.45 -43.35 30.28
C ILE F 202 -39.90 -42.30 31.24
N VAL F 203 -38.67 -41.85 31.00
CA VAL F 203 -38.05 -40.83 31.83
C VAL F 203 -38.85 -39.55 31.68
N SER F 204 -39.59 -39.16 32.72
CA SER F 204 -40.54 -38.07 32.60
C SER F 204 -39.97 -36.73 33.06
N TRP F 205 -39.60 -36.62 34.32
CA TRP F 205 -39.17 -35.33 34.87
C TRP F 205 -38.48 -35.54 36.21
N GLY F 206 -38.21 -34.44 36.90
CA GLY F 206 -37.52 -34.46 38.17
C GLY F 206 -36.55 -33.30 38.26
N GLU F 207 -36.58 -32.56 39.37
CA GLU F 207 -35.78 -31.35 39.49
C GLU F 207 -34.33 -31.68 39.80
N GLY F 208 -33.42 -30.92 39.20
CA GLY F 208 -32.01 -31.09 39.44
C GLY F 208 -31.45 -32.37 38.84
N CYS F 209 -30.19 -32.63 39.17
CA CYS F 209 -29.49 -33.83 38.71
C CYS F 209 -28.56 -34.29 39.82
N ALA F 210 -28.80 -35.50 40.33
CA ALA F 210 -28.00 -36.09 41.40
C ALA F 210 -28.03 -35.24 42.67
N ARG F 211 -29.14 -34.54 42.90
CA ARG F 211 -29.30 -33.74 44.11
C ARG F 211 -29.45 -34.67 45.33
N LYS F 212 -28.98 -34.19 46.47
CA LYS F 212 -29.02 -34.98 47.69
C LYS F 212 -30.46 -35.21 48.14
N GLY F 213 -30.81 -36.46 48.40
CA GLY F 213 -32.14 -36.79 48.89
C GLY F 213 -33.25 -36.44 47.92
N LYS F 214 -33.03 -36.65 46.62
CA LYS F 214 -34.00 -36.34 45.60
C LYS F 214 -34.13 -37.50 44.63
N TYR F 215 -35.34 -37.69 44.11
CA TYR F 215 -35.68 -38.82 43.26
C TYR F 215 -36.24 -38.32 41.94
N GLY F 216 -36.05 -39.10 40.88
CA GLY F 216 -36.54 -38.77 39.56
C GLY F 216 -37.88 -39.46 39.29
N ILE F 217 -38.72 -38.81 38.49
CA ILE F 217 -40.08 -39.26 38.25
C ILE F 217 -40.16 -39.82 36.83
N TYR F 218 -40.65 -41.05 36.70
CA TYR F 218 -40.85 -41.71 35.42
C TYR F 218 -42.35 -41.96 35.21
N THR F 219 -42.79 -41.77 33.97
CA THR F 219 -44.18 -42.00 33.61
C THR F 219 -44.50 -43.50 33.67
N LYS F 220 -45.63 -43.82 34.30
CA LYS F 220 -46.05 -45.21 34.46
C LYS F 220 -46.85 -45.63 33.23
N VAL F 221 -46.28 -46.53 32.43
CA VAL F 221 -46.89 -46.93 31.17
C VAL F 221 -47.99 -47.97 31.39
N THR F 222 -47.90 -48.74 32.47
CA THR F 222 -48.78 -49.90 32.63
C THR F 222 -50.25 -49.53 32.70
N ALA F 223 -50.56 -48.29 33.07
CA ALA F 223 -51.95 -47.85 33.19
C ALA F 223 -52.48 -47.21 31.91
N PHE F 224 -51.68 -47.16 30.85
CA PHE F 224 -52.08 -46.52 29.59
C PHE F 224 -52.22 -47.54 28.46
N LEU F 225 -52.10 -48.83 28.75
CA LEU F 225 -52.00 -49.83 27.71
C LEU F 225 -53.20 -49.82 26.77
N LYS F 226 -54.41 -49.74 27.32
CA LYS F 226 -55.59 -49.66 26.47
C LYS F 226 -55.52 -48.47 25.53
N TRP F 227 -55.11 -47.30 26.03
CA TRP F 227 -54.85 -46.17 25.15
C TRP F 227 -53.85 -46.55 24.08
N ILE F 228 -52.73 -47.17 24.50
CA ILE F 228 -51.75 -47.68 23.55
C ILE F 228 -52.43 -48.61 22.56
N ASP F 229 -53.28 -49.50 23.06
CA ASP F 229 -53.99 -50.42 22.17
C ASP F 229 -54.85 -49.66 21.18
N ARG F 230 -55.54 -48.61 21.64
CA ARG F 230 -56.39 -47.85 20.73
C ARG F 230 -55.56 -47.05 19.73
N SER F 231 -54.25 -46.93 19.97
CA SER F 231 -53.36 -46.31 18.99
C SER F 231 -52.69 -47.33 18.09
N MET F 232 -52.89 -48.63 18.33
CA MET F 232 -52.28 -49.64 17.49
C MET F 232 -52.90 -49.68 16.10
N LYS F 233 -54.13 -49.16 15.95
CA LYS F 233 -54.85 -49.23 14.69
C LYS F 233 -55.21 -47.84 14.16
N THR F 234 -54.42 -46.83 14.48
CA THR F 234 -54.64 -45.47 14.01
C THR F 234 -53.70 -45.20 12.83
N ARG F 235 -54.28 -45.00 11.65
CA ARG F 235 -53.51 -44.74 10.43
C ARG F 235 -52.48 -45.83 10.14
#